data_2KA6
#
_entry.id   2KA6
#
loop_
_entity.id
_entity.type
_entity.pdbx_description
1 polymer 'CREB-binding protein'
2 polymer 'Signal transducer and activator of transcription 1-alpha/beta'
3 non-polymer 'ZINC ION'
#
loop_
_entity_poly.entity_id
_entity_poly.type
_entity_poly.pdbx_seq_one_letter_code
_entity_poly.pdbx_strand_id
1 'polypeptide(L)'
;SPQESRRLSIQRCIQSLVHACQCRNANCSLPSCQKMKRVVQHTKGCKRKTNGGCPVCKQLIALCCYHAKHCQENKCPVPF
CLNIKHKLRQQQ
;
A
2 'polypeptide(L)' GSHMSEVHPSRLQTTDNLLPMSPEEFDEVSRIVGSVEFDSMMNTV B
#
loop_
_chem_comp.id
_chem_comp.type
_chem_comp.name
_chem_comp.formula
ZN non-polymer 'ZINC ION' 'Zn 2'
#
# COMPACT_ATOMS: atom_id res chain seq x y z
N SER A 1 -20.65 7.33 -13.83
CA SER A 1 -19.47 7.09 -12.98
C SER A 1 -18.65 5.86 -13.43
N PRO A 2 -18.04 5.88 -14.64
CA PRO A 2 -17.31 4.74 -15.20
C PRO A 2 -16.01 4.42 -14.43
N GLN A 3 -14.97 5.23 -14.60
CA GLN A 3 -13.71 5.10 -13.85
C GLN A 3 -13.89 5.62 -12.41
N GLU A 4 -14.81 6.57 -12.22
CA GLU A 4 -15.17 7.17 -10.93
C GLU A 4 -15.51 6.13 -9.86
N SER A 5 -16.25 5.07 -10.20
CA SER A 5 -16.56 3.99 -9.25
C SER A 5 -15.28 3.36 -8.67
N ARG A 6 -14.24 3.18 -9.49
CA ARG A 6 -12.93 2.67 -9.08
C ARG A 6 -12.14 3.72 -8.27
N ARG A 7 -12.10 4.97 -8.75
CA ARG A 7 -11.43 6.12 -8.10
C ARG A 7 -11.91 6.32 -6.67
N LEU A 8 -13.23 6.35 -6.50
CA LEU A 8 -13.90 6.52 -5.20
C LEU A 8 -13.74 5.28 -4.31
N SER A 9 -13.64 4.08 -4.88
CA SER A 9 -13.39 2.85 -4.11
C SER A 9 -11.99 2.83 -3.49
N ILE A 10 -10.96 3.35 -4.20
CA ILE A 10 -9.57 3.43 -3.70
C ILE A 10 -9.48 4.26 -2.41
N GLN A 11 -10.27 5.35 -2.30
CA GLN A 11 -10.31 6.21 -1.11
C GLN A 11 -10.64 5.45 0.18
N ARG A 12 -11.48 4.40 0.12
CA ARG A 12 -11.84 3.55 1.26
C ARG A 12 -10.58 2.94 1.89
N CYS A 13 -9.71 2.40 1.04
CA CYS A 13 -8.46 1.77 1.45
C CYS A 13 -7.43 2.80 1.94
N ILE A 14 -7.37 4.00 1.33
CA ILE A 14 -6.48 5.07 1.80
C ILE A 14 -6.84 5.47 3.23
N GLN A 15 -8.12 5.74 3.50
CA GLN A 15 -8.59 6.06 4.86
C GLN A 15 -8.31 4.91 5.84
N SER A 16 -8.55 3.66 5.43
CA SER A 16 -8.29 2.47 6.26
C SER A 16 -6.81 2.28 6.58
N LEU A 17 -5.91 2.49 5.62
CA LEU A 17 -4.46 2.38 5.84
C LEU A 17 -3.95 3.53 6.73
N VAL A 18 -4.41 4.76 6.50
CA VAL A 18 -4.09 5.92 7.35
C VAL A 18 -4.53 5.68 8.79
N HIS A 19 -5.75 5.16 8.99
CA HIS A 19 -6.26 4.77 10.30
C HIS A 19 -5.34 3.71 10.94
N ALA A 20 -5.08 2.59 10.23
CA ALA A 20 -4.23 1.51 10.70
C ALA A 20 -2.80 1.95 11.07
N CYS A 21 -2.23 2.94 10.37
CA CYS A 21 -0.90 3.50 10.66
C CYS A 21 -0.85 4.24 12.02
N GLN A 22 -2.00 4.57 12.60
CA GLN A 22 -2.13 5.25 13.90
C GLN A 22 -2.81 4.38 14.98
N CYS A 23 -3.68 3.45 14.57
CA CYS A 23 -4.44 2.56 15.44
C CYS A 23 -3.53 1.59 16.23
N ARG A 24 -3.99 1.22 17.44
CA ARG A 24 -3.31 0.34 18.41
C ARG A 24 -4.10 -0.94 18.73
N ASN A 25 -5.37 -1.02 18.33
CA ASN A 25 -6.25 -2.16 18.57
C ASN A 25 -5.77 -3.42 17.83
N ALA A 26 -5.46 -4.50 18.55
CA ALA A 26 -5.05 -5.78 17.94
C ALA A 26 -6.17 -6.42 17.09
N ASN A 27 -7.43 -6.10 17.39
CA ASN A 27 -8.65 -6.59 16.74
C ASN A 27 -9.69 -5.45 16.60
N CYS A 28 -9.28 -4.34 15.98
CA CYS A 28 -10.12 -3.14 15.75
C CYS A 28 -11.48 -3.48 15.12
N SER A 29 -12.53 -2.71 15.43
CA SER A 29 -13.88 -2.95 14.90
C SER A 29 -14.01 -2.77 13.39
N LEU A 30 -13.04 -2.11 12.73
CA LEU A 30 -13.01 -1.96 11.27
C LEU A 30 -12.45 -3.25 10.62
N PRO A 31 -13.13 -3.83 9.62
CA PRO A 31 -12.65 -5.06 8.96
C PRO A 31 -11.34 -4.85 8.21
N SER A 32 -11.16 -3.69 7.56
CA SER A 32 -9.94 -3.36 6.80
C SER A 32 -8.74 -3.08 7.72
N CYS A 33 -8.91 -2.35 8.84
CA CYS A 33 -7.87 -2.05 9.83
C CYS A 33 -7.10 -3.31 10.28
N GLN A 34 -7.83 -4.38 10.62
CA GLN A 34 -7.26 -5.68 10.99
C GLN A 34 -6.33 -6.26 9.91
N LYS A 35 -6.67 -6.05 8.61
CA LYS A 35 -5.90 -6.51 7.44
C LYS A 35 -4.74 -5.56 7.14
N MET A 36 -4.97 -4.25 7.20
CA MET A 36 -3.95 -3.21 6.97
C MET A 36 -2.76 -3.35 7.92
N LYS A 37 -3.02 -3.71 9.18
CA LYS A 37 -1.96 -3.99 10.16
C LYS A 37 -1.10 -5.17 9.73
N ARG A 38 -1.69 -6.29 9.28
CA ARG A 38 -0.93 -7.45 8.75
C ARG A 38 -0.10 -7.07 7.54
N VAL A 39 -0.67 -6.26 6.64
CA VAL A 39 -0.02 -5.76 5.42
C VAL A 39 1.22 -4.89 5.75
N VAL A 40 1.10 -3.87 6.60
CA VAL A 40 2.26 -3.04 6.95
C VAL A 40 3.32 -3.86 7.72
N GLN A 41 2.90 -4.73 8.65
CA GLN A 41 3.80 -5.63 9.39
C GLN A 41 4.60 -6.54 8.46
N HIS A 42 3.96 -7.07 7.41
CA HIS A 42 4.68 -7.85 6.37
C HIS A 42 5.78 -6.99 5.75
N THR A 43 5.42 -5.82 5.17
CA THR A 43 6.36 -4.93 4.49
C THR A 43 7.51 -4.45 5.39
N LYS A 44 7.21 -4.17 6.66
CA LYS A 44 8.16 -3.77 7.72
C LYS A 44 9.31 -4.77 7.94
N GLY A 45 9.18 -6.02 7.48
CA GLY A 45 10.18 -7.08 7.63
C GLY A 45 10.46 -7.90 6.36
N CYS A 46 9.84 -7.58 5.22
CA CYS A 46 10.03 -8.27 3.95
C CYS A 46 11.46 -8.12 3.42
N LYS A 47 11.81 -9.02 2.49
CA LYS A 47 13.10 -9.13 1.80
C LYS A 47 12.94 -9.29 0.29
N ARG A 48 11.71 -9.16 -0.23
CA ARG A 48 11.39 -9.29 -1.65
C ARG A 48 11.24 -7.93 -2.34
N LYS A 49 10.27 -7.11 -1.91
CA LYS A 49 9.86 -5.80 -2.50
C LYS A 49 9.70 -5.78 -4.03
N THR A 50 9.41 -4.61 -4.60
CA THR A 50 9.21 -4.39 -6.05
C THR A 50 10.42 -4.80 -6.89
N ASN A 51 11.64 -4.74 -6.33
CA ASN A 51 12.89 -5.11 -7.00
C ASN A 51 13.09 -6.64 -7.13
N GLY A 52 12.53 -7.44 -6.21
CA GLY A 52 12.63 -8.90 -6.21
C GLY A 52 11.39 -9.59 -6.79
N GLY A 53 10.20 -9.00 -6.62
CA GLY A 53 8.94 -9.50 -7.18
C GLY A 53 7.76 -9.58 -6.20
N CYS A 54 7.87 -9.04 -4.97
CA CYS A 54 6.82 -9.08 -3.96
C CYS A 54 5.48 -8.50 -4.44
N PRO A 55 4.37 -9.26 -4.41
CA PRO A 55 3.06 -8.75 -4.80
C PRO A 55 2.46 -7.87 -3.69
N VAL A 56 2.82 -8.08 -2.41
CA VAL A 56 2.30 -7.30 -1.28
C VAL A 56 2.90 -5.90 -1.27
N CYS A 57 4.23 -5.75 -1.17
CA CYS A 57 4.92 -4.45 -1.22
C CYS A 57 4.40 -3.59 -2.37
N LYS A 58 4.42 -4.11 -3.60
CA LYS A 58 3.92 -3.42 -4.79
C LYS A 58 2.45 -2.95 -4.67
N GLN A 59 1.61 -3.66 -3.91
CA GLN A 59 0.23 -3.27 -3.65
C GLN A 59 0.15 -2.05 -2.72
N LEU A 60 0.93 -2.02 -1.62
CA LEU A 60 1.00 -0.84 -0.74
C LEU A 60 1.54 0.34 -1.54
N ILE A 61 2.63 0.13 -2.27
CA ILE A 61 3.32 1.13 -3.08
C ILE A 61 2.39 1.83 -4.06
N ALA A 62 1.50 1.12 -4.76
CA ALA A 62 0.49 1.75 -5.62
C ALA A 62 -0.44 2.65 -4.79
N LEU A 63 -1.01 2.07 -3.74
CA LEU A 63 -1.96 2.72 -2.82
C LEU A 63 -1.37 4.01 -2.19
N CYS A 64 -0.11 3.93 -1.75
CA CYS A 64 0.65 5.04 -1.18
C CYS A 64 0.98 6.08 -2.26
N CYS A 65 1.34 5.69 -3.49
CA CYS A 65 1.58 6.64 -4.60
C CYS A 65 0.33 7.47 -4.89
N TYR A 66 -0.85 6.85 -4.99
CA TYR A 66 -2.13 7.53 -5.23
C TYR A 66 -2.39 8.67 -4.24
N HIS A 67 -2.06 8.44 -2.96
CA HIS A 67 -2.16 9.43 -1.89
C HIS A 67 -0.99 10.44 -1.95
N ALA A 68 0.26 9.98 -1.97
CA ALA A 68 1.48 10.79 -1.99
C ALA A 68 1.59 11.77 -3.17
N LYS A 69 0.99 11.48 -4.33
CA LYS A 69 0.96 12.43 -5.47
C LYS A 69 0.31 13.76 -5.05
N HIS A 70 -0.72 13.69 -4.22
CA HIS A 70 -1.47 14.82 -3.67
C HIS A 70 -0.89 15.35 -2.34
N CYS A 71 -0.39 14.46 -1.48
CA CYS A 71 0.13 14.80 -0.15
C CYS A 71 1.39 15.69 -0.19
N GLN A 72 1.49 16.60 0.77
CA GLN A 72 2.57 17.59 0.90
C GLN A 72 3.09 17.74 2.34
N GLU A 73 2.54 16.99 3.31
CA GLU A 73 2.95 17.04 4.72
C GLU A 73 4.19 16.17 5.00
N ASN A 74 4.99 16.59 5.99
CA ASN A 74 6.24 15.93 6.42
C ASN A 74 6.09 15.04 7.68
N LYS A 75 4.89 15.04 8.25
CA LYS A 75 4.49 14.33 9.49
C LYS A 75 3.38 13.28 9.26
N CYS A 76 3.05 13.00 8.00
CA CYS A 76 2.03 12.04 7.56
C CYS A 76 2.25 10.64 8.21
N PRO A 77 1.21 9.96 8.75
CA PRO A 77 1.38 8.69 9.47
C PRO A 77 1.78 7.48 8.59
N VAL A 78 1.46 7.47 7.29
CA VAL A 78 1.82 6.38 6.37
C VAL A 78 3.34 6.42 6.11
N PRO A 79 4.11 5.34 6.36
CA PRO A 79 5.57 5.36 6.21
C PRO A 79 6.05 5.61 4.78
N PHE A 80 5.38 5.04 3.78
CA PHE A 80 5.76 5.21 2.37
C PHE A 80 5.31 6.51 1.72
N CYS A 81 4.28 7.18 2.25
CA CYS A 81 3.80 8.45 1.69
C CYS A 81 4.95 9.47 1.61
N LEU A 82 5.69 9.57 2.71
CA LEU A 82 6.88 10.39 2.88
C LEU A 82 7.97 9.99 1.86
N ASN A 83 8.37 8.71 1.86
CA ASN A 83 9.38 8.16 0.95
C ASN A 83 9.05 8.45 -0.53
N ILE A 84 7.79 8.29 -0.93
CA ILE A 84 7.31 8.52 -2.28
C ILE A 84 7.29 10.02 -2.60
N LYS A 85 6.61 10.87 -1.81
CA LYS A 85 6.57 12.32 -2.11
C LYS A 85 7.97 12.94 -2.18
N HIS A 86 8.91 12.50 -1.33
CA HIS A 86 10.30 12.97 -1.38
C HIS A 86 10.97 12.74 -2.74
N LYS A 87 10.62 11.64 -3.44
CA LYS A 87 11.12 11.34 -4.79
C LYS A 87 10.28 12.03 -5.88
N LEU A 88 8.94 11.98 -5.75
CA LEU A 88 8.02 12.57 -6.75
C LEU A 88 8.16 14.10 -6.88
N ARG A 89 8.33 14.83 -5.77
CA ARG A 89 8.50 16.30 -5.75
C ARG A 89 9.73 16.83 -6.49
N GLN A 90 10.71 15.95 -6.73
CA GLN A 90 11.93 16.29 -7.49
C GLN A 90 11.68 16.40 -9.01
N GLN A 91 10.62 15.75 -9.52
CA GLN A 91 10.27 15.73 -10.94
C GLN A 91 9.66 17.07 -11.43
N GLN A 92 9.74 17.32 -12.74
CA GLN A 92 9.25 18.52 -13.41
C GLN A 92 8.60 18.20 -14.77
N GLY B 1 4.49 -16.00 -24.79
CA GLY B 1 3.77 -16.15 -23.52
C GLY B 1 4.65 -16.02 -22.26
N SER B 2 5.96 -15.78 -22.44
CA SER B 2 6.96 -15.61 -21.36
C SER B 2 8.14 -14.75 -21.82
N HIS B 3 8.99 -14.35 -20.87
CA HIS B 3 10.18 -13.51 -21.05
C HIS B 3 11.43 -14.10 -20.35
N MET B 4 11.35 -15.37 -19.90
CA MET B 4 12.42 -16.10 -19.19
C MET B 4 12.40 -17.61 -19.52
N SER B 5 13.38 -18.36 -18.98
CA SER B 5 13.56 -19.81 -19.22
C SER B 5 13.69 -20.66 -17.94
N GLU B 6 13.51 -20.05 -16.76
CA GLU B 6 13.57 -20.71 -15.46
C GLU B 6 12.50 -21.83 -15.32
N VAL B 7 12.92 -23.06 -14.99
CA VAL B 7 12.04 -24.23 -14.87
C VAL B 7 11.04 -24.18 -13.71
N HIS B 8 11.41 -23.52 -12.62
CA HIS B 8 10.63 -23.29 -11.40
C HIS B 8 11.38 -22.35 -10.43
N PRO B 9 10.69 -21.65 -9.52
CA PRO B 9 11.32 -20.79 -8.50
C PRO B 9 12.21 -21.53 -7.48
N SER B 10 12.69 -20.78 -6.50
CA SER B 10 13.56 -21.25 -5.42
C SER B 10 13.09 -20.88 -3.99
N ARG B 11 12.07 -20.03 -3.86
CA ARG B 11 11.47 -19.57 -2.59
C ARG B 11 10.01 -19.15 -2.80
N LEU B 12 9.15 -19.46 -1.82
CA LEU B 12 7.73 -19.11 -1.77
C LEU B 12 7.22 -19.05 -0.31
N GLN B 13 6.18 -18.25 -0.06
CA GLN B 13 5.53 -18.05 1.25
C GLN B 13 4.04 -17.71 1.08
N THR B 14 3.25 -17.86 2.15
CA THR B 14 1.81 -17.53 2.20
C THR B 14 1.51 -16.01 2.21
N THR B 15 2.55 -15.18 2.32
CA THR B 15 2.49 -13.70 2.33
C THR B 15 2.27 -13.12 0.93
N ASP B 16 1.18 -13.52 0.27
CA ASP B 16 0.78 -13.07 -1.08
C ASP B 16 -0.72 -12.80 -1.24
N ASN B 17 -1.50 -12.87 -0.15
CA ASN B 17 -2.95 -12.63 -0.15
C ASN B 17 -3.41 -11.55 0.84
N LEU B 18 -2.49 -10.96 1.60
CA LEU B 18 -2.75 -9.81 2.48
C LEU B 18 -3.21 -8.58 1.67
N LEU B 19 -3.02 -8.60 0.34
CA LEU B 19 -3.31 -7.55 -0.66
C LEU B 19 -4.49 -6.61 -0.28
N PRO B 20 -4.22 -5.35 0.12
CA PRO B 20 -5.24 -4.38 0.57
C PRO B 20 -6.09 -3.72 -0.53
N MET B 21 -5.85 -4.03 -1.81
CA MET B 21 -6.54 -3.41 -2.95
C MET B 21 -6.79 -4.42 -4.08
N SER B 22 -7.93 -4.27 -4.76
CA SER B 22 -8.41 -5.16 -5.84
C SER B 22 -7.73 -4.88 -7.19
N PRO B 23 -7.72 -5.83 -8.15
CA PRO B 23 -7.15 -5.63 -9.49
C PRO B 23 -7.71 -4.40 -10.23
N GLU B 24 -9.02 -4.16 -10.15
CA GLU B 24 -9.69 -3.01 -10.80
C GLU B 24 -9.26 -1.67 -10.17
N GLU B 25 -9.10 -1.63 -8.85
CA GLU B 25 -8.62 -0.47 -8.11
C GLU B 25 -7.14 -0.22 -8.45
N PHE B 26 -6.31 -1.26 -8.37
CA PHE B 26 -4.89 -1.23 -8.73
C PHE B 26 -4.65 -0.74 -10.18
N ASP B 27 -5.50 -1.15 -11.14
CA ASP B 27 -5.41 -0.68 -12.53
C ASP B 27 -5.67 0.82 -12.63
N GLU B 28 -6.70 1.35 -11.96
CA GLU B 28 -6.99 2.78 -11.93
C GLU B 28 -5.88 3.58 -11.21
N VAL B 29 -5.24 3.00 -10.19
CA VAL B 29 -4.09 3.62 -9.52
C VAL B 29 -2.91 3.68 -10.50
N SER B 30 -2.62 2.58 -11.19
CA SER B 30 -1.54 2.49 -12.18
C SER B 30 -1.67 3.53 -13.30
N ARG B 31 -2.90 3.85 -13.73
CA ARG B 31 -3.15 4.88 -14.78
C ARG B 31 -2.71 6.28 -14.34
N ILE B 32 -3.00 6.66 -13.10
CA ILE B 32 -2.66 7.98 -12.54
C ILE B 32 -1.21 8.06 -12.08
N VAL B 33 -0.69 7.02 -11.43
CA VAL B 33 0.71 6.97 -10.94
C VAL B 33 1.69 6.87 -12.12
N GLY B 34 1.30 6.20 -13.21
CA GLY B 34 2.11 6.03 -14.43
C GLY B 34 3.52 5.48 -14.19
N SER B 35 3.71 4.71 -13.12
CA SER B 35 4.98 4.09 -12.69
C SER B 35 6.19 5.05 -12.57
N VAL B 36 5.95 6.34 -12.27
CA VAL B 36 6.95 7.45 -12.13
C VAL B 36 8.41 7.03 -11.86
N GLU B 37 8.67 6.46 -10.68
CA GLU B 37 9.97 5.90 -10.24
C GLU B 37 9.70 4.67 -9.32
N PHE B 38 8.56 4.04 -9.57
CA PHE B 38 7.91 2.98 -8.80
C PHE B 38 8.79 1.83 -8.25
N ASP B 39 9.78 1.38 -9.01
CA ASP B 39 10.74 0.35 -8.60
C ASP B 39 11.92 0.90 -7.75
N SER B 40 11.79 2.12 -7.22
CA SER B 40 12.79 2.84 -6.41
C SER B 40 12.19 3.48 -5.14
N MET B 41 10.90 3.29 -4.84
CA MET B 41 10.23 3.87 -3.66
C MET B 41 10.89 3.49 -2.32
N MET B 42 11.49 2.30 -2.23
CA MET B 42 12.20 1.81 -1.04
C MET B 42 13.61 2.43 -0.86
N ASN B 43 14.16 3.09 -1.88
CA ASN B 43 15.52 3.65 -1.85
C ASN B 43 15.59 5.13 -1.40
N THR B 44 14.46 5.86 -1.46
CA THR B 44 14.29 7.28 -1.06
C THR B 44 15.46 8.22 -1.42
N VAL B 45 15.75 8.30 -2.72
CA VAL B 45 16.79 9.15 -3.33
C VAL B 45 16.37 9.65 -4.72
ZN ZN C . -8.21 0.57 13.97
ZN ZN D . 6.94 -7.72 0.64
ZN ZN E . 0.36 11.74 3.05
N SER A 1 -20.49 8.37 -13.71
CA SER A 1 -19.31 7.97 -12.95
C SER A 1 -18.65 6.68 -13.49
N PRO A 2 -18.12 6.67 -14.73
CA PRO A 2 -17.53 5.49 -15.37
C PRO A 2 -16.20 5.07 -14.71
N GLN A 3 -15.10 5.75 -15.04
CA GLN A 3 -13.77 5.50 -14.44
C GLN A 3 -13.77 5.92 -12.95
N GLU A 4 -14.62 6.89 -12.61
CA GLU A 4 -14.82 7.41 -11.25
C GLU A 4 -15.17 6.31 -10.25
N SER A 5 -15.91 5.27 -10.64
CA SER A 5 -16.23 4.14 -9.76
C SER A 5 -14.99 3.52 -9.10
N ARG A 6 -13.92 3.35 -9.89
CA ARG A 6 -12.62 2.84 -9.44
C ARG A 6 -11.92 3.84 -8.52
N ARG A 7 -11.81 5.10 -8.96
CA ARG A 7 -11.16 6.23 -8.25
C ARG A 7 -11.74 6.45 -6.86
N LEU A 8 -13.06 6.41 -6.77
CA LEU A 8 -13.83 6.57 -5.53
C LEU A 8 -13.78 5.32 -4.65
N SER A 9 -13.66 4.11 -5.23
CA SER A 9 -13.49 2.88 -4.45
C SER A 9 -12.13 2.87 -3.75
N ILE A 10 -11.05 3.23 -4.45
CA ILE A 10 -9.67 3.31 -3.92
C ILE A 10 -9.58 4.09 -2.60
N GLN A 11 -10.36 5.17 -2.45
CA GLN A 11 -10.41 5.98 -1.22
C GLN A 11 -10.65 5.16 0.06
N ARG A 12 -11.41 4.05 -0.02
CA ARG A 12 -11.69 3.15 1.12
C ARG A 12 -10.42 2.63 1.79
N CYS A 13 -9.44 2.24 0.97
CA CYS A 13 -8.16 1.71 1.42
C CYS A 13 -7.25 2.81 1.96
N ILE A 14 -7.25 3.99 1.34
CA ILE A 14 -6.44 5.14 1.78
C ILE A 14 -6.84 5.53 3.20
N GLN A 15 -8.15 5.69 3.47
CA GLN A 15 -8.65 5.98 4.82
C GLN A 15 -8.33 4.84 5.80
N SER A 16 -8.50 3.58 5.39
CA SER A 16 -8.20 2.41 6.23
C SER A 16 -6.72 2.30 6.60
N LEU A 17 -5.81 2.52 5.65
CA LEU A 17 -4.36 2.47 5.90
C LEU A 17 -3.92 3.65 6.78
N VAL A 18 -4.43 4.86 6.51
CA VAL A 18 -4.16 6.06 7.35
C VAL A 18 -4.62 5.80 8.80
N HIS A 19 -5.80 5.22 8.99
CA HIS A 19 -6.31 4.84 10.31
C HIS A 19 -5.36 3.81 10.95
N ALA A 20 -5.06 2.70 10.26
CA ALA A 20 -4.17 1.64 10.73
C ALA A 20 -2.76 2.13 11.12
N CYS A 21 -2.24 3.15 10.43
CA CYS A 21 -0.94 3.75 10.75
C CYS A 21 -0.92 4.47 12.11
N GLN A 22 -2.09 4.87 12.63
CA GLN A 22 -2.28 5.55 13.91
C GLN A 22 -2.85 4.60 14.98
N CYS A 23 -3.63 3.60 14.57
CA CYS A 23 -4.24 2.60 15.43
C CYS A 23 -3.20 1.60 15.97
N ARG A 24 -3.49 0.99 17.12
CA ARG A 24 -2.60 0.05 17.82
C ARG A 24 -3.29 -1.24 18.30
N ASN A 25 -4.63 -1.28 18.33
CA ASN A 25 -5.41 -2.44 18.73
C ASN A 25 -5.13 -3.67 17.86
N ALA A 26 -5.10 -4.83 18.50
CA ALA A 26 -4.96 -6.14 17.86
C ALA A 26 -6.26 -6.62 17.19
N ASN A 27 -7.41 -6.10 17.63
CA ASN A 27 -8.75 -6.47 17.20
C ASN A 27 -9.68 -5.23 17.05
N CYS A 28 -9.17 -4.17 16.39
CA CYS A 28 -9.92 -2.94 16.12
C CYS A 28 -11.28 -3.25 15.44
N SER A 29 -12.33 -2.48 15.72
CA SER A 29 -13.67 -2.72 15.16
C SER A 29 -13.77 -2.61 13.62
N LEU A 30 -12.78 -1.99 12.95
CA LEU A 30 -12.74 -1.93 11.49
C LEU A 30 -12.16 -3.24 10.91
N PRO A 31 -12.85 -3.90 9.96
CA PRO A 31 -12.37 -5.15 9.35
C PRO A 31 -11.08 -4.93 8.53
N SER A 32 -10.94 -3.76 7.90
CA SER A 32 -9.77 -3.38 7.12
C SER A 32 -8.55 -3.09 8.01
N CYS A 33 -8.70 -2.34 9.10
CA CYS A 33 -7.64 -2.01 10.07
C CYS A 33 -6.87 -3.28 10.54
N GLN A 34 -7.61 -4.33 10.93
CA GLN A 34 -7.06 -5.63 11.33
C GLN A 34 -6.17 -6.28 10.24
N LYS A 35 -6.45 -6.01 8.96
CA LYS A 35 -5.72 -6.50 7.78
C LYS A 35 -4.58 -5.56 7.40
N MET A 36 -4.80 -4.25 7.39
CA MET A 36 -3.81 -3.21 7.10
C MET A 36 -2.58 -3.30 8.01
N LYS A 37 -2.77 -3.62 9.29
CA LYS A 37 -1.67 -3.85 10.24
C LYS A 37 -0.81 -5.04 9.80
N ARG A 38 -1.42 -6.18 9.41
CA ARG A 38 -0.68 -7.36 8.89
C ARG A 38 0.04 -7.04 7.57
N VAL A 39 -0.58 -6.24 6.71
CA VAL A 39 -0.03 -5.79 5.42
C VAL A 39 1.23 -4.95 5.60
N VAL A 40 1.21 -3.88 6.42
CA VAL A 40 2.40 -3.06 6.66
C VAL A 40 3.50 -3.90 7.35
N GLN A 41 3.15 -4.72 8.36
CA GLN A 41 4.08 -5.63 9.04
C GLN A 41 4.80 -6.57 8.07
N HIS A 42 4.08 -7.15 7.10
CA HIS A 42 4.71 -8.01 6.08
C HIS A 42 5.79 -7.23 5.30
N THR A 43 5.42 -6.09 4.69
CA THR A 43 6.33 -5.26 3.88
C THR A 43 7.52 -4.73 4.68
N LYS A 44 7.30 -4.40 5.96
CA LYS A 44 8.34 -3.97 6.93
C LYS A 44 9.43 -5.03 7.18
N GLY A 45 9.29 -6.25 6.65
CA GLY A 45 10.26 -7.35 6.77
C GLY A 45 10.33 -8.28 5.55
N CYS A 46 9.81 -7.88 4.38
CA CYS A 46 9.80 -8.69 3.15
C CYS A 46 11.21 -9.04 2.65
N LYS A 47 11.31 -10.20 1.99
CA LYS A 47 12.53 -10.78 1.42
C LYS A 47 12.51 -10.78 -0.13
N ARG A 48 11.49 -10.20 -0.76
CA ARG A 48 11.35 -10.12 -2.23
C ARG A 48 10.93 -8.75 -2.73
N LYS A 49 9.98 -8.06 -2.09
CA LYS A 49 9.47 -6.70 -2.41
C LYS A 49 9.30 -6.37 -3.91
N THR A 50 9.20 -5.08 -4.27
CA THR A 50 9.04 -4.61 -5.67
C THR A 50 10.19 -5.05 -6.59
N ASN A 51 11.42 -5.10 -6.08
CA ASN A 51 12.62 -5.46 -6.85
C ASN A 51 12.68 -6.95 -7.25
N GLY A 52 12.08 -7.85 -6.46
CA GLY A 52 12.04 -9.29 -6.70
C GLY A 52 10.72 -9.75 -7.34
N GLY A 53 9.58 -9.16 -6.95
CA GLY A 53 8.26 -9.46 -7.53
C GLY A 53 7.11 -9.65 -6.55
N CYS A 54 7.25 -9.26 -5.27
CA CYS A 54 6.21 -9.39 -4.25
C CYS A 54 4.91 -8.66 -4.64
N PRO A 55 3.75 -9.36 -4.73
CA PRO A 55 2.48 -8.73 -5.06
C PRO A 55 1.94 -7.89 -3.90
N VAL A 56 2.33 -8.16 -2.65
CA VAL A 56 1.87 -7.39 -1.48
C VAL A 56 2.59 -6.04 -1.45
N CYS A 57 3.92 -6.01 -1.34
CA CYS A 57 4.71 -4.78 -1.30
C CYS A 57 4.34 -3.82 -2.43
N LYS A 58 4.36 -4.30 -3.68
CA LYS A 58 3.97 -3.53 -4.86
C LYS A 58 2.57 -2.92 -4.74
N GLN A 59 1.64 -3.56 -4.02
CA GLN A 59 0.30 -3.03 -3.77
C GLN A 59 0.30 -1.88 -2.75
N LEU A 60 1.03 -1.96 -1.63
CA LEU A 60 1.12 -0.85 -0.67
C LEU A 60 1.69 0.39 -1.35
N ILE A 61 2.81 0.21 -2.06
CA ILE A 61 3.50 1.30 -2.76
C ILE A 61 2.54 2.01 -3.72
N ALA A 62 1.67 1.29 -4.44
CA ALA A 62 0.69 1.88 -5.35
C ALA A 62 -0.31 2.74 -4.57
N LEU A 63 -0.90 2.14 -3.54
CA LEU A 63 -1.87 2.77 -2.64
C LEU A 63 -1.30 4.05 -2.00
N CYS A 64 -0.04 3.99 -1.56
CA CYS A 64 0.69 5.12 -0.99
C CYS A 64 1.00 6.17 -2.07
N CYS A 65 1.47 5.80 -3.27
CA CYS A 65 1.74 6.73 -4.37
C CYS A 65 0.50 7.57 -4.74
N TYR A 66 -0.65 6.92 -4.84
CA TYR A 66 -1.95 7.53 -5.17
C TYR A 66 -2.34 8.64 -4.18
N HIS A 67 -2.03 8.44 -2.90
CA HIS A 67 -2.25 9.41 -1.85
C HIS A 67 -1.12 10.46 -1.82
N ALA A 68 0.14 10.04 -1.76
CA ALA A 68 1.35 10.87 -1.67
C ALA A 68 1.46 11.98 -2.70
N LYS A 69 1.10 11.72 -3.97
CA LYS A 69 1.17 12.74 -5.04
C LYS A 69 0.30 13.96 -4.74
N HIS A 70 -0.94 13.68 -4.37
CA HIS A 70 -1.95 14.67 -3.97
C HIS A 70 -1.67 15.26 -2.57
N CYS A 71 -0.87 14.57 -1.75
CA CYS A 71 -0.51 15.02 -0.39
C CYS A 71 0.52 16.17 -0.42
N GLN A 72 0.63 16.91 0.69
CA GLN A 72 1.53 18.06 0.88
C GLN A 72 2.16 18.15 2.28
N GLU A 73 1.69 17.35 3.25
CA GLU A 73 2.22 17.34 4.63
C GLU A 73 3.54 16.56 4.72
N ASN A 74 4.38 16.88 5.73
CA ASN A 74 5.68 16.25 5.97
C ASN A 74 5.69 15.37 7.24
N LYS A 75 4.57 15.35 7.97
CA LYS A 75 4.31 14.61 9.23
C LYS A 75 3.17 13.57 9.09
N CYS A 76 2.76 13.27 7.86
CA CYS A 76 1.69 12.32 7.50
C CYS A 76 1.93 10.93 8.18
N PRO A 77 0.90 10.23 8.71
CA PRO A 77 1.09 8.99 9.47
C PRO A 77 1.58 7.78 8.64
N VAL A 78 1.29 7.72 7.34
CA VAL A 78 1.70 6.62 6.45
C VAL A 78 3.24 6.67 6.24
N PRO A 79 3.98 5.56 6.41
CA PRO A 79 5.45 5.60 6.28
C PRO A 79 5.95 5.92 4.87
N PHE A 80 5.30 5.39 3.83
CA PHE A 80 5.70 5.62 2.43
C PHE A 80 5.24 6.94 1.83
N CYS A 81 4.16 7.55 2.32
CA CYS A 81 3.64 8.83 1.81
C CYS A 81 4.74 9.90 1.69
N LEU A 82 5.48 10.14 2.78
CA LEU A 82 6.61 11.08 2.79
C LEU A 82 7.72 10.63 1.83
N ASN A 83 8.16 9.37 1.95
CA ASN A 83 9.22 8.78 1.13
C ASN A 83 8.98 8.98 -0.38
N ILE A 84 7.75 8.77 -0.83
CA ILE A 84 7.37 8.92 -2.23
C ILE A 84 7.26 10.40 -2.62
N LYS A 85 6.41 11.20 -1.94
CA LYS A 85 6.22 12.62 -2.32
C LYS A 85 7.53 13.41 -2.35
N HIS A 86 8.43 13.18 -1.40
CA HIS A 86 9.75 13.83 -1.36
C HIS A 86 10.58 13.48 -2.60
N LYS A 87 10.55 12.23 -3.08
CA LYS A 87 11.24 11.81 -4.31
C LYS A 87 10.57 12.43 -5.55
N LEU A 88 9.24 12.41 -5.62
CA LEU A 88 8.51 12.95 -6.78
C LEU A 88 8.75 14.46 -6.95
N ARG A 89 8.66 15.24 -5.86
CA ARG A 89 8.91 16.70 -5.85
C ARG A 89 10.33 17.06 -6.30
N GLN A 90 11.33 16.26 -5.94
CA GLN A 90 12.73 16.46 -6.38
C GLN A 90 12.92 16.17 -7.88
N GLN A 91 12.17 15.21 -8.43
CA GLN A 91 12.22 14.84 -9.84
C GLN A 91 11.42 15.82 -10.74
N GLN A 92 10.31 16.35 -10.22
CA GLN A 92 9.41 17.31 -10.88
C GLN A 92 10.16 18.56 -11.42
N GLY B 1 24.41 -21.59 10.67
CA GLY B 1 24.12 -22.80 11.45
C GLY B 1 23.03 -22.63 12.51
N SER B 2 22.46 -21.43 12.65
CA SER B 2 21.40 -21.10 13.63
C SER B 2 20.13 -21.92 13.44
N HIS B 3 19.56 -22.40 14.55
CA HIS B 3 18.31 -23.20 14.60
C HIS B 3 17.49 -22.83 15.86
N MET B 4 16.19 -23.13 15.82
CA MET B 4 15.22 -22.86 16.89
C MET B 4 14.02 -23.83 16.85
N SER B 5 13.22 -23.85 17.91
CA SER B 5 12.00 -24.68 18.04
C SER B 5 10.91 -24.29 17.04
N GLU B 6 9.96 -25.19 16.77
CA GLU B 6 8.82 -24.96 15.88
C GLU B 6 7.90 -23.85 16.40
N VAL B 7 7.32 -23.05 15.49
CA VAL B 7 6.42 -21.91 15.78
C VAL B 7 5.26 -21.79 14.80
N HIS B 8 4.23 -21.01 15.16
CA HIS B 8 3.04 -20.75 14.34
C HIS B 8 2.59 -19.28 14.51
N PRO B 9 3.33 -18.31 13.93
CA PRO B 9 3.06 -16.87 14.03
C PRO B 9 1.83 -16.42 13.22
N SER B 10 1.57 -15.11 13.22
CA SER B 10 0.47 -14.43 12.50
C SER B 10 0.57 -14.42 10.96
N ARG B 11 1.58 -15.07 10.38
CA ARG B 11 1.84 -15.18 8.93
C ARG B 11 2.26 -16.60 8.55
N LEU B 12 1.86 -17.02 7.34
CA LEU B 12 2.11 -18.33 6.72
C LEU B 12 2.09 -18.16 5.19
N GLN B 13 1.91 -19.25 4.42
CA GLN B 13 1.79 -19.21 2.94
C GLN B 13 0.68 -18.25 2.42
N THR B 14 -0.25 -17.88 3.29
CA THR B 14 -1.36 -16.94 3.07
C THR B 14 -0.94 -15.46 2.91
N THR B 15 0.35 -15.12 3.10
CA THR B 15 0.84 -13.73 2.96
C THR B 15 0.49 -13.07 1.63
N ASP B 16 0.48 -13.86 0.57
CA ASP B 16 0.11 -13.46 -0.80
C ASP B 16 -1.35 -13.02 -0.96
N ASN B 17 -2.17 -13.13 0.09
CA ASN B 17 -3.58 -12.73 0.10
C ASN B 17 -3.88 -11.61 1.12
N LEU B 18 -2.88 -11.06 1.81
CA LEU B 18 -3.02 -9.87 2.66
C LEU B 18 -3.51 -8.64 1.87
N LEU B 19 -3.45 -8.70 0.53
CA LEU B 19 -3.84 -7.67 -0.44
C LEU B 19 -5.13 -6.91 -0.07
N PRO B 20 -5.06 -5.66 0.44
CA PRO B 20 -6.25 -4.87 0.79
C PRO B 20 -6.99 -4.28 -0.42
N MET B 21 -6.38 -4.28 -1.62
CA MET B 21 -6.92 -3.65 -2.83
C MET B 21 -7.13 -4.66 -3.98
N SER B 22 -8.18 -4.42 -4.77
CA SER B 22 -8.59 -5.24 -5.92
C SER B 22 -7.71 -4.99 -7.14
N PRO B 23 -7.52 -5.96 -8.07
CA PRO B 23 -6.78 -5.73 -9.31
C PRO B 23 -7.42 -4.62 -10.16
N GLU B 24 -8.74 -4.41 -10.08
CA GLU B 24 -9.44 -3.31 -10.78
C GLU B 24 -9.08 -1.93 -10.21
N GLU B 25 -8.90 -1.85 -8.89
CA GLU B 25 -8.49 -0.62 -8.18
C GLU B 25 -6.99 -0.37 -8.45
N PHE B 26 -6.16 -1.39 -8.27
CA PHE B 26 -4.71 -1.36 -8.55
C PHE B 26 -4.40 -0.92 -9.99
N ASP B 27 -5.15 -1.40 -10.99
CA ASP B 27 -5.01 -1.00 -12.39
C ASP B 27 -5.24 0.51 -12.58
N GLU B 28 -6.29 1.06 -11.95
CA GLU B 28 -6.58 2.50 -11.99
C GLU B 28 -5.54 3.32 -11.20
N VAL B 29 -4.97 2.77 -10.12
CA VAL B 29 -3.89 3.45 -9.39
C VAL B 29 -2.66 3.57 -10.31
N SER B 30 -2.26 2.47 -10.95
CA SER B 30 -1.15 2.43 -11.90
C SER B 30 -1.32 3.45 -13.04
N ARG B 31 -2.55 3.59 -13.57
CA ARG B 31 -2.90 4.54 -14.63
C ARG B 31 -2.61 6.01 -14.29
N ILE B 32 -2.78 6.39 -13.02
CA ILE B 32 -2.55 7.77 -12.54
C ILE B 32 -1.11 7.97 -12.05
N VAL B 33 -0.57 7.03 -11.28
CA VAL B 33 0.80 7.09 -10.73
C VAL B 33 1.86 7.01 -11.83
N GLY B 34 1.59 6.27 -12.91
CA GLY B 34 2.48 6.11 -14.07
C GLY B 34 3.88 5.53 -13.77
N SER B 35 4.02 4.79 -12.67
CA SER B 35 5.26 4.12 -12.19
C SER B 35 6.53 4.99 -12.02
N VAL B 36 6.38 6.32 -11.95
CA VAL B 36 7.42 7.38 -11.75
C VAL B 36 8.86 6.91 -11.51
N GLU B 37 9.15 6.37 -10.32
CA GLU B 37 10.43 5.78 -9.88
C GLU B 37 10.13 4.58 -8.95
N PHE B 38 8.97 3.95 -9.18
CA PHE B 38 8.32 2.93 -8.35
C PHE B 38 9.19 1.83 -7.73
N ASP B 39 10.07 1.18 -8.49
CA ASP B 39 10.97 0.14 -7.95
C ASP B 39 12.13 0.71 -7.08
N SER B 40 12.13 2.02 -6.85
CA SER B 40 13.09 2.78 -6.03
C SER B 40 12.40 3.62 -4.94
N MET B 41 11.08 3.52 -4.71
CA MET B 41 10.39 4.22 -3.61
C MET B 41 10.96 3.83 -2.22
N MET B 42 11.51 2.61 -2.13
CA MET B 42 12.13 2.03 -0.94
C MET B 42 13.60 2.42 -0.74
N ASN B 43 14.26 3.04 -1.74
CA ASN B 43 15.69 3.42 -1.69
C ASN B 43 16.04 4.37 -0.53
N THR B 44 15.11 5.26 -0.16
CA THR B 44 15.27 6.20 0.96
C THR B 44 15.05 5.56 2.35
N VAL B 45 14.68 4.27 2.39
CA VAL B 45 14.42 3.47 3.60
C VAL B 45 14.87 2.02 3.41
ZN ZN C . -8.00 0.64 14.12
ZN ZN D . 6.56 -8.30 0.32
ZN ZN E . -0.02 12.00 3.00
N SER A 1 -20.78 6.82 -12.94
CA SER A 1 -19.56 6.56 -12.15
C SER A 1 -18.72 5.41 -12.73
N PRO A 2 -18.18 5.51 -13.97
CA PRO A 2 -17.43 4.44 -14.62
C PRO A 2 -16.07 4.16 -13.94
N GLN A 3 -15.19 5.16 -13.92
CA GLN A 3 -13.89 5.10 -13.24
C GLN A 3 -14.02 5.59 -11.78
N GLU A 4 -14.98 6.48 -11.50
CA GLU A 4 -15.21 7.03 -10.16
C GLU A 4 -15.43 5.95 -9.09
N SER A 5 -16.13 4.86 -9.40
CA SER A 5 -16.33 3.75 -8.45
C SER A 5 -15.00 3.19 -7.93
N ARG A 6 -14.03 2.98 -8.85
CA ARG A 6 -12.67 2.53 -8.54
C ARG A 6 -11.91 3.57 -7.72
N ARG A 7 -11.86 4.82 -8.21
CA ARG A 7 -11.18 5.96 -7.56
C ARG A 7 -11.61 6.15 -6.10
N LEU A 8 -12.93 6.20 -5.89
CA LEU A 8 -13.54 6.38 -4.57
C LEU A 8 -13.26 5.18 -3.66
N SER A 9 -13.33 3.94 -4.18
CA SER A 9 -12.98 2.72 -3.42
C SER A 9 -11.51 2.74 -2.98
N ILE A 10 -10.58 3.12 -3.86
CA ILE A 10 -9.15 3.28 -3.55
C ILE A 10 -8.97 4.29 -2.42
N GLN A 11 -9.67 5.42 -2.45
CA GLN A 11 -9.65 6.42 -1.37
C GLN A 11 -10.15 5.84 -0.03
N ARG A 12 -11.19 4.98 -0.02
CA ARG A 12 -11.64 4.32 1.24
C ARG A 12 -10.55 3.40 1.80
N CYS A 13 -9.82 2.69 0.95
CA CYS A 13 -8.66 1.89 1.38
C CYS A 13 -7.56 2.80 1.93
N ILE A 14 -7.26 3.94 1.30
CA ILE A 14 -6.29 4.93 1.80
C ILE A 14 -6.72 5.44 3.19
N GLN A 15 -8.00 5.77 3.41
CA GLN A 15 -8.51 6.16 4.73
C GLN A 15 -8.30 5.04 5.77
N SER A 16 -8.55 3.78 5.39
CA SER A 16 -8.34 2.61 6.26
C SER A 16 -6.86 2.42 6.61
N LEU A 17 -5.95 2.62 5.67
CA LEU A 17 -4.50 2.55 5.91
C LEU A 17 -4.06 3.69 6.81
N VAL A 18 -4.54 4.92 6.58
CA VAL A 18 -4.27 6.10 7.42
C VAL A 18 -4.75 5.85 8.86
N HIS A 19 -5.94 5.28 9.04
CA HIS A 19 -6.46 4.89 10.35
C HIS A 19 -5.51 3.87 11.00
N ALA A 20 -5.18 2.77 10.30
CA ALA A 20 -4.28 1.73 10.79
C ALA A 20 -2.89 2.24 11.18
N CYS A 21 -2.36 3.26 10.47
CA CYS A 21 -1.06 3.88 10.77
C CYS A 21 -1.06 4.69 12.08
N GLN A 22 -2.23 4.95 12.67
CA GLN A 22 -2.42 5.68 13.93
C GLN A 22 -3.05 4.82 15.03
N CYS A 23 -3.79 3.76 14.64
CA CYS A 23 -4.46 2.83 15.53
C CYS A 23 -3.48 1.96 16.35
N ARG A 24 -4.02 1.35 17.41
CA ARG A 24 -3.30 0.50 18.39
C ARG A 24 -4.00 -0.82 18.72
N ASN A 25 -5.28 -0.96 18.36
CA ASN A 25 -6.07 -2.17 18.60
C ASN A 25 -5.51 -3.37 17.82
N ALA A 26 -5.11 -4.45 18.50
CA ALA A 26 -4.61 -5.67 17.86
C ALA A 26 -5.66 -6.34 16.96
N ASN A 27 -6.94 -6.14 17.28
CA ASN A 27 -8.11 -6.67 16.57
C ASN A 27 -9.23 -5.61 16.53
N CYS A 28 -8.92 -4.44 15.94
CA CYS A 28 -9.83 -3.29 15.76
C CYS A 28 -11.19 -3.71 15.17
N SER A 29 -12.27 -3.00 15.49
CA SER A 29 -13.62 -3.34 14.99
C SER A 29 -13.78 -3.18 13.47
N LEU A 30 -12.87 -2.45 12.80
CA LEU A 30 -12.87 -2.32 11.34
C LEU A 30 -12.16 -3.53 10.70
N PRO A 31 -12.79 -4.24 9.75
CA PRO A 31 -12.16 -5.38 9.08
C PRO A 31 -10.95 -4.94 8.24
N SER A 32 -10.99 -3.73 7.67
CA SER A 32 -9.90 -3.15 6.91
C SER A 32 -8.70 -2.83 7.81
N CYS A 33 -8.87 -2.10 8.91
CA CYS A 33 -7.81 -1.78 9.89
C CYS A 33 -7.00 -3.02 10.32
N GLN A 34 -7.69 -4.11 10.70
CA GLN A 34 -7.04 -5.38 11.04
C GLN A 34 -6.17 -5.92 9.91
N LYS A 35 -6.62 -5.81 8.66
CA LYS A 35 -5.90 -6.25 7.46
C LYS A 35 -4.73 -5.32 7.14
N MET A 36 -4.95 -4.01 7.23
CA MET A 36 -3.93 -2.97 7.00
C MET A 36 -2.73 -3.12 7.95
N LYS A 37 -2.96 -3.45 9.22
CA LYS A 37 -1.89 -3.72 10.19
C LYS A 37 -1.08 -4.95 9.75
N ARG A 38 -1.72 -6.04 9.34
CA ARG A 38 -1.05 -7.27 8.85
C ARG A 38 -0.28 -7.00 7.54
N VAL A 39 -0.85 -6.19 6.65
CA VAL A 39 -0.24 -5.75 5.39
C VAL A 39 1.02 -4.91 5.61
N VAL A 40 0.97 -3.84 6.41
CA VAL A 40 2.16 -3.01 6.68
C VAL A 40 3.23 -3.82 7.40
N GLN A 41 2.87 -4.67 8.37
CA GLN A 41 3.77 -5.57 9.08
C GLN A 41 4.53 -6.51 8.12
N HIS A 42 3.85 -7.07 7.11
CA HIS A 42 4.51 -7.88 6.08
C HIS A 42 5.59 -7.04 5.36
N THR A 43 5.20 -5.90 4.76
CA THR A 43 6.11 -5.05 3.98
C THR A 43 7.29 -4.52 4.81
N LYS A 44 7.07 -4.22 6.09
CA LYS A 44 8.08 -3.81 7.08
C LYS A 44 9.19 -4.85 7.31
N GLY A 45 9.07 -6.07 6.74
CA GLY A 45 10.06 -7.15 6.86
C GLY A 45 10.20 -8.04 5.62
N CYS A 46 9.60 -7.70 4.47
CA CYS A 46 9.68 -8.49 3.24
C CYS A 46 11.13 -8.64 2.73
N LYS A 47 11.39 -9.79 2.10
CA LYS A 47 12.69 -10.18 1.53
C LYS A 47 12.67 -10.15 -0.02
N ARG A 48 11.59 -9.66 -0.64
CA ARG A 48 11.39 -9.63 -2.10
C ARG A 48 11.08 -8.22 -2.60
N LYS A 49 10.02 -7.59 -2.08
CA LYS A 49 9.52 -6.24 -2.43
C LYS A 49 9.41 -5.87 -3.92
N THR A 50 9.09 -4.62 -4.25
CA THR A 50 8.92 -4.13 -5.63
C THR A 50 10.16 -4.33 -6.50
N ASN A 51 11.35 -4.25 -5.91
CA ASN A 51 12.63 -4.42 -6.60
C ASN A 51 12.95 -5.89 -6.98
N GLY A 52 12.19 -6.87 -6.45
CA GLY A 52 12.39 -8.31 -6.69
C GLY A 52 11.17 -9.06 -7.23
N GLY A 53 9.94 -8.72 -6.80
CA GLY A 53 8.70 -9.34 -7.31
C GLY A 53 7.53 -9.54 -6.32
N CYS A 54 7.57 -8.99 -5.10
CA CYS A 54 6.49 -9.15 -4.12
C CYS A 54 5.15 -8.54 -4.60
N PRO A 55 4.04 -9.30 -4.57
CA PRO A 55 2.73 -8.77 -4.93
C PRO A 55 2.12 -7.92 -3.80
N VAL A 56 2.53 -8.11 -2.53
CA VAL A 56 1.99 -7.36 -1.38
C VAL A 56 2.63 -5.97 -1.32
N CYS A 57 3.95 -5.86 -1.19
CA CYS A 57 4.68 -4.60 -1.19
C CYS A 57 4.23 -3.70 -2.35
N LYS A 58 4.24 -4.20 -3.60
CA LYS A 58 3.78 -3.47 -4.78
C LYS A 58 2.34 -2.95 -4.67
N GLN A 59 1.46 -3.63 -3.91
CA GLN A 59 0.09 -3.20 -3.67
C GLN A 59 0.03 -2.00 -2.72
N LEU A 60 0.79 -2.02 -1.60
CA LEU A 60 0.88 -0.86 -0.70
C LEU A 60 1.47 0.31 -1.47
N ILE A 61 2.56 0.06 -2.20
CA ILE A 61 3.28 1.05 -3.00
C ILE A 61 2.35 1.75 -4.00
N ALA A 62 1.47 1.03 -4.70
CA ALA A 62 0.47 1.66 -5.58
C ALA A 62 -0.46 2.58 -4.76
N LEU A 63 -1.05 2.03 -3.69
CA LEU A 63 -1.96 2.73 -2.79
C LEU A 63 -1.35 4.00 -2.17
N CYS A 64 -0.08 3.92 -1.76
CA CYS A 64 0.70 5.00 -1.18
C CYS A 64 1.14 6.03 -2.23
N CYS A 65 1.56 5.63 -3.45
CA CYS A 65 1.90 6.58 -4.52
C CYS A 65 0.68 7.44 -4.89
N TYR A 66 -0.48 6.79 -5.02
CA TYR A 66 -1.78 7.43 -5.31
C TYR A 66 -2.17 8.47 -4.24
N HIS A 67 -1.75 8.27 -3.00
CA HIS A 67 -1.96 9.21 -1.90
C HIS A 67 -0.86 10.30 -1.90
N ALA A 68 0.42 9.90 -1.79
CA ALA A 68 1.60 10.77 -1.68
C ALA A 68 1.70 11.87 -2.75
N LYS A 69 1.26 11.61 -3.98
CA LYS A 69 1.29 12.60 -5.08
C LYS A 69 0.39 13.81 -4.79
N HIS A 70 -0.85 13.51 -4.44
CA HIS A 70 -1.90 14.47 -4.09
C HIS A 70 -1.66 15.09 -2.69
N CYS A 71 -0.91 14.38 -1.83
CA CYS A 71 -0.56 14.85 -0.48
C CYS A 71 0.49 15.97 -0.53
N GLN A 72 0.53 16.79 0.52
CA GLN A 72 1.46 17.92 0.69
C GLN A 72 1.99 18.03 2.14
N GLU A 73 1.56 17.15 3.05
CA GLU A 73 1.99 17.16 4.46
C GLU A 73 3.39 16.53 4.64
N ASN A 74 4.09 16.94 5.71
CA ASN A 74 5.44 16.49 6.06
C ASN A 74 5.49 15.65 7.36
N LYS A 75 4.34 15.50 8.03
CA LYS A 75 4.09 14.77 9.28
C LYS A 75 3.00 13.69 9.13
N CYS A 76 2.67 13.34 7.89
CA CYS A 76 1.66 12.35 7.48
C CYS A 76 1.90 10.98 8.19
N PRO A 77 0.88 10.29 8.72
CA PRO A 77 1.07 9.05 9.48
C PRO A 77 1.53 7.82 8.67
N VAL A 78 1.24 7.75 7.36
CA VAL A 78 1.64 6.63 6.49
C VAL A 78 3.16 6.67 6.28
N PRO A 79 3.93 5.61 6.60
CA PRO A 79 5.39 5.64 6.50
C PRO A 79 5.91 5.86 5.07
N PHE A 80 5.24 5.28 4.07
CA PHE A 80 5.63 5.42 2.67
C PHE A 80 5.21 6.74 2.01
N CYS A 81 4.24 7.48 2.54
CA CYS A 81 3.80 8.75 1.96
C CYS A 81 4.99 9.73 1.91
N LEU A 82 5.58 9.94 3.08
CA LEU A 82 6.75 10.77 3.35
C LEU A 82 7.92 10.42 2.41
N ASN A 83 8.24 9.12 2.36
CA ASN A 83 9.31 8.56 1.54
C ASN A 83 9.08 8.72 0.03
N ILE A 84 7.93 8.31 -0.50
CA ILE A 84 7.60 8.42 -1.93
C ILE A 84 7.59 9.89 -2.35
N LYS A 85 6.82 10.74 -1.64
CA LYS A 85 6.71 12.19 -1.87
C LYS A 85 8.07 12.85 -2.06
N HIS A 86 9.04 12.56 -1.18
CA HIS A 86 10.41 13.08 -1.31
C HIS A 86 11.06 12.69 -2.65
N LYS A 87 11.00 11.41 -3.05
CA LYS A 87 11.57 10.96 -4.34
C LYS A 87 10.88 11.62 -5.53
N LEU A 88 9.56 11.75 -5.51
CA LEU A 88 8.80 12.34 -6.63
C LEU A 88 9.07 13.85 -6.77
N ARG A 89 9.11 14.60 -5.65
CA ARG A 89 9.40 16.05 -5.64
C ARG A 89 10.83 16.38 -6.05
N GLN A 90 11.79 15.51 -5.69
CA GLN A 90 13.22 15.66 -6.00
C GLN A 90 13.66 14.91 -7.28
N GLN A 91 12.72 14.35 -8.05
CA GLN A 91 12.96 13.57 -9.28
C GLN A 91 13.78 14.34 -10.36
N GLN A 92 13.64 15.67 -10.41
CA GLN A 92 14.33 16.58 -11.32
C GLN A 92 14.44 16.08 -12.77
N GLY B 1 -27.24 -14.80 -6.59
CA GLY B 1 -26.08 -15.32 -5.88
C GLY B 1 -25.84 -16.83 -6.03
N SER B 2 -26.77 -17.54 -6.68
CA SER B 2 -26.72 -19.01 -6.92
C SER B 2 -25.47 -19.50 -7.66
N HIS B 3 -24.75 -18.60 -8.35
CA HIS B 3 -23.51 -18.88 -9.08
C HIS B 3 -22.28 -19.12 -8.16
N MET B 4 -22.44 -19.01 -6.84
CA MET B 4 -21.37 -19.19 -5.84
C MET B 4 -21.87 -19.97 -4.60
N SER B 5 -20.96 -20.66 -3.91
CA SER B 5 -21.21 -21.46 -2.71
C SER B 5 -19.95 -21.51 -1.81
N GLU B 6 -20.02 -22.22 -0.69
CA GLU B 6 -18.93 -22.41 0.28
C GLU B 6 -17.69 -23.09 -0.35
N VAL B 7 -16.49 -22.79 0.15
CA VAL B 7 -15.21 -23.34 -0.34
C VAL B 7 -14.16 -23.46 0.77
N HIS B 8 -13.23 -24.41 0.61
CA HIS B 8 -12.13 -24.69 1.53
C HIS B 8 -10.85 -25.01 0.72
N PRO B 9 -10.02 -24.01 0.39
CA PRO B 9 -8.81 -24.17 -0.44
C PRO B 9 -7.66 -24.88 0.29
N SER B 10 -6.56 -25.10 -0.46
CA SER B 10 -5.33 -25.76 0.00
C SER B 10 -4.43 -24.91 0.92
N ARG B 11 -4.66 -23.59 0.96
CA ARG B 11 -3.91 -22.61 1.78
C ARG B 11 -4.81 -21.44 2.22
N LEU B 12 -4.57 -20.92 3.43
CA LEU B 12 -5.34 -19.80 4.01
C LEU B 12 -4.51 -18.88 4.94
N GLN B 13 -3.20 -19.11 5.04
CA GLN B 13 -2.27 -18.37 5.92
C GLN B 13 -1.14 -17.64 5.17
N THR B 14 -1.04 -17.79 3.84
CA THR B 14 -0.01 -17.15 2.99
C THR B 14 -0.18 -15.63 2.93
N THR B 15 0.92 -14.89 3.07
CA THR B 15 0.94 -13.40 3.05
C THR B 15 0.54 -12.75 1.73
N ASP B 16 0.71 -13.48 0.63
CA ASP B 16 0.42 -13.04 -0.75
C ASP B 16 -1.06 -12.72 -1.05
N ASN B 17 -1.95 -12.89 -0.07
CA ASN B 17 -3.38 -12.55 -0.18
C ASN B 17 -3.80 -11.44 0.81
N LEU B 18 -2.87 -10.87 1.59
CA LEU B 18 -3.12 -9.72 2.45
C LEU B 18 -3.53 -8.46 1.66
N LEU B 19 -3.30 -8.44 0.34
CA LEU B 19 -3.57 -7.38 -0.64
C LEU B 19 -4.77 -6.45 -0.28
N PRO B 20 -4.53 -5.18 0.13
CA PRO B 20 -5.59 -4.24 0.53
C PRO B 20 -6.40 -3.65 -0.64
N MET B 21 -5.95 -3.87 -1.88
CA MET B 21 -6.54 -3.41 -3.13
C MET B 21 -6.51 -4.54 -4.17
N SER B 22 -7.46 -4.56 -5.11
CA SER B 22 -7.59 -5.60 -6.14
C SER B 22 -6.98 -5.19 -7.50
N PRO B 23 -6.61 -6.14 -8.39
CA PRO B 23 -6.06 -5.84 -9.72
C PRO B 23 -6.90 -4.86 -10.56
N GLU B 24 -8.23 -4.94 -10.46
CA GLU B 24 -9.15 -4.04 -11.17
C GLU B 24 -9.08 -2.58 -10.68
N GLU B 25 -8.66 -2.35 -9.43
CA GLU B 25 -8.46 -1.03 -8.83
C GLU B 25 -7.01 -0.58 -9.07
N PHE B 26 -6.05 -1.50 -8.96
CA PHE B 26 -4.63 -1.27 -9.28
C PHE B 26 -4.46 -0.69 -10.70
N ASP B 27 -5.30 -1.11 -11.65
CA ASP B 27 -5.33 -0.58 -13.03
C ASP B 27 -5.60 0.95 -13.05
N GLU B 28 -6.54 1.45 -12.24
CA GLU B 28 -6.82 2.89 -12.11
C GLU B 28 -5.65 3.62 -11.44
N VAL B 29 -4.98 2.98 -10.47
CA VAL B 29 -3.81 3.57 -9.82
C VAL B 29 -2.65 3.69 -10.80
N SER B 30 -2.39 2.64 -11.58
CA SER B 30 -1.35 2.61 -12.61
C SER B 30 -1.51 3.74 -13.63
N ARG B 31 -2.77 4.04 -14.03
CA ARG B 31 -3.09 5.14 -14.97
C ARG B 31 -2.71 6.52 -14.43
N ILE B 32 -2.91 6.76 -13.13
CA ILE B 32 -2.64 8.06 -12.49
C ILE B 32 -1.19 8.20 -12.00
N VAL B 33 -0.64 7.16 -11.36
CA VAL B 33 0.74 7.16 -10.82
C VAL B 33 1.78 7.07 -11.95
N GLY B 34 1.45 6.40 -13.06
CA GLY B 34 2.31 6.26 -14.24
C GLY B 34 3.70 5.62 -13.98
N SER B 35 3.82 4.83 -12.90
CA SER B 35 5.04 4.12 -12.46
C SER B 35 6.33 4.98 -12.39
N VAL B 36 6.21 6.26 -12.03
CA VAL B 36 7.27 7.30 -11.90
C VAL B 36 8.69 6.80 -11.56
N GLU B 37 8.89 6.19 -10.40
CA GLU B 37 10.16 5.60 -9.92
C GLU B 37 9.88 4.30 -9.13
N PHE B 38 8.68 3.76 -9.35
CA PHE B 38 7.99 2.67 -8.66
C PHE B 38 8.80 1.46 -8.19
N ASP B 39 9.67 0.90 -9.04
CA ASP B 39 10.53 -0.25 -8.70
C ASP B 39 11.66 0.08 -7.69
N SER B 40 11.80 1.35 -7.30
CA SER B 40 12.82 1.87 -6.37
C SER B 40 12.23 2.66 -5.20
N MET B 41 10.90 2.64 -4.96
CA MET B 41 10.28 3.32 -3.80
C MET B 41 10.90 2.87 -2.46
N MET B 42 11.37 1.62 -2.38
CA MET B 42 12.01 1.02 -1.20
C MET B 42 13.36 1.65 -0.79
N ASN B 43 14.03 2.38 -1.70
CA ASN B 43 15.30 3.04 -1.44
C ASN B 43 15.16 4.08 -0.31
N THR B 44 16.27 4.50 0.31
CA THR B 44 16.34 5.48 1.43
C THR B 44 15.82 4.93 2.77
N VAL B 45 14.83 4.05 2.74
CA VAL B 45 14.18 3.40 3.90
C VAL B 45 14.22 1.88 3.78
ZN ZN C . -8.19 0.66 14.07
ZN ZN D . 6.59 -7.91 0.38
ZN ZN E . 0.23 11.93 2.93
N SER A 1 -20.78 6.10 -13.48
CA SER A 1 -19.59 5.93 -12.66
C SER A 1 -18.70 4.74 -13.10
N PRO A 2 -18.18 4.73 -14.35
CA PRO A 2 -17.40 3.61 -14.89
C PRO A 2 -16.06 3.42 -14.16
N GLN A 3 -15.18 4.43 -14.24
CA GLN A 3 -13.90 4.45 -13.53
C GLN A 3 -14.05 5.09 -12.14
N GLU A 4 -15.04 5.98 -11.95
CA GLU A 4 -15.31 6.63 -10.67
C GLU A 4 -15.52 5.63 -9.52
N SER A 5 -16.21 4.51 -9.76
CA SER A 5 -16.41 3.48 -8.74
C SER A 5 -15.09 2.92 -8.18
N ARG A 6 -14.04 2.81 -9.02
CA ARG A 6 -12.70 2.38 -8.61
C ARG A 6 -12.01 3.51 -7.81
N ARG A 7 -11.94 4.71 -8.41
CA ARG A 7 -11.30 5.93 -7.85
C ARG A 7 -11.79 6.26 -6.45
N LEU A 8 -13.11 6.28 -6.28
CA LEU A 8 -13.79 6.58 -5.01
C LEU A 8 -13.60 5.46 -3.97
N SER A 9 -13.50 4.19 -4.39
CA SER A 9 -13.22 3.08 -3.48
C SER A 9 -11.77 3.12 -2.97
N ILE A 10 -10.80 3.50 -3.81
CA ILE A 10 -9.39 3.64 -3.42
C ILE A 10 -9.24 4.68 -2.28
N GLN A 11 -10.01 5.78 -2.30
CA GLN A 11 -10.02 6.75 -1.19
C GLN A 11 -10.39 6.09 0.16
N ARG A 12 -11.34 5.17 0.18
CA ARG A 12 -11.72 4.41 1.40
C ARG A 12 -10.56 3.51 1.87
N CYS A 13 -9.83 2.90 0.94
CA CYS A 13 -8.63 2.11 1.27
C CYS A 13 -7.52 3.01 1.84
N ILE A 14 -7.34 4.22 1.30
CA ILE A 14 -6.38 5.22 1.81
C ILE A 14 -6.75 5.60 3.25
N GLN A 15 -8.02 5.94 3.52
CA GLN A 15 -8.51 6.24 4.88
C GLN A 15 -8.26 5.06 5.83
N SER A 16 -8.49 3.82 5.38
CA SER A 16 -8.26 2.60 6.16
C SER A 16 -6.78 2.40 6.50
N LEU A 17 -5.87 2.60 5.54
CA LEU A 17 -4.42 2.47 5.79
C LEU A 17 -3.92 3.60 6.70
N VAL A 18 -4.39 4.84 6.49
CA VAL A 18 -4.07 6.00 7.34
C VAL A 18 -4.52 5.75 8.79
N HIS A 19 -5.73 5.20 8.99
CA HIS A 19 -6.23 4.81 10.31
C HIS A 19 -5.29 3.74 10.91
N ALA A 20 -5.06 2.64 10.19
CA ALA A 20 -4.19 1.54 10.63
C ALA A 20 -2.76 1.97 11.01
N CYS A 21 -2.20 2.99 10.34
CA CYS A 21 -0.88 3.53 10.64
C CYS A 21 -0.81 4.19 12.04
N GLN A 22 -1.95 4.69 12.55
CA GLN A 22 -2.08 5.33 13.86
C GLN A 22 -2.66 4.37 14.91
N CYS A 23 -3.51 3.43 14.48
CA CYS A 23 -4.17 2.45 15.32
C CYS A 23 -3.20 1.36 15.82
N ARG A 24 -3.55 0.76 16.97
CA ARG A 24 -2.77 -0.26 17.69
C ARG A 24 -3.61 -1.46 18.16
N ASN A 25 -4.93 -1.36 18.05
CA ASN A 25 -5.88 -2.43 18.40
C ASN A 25 -5.60 -3.71 17.59
N ALA A 26 -5.34 -4.84 18.26
CA ALA A 26 -5.11 -6.13 17.59
C ALA A 26 -6.36 -6.66 16.86
N ASN A 27 -7.55 -6.22 17.27
CA ASN A 27 -8.86 -6.61 16.73
C ASN A 27 -9.81 -5.39 16.63
N CYS A 28 -9.33 -4.29 16.02
CA CYS A 28 -10.10 -3.06 15.82
C CYS A 28 -11.48 -3.30 15.17
N SER A 29 -12.47 -2.46 15.46
CA SER A 29 -13.83 -2.60 14.92
C SER A 29 -13.94 -2.46 13.39
N LEU A 30 -12.93 -1.89 12.72
CA LEU A 30 -12.90 -1.79 11.25
C LEU A 30 -12.36 -3.10 10.64
N PRO A 31 -13.06 -3.71 9.67
CA PRO A 31 -12.61 -4.95 9.02
C PRO A 31 -11.32 -4.74 8.21
N SER A 32 -11.13 -3.55 7.64
CA SER A 32 -9.92 -3.18 6.88
C SER A 32 -8.72 -2.96 7.80
N CYS A 33 -8.86 -2.23 8.91
CA CYS A 33 -7.81 -1.98 9.90
C CYS A 33 -7.11 -3.29 10.36
N GLN A 34 -7.91 -4.32 10.69
CA GLN A 34 -7.42 -5.65 11.07
C GLN A 34 -6.51 -6.31 10.00
N LYS A 35 -6.73 -5.98 8.72
CA LYS A 35 -5.97 -6.47 7.55
C LYS A 35 -4.79 -5.56 7.22
N MET A 36 -4.99 -4.24 7.20
CA MET A 36 -3.97 -3.21 6.92
C MET A 36 -2.75 -3.35 7.84
N LYS A 37 -2.97 -3.69 9.11
CA LYS A 37 -1.88 -3.96 10.07
C LYS A 37 -1.02 -5.15 9.63
N ARG A 38 -1.62 -6.26 9.19
CA ARG A 38 -0.90 -7.45 8.66
C ARG A 38 -0.10 -7.09 7.41
N VAL A 39 -0.68 -6.27 6.54
CA VAL A 39 -0.08 -5.79 5.28
C VAL A 39 1.18 -4.95 5.55
N VAL A 40 1.10 -3.90 6.38
CA VAL A 40 2.28 -3.08 6.69
C VAL A 40 3.34 -3.92 7.42
N GLN A 41 2.94 -4.76 8.39
CA GLN A 41 3.84 -5.67 9.11
C GLN A 41 4.60 -6.59 8.16
N HIS A 42 3.92 -7.21 7.19
CA HIS A 42 4.57 -8.06 6.19
C HIS A 42 5.66 -7.29 5.44
N THR A 43 5.30 -6.16 4.81
CA THR A 43 6.22 -5.35 4.00
C THR A 43 7.40 -4.80 4.81
N LYS A 44 7.17 -4.43 6.08
CA LYS A 44 8.17 -3.91 7.02
C LYS A 44 9.36 -4.86 7.28
N GLY A 45 9.28 -6.12 6.85
CA GLY A 45 10.36 -7.11 6.98
C GLY A 45 10.53 -8.05 5.77
N CYS A 46 9.73 -7.91 4.71
CA CYS A 46 9.81 -8.73 3.50
C CYS A 46 11.11 -8.48 2.73
N LYS A 47 11.65 -9.55 2.14
CA LYS A 47 12.89 -9.57 1.33
C LYS A 47 12.62 -9.80 -0.17
N ARG A 48 11.35 -9.85 -0.60
CA ARG A 48 10.95 -10.02 -2.01
C ARG A 48 10.81 -8.62 -2.64
N LYS A 49 9.83 -7.85 -2.17
CA LYS A 49 9.46 -6.47 -2.56
C LYS A 49 9.45 -6.10 -4.06
N THR A 50 9.27 -4.82 -4.39
CA THR A 50 9.17 -4.30 -5.78
C THR A 50 10.38 -4.69 -6.65
N ASN A 51 11.58 -4.75 -6.05
CA ASN A 51 12.82 -5.11 -6.72
C ASN A 51 12.92 -6.61 -7.12
N GLY A 52 12.16 -7.49 -6.47
CA GLY A 52 12.17 -8.95 -6.72
C GLY A 52 10.88 -9.51 -7.33
N GLY A 53 9.71 -8.97 -6.95
CA GLY A 53 8.40 -9.37 -7.50
C GLY A 53 7.24 -9.57 -6.51
N CYS A 54 7.39 -9.22 -5.22
CA CYS A 54 6.34 -9.39 -4.20
C CYS A 54 5.01 -8.72 -4.59
N PRO A 55 3.88 -9.46 -4.59
CA PRO A 55 2.59 -8.86 -4.90
C PRO A 55 2.05 -8.02 -3.74
N VAL A 56 2.45 -8.29 -2.49
CA VAL A 56 1.98 -7.52 -1.32
C VAL A 56 2.69 -6.18 -1.27
N CYS A 57 4.02 -6.14 -1.17
CA CYS A 57 4.80 -4.90 -1.11
C CYS A 57 4.42 -3.91 -2.21
N LYS A 58 4.42 -4.34 -3.48
CA LYS A 58 4.03 -3.47 -4.62
C LYS A 58 2.63 -2.85 -4.43
N GLN A 59 1.71 -3.57 -3.79
CA GLN A 59 0.34 -3.12 -3.53
C GLN A 59 0.30 -1.88 -2.61
N LEU A 60 1.07 -1.89 -1.52
CA LEU A 60 1.15 -0.74 -0.59
C LEU A 60 1.71 0.47 -1.33
N ILE A 61 2.84 0.29 -2.04
CA ILE A 61 3.51 1.40 -2.76
C ILE A 61 2.53 2.07 -3.72
N ALA A 62 1.74 1.32 -4.50
CA ALA A 62 0.75 1.91 -5.42
C ALA A 62 -0.27 2.76 -4.65
N LEU A 63 -0.89 2.16 -3.62
CA LEU A 63 -1.87 2.80 -2.76
C LEU A 63 -1.31 4.09 -2.12
N CYS A 64 -0.05 4.04 -1.68
CA CYS A 64 0.68 5.19 -1.13
C CYS A 64 1.03 6.23 -2.21
N CYS A 65 1.43 5.85 -3.43
CA CYS A 65 1.72 6.77 -4.54
C CYS A 65 0.47 7.60 -4.88
N TYR A 66 -0.70 6.96 -4.95
CA TYR A 66 -1.99 7.59 -5.23
C TYR A 66 -2.31 8.72 -4.24
N HIS A 67 -2.01 8.50 -2.96
CA HIS A 67 -2.18 9.49 -1.89
C HIS A 67 -1.04 10.53 -1.90
N ALA A 68 0.23 10.11 -1.86
CA ALA A 68 1.41 10.95 -1.84
C ALA A 68 1.52 11.96 -3.01
N LYS A 69 1.00 11.60 -4.20
CA LYS A 69 0.93 12.50 -5.36
C LYS A 69 0.17 13.80 -5.03
N HIS A 70 -0.90 13.71 -4.23
CA HIS A 70 -1.71 14.83 -3.78
C HIS A 70 -1.23 15.44 -2.45
N CYS A 71 -0.67 14.61 -1.55
CA CYS A 71 -0.21 15.04 -0.21
C CYS A 71 0.92 16.10 -0.24
N GLN A 72 1.02 16.85 0.87
CA GLN A 72 2.00 17.92 1.09
C GLN A 72 2.52 17.99 2.54
N GLU A 73 1.96 17.22 3.48
CA GLU A 73 2.38 17.21 4.89
C GLU A 73 3.71 16.47 5.10
N ASN A 74 4.48 16.90 6.10
CA ASN A 74 5.79 16.37 6.48
C ASN A 74 5.73 15.39 7.68
N LYS A 75 4.57 15.32 8.33
CA LYS A 75 4.25 14.51 9.52
C LYS A 75 3.15 13.45 9.29
N CYS A 76 2.81 13.18 8.03
CA CYS A 76 1.78 12.21 7.61
C CYS A 76 2.04 10.82 8.26
N PRO A 77 1.03 10.10 8.78
CA PRO A 77 1.25 8.84 9.50
C PRO A 77 1.72 7.64 8.67
N VAL A 78 1.44 7.62 7.35
CA VAL A 78 1.85 6.55 6.44
C VAL A 78 3.37 6.60 6.21
N PRO A 79 4.14 5.50 6.41
CA PRO A 79 5.61 5.56 6.26
C PRO A 79 6.10 5.84 4.84
N PHE A 80 5.37 5.36 3.83
CA PHE A 80 5.74 5.55 2.43
C PHE A 80 5.32 6.91 1.84
N CYS A 81 4.27 7.54 2.35
CA CYS A 81 3.79 8.83 1.87
C CYS A 81 4.90 9.90 1.81
N LEU A 82 5.64 10.09 2.91
CA LEU A 82 6.77 11.04 2.97
C LEU A 82 7.85 10.70 1.94
N ASN A 83 8.28 9.44 1.89
CA ASN A 83 9.30 8.95 0.96
C ASN A 83 8.90 9.16 -0.50
N ILE A 84 7.67 8.78 -0.89
CA ILE A 84 7.18 8.93 -2.26
C ILE A 84 6.97 10.40 -2.63
N LYS A 85 6.26 11.21 -1.83
CA LYS A 85 6.06 12.64 -2.17
C LYS A 85 7.38 13.38 -2.34
N HIS A 86 8.36 13.19 -1.46
CA HIS A 86 9.69 13.81 -1.63
C HIS A 86 10.36 13.38 -2.93
N LYS A 87 10.32 12.08 -3.27
CA LYS A 87 10.91 11.53 -4.50
C LYS A 87 10.23 12.07 -5.77
N LEU A 88 8.89 12.19 -5.76
CA LEU A 88 8.09 12.71 -6.88
C LEU A 88 8.25 14.23 -7.06
N ARG A 89 8.16 15.03 -5.99
CA ARG A 89 8.31 16.51 -6.04
C ARG A 89 9.69 16.94 -6.54
N GLN A 90 10.74 16.19 -6.18
CA GLN A 90 12.13 16.45 -6.60
C GLN A 90 12.53 15.74 -7.91
N GLN A 91 11.61 15.01 -8.55
CA GLN A 91 11.87 14.26 -9.81
C GLN A 91 12.20 15.18 -11.01
N GLN A 92 11.74 16.44 -10.98
CA GLN A 92 11.97 17.44 -12.03
C GLN A 92 13.47 17.72 -12.26
N GLY B 1 27.46 -3.25 22.03
CA GLY B 1 27.34 -2.27 20.95
C GLY B 1 26.62 -2.79 19.69
N SER B 2 26.20 -4.06 19.69
CA SER B 2 25.49 -4.72 18.58
C SER B 2 24.04 -4.21 18.36
N HIS B 3 23.45 -3.54 19.36
CA HIS B 3 22.08 -2.99 19.35
C HIS B 3 20.99 -4.04 19.03
N MET B 4 21.22 -5.31 19.42
CA MET B 4 20.30 -6.44 19.21
C MET B 4 20.38 -7.49 20.34
N SER B 5 19.44 -8.44 20.34
CA SER B 5 19.33 -9.55 21.30
C SER B 5 18.90 -10.85 20.61
N GLU B 6 19.25 -12.00 21.20
CA GLU B 6 18.94 -13.35 20.66
C GLU B 6 18.37 -14.31 21.72
N VAL B 7 17.86 -13.77 22.83
CA VAL B 7 17.30 -14.53 23.98
C VAL B 7 16.00 -15.31 23.67
N HIS B 8 15.35 -15.01 22.55
CA HIS B 8 14.11 -15.65 22.08
C HIS B 8 13.97 -15.49 20.54
N PRO B 9 13.53 -16.52 19.81
CA PRO B 9 13.30 -16.45 18.35
C PRO B 9 12.28 -15.40 17.89
N SER B 10 12.08 -15.34 16.57
CA SER B 10 11.13 -14.46 15.88
C SER B 10 10.68 -15.02 14.53
N ARG B 11 9.55 -14.52 14.01
CA ARG B 11 8.94 -14.89 12.71
C ARG B 11 8.07 -13.75 12.16
N LEU B 12 7.73 -13.80 10.87
CA LEU B 12 6.91 -12.81 10.18
C LEU B 12 6.10 -13.44 9.03
N GLN B 13 4.94 -12.85 8.71
CA GLN B 13 4.03 -13.30 7.65
C GLN B 13 4.61 -13.04 6.24
N THR B 14 4.30 -13.94 5.31
CA THR B 14 4.71 -13.89 3.88
C THR B 14 3.51 -14.04 2.91
N THR B 15 2.32 -14.22 3.46
CA THR B 15 1.01 -14.41 2.81
C THR B 15 0.75 -13.45 1.64
N ASP B 16 0.48 -13.99 0.45
CA ASP B 16 0.22 -13.27 -0.80
C ASP B 16 -1.25 -12.87 -1.02
N ASN B 17 -2.11 -13.06 -0.01
CA ASN B 17 -3.53 -12.71 -0.02
C ASN B 17 -3.89 -11.56 0.95
N LEU B 18 -2.90 -10.97 1.62
CA LEU B 18 -3.07 -9.80 2.49
C LEU B 18 -3.51 -8.55 1.71
N LEU B 19 -3.35 -8.57 0.38
CA LEU B 19 -3.66 -7.52 -0.60
C LEU B 19 -4.88 -6.64 -0.22
N PRO B 20 -4.69 -5.38 0.21
CA PRO B 20 -5.79 -4.48 0.64
C PRO B 20 -6.54 -3.80 -0.52
N MET B 21 -6.10 -4.00 -1.76
CA MET B 21 -6.66 -3.39 -2.98
C MET B 21 -6.71 -4.41 -4.11
N SER B 22 -7.77 -4.34 -4.92
CA SER B 22 -8.06 -5.28 -6.02
C SER B 22 -7.25 -5.02 -7.31
N PRO B 23 -7.21 -5.98 -8.26
CA PRO B 23 -6.53 -5.79 -9.55
C PRO B 23 -7.08 -4.59 -10.36
N GLU B 24 -8.40 -4.33 -10.30
CA GLU B 24 -9.02 -3.20 -11.01
C GLU B 24 -8.72 -1.85 -10.33
N GLU B 25 -8.68 -1.83 -9.00
CA GLU B 25 -8.30 -0.63 -8.24
C GLU B 25 -6.81 -0.33 -8.49
N PHE B 26 -5.97 -1.35 -8.41
CA PHE B 26 -4.54 -1.27 -8.72
C PHE B 26 -4.29 -0.80 -10.17
N ASP B 27 -5.11 -1.21 -11.14
CA ASP B 27 -5.05 -0.75 -12.53
C ASP B 27 -5.34 0.76 -12.61
N GLU B 28 -6.37 1.25 -11.89
CA GLU B 28 -6.67 2.69 -11.80
C GLU B 28 -5.56 3.49 -11.15
N VAL B 29 -4.88 2.92 -10.14
CA VAL B 29 -3.71 3.54 -9.52
C VAL B 29 -2.57 3.60 -10.55
N SER B 30 -2.32 2.49 -11.27
CA SER B 30 -1.30 2.41 -12.32
C SER B 30 -1.51 3.41 -13.45
N ARG B 31 -2.77 3.71 -13.84
CA ARG B 31 -3.09 4.71 -14.87
C ARG B 31 -2.58 6.11 -14.52
N ILE B 32 -2.72 6.50 -13.25
CA ILE B 32 -2.29 7.83 -12.75
C ILE B 32 -0.81 7.85 -12.33
N VAL B 33 -0.37 6.87 -11.57
CA VAL B 33 1.02 6.76 -11.05
C VAL B 33 2.04 6.49 -12.17
N GLY B 34 1.64 5.77 -13.21
CA GLY B 34 2.48 5.42 -14.38
C GLY B 34 3.85 4.82 -14.04
N SER B 35 3.97 4.17 -12.88
CA SER B 35 5.20 3.57 -12.31
C SER B 35 6.41 4.52 -12.19
N VAL B 36 6.21 5.85 -12.17
CA VAL B 36 7.20 6.96 -12.06
C VAL B 36 8.67 6.54 -11.84
N GLU B 37 9.00 6.11 -10.63
CA GLU B 37 10.32 5.56 -10.19
C GLU B 37 10.09 4.42 -9.18
N PHE B 38 8.92 3.79 -9.31
CA PHE B 38 8.29 2.81 -8.43
C PHE B 38 9.16 1.70 -7.82
N ASP B 39 10.06 1.08 -8.59
CA ASP B 39 10.96 0.04 -8.07
C ASP B 39 12.07 0.58 -7.13
N SER B 40 12.06 1.88 -6.85
CA SER B 40 13.00 2.59 -5.97
C SER B 40 12.32 3.45 -4.87
N MET B 41 10.99 3.39 -4.69
CA MET B 41 10.28 4.15 -3.63
C MET B 41 10.77 3.82 -2.20
N MET B 42 11.32 2.62 -2.02
CA MET B 42 11.85 2.06 -0.77
C MET B 42 13.38 2.10 -0.64
N ASN B 43 14.08 2.34 -1.75
CA ASN B 43 15.54 2.44 -1.83
C ASN B 43 16.13 3.58 -0.96
N THR B 44 15.30 4.53 -0.52
CA THR B 44 15.65 5.64 0.37
C THR B 44 16.09 5.17 1.76
N VAL B 45 15.53 4.05 2.22
CA VAL B 45 15.83 3.42 3.54
C VAL B 45 17.29 2.96 3.61
ZN ZN C . -8.06 0.63 14.05
ZN ZN D . 6.56 -8.37 0.51
ZN ZN E . 0.13 11.98 3.07
N SER A 1 -20.58 8.40 -13.07
CA SER A 1 -19.49 7.92 -12.22
C SER A 1 -18.85 6.62 -12.75
N PRO A 2 -18.21 6.62 -13.94
CA PRO A 2 -17.60 5.44 -14.55
C PRO A 2 -16.35 4.95 -13.81
N GLN A 3 -15.17 5.55 -14.09
CA GLN A 3 -13.91 5.23 -13.40
C GLN A 3 -13.97 5.65 -11.92
N GLU A 4 -14.81 6.64 -11.60
CA GLU A 4 -15.07 7.14 -10.24
C GLU A 4 -15.38 6.01 -9.25
N SER A 5 -16.11 4.97 -9.67
CA SER A 5 -16.40 3.82 -8.80
C SER A 5 -15.13 3.21 -8.17
N ARG A 6 -14.09 3.03 -8.99
CA ARG A 6 -12.76 2.55 -8.57
C ARG A 6 -12.01 3.60 -7.76
N ARG A 7 -11.96 4.85 -8.26
CA ARG A 7 -11.27 6.00 -7.61
C ARG A 7 -11.74 6.21 -6.18
N LEU A 8 -13.05 6.29 -5.99
CA LEU A 8 -13.71 6.47 -4.68
C LEU A 8 -13.44 5.26 -3.76
N SER A 9 -13.45 4.03 -4.29
CA SER A 9 -13.12 2.83 -3.50
C SER A 9 -11.67 2.85 -3.03
N ILE A 10 -10.73 3.27 -3.89
CA ILE A 10 -9.30 3.43 -3.54
C ILE A 10 -9.15 4.45 -2.39
N GLN A 11 -9.88 5.57 -2.42
CA GLN A 11 -9.90 6.56 -1.33
C GLN A 11 -10.35 5.95 0.01
N ARG A 12 -11.33 5.04 0.03
CA ARG A 12 -11.76 4.33 1.26
C ARG A 12 -10.61 3.46 1.80
N CYS A 13 -9.87 2.77 0.92
CA CYS A 13 -8.70 1.98 1.31
C CYS A 13 -7.58 2.88 1.85
N ILE A 14 -7.34 4.05 1.24
CA ILE A 14 -6.35 5.04 1.72
C ILE A 14 -6.72 5.48 3.15
N GLN A 15 -7.98 5.84 3.41
CA GLN A 15 -8.43 6.20 4.76
C GLN A 15 -8.24 5.04 5.75
N SER A 16 -8.51 3.81 5.32
CA SER A 16 -8.32 2.60 6.15
C SER A 16 -6.84 2.38 6.50
N LEU A 17 -5.92 2.56 5.55
CA LEU A 17 -4.48 2.44 5.80
C LEU A 17 -3.99 3.58 6.72
N VAL A 18 -4.46 4.82 6.49
CA VAL A 18 -4.15 5.99 7.33
C VAL A 18 -4.61 5.75 8.78
N HIS A 19 -5.82 5.21 8.98
CA HIS A 19 -6.34 4.83 10.30
C HIS A 19 -5.40 3.79 10.93
N ALA A 20 -5.12 2.68 10.23
CA ALA A 20 -4.23 1.62 10.71
C ALA A 20 -2.81 2.09 11.06
N CYS A 21 -2.27 3.08 10.35
CA CYS A 21 -0.95 3.68 10.64
C CYS A 21 -0.91 4.44 11.97
N GLN A 22 -2.06 4.75 12.57
CA GLN A 22 -2.21 5.45 13.86
C GLN A 22 -2.81 4.55 14.96
N CYS A 23 -3.68 3.61 14.57
CA CYS A 23 -4.37 2.67 15.43
C CYS A 23 -3.42 1.66 16.09
N ARG A 24 -3.83 1.12 17.24
CA ARG A 24 -3.05 0.17 18.08
C ARG A 24 -3.75 -1.18 18.32
N ASN A 25 -5.04 -1.28 18.03
CA ASN A 25 -5.83 -2.50 18.22
C ASN A 25 -5.35 -3.64 17.28
N ALA A 26 -4.89 -4.77 17.83
CA ALA A 26 -4.48 -5.93 17.02
C ALA A 26 -5.62 -6.51 16.15
N ASN A 27 -6.86 -6.30 16.61
CA ASN A 27 -8.09 -6.78 15.98
C ASN A 27 -9.21 -5.70 16.10
N CYS A 28 -8.93 -4.50 15.59
CA CYS A 28 -9.81 -3.32 15.58
C CYS A 28 -11.25 -3.61 15.08
N SER A 29 -12.22 -2.77 15.46
CA SER A 29 -13.62 -2.92 15.04
C SER A 29 -13.85 -2.72 13.54
N LEU A 30 -12.93 -2.05 12.83
CA LEU A 30 -12.99 -1.89 11.38
C LEU A 30 -12.42 -3.13 10.68
N PRO A 31 -13.12 -3.72 9.68
CA PRO A 31 -12.66 -4.91 8.98
C PRO A 31 -11.34 -4.69 8.22
N SER A 32 -11.17 -3.52 7.60
CA SER A 32 -9.96 -3.17 6.84
C SER A 32 -8.75 -2.93 7.77
N CYS A 33 -8.91 -2.20 8.88
CA CYS A 33 -7.85 -1.91 9.86
C CYS A 33 -7.10 -3.18 10.31
N GLN A 34 -7.85 -4.26 10.63
CA GLN A 34 -7.30 -5.57 11.00
C GLN A 34 -6.33 -6.12 9.95
N LYS A 35 -6.66 -5.92 8.67
CA LYS A 35 -5.89 -6.38 7.50
C LYS A 35 -4.74 -5.43 7.19
N MET A 36 -4.98 -4.12 7.21
CA MET A 36 -3.98 -3.07 6.95
C MET A 36 -2.76 -3.18 7.89
N LYS A 37 -2.98 -3.49 9.17
CA LYS A 37 -1.88 -3.74 10.12
C LYS A 37 -1.07 -4.97 9.70
N ARG A 38 -1.72 -6.08 9.36
CA ARG A 38 -1.05 -7.31 8.89
C ARG A 38 -0.27 -7.07 7.59
N VAL A 39 -0.82 -6.25 6.70
CA VAL A 39 -0.21 -5.82 5.43
C VAL A 39 1.07 -5.00 5.66
N VAL A 40 1.04 -3.92 6.45
CA VAL A 40 2.26 -3.13 6.72
C VAL A 40 3.32 -3.97 7.44
N GLN A 41 2.92 -4.80 8.42
CA GLN A 41 3.82 -5.72 9.14
C GLN A 41 4.53 -6.70 8.19
N HIS A 42 3.82 -7.24 7.18
CA HIS A 42 4.45 -8.08 6.15
C HIS A 42 5.56 -7.28 5.45
N THR A 43 5.23 -6.12 4.87
CA THR A 43 6.19 -5.30 4.10
C THR A 43 7.39 -4.88 4.93
N LYS A 44 7.16 -4.53 6.21
CA LYS A 44 8.17 -4.13 7.21
C LYS A 44 9.27 -5.19 7.44
N GLY A 45 9.01 -6.46 7.09
CA GLY A 45 9.95 -7.58 7.25
C GLY A 45 10.24 -8.36 5.95
N CYS A 46 9.55 -8.08 4.85
CA CYS A 46 9.74 -8.74 3.57
C CYS A 46 11.12 -8.40 2.94
N LYS A 47 11.59 -9.31 2.08
CA LYS A 47 12.87 -9.24 1.36
C LYS A 47 12.68 -9.31 -0.17
N ARG A 48 11.44 -9.26 -0.65
CA ARG A 48 11.08 -9.30 -2.07
C ARG A 48 10.83 -7.88 -2.61
N LYS A 49 9.83 -7.17 -2.05
CA LYS A 49 9.38 -5.80 -2.41
C LYS A 49 9.23 -5.44 -3.90
N THR A 50 8.95 -4.17 -4.21
CA THR A 50 8.82 -3.63 -5.59
C THR A 50 10.07 -3.86 -6.43
N ASN A 51 11.25 -3.85 -5.80
CA ASN A 51 12.54 -4.06 -6.43
C ASN A 51 12.78 -5.50 -6.94
N GLY A 52 12.05 -6.49 -6.40
CA GLY A 52 12.17 -7.91 -6.76
C GLY A 52 10.92 -8.53 -7.39
N GLY A 53 9.71 -8.14 -6.96
CA GLY A 53 8.44 -8.62 -7.53
C GLY A 53 7.30 -8.97 -6.54
N CYS A 54 7.43 -8.67 -5.25
CA CYS A 54 6.42 -8.97 -4.23
C CYS A 54 5.02 -8.44 -4.57
N PRO A 55 3.96 -9.28 -4.54
CA PRO A 55 2.61 -8.82 -4.83
C PRO A 55 2.01 -8.01 -3.68
N VAL A 56 2.43 -8.22 -2.42
CA VAL A 56 1.90 -7.48 -1.27
C VAL A 56 2.52 -6.08 -1.23
N CYS A 57 3.85 -5.96 -1.13
CA CYS A 57 4.56 -4.69 -1.09
C CYS A 57 4.16 -3.76 -2.24
N LYS A 58 4.16 -4.25 -3.50
CA LYS A 58 3.74 -3.44 -4.66
C LYS A 58 2.31 -2.89 -4.48
N GLN A 59 1.43 -3.62 -3.79
CA GLN A 59 0.07 -3.18 -3.51
C GLN A 59 0.02 -1.97 -2.57
N LEU A 60 0.78 -1.99 -1.46
CA LEU A 60 0.88 -0.84 -0.55
C LEU A 60 1.42 0.37 -1.29
N ILE A 61 2.55 0.21 -1.99
CA ILE A 61 3.21 1.32 -2.68
C ILE A 61 2.28 1.96 -3.71
N ALA A 62 1.51 1.21 -4.50
CA ALA A 62 0.55 1.79 -5.44
C ALA A 62 -0.45 2.69 -4.67
N LEU A 63 -1.04 2.12 -3.61
CA LEU A 63 -2.00 2.79 -2.73
C LEU A 63 -1.41 4.06 -2.08
N CYS A 64 -0.13 4.02 -1.68
CA CYS A 64 0.61 5.14 -1.11
C CYS A 64 0.99 6.18 -2.17
N CYS A 65 1.42 5.79 -3.39
CA CYS A 65 1.73 6.69 -4.50
C CYS A 65 0.51 7.56 -4.85
N TYR A 66 -0.66 6.93 -4.94
CA TYR A 66 -1.95 7.57 -5.23
C TYR A 66 -2.27 8.71 -4.23
N HIS A 67 -1.99 8.47 -2.94
CA HIS A 67 -2.14 9.45 -1.87
C HIS A 67 -1.01 10.50 -1.89
N ALA A 68 0.25 10.07 -1.88
CA ALA A 68 1.45 10.91 -1.87
C ALA A 68 1.53 11.92 -3.03
N LYS A 69 0.97 11.59 -4.20
CA LYS A 69 0.88 12.50 -5.36
C LYS A 69 0.09 13.78 -5.02
N HIS A 70 -0.97 13.64 -4.22
CA HIS A 70 -1.82 14.76 -3.77
C HIS A 70 -1.33 15.38 -2.45
N CYS A 71 -0.74 14.58 -1.56
CA CYS A 71 -0.26 15.01 -0.24
C CYS A 71 0.88 16.04 -0.33
N GLN A 72 0.99 16.88 0.71
CA GLN A 72 2.00 17.93 0.88
C GLN A 72 2.55 18.03 2.32
N GLU A 73 2.06 17.20 3.25
CA GLU A 73 2.51 17.17 4.65
C GLU A 73 3.86 16.46 4.80
N ASN A 74 4.60 16.81 5.87
CA ASN A 74 5.94 16.26 6.17
C ASN A 74 5.94 15.31 7.39
N LYS A 75 4.80 15.24 8.09
CA LYS A 75 4.52 14.45 9.31
C LYS A 75 3.36 13.45 9.15
N CYS A 76 2.99 13.13 7.91
CA CYS A 76 1.91 12.21 7.54
C CYS A 76 2.11 10.82 8.23
N PRO A 77 1.06 10.16 8.76
CA PRO A 77 1.21 8.90 9.51
C PRO A 77 1.68 7.69 8.69
N VAL A 78 1.39 7.64 7.39
CA VAL A 78 1.79 6.55 6.49
C VAL A 78 3.32 6.55 6.32
N PRO A 79 4.04 5.42 6.51
CA PRO A 79 5.50 5.40 6.41
C PRO A 79 6.03 5.67 4.98
N PHE A 80 5.26 5.31 3.95
CA PHE A 80 5.65 5.48 2.56
C PHE A 80 5.27 6.81 1.91
N CYS A 81 4.23 7.49 2.39
CA CYS A 81 3.78 8.77 1.83
C CYS A 81 4.93 9.79 1.69
N LEU A 82 5.68 10.02 2.78
CA LEU A 82 6.85 10.92 2.77
C LEU A 82 7.94 10.42 1.81
N ASN A 83 8.30 9.14 1.93
CA ASN A 83 9.32 8.50 1.09
C ASN A 83 9.00 8.61 -0.41
N ILE A 84 7.73 8.49 -0.80
CA ILE A 84 7.32 8.60 -2.20
C ILE A 84 7.25 10.05 -2.65
N LYS A 85 6.53 10.95 -1.96
CA LYS A 85 6.41 12.37 -2.40
C LYS A 85 7.77 13.06 -2.56
N HIS A 86 8.75 12.75 -1.70
CA HIS A 86 10.10 13.31 -1.81
C HIS A 86 10.88 12.83 -3.06
N LYS A 87 10.51 11.68 -3.64
CA LYS A 87 11.07 11.18 -4.91
C LYS A 87 10.24 11.70 -6.10
N LEU A 88 8.93 11.84 -5.94
CA LEU A 88 8.04 12.34 -7.00
C LEU A 88 8.24 13.85 -7.26
N ARG A 89 8.44 14.65 -6.20
CA ARG A 89 8.68 16.11 -6.26
C ARG A 89 9.78 16.54 -7.24
N GLN A 90 10.76 15.66 -7.43
CA GLN A 90 11.89 15.79 -8.37
C GLN A 90 11.44 15.89 -9.85
N GLN A 91 10.18 15.58 -10.16
CA GLN A 91 9.56 15.61 -11.50
C GLN A 91 8.32 16.51 -11.59
N GLN A 92 7.85 17.05 -10.46
CA GLN A 92 6.69 17.95 -10.34
C GLN A 92 6.93 19.04 -9.29
N GLY B 1 -24.31 -26.65 3.20
CA GLY B 1 -24.67 -26.17 1.88
C GLY B 1 -23.56 -26.35 0.82
N SER B 2 -23.87 -26.01 -0.43
CA SER B 2 -22.97 -26.14 -1.60
C SER B 2 -21.60 -25.44 -1.50
N HIS B 3 -21.41 -24.53 -0.54
CA HIS B 3 -20.18 -23.75 -0.34
C HIS B 3 -19.68 -23.76 1.14
N MET B 4 -20.17 -24.69 1.97
CA MET B 4 -19.77 -24.81 3.38
C MET B 4 -18.28 -25.13 3.56
N SER B 5 -17.68 -24.70 4.68
CA SER B 5 -16.26 -24.97 5.01
C SER B 5 -15.97 -26.42 5.43
N GLU B 6 -17.01 -27.20 5.73
CA GLU B 6 -16.93 -28.60 6.17
C GLU B 6 -16.50 -29.60 5.09
N VAL B 7 -16.36 -29.14 3.86
CA VAL B 7 -15.86 -29.92 2.70
C VAL B 7 -14.33 -30.12 2.75
N HIS B 8 -13.65 -29.54 3.74
CA HIS B 8 -12.20 -29.59 3.97
C HIS B 8 -11.36 -29.20 2.72
N PRO B 9 -11.50 -27.94 2.24
CA PRO B 9 -10.73 -27.41 1.12
C PRO B 9 -9.28 -27.08 1.53
N SER B 10 -8.52 -26.40 0.65
CA SER B 10 -7.13 -25.99 0.91
C SER B 10 -6.93 -25.10 2.14
N ARG B 11 -7.97 -24.31 2.54
CA ARG B 11 -7.97 -23.37 3.67
C ARG B 11 -6.73 -22.46 3.73
N LEU B 12 -6.26 -22.02 2.56
CA LEU B 12 -5.05 -21.20 2.41
C LEU B 12 -5.16 -19.86 3.16
N GLN B 13 -4.05 -19.42 3.75
CA GLN B 13 -3.94 -18.21 4.59
C GLN B 13 -2.58 -17.49 4.50
N THR B 14 -1.86 -17.71 3.40
CA THR B 14 -0.53 -17.15 3.09
C THR B 14 -0.51 -15.61 3.03
N THR B 15 0.67 -15.02 3.24
CA THR B 15 0.90 -13.57 3.21
C THR B 15 0.55 -12.90 1.89
N ASP B 16 0.68 -13.64 0.79
CA ASP B 16 0.38 -13.22 -0.58
C ASP B 16 -1.11 -12.94 -0.86
N ASN B 17 -1.98 -13.10 0.15
CA ASN B 17 -3.41 -12.80 0.08
C ASN B 17 -3.83 -11.64 1.00
N LEU B 18 -2.90 -11.05 1.77
CA LEU B 18 -3.12 -9.85 2.58
C LEU B 18 -3.51 -8.63 1.74
N LEU B 19 -3.36 -8.70 0.42
CA LEU B 19 -3.60 -7.64 -0.59
C LEU B 19 -4.79 -6.70 -0.24
N PRO B 20 -4.54 -5.43 0.17
CA PRO B 20 -5.58 -4.48 0.60
C PRO B 20 -6.43 -3.89 -0.55
N MET B 21 -6.00 -4.10 -1.80
CA MET B 21 -6.61 -3.58 -3.03
C MET B 21 -6.58 -4.67 -4.12
N SER B 22 -7.56 -4.68 -5.01
CA SER B 22 -7.69 -5.69 -6.08
C SER B 22 -6.98 -5.30 -7.38
N PRO B 23 -6.71 -6.25 -8.31
CA PRO B 23 -6.12 -5.95 -9.61
C PRO B 23 -6.95 -4.93 -10.43
N GLU B 24 -8.27 -4.93 -10.28
CA GLU B 24 -9.18 -4.00 -10.97
C GLU B 24 -9.04 -2.56 -10.45
N GLU B 25 -8.75 -2.37 -9.16
CA GLU B 25 -8.49 -1.06 -8.55
C GLU B 25 -7.04 -0.64 -8.83
N PHE B 26 -6.10 -1.58 -8.73
CA PHE B 26 -4.68 -1.37 -9.04
C PHE B 26 -4.50 -0.80 -10.47
N ASP B 27 -5.32 -1.21 -11.44
CA ASP B 27 -5.31 -0.67 -12.80
C ASP B 27 -5.57 0.86 -12.83
N GLU B 28 -6.53 1.35 -12.05
CA GLU B 28 -6.81 2.80 -11.95
C GLU B 28 -5.66 3.54 -11.24
N VAL B 29 -4.99 2.89 -10.27
CA VAL B 29 -3.81 3.47 -9.62
C VAL B 29 -2.66 3.55 -10.62
N SER B 30 -2.41 2.47 -11.37
CA SER B 30 -1.38 2.38 -12.40
C SER B 30 -1.54 3.47 -13.48
N ARG B 31 -2.77 3.78 -13.90
CA ARG B 31 -3.06 4.85 -14.89
C ARG B 31 -2.54 6.22 -14.45
N ILE B 32 -2.71 6.56 -13.17
CA ILE B 32 -2.29 7.85 -12.60
C ILE B 32 -0.82 7.84 -12.18
N VAL B 33 -0.39 6.82 -11.43
CA VAL B 33 0.98 6.69 -10.90
C VAL B 33 2.02 6.48 -12.00
N GLY B 34 1.66 5.76 -13.06
CA GLY B 34 2.53 5.47 -14.21
C GLY B 34 3.91 4.87 -13.88
N SER B 35 4.02 4.17 -12.74
CA SER B 35 5.25 3.53 -12.22
C SER B 35 6.49 4.44 -12.14
N VAL B 36 6.30 5.76 -11.98
CA VAL B 36 7.31 6.85 -11.88
C VAL B 36 8.75 6.45 -11.50
N GLU B 37 8.96 5.91 -10.29
CA GLU B 37 10.25 5.43 -9.76
C GLU B 37 10.01 4.18 -8.87
N PHE B 38 8.85 3.55 -9.06
CA PHE B 38 8.25 2.49 -8.26
C PHE B 38 9.15 1.40 -7.67
N ASP B 39 10.07 0.83 -8.46
CA ASP B 39 11.02 -0.20 -8.00
C ASP B 39 12.13 0.34 -7.05
N SER B 40 12.09 1.64 -6.74
CA SER B 40 13.03 2.37 -5.85
C SER B 40 12.33 3.22 -4.77
N MET B 41 11.01 3.13 -4.58
CA MET B 41 10.29 3.88 -3.51
C MET B 41 10.84 3.61 -2.10
N MET B 42 11.47 2.44 -1.90
CA MET B 42 12.05 1.97 -0.64
C MET B 42 13.58 2.15 -0.54
N ASN B 43 14.24 2.66 -1.58
CA ASN B 43 15.70 2.83 -1.66
C ASN B 43 16.32 3.73 -0.56
N THR B 44 15.50 4.51 0.16
CA THR B 44 15.93 5.40 1.26
C THR B 44 16.64 4.64 2.39
N VAL B 45 16.28 3.36 2.60
CA VAL B 45 16.84 2.45 3.63
C VAL B 45 18.37 2.45 3.65
ZN ZN C . -8.16 0.64 14.00
ZN ZN D . 6.58 -8.04 0.51
ZN ZN E . 0.22 11.99 3.03
N SER A 1 -21.00 7.31 -13.29
CA SER A 1 -19.75 7.16 -12.53
C SER A 1 -18.90 5.96 -13.02
N PRO A 2 -18.42 5.95 -14.28
CA PRO A 2 -17.66 4.84 -14.86
C PRO A 2 -16.28 4.65 -14.19
N GLN A 3 -15.32 5.52 -14.50
CA GLN A 3 -14.00 5.50 -13.85
C GLN A 3 -14.11 6.00 -12.41
N GLU A 4 -15.07 6.90 -12.13
CA GLU A 4 -15.32 7.45 -10.80
C GLU A 4 -15.59 6.35 -9.76
N SER A 5 -16.32 5.28 -10.09
CA SER A 5 -16.56 4.17 -9.14
C SER A 5 -15.25 3.58 -8.60
N ARG A 6 -14.22 3.43 -9.45
CA ARG A 6 -12.89 2.94 -9.05
C ARG A 6 -12.15 3.97 -8.20
N ARG A 7 -12.03 5.20 -8.71
CA ARG A 7 -11.36 6.35 -8.07
C ARG A 7 -11.87 6.63 -6.66
N LEU A 8 -13.20 6.61 -6.50
CA LEU A 8 -13.89 6.85 -5.23
C LEU A 8 -13.78 5.64 -4.27
N SER A 9 -13.73 4.41 -4.79
CA SER A 9 -13.52 3.21 -3.95
C SER A 9 -12.12 3.16 -3.34
N ILE A 10 -11.10 3.56 -4.11
CA ILE A 10 -9.70 3.64 -3.66
C ILE A 10 -9.57 4.56 -2.42
N GLN A 11 -10.35 5.65 -2.35
CA GLN A 11 -10.37 6.56 -1.18
C GLN A 11 -10.66 5.82 0.13
N ARG A 12 -11.62 4.88 0.15
CA ARG A 12 -11.97 4.08 1.34
C ARG A 12 -10.77 3.25 1.83
N CYS A 13 -10.01 2.68 0.90
CA CYS A 13 -8.78 1.93 1.21
C CYS A 13 -7.70 2.86 1.77
N ILE A 14 -7.53 4.08 1.20
CA ILE A 14 -6.58 5.08 1.70
C ILE A 14 -6.93 5.46 3.14
N GLN A 15 -8.20 5.77 3.43
CA GLN A 15 -8.66 6.07 4.80
C GLN A 15 -8.40 4.90 5.76
N SER A 16 -8.62 3.66 5.31
CA SER A 16 -8.36 2.46 6.12
C SER A 16 -6.87 2.30 6.44
N LEU A 17 -5.97 2.51 5.48
CA LEU A 17 -4.52 2.43 5.70
C LEU A 17 -4.04 3.59 6.59
N VAL A 18 -4.53 4.81 6.38
CA VAL A 18 -4.24 5.99 7.21
C VAL A 18 -4.67 5.74 8.65
N HIS A 19 -5.86 5.18 8.87
CA HIS A 19 -6.33 4.79 10.21
C HIS A 19 -5.36 3.76 10.81
N ALA A 20 -5.09 2.66 10.11
CA ALA A 20 -4.19 1.59 10.55
C ALA A 20 -2.77 2.08 10.92
N CYS A 21 -2.25 3.10 10.24
CA CYS A 21 -0.94 3.69 10.53
C CYS A 21 -0.89 4.39 11.90
N GLN A 22 -2.04 4.86 12.40
CA GLN A 22 -2.18 5.54 13.70
C GLN A 22 -2.70 4.57 14.78
N CYS A 23 -3.53 3.61 14.37
CA CYS A 23 -4.13 2.60 15.22
C CYS A 23 -3.11 1.57 15.73
N ARG A 24 -3.42 0.96 16.88
CA ARG A 24 -2.59 -0.02 17.59
C ARG A 24 -3.35 -1.26 18.07
N ASN A 25 -4.68 -1.24 17.97
CA ASN A 25 -5.57 -2.35 18.34
C ASN A 25 -5.22 -3.61 17.53
N ALA A 26 -4.88 -4.72 18.20
CA ALA A 26 -4.58 -6.00 17.54
C ALA A 26 -5.79 -6.62 16.82
N ASN A 27 -7.01 -6.24 17.24
CA ASN A 27 -8.29 -6.72 16.73
C ASN A 27 -9.31 -5.56 16.61
N CYS A 28 -8.91 -4.43 16.00
CA CYS A 28 -9.74 -3.24 15.80
C CYS A 28 -11.11 -3.58 15.16
N SER A 29 -12.16 -2.83 15.47
CA SER A 29 -13.52 -3.09 14.95
C SER A 29 -13.66 -2.95 13.43
N LEU A 30 -12.70 -2.31 12.74
CA LEU A 30 -12.70 -2.20 11.28
C LEU A 30 -12.07 -3.48 10.67
N PRO A 31 -12.75 -4.14 9.71
CA PRO A 31 -12.22 -5.35 9.07
C PRO A 31 -10.96 -5.07 8.25
N SER A 32 -10.86 -3.88 7.65
CA SER A 32 -9.69 -3.44 6.88
C SER A 32 -8.49 -3.13 7.78
N CYS A 33 -8.66 -2.40 8.88
CA CYS A 33 -7.61 -2.06 9.85
C CYS A 33 -6.80 -3.30 10.30
N GLN A 34 -7.49 -4.38 10.67
CA GLN A 34 -6.88 -5.66 11.04
C GLN A 34 -5.96 -6.24 9.95
N LYS A 35 -6.28 -5.99 8.68
CA LYS A 35 -5.54 -6.46 7.48
C LYS A 35 -4.43 -5.47 7.08
N MET A 36 -4.70 -4.16 7.12
CA MET A 36 -3.74 -3.09 6.81
C MET A 36 -2.50 -3.16 7.70
N LYS A 37 -2.69 -3.46 9.00
CA LYS A 37 -1.59 -3.66 9.95
C LYS A 37 -0.69 -4.83 9.52
N ARG A 38 -1.27 -5.97 9.12
CA ARG A 38 -0.53 -7.14 8.62
C ARG A 38 0.23 -6.81 7.33
N VAL A 39 -0.38 -6.04 6.43
CA VAL A 39 0.25 -5.59 5.17
C VAL A 39 1.48 -4.72 5.43
N VAL A 40 1.35 -3.65 6.22
CA VAL A 40 2.51 -2.78 6.52
C VAL A 40 3.59 -3.56 7.28
N GLN A 41 3.23 -4.38 8.27
CA GLN A 41 4.16 -5.25 9.02
C GLN A 41 4.94 -6.19 8.10
N HIS A 42 4.28 -6.80 7.11
CA HIS A 42 4.95 -7.66 6.13
C HIS A 42 6.03 -6.86 5.36
N THR A 43 5.64 -5.76 4.71
CA THR A 43 6.52 -4.90 3.90
C THR A 43 7.67 -4.29 4.71
N LYS A 44 7.43 -3.96 5.99
CA LYS A 44 8.42 -3.48 6.95
C LYS A 44 9.58 -4.47 7.21
N GLY A 45 9.49 -5.71 6.71
CA GLY A 45 10.51 -6.74 6.83
C GLY A 45 10.57 -7.73 5.64
N CYS A 46 10.05 -7.36 4.46
CA CYS A 46 10.03 -8.20 3.27
C CYS A 46 11.44 -8.57 2.77
N LYS A 47 11.49 -9.66 1.99
CA LYS A 47 12.67 -10.24 1.33
C LYS A 47 12.49 -10.31 -0.20
N ARG A 48 11.39 -9.76 -0.73
CA ARG A 48 11.03 -9.75 -2.15
C ARG A 48 10.89 -8.31 -2.68
N LYS A 49 10.01 -7.51 -2.05
CA LYS A 49 9.61 -6.10 -2.34
C LYS A 49 9.39 -5.73 -3.82
N THR A 50 9.08 -4.46 -4.12
CA THR A 50 8.87 -4.00 -5.51
C THR A 50 10.14 -4.09 -6.36
N ASN A 51 11.31 -4.02 -5.73
CA ASN A 51 12.62 -4.13 -6.39
C ASN A 51 12.92 -5.56 -6.91
N GLY A 52 12.20 -6.58 -6.44
CA GLY A 52 12.37 -7.99 -6.84
C GLY A 52 11.11 -8.64 -7.45
N GLY A 53 9.91 -8.32 -6.96
CA GLY A 53 8.65 -8.83 -7.52
C GLY A 53 7.51 -9.15 -6.55
N CYS A 54 7.57 -8.74 -5.27
CA CYS A 54 6.52 -9.00 -4.28
C CYS A 54 5.14 -8.44 -4.67
N PRO A 55 4.06 -9.24 -4.65
CA PRO A 55 2.73 -8.75 -4.98
C PRO A 55 2.15 -7.93 -3.81
N VAL A 56 2.52 -8.23 -2.54
CA VAL A 56 1.99 -7.53 -1.37
C VAL A 56 2.56 -6.11 -1.28
N CYS A 57 3.88 -5.96 -1.28
CA CYS A 57 4.54 -4.66 -1.22
C CYS A 57 4.01 -3.73 -2.32
N LYS A 58 4.04 -4.19 -3.58
CA LYS A 58 3.52 -3.43 -4.71
C LYS A 58 2.06 -3.00 -4.55
N GLN A 59 1.24 -3.75 -3.80
CA GLN A 59 -0.17 -3.40 -3.55
C GLN A 59 -0.32 -2.17 -2.66
N LEU A 60 0.28 -2.13 -1.46
CA LEU A 60 0.21 -0.91 -0.63
C LEU A 60 1.00 0.22 -1.29
N ILE A 61 2.10 -0.07 -2.00
CA ILE A 61 2.91 0.94 -2.66
C ILE A 61 2.11 1.67 -3.74
N ALA A 62 1.27 0.99 -4.52
CA ALA A 62 0.35 1.64 -5.46
C ALA A 62 -0.57 2.60 -4.68
N LEU A 63 -1.21 2.06 -3.63
CA LEU A 63 -2.14 2.75 -2.75
C LEU A 63 -1.53 4.02 -2.10
N CYS A 64 -0.31 3.92 -1.59
CA CYS A 64 0.45 5.01 -1.00
C CYS A 64 0.88 6.02 -2.06
N CYS A 65 1.31 5.59 -3.26
CA CYS A 65 1.66 6.53 -4.35
C CYS A 65 0.46 7.38 -4.76
N TYR A 66 -0.72 6.76 -4.89
CA TYR A 66 -1.98 7.45 -5.23
C TYR A 66 -2.27 8.61 -4.24
N HIS A 67 -2.04 8.37 -2.94
CA HIS A 67 -2.20 9.38 -1.89
C HIS A 67 -1.04 10.40 -1.92
N ALA A 68 0.22 9.93 -1.86
CA ALA A 68 1.43 10.76 -1.83
C ALA A 68 1.57 11.75 -3.00
N LYS A 69 1.09 11.40 -4.21
CA LYS A 69 1.08 12.32 -5.37
C LYS A 69 0.27 13.59 -5.09
N HIS A 70 -0.83 13.46 -4.35
CA HIS A 70 -1.73 14.56 -3.96
C HIS A 70 -1.33 15.22 -2.64
N CYS A 71 -0.73 14.47 -1.71
CA CYS A 71 -0.29 14.95 -0.39
C CYS A 71 0.83 16.01 -0.48
N GLN A 72 0.91 16.85 0.55
CA GLN A 72 1.90 17.94 0.70
C GLN A 72 2.45 18.08 2.14
N GLU A 73 1.93 17.32 3.11
CA GLU A 73 2.38 17.35 4.51
C GLU A 73 3.71 16.59 4.71
N ASN A 74 4.48 16.99 5.71
CA ASN A 74 5.78 16.42 6.07
C ASN A 74 5.74 15.52 7.32
N LYS A 75 4.59 15.49 8.01
CA LYS A 75 4.30 14.76 9.25
C LYS A 75 3.15 13.73 9.10
N CYS A 76 2.80 13.38 7.86
CA CYS A 76 1.73 12.43 7.51
C CYS A 76 1.92 11.09 8.26
N PRO A 77 0.85 10.44 8.80
CA PRO A 77 1.00 9.21 9.59
C PRO A 77 1.49 7.99 8.81
N VAL A 78 1.24 7.91 7.49
CA VAL A 78 1.68 6.80 6.64
C VAL A 78 3.21 6.86 6.46
N PRO A 79 3.98 5.81 6.79
CA PRO A 79 5.44 5.85 6.68
C PRO A 79 5.94 5.98 5.23
N PHE A 80 5.24 5.36 4.28
CA PHE A 80 5.61 5.42 2.87
C PHE A 80 5.24 6.73 2.16
N CYS A 81 4.18 7.43 2.58
CA CYS A 81 3.75 8.70 1.98
C CYS A 81 4.90 9.72 1.87
N LEU A 82 5.62 9.98 2.97
CA LEU A 82 6.79 10.88 2.97
C LEU A 82 7.91 10.37 2.04
N ASN A 83 8.30 9.11 2.21
CA ASN A 83 9.33 8.46 1.39
C ASN A 83 9.00 8.55 -0.11
N ILE A 84 7.73 8.39 -0.49
CA ILE A 84 7.29 8.47 -1.88
C ILE A 84 7.28 9.92 -2.36
N LYS A 85 6.56 10.86 -1.73
CA LYS A 85 6.48 12.26 -2.23
C LYS A 85 7.84 12.93 -2.42
N HIS A 86 8.78 12.68 -1.51
CA HIS A 86 10.15 13.22 -1.60
C HIS A 86 10.95 12.63 -2.77
N LYS A 87 10.64 11.39 -3.19
CA LYS A 87 11.28 10.69 -4.32
C LYS A 87 10.55 10.96 -5.64
N LEU A 88 9.23 11.16 -5.63
CA LEU A 88 8.46 11.52 -6.83
C LEU A 88 8.81 12.94 -7.30
N ARG A 89 8.92 13.92 -6.37
CA ARG A 89 9.31 15.34 -6.56
C ARG A 89 9.02 15.98 -7.93
N GLN A 90 7.79 15.70 -8.33
CA GLN A 90 7.09 16.07 -9.58
C GLN A 90 7.84 15.67 -10.88
N GLN A 91 8.66 14.62 -10.84
CA GLN A 91 9.46 14.10 -11.96
C GLN A 91 8.64 13.55 -13.13
N GLN A 92 7.54 12.87 -12.80
CA GLN A 92 6.59 12.24 -13.72
C GLN A 92 6.05 13.21 -14.78
N GLY B 1 28.30 -36.75 4.95
CA GLY B 1 28.03 -37.19 3.59
C GLY B 1 28.70 -36.33 2.49
N SER B 2 29.47 -35.31 2.87
CA SER B 2 30.20 -34.37 1.99
C SER B 2 29.34 -33.59 0.99
N HIS B 3 28.02 -33.50 1.20
CA HIS B 3 27.06 -32.76 0.37
C HIS B 3 25.84 -32.27 1.18
N MET B 4 24.98 -31.47 0.55
CA MET B 4 23.76 -30.88 1.13
C MET B 4 22.59 -30.94 0.13
N SER B 5 21.36 -30.76 0.63
CA SER B 5 20.11 -30.79 -0.16
C SER B 5 19.02 -29.93 0.49
N GLU B 6 17.88 -29.77 -0.19
CA GLU B 6 16.70 -28.98 0.22
C GLU B 6 15.86 -29.61 1.35
N VAL B 7 16.51 -30.02 2.45
CA VAL B 7 15.91 -30.65 3.65
C VAL B 7 14.88 -29.79 4.39
N HIS B 8 14.80 -28.50 4.06
CA HIS B 8 13.88 -27.50 4.62
C HIS B 8 13.64 -26.39 3.57
N PRO B 9 12.42 -25.85 3.41
CA PRO B 9 12.10 -24.80 2.43
C PRO B 9 13.00 -23.57 2.47
N SER B 10 13.19 -23.04 3.68
CA SER B 10 14.00 -21.85 4.04
C SER B 10 13.55 -20.51 3.41
N ARG B 11 12.46 -20.49 2.64
CA ARG B 11 11.85 -19.33 1.96
C ARG B 11 10.39 -19.16 2.38
N LEU B 12 9.80 -18.00 2.10
CA LEU B 12 8.40 -17.66 2.41
C LEU B 12 7.43 -18.61 1.66
N GLN B 13 6.26 -18.85 2.29
CA GLN B 13 5.20 -19.76 1.79
C GLN B 13 3.77 -19.20 1.96
N THR B 14 3.66 -17.95 2.41
CA THR B 14 2.41 -17.21 2.64
C THR B 14 2.61 -15.69 2.44
N THR B 15 1.57 -14.90 2.73
CA THR B 15 1.38 -13.42 2.68
C THR B 15 0.70 -12.93 1.40
N ASP B 16 0.65 -13.76 0.37
CA ASP B 16 0.05 -13.50 -0.96
C ASP B 16 -1.46 -13.18 -0.99
N ASN B 17 -2.14 -13.14 0.17
CA ASN B 17 -3.56 -12.78 0.31
C ASN B 17 -3.77 -11.56 1.22
N LEU B 18 -2.71 -10.97 1.78
CA LEU B 18 -2.78 -9.72 2.55
C LEU B 18 -3.25 -8.52 1.70
N LEU B 19 -3.20 -8.65 0.36
CA LEU B 19 -3.57 -7.64 -0.65
C LEU B 19 -4.79 -6.78 -0.26
N PRO B 20 -4.62 -5.51 0.16
CA PRO B 20 -5.71 -4.64 0.63
C PRO B 20 -6.55 -3.98 -0.48
N MET B 21 -6.19 -4.18 -1.75
CA MET B 21 -6.85 -3.60 -2.93
C MET B 21 -6.89 -4.63 -4.06
N SER B 22 -7.91 -4.57 -4.91
CA SER B 22 -8.13 -5.53 -6.02
C SER B 22 -7.45 -5.11 -7.33
N PRO B 23 -7.18 -6.04 -8.26
CA PRO B 23 -6.59 -5.73 -9.57
C PRO B 23 -7.35 -4.65 -10.37
N GLU B 24 -8.68 -4.60 -10.25
CA GLU B 24 -9.53 -3.62 -10.94
C GLU B 24 -9.33 -2.19 -10.42
N GLU B 25 -9.03 -2.03 -9.12
CA GLU B 25 -8.74 -0.73 -8.49
C GLU B 25 -7.26 -0.37 -8.74
N PHE B 26 -6.37 -1.34 -8.56
CA PHE B 26 -4.92 -1.24 -8.81
C PHE B 26 -4.63 -0.74 -10.24
N ASP B 27 -5.45 -1.10 -11.22
CA ASP B 27 -5.34 -0.64 -12.62
C ASP B 27 -5.53 0.89 -12.73
N GLU B 28 -6.55 1.47 -12.10
CA GLU B 28 -6.78 2.93 -12.07
C GLU B 28 -5.69 3.64 -11.25
N VAL B 29 -5.11 2.97 -10.23
CA VAL B 29 -3.98 3.53 -9.50
C VAL B 29 -2.74 3.58 -10.41
N SER B 30 -2.42 2.47 -11.07
CA SER B 30 -1.29 2.35 -12.01
C SER B 30 -1.38 3.36 -13.16
N ARG B 31 -2.60 3.62 -13.66
CA ARG B 31 -2.91 4.60 -14.72
C ARG B 31 -2.38 6.01 -14.39
N ILE B 32 -2.49 6.42 -13.12
CA ILE B 32 -2.02 7.74 -12.63
C ILE B 32 -0.56 7.68 -12.16
N VAL B 33 -0.18 6.67 -11.37
CA VAL B 33 1.19 6.51 -10.82
C VAL B 33 2.23 6.35 -11.93
N GLY B 34 1.88 5.66 -13.01
CA GLY B 34 2.71 5.43 -14.20
C GLY B 34 4.14 4.95 -13.92
N SER B 35 4.32 4.09 -12.91
CA SER B 35 5.61 3.52 -12.45
C SER B 35 6.75 4.54 -12.24
N VAL B 36 6.40 5.78 -11.87
CA VAL B 36 7.27 6.95 -11.64
C VAL B 36 8.69 6.65 -11.10
N GLU B 37 8.79 6.06 -9.90
CA GLU B 37 10.03 5.67 -9.18
C GLU B 37 9.82 4.33 -8.42
N PHE B 38 8.65 3.74 -8.66
CA PHE B 38 7.97 2.61 -8.04
C PHE B 38 8.79 1.41 -7.53
N ASP B 39 9.72 0.88 -8.32
CA ASP B 39 10.58 -0.25 -7.95
C ASP B 39 11.71 0.11 -6.93
N SER B 40 11.65 1.32 -6.35
CA SER B 40 12.65 1.87 -5.42
C SER B 40 12.05 2.65 -4.24
N MET B 41 10.72 2.61 -4.00
CA MET B 41 10.08 3.37 -2.90
C MET B 41 10.64 3.06 -1.49
N MET B 42 11.18 1.85 -1.29
CA MET B 42 11.79 1.39 -0.04
C MET B 42 13.24 1.91 0.17
N ASN B 43 13.78 2.73 -0.74
CA ASN B 43 15.17 3.20 -0.74
C ASN B 43 15.38 4.73 -0.55
N THR B 44 14.31 5.54 -0.39
CA THR B 44 14.45 7.00 -0.22
C THR B 44 15.28 7.40 1.00
N VAL B 45 15.12 6.67 2.12
CA VAL B 45 15.82 6.90 3.40
C VAL B 45 16.29 5.56 4.01
ZN ZN C . -7.95 0.57 13.99
ZN ZN D . 6.75 -7.96 0.31
ZN ZN E . 0.15 11.98 2.98
N SER A 1 -20.64 8.12 -13.47
CA SER A 1 -19.54 7.63 -12.64
C SER A 1 -18.90 6.34 -13.19
N PRO A 2 -18.32 6.35 -14.41
CA PRO A 2 -17.74 5.17 -15.05
C PRO A 2 -16.48 4.64 -14.35
N GLN A 3 -15.40 5.43 -14.35
CA GLN A 3 -14.14 5.12 -13.67
C GLN A 3 -14.14 5.64 -12.23
N GLU A 4 -14.99 6.63 -11.94
CA GLU A 4 -15.17 7.24 -10.60
C GLU A 4 -15.46 6.19 -9.53
N SER A 5 -16.20 5.12 -9.86
CA SER A 5 -16.47 4.00 -8.93
C SER A 5 -15.18 3.44 -8.32
N ARG A 6 -14.12 3.29 -9.14
CA ARG A 6 -12.79 2.83 -8.69
C ARG A 6 -12.08 3.89 -7.87
N ARG A 7 -12.05 5.14 -8.36
CA ARG A 7 -11.41 6.29 -7.70
C ARG A 7 -11.92 6.49 -6.28
N LEU A 8 -13.25 6.51 -6.14
CA LEU A 8 -13.96 6.66 -4.88
C LEU A 8 -13.78 5.44 -3.96
N SER A 9 -13.64 4.23 -4.51
CA SER A 9 -13.35 3.02 -3.71
C SER A 9 -11.92 3.05 -3.16
N ILE A 10 -10.93 3.47 -3.96
CA ILE A 10 -9.51 3.60 -3.56
C ILE A 10 -9.39 4.56 -2.36
N GLN A 11 -10.15 5.66 -2.32
CA GLN A 11 -10.17 6.59 -1.18
C GLN A 11 -10.56 5.89 0.15
N ARG A 12 -11.47 4.90 0.13
CA ARG A 12 -11.85 4.12 1.32
C ARG A 12 -10.66 3.28 1.81
N CYS A 13 -9.91 2.68 0.89
CA CYS A 13 -8.69 1.93 1.22
C CYS A 13 -7.61 2.85 1.80
N ILE A 14 -7.44 4.07 1.25
CA ILE A 14 -6.51 5.08 1.77
C ILE A 14 -6.90 5.46 3.20
N GLN A 15 -8.17 5.77 3.48
CA GLN A 15 -8.63 6.08 4.84
C GLN A 15 -8.41 4.89 5.80
N SER A 16 -8.63 3.66 5.35
CA SER A 16 -8.39 2.45 6.14
C SER A 16 -6.91 2.28 6.51
N LEU A 17 -6.00 2.50 5.56
CA LEU A 17 -4.55 2.44 5.80
C LEU A 17 -4.09 3.58 6.71
N VAL A 18 -4.59 4.81 6.49
CA VAL A 18 -4.32 5.99 7.33
C VAL A 18 -4.76 5.73 8.77
N HIS A 19 -5.95 5.14 8.98
CA HIS A 19 -6.43 4.75 10.30
C HIS A 19 -5.45 3.73 10.94
N ALA A 20 -5.14 2.64 10.23
CA ALA A 20 -4.21 1.61 10.70
C ALA A 20 -2.82 2.14 11.07
N CYS A 21 -2.32 3.16 10.36
CA CYS A 21 -1.04 3.83 10.64
C CYS A 21 -1.04 4.61 11.97
N GLN A 22 -2.21 4.87 12.56
CA GLN A 22 -2.41 5.58 13.83
C GLN A 22 -3.00 4.69 14.93
N CYS A 23 -3.66 3.60 14.56
CA CYS A 23 -4.30 2.65 15.46
C CYS A 23 -3.29 1.80 16.27
N ARG A 24 -3.82 1.09 17.27
CA ARG A 24 -3.09 0.21 18.21
C ARG A 24 -3.86 -1.07 18.57
N ASN A 25 -5.16 -1.15 18.30
CA ASN A 25 -6.00 -2.30 18.60
C ASN A 25 -5.54 -3.55 17.82
N ALA A 26 -5.17 -4.62 18.52
CA ALA A 26 -4.77 -5.90 17.89
C ALA A 26 -5.92 -6.57 17.12
N ASN A 27 -7.17 -6.23 17.46
CA ASN A 27 -8.41 -6.76 16.88
C ASN A 27 -9.46 -5.62 16.73
N CYS A 28 -9.07 -4.51 16.10
CA CYS A 28 -9.89 -3.31 15.87
C CYS A 28 -11.27 -3.64 15.27
N SER A 29 -12.30 -2.84 15.59
CA SER A 29 -13.66 -3.04 15.09
C SER A 29 -13.82 -2.85 13.58
N LEU A 30 -12.86 -2.23 12.90
CA LEU A 30 -12.87 -2.08 11.43
C LEU A 30 -12.31 -3.34 10.76
N PRO A 31 -12.99 -3.91 9.75
CA PRO A 31 -12.54 -5.12 9.06
C PRO A 31 -11.22 -4.90 8.30
N SER A 32 -11.05 -3.74 7.66
CA SER A 32 -9.83 -3.41 6.90
C SER A 32 -8.63 -3.14 7.80
N CYS A 33 -8.78 -2.45 8.94
CA CYS A 33 -7.74 -2.17 9.93
C CYS A 33 -6.97 -3.45 10.34
N GLN A 34 -7.71 -4.53 10.63
CA GLN A 34 -7.17 -5.87 10.96
C GLN A 34 -6.27 -6.44 9.85
N LYS A 35 -6.51 -6.07 8.58
CA LYS A 35 -5.74 -6.48 7.40
C LYS A 35 -4.59 -5.51 7.10
N MET A 36 -4.84 -4.21 7.17
CA MET A 36 -3.87 -3.13 6.95
C MET A 36 -2.66 -3.24 7.89
N LYS A 37 -2.88 -3.63 9.15
CA LYS A 37 -1.79 -3.88 10.12
C LYS A 37 -0.91 -5.06 9.68
N ARG A 38 -1.50 -6.17 9.24
CA ARG A 38 -0.74 -7.33 8.71
C ARG A 38 0.04 -6.97 7.44
N VAL A 39 -0.58 -6.17 6.58
CA VAL A 39 -0.02 -5.65 5.32
C VAL A 39 1.24 -4.80 5.55
N VAL A 40 1.15 -3.74 6.39
CA VAL A 40 2.33 -2.89 6.66
C VAL A 40 3.41 -3.71 7.38
N GLN A 41 3.05 -4.56 8.35
CA GLN A 41 3.97 -5.47 9.05
C GLN A 41 4.74 -6.40 8.10
N HIS A 42 4.06 -6.98 7.10
CA HIS A 42 4.74 -7.81 6.10
C HIS A 42 5.80 -6.99 5.35
N THR A 43 5.39 -5.88 4.73
CA THR A 43 6.29 -5.02 3.93
C THR A 43 7.47 -4.48 4.72
N LYS A 44 7.25 -4.15 6.00
CA LYS A 44 8.26 -3.69 6.98
C LYS A 44 9.38 -4.71 7.24
N GLY A 45 9.25 -5.95 6.76
CA GLY A 45 10.24 -7.03 6.90
C GLY A 45 10.35 -7.98 5.71
N CYS A 46 9.81 -7.63 4.53
CA CYS A 46 9.86 -8.47 3.33
C CYS A 46 11.30 -8.84 2.91
N LYS A 47 11.38 -9.94 2.15
CA LYS A 47 12.60 -10.55 1.61
C LYS A 47 12.61 -10.57 0.08
N ARG A 48 11.60 -9.99 -0.58
CA ARG A 48 11.48 -9.93 -2.05
C ARG A 48 11.10 -8.53 -2.55
N LYS A 49 10.02 -7.94 -2.04
CA LYS A 49 9.46 -6.62 -2.41
C LYS A 49 9.46 -6.27 -3.90
N THR A 50 9.32 -4.99 -4.29
CA THR A 50 9.27 -4.57 -5.70
C THR A 50 10.56 -4.91 -6.48
N ASN A 51 11.71 -4.98 -5.79
CA ASN A 51 13.01 -5.31 -6.37
C ASN A 51 13.09 -6.78 -6.87
N GLY A 52 12.41 -7.71 -6.17
CA GLY A 52 12.41 -9.15 -6.49
C GLY A 52 11.14 -9.66 -7.18
N GLY A 53 9.96 -9.10 -6.84
CA GLY A 53 8.68 -9.47 -7.47
C GLY A 53 7.49 -9.72 -6.53
N CYS A 54 7.58 -9.32 -5.25
CA CYS A 54 6.52 -9.49 -4.25
C CYS A 54 5.20 -8.81 -4.68
N PRO A 55 4.06 -9.53 -4.67
CA PRO A 55 2.78 -8.94 -5.02
C PRO A 55 2.19 -8.12 -3.87
N VAL A 56 2.58 -8.39 -2.61
CA VAL A 56 2.06 -7.64 -1.45
C VAL A 56 2.71 -6.27 -1.39
N CYS A 57 4.03 -6.16 -1.27
CA CYS A 57 4.74 -4.88 -1.20
C CYS A 57 4.30 -3.91 -2.31
N LYS A 58 4.36 -4.35 -3.57
CA LYS A 58 3.95 -3.57 -4.74
C LYS A 58 2.52 -3.03 -4.65
N GLN A 59 1.61 -3.75 -3.98
CA GLN A 59 0.24 -3.31 -3.74
C GLN A 59 0.17 -2.09 -2.81
N LEU A 60 0.96 -2.07 -1.72
CA LEU A 60 1.03 -0.90 -0.82
C LEU A 60 1.61 0.29 -1.54
N ILE A 61 2.75 0.12 -2.23
CA ILE A 61 3.42 1.22 -2.93
C ILE A 61 2.45 1.93 -3.88
N ALA A 62 1.65 1.20 -4.68
CA ALA A 62 0.67 1.83 -5.57
C ALA A 62 -0.32 2.70 -4.78
N LEU A 63 -0.93 2.11 -3.76
CA LEU A 63 -1.90 2.74 -2.86
C LEU A 63 -1.31 4.02 -2.22
N CYS A 64 -0.09 3.94 -1.71
CA CYS A 64 0.65 5.06 -1.13
C CYS A 64 1.05 6.11 -2.19
N CYS A 65 1.45 5.73 -3.41
CA CYS A 65 1.75 6.67 -4.51
C CYS A 65 0.52 7.51 -4.86
N TYR A 66 -0.65 6.87 -4.99
CA TYR A 66 -1.94 7.53 -5.27
C TYR A 66 -2.23 8.67 -4.29
N HIS A 67 -1.93 8.44 -3.00
CA HIS A 67 -2.06 9.42 -1.93
C HIS A 67 -0.91 10.45 -1.95
N ALA A 68 0.35 10.00 -1.89
CA ALA A 68 1.55 10.84 -1.85
C ALA A 68 1.69 11.84 -3.01
N LYS A 69 1.19 11.51 -4.21
CA LYS A 69 1.19 12.43 -5.37
C LYS A 69 0.49 13.75 -5.05
N HIS A 70 -0.68 13.67 -4.41
CA HIS A 70 -1.50 14.82 -4.03
C HIS A 70 -1.21 15.40 -2.62
N CYS A 71 -0.72 14.58 -1.68
CA CYS A 71 -0.44 15.02 -0.30
C CYS A 71 0.60 16.15 -0.21
N GLN A 72 0.41 17.07 0.73
CA GLN A 72 1.28 18.22 0.98
C GLN A 72 1.86 18.27 2.41
N GLU A 73 1.43 17.40 3.32
CA GLU A 73 1.89 17.36 4.72
C GLU A 73 3.30 16.73 4.84
N ASN A 74 4.02 17.08 5.90
CA ASN A 74 5.38 16.62 6.20
C ASN A 74 5.43 15.72 7.46
N LYS A 75 4.31 15.60 8.15
CA LYS A 75 4.07 14.83 9.39
C LYS A 75 3.00 13.73 9.22
N CYS A 76 2.67 13.39 7.97
CA CYS A 76 1.66 12.40 7.57
C CYS A 76 1.86 11.04 8.31
N PRO A 77 0.81 10.37 8.81
CA PRO A 77 0.96 9.13 9.58
C PRO A 77 1.44 7.92 8.77
N VAL A 78 1.17 7.87 7.46
CA VAL A 78 1.60 6.77 6.57
C VAL A 78 3.13 6.80 6.44
N PRO A 79 3.86 5.69 6.73
CA PRO A 79 5.32 5.70 6.65
C PRO A 79 5.86 5.91 5.23
N PHE A 80 5.12 5.45 4.22
CA PHE A 80 5.50 5.57 2.82
C PHE A 80 5.20 6.92 2.16
N CYS A 81 4.19 7.67 2.63
CA CYS A 81 3.83 8.95 2.03
C CYS A 81 5.03 9.91 1.93
N LEU A 82 5.71 10.17 3.07
CA LEU A 82 6.90 11.03 3.11
C LEU A 82 8.03 10.50 2.22
N ASN A 83 8.30 9.20 2.29
CA ASN A 83 9.31 8.51 1.49
C ASN A 83 9.07 8.63 -0.03
N ILE A 84 7.84 8.41 -0.49
CA ILE A 84 7.48 8.49 -1.91
C ILE A 84 7.40 9.94 -2.38
N LYS A 85 6.66 10.83 -1.69
CA LYS A 85 6.51 12.24 -2.09
C LYS A 85 7.85 12.95 -2.28
N HIS A 86 8.84 12.66 -1.43
CA HIS A 86 10.20 13.22 -1.60
C HIS A 86 10.79 12.84 -2.96
N LYS A 87 10.72 11.55 -3.35
CA LYS A 87 11.22 11.07 -4.64
C LYS A 87 10.43 11.64 -5.82
N LEU A 88 9.10 11.68 -5.74
CA LEU A 88 8.28 12.22 -6.85
C LEU A 88 8.51 13.73 -7.06
N ARG A 89 8.50 14.53 -6.00
CA ARG A 89 8.68 16.00 -6.05
C ARG A 89 10.08 16.40 -6.49
N GLN A 90 11.14 15.79 -5.94
CA GLN A 90 12.53 16.11 -6.30
C GLN A 90 12.87 15.77 -7.76
N GLN A 91 12.22 14.74 -8.33
CA GLN A 91 12.38 14.35 -9.74
C GLN A 91 11.51 15.20 -10.70
N GLN A 92 10.63 16.04 -10.18
CA GLN A 92 9.72 16.94 -10.92
C GLN A 92 9.64 18.31 -10.25
N GLY B 1 -24.93 -13.18 16.05
CA GLY B 1 -23.54 -12.99 15.62
C GLY B 1 -23.33 -11.90 14.57
N SER B 2 -24.38 -11.12 14.24
CA SER B 2 -24.37 -10.05 13.23
C SER B 2 -23.33 -8.95 13.49
N HIS B 3 -23.07 -8.62 14.76
CA HIS B 3 -22.06 -7.65 15.22
C HIS B 3 -21.67 -7.91 16.69
N MET B 4 -20.82 -7.05 17.26
CA MET B 4 -20.26 -7.11 18.61
C MET B 4 -21.24 -7.31 19.79
N SER B 5 -22.56 -7.19 19.59
CA SER B 5 -23.58 -7.49 20.62
C SER B 5 -23.68 -8.99 20.94
N GLU B 6 -23.10 -9.83 20.08
CA GLU B 6 -23.02 -11.29 20.12
C GLU B 6 -21.61 -11.76 19.71
N VAL B 7 -21.39 -13.08 19.59
CA VAL B 7 -20.10 -13.68 19.17
C VAL B 7 -19.74 -13.21 17.76
N HIS B 8 -18.79 -12.27 17.65
CA HIS B 8 -18.35 -11.65 16.40
C HIS B 8 -16.83 -11.33 16.45
N PRO B 9 -15.96 -12.36 16.40
CA PRO B 9 -14.51 -12.21 16.49
C PRO B 9 -13.86 -11.60 15.23
N SER B 10 -12.53 -11.43 15.31
CA SER B 10 -11.68 -10.90 14.23
C SER B 10 -11.54 -11.87 13.04
N ARG B 11 -10.94 -11.39 11.94
CA ARG B 11 -10.70 -12.11 10.68
C ARG B 11 -9.21 -12.16 10.34
N LEU B 12 -8.85 -12.95 9.33
CA LEU B 12 -7.48 -13.15 8.83
C LEU B 12 -7.42 -13.34 7.30
N GLN B 13 -6.22 -13.25 6.73
CA GLN B 13 -5.92 -13.40 5.30
C GLN B 13 -4.58 -14.13 5.13
N THR B 14 -4.40 -14.90 4.05
CA THR B 14 -3.14 -15.60 3.74
C THR B 14 -2.05 -14.63 3.26
N THR B 15 -0.78 -15.04 3.27
CA THR B 15 0.38 -14.22 2.85
C THR B 15 0.39 -13.78 1.38
N ASP B 16 -0.53 -14.29 0.56
CA ASP B 16 -0.76 -13.91 -0.84
C ASP B 16 -2.12 -13.22 -1.04
N ASN B 17 -2.86 -12.99 0.05
CA ASN B 17 -4.17 -12.35 0.07
C ASN B 17 -4.24 -11.17 1.06
N LEU B 18 -3.09 -10.83 1.69
CA LEU B 18 -2.93 -9.60 2.49
C LEU B 18 -3.31 -8.37 1.64
N LEU B 19 -3.20 -8.49 0.31
CA LEU B 19 -3.49 -7.48 -0.72
C LEU B 19 -4.61 -6.48 -0.33
N PRO B 20 -4.28 -5.23 0.07
CA PRO B 20 -5.25 -4.23 0.55
C PRO B 20 -6.10 -3.57 -0.55
N MET B 21 -5.86 -3.90 -1.81
CA MET B 21 -6.53 -3.33 -2.98
C MET B 21 -6.70 -4.40 -4.08
N SER B 22 -7.79 -4.32 -4.84
CA SER B 22 -8.14 -5.26 -5.92
C SER B 22 -7.38 -4.96 -7.23
N PRO B 23 -7.25 -5.92 -8.17
CA PRO B 23 -6.53 -5.68 -9.44
C PRO B 23 -7.15 -4.56 -10.30
N GLU B 24 -8.48 -4.41 -10.31
CA GLU B 24 -9.17 -3.34 -11.06
C GLU B 24 -8.91 -1.96 -10.43
N GLU B 25 -8.76 -1.89 -9.11
CA GLU B 25 -8.42 -0.67 -8.37
C GLU B 25 -6.93 -0.35 -8.59
N PHE B 26 -6.06 -1.35 -8.45
CA PHE B 26 -4.63 -1.25 -8.71
C PHE B 26 -4.35 -0.75 -10.15
N ASP B 27 -5.15 -1.16 -11.14
CA ASP B 27 -5.03 -0.66 -12.52
C ASP B 27 -5.35 0.83 -12.61
N GLU B 28 -6.46 1.30 -12.01
CA GLU B 28 -6.81 2.73 -11.92
C GLU B 28 -5.76 3.53 -11.14
N VAL B 29 -5.09 2.93 -10.15
CA VAL B 29 -3.95 3.57 -9.48
C VAL B 29 -2.79 3.68 -10.47
N SER B 30 -2.44 2.59 -11.15
CA SER B 30 -1.36 2.53 -12.15
C SER B 30 -1.54 3.53 -13.30
N ARG B 31 -2.78 3.79 -13.75
CA ARG B 31 -3.10 4.78 -14.80
C ARG B 31 -2.58 6.17 -14.43
N ILE B 32 -2.71 6.57 -13.17
CA ILE B 32 -2.27 7.87 -12.65
C ILE B 32 -0.80 7.86 -12.21
N VAL B 33 -0.37 6.83 -11.46
CA VAL B 33 0.99 6.68 -10.95
C VAL B 33 2.02 6.51 -12.08
N GLY B 34 1.63 5.88 -13.19
CA GLY B 34 2.44 5.67 -14.40
C GLY B 34 3.87 5.18 -14.17
N SER B 35 4.11 4.40 -13.10
CA SER B 35 5.40 3.84 -12.69
C SER B 35 6.54 4.88 -12.53
N VAL B 36 6.23 6.13 -12.17
CA VAL B 36 7.14 7.29 -12.00
C VAL B 36 8.60 6.96 -11.59
N GLU B 37 8.79 6.35 -10.42
CA GLU B 37 10.08 5.89 -9.86
C GLU B 37 9.86 4.60 -9.04
N PHE B 38 8.72 3.95 -9.29
CA PHE B 38 8.13 2.83 -8.56
C PHE B 38 9.05 1.71 -8.05
N ASP B 39 9.92 1.15 -8.88
CA ASP B 39 10.87 0.11 -8.47
C ASP B 39 12.01 0.61 -7.55
N SER B 40 12.04 1.92 -7.26
CA SER B 40 13.00 2.60 -6.37
C SER B 40 12.32 3.28 -5.16
N MET B 41 11.00 3.15 -4.96
CA MET B 41 10.31 3.72 -3.79
C MET B 41 10.94 3.26 -2.46
N MET B 42 11.45 2.02 -2.39
CA MET B 42 12.09 1.44 -1.20
C MET B 42 13.63 1.48 -1.21
N ASN B 43 14.26 2.05 -2.25
CA ASN B 43 15.73 2.16 -2.34
C ASN B 43 16.35 2.95 -1.16
N THR B 44 15.66 4.00 -0.71
CA THR B 44 16.05 4.86 0.43
C THR B 44 15.94 4.13 1.79
N VAL B 45 15.12 3.08 1.85
CA VAL B 45 14.83 2.27 3.05
C VAL B 45 14.92 0.77 2.74
ZN ZN C . -8.02 0.47 14.06
ZN ZN D . 6.74 -8.09 0.37
ZN ZN E . 0.22 12.04 2.99
N SER A 1 -21.24 7.53 -12.50
CA SER A 1 -20.03 7.08 -11.81
C SER A 1 -19.31 5.92 -12.54
N PRO A 2 -18.81 6.13 -13.77
CA PRO A 2 -18.17 5.09 -14.59
C PRO A 2 -16.84 4.60 -14.01
N GLN A 3 -15.85 5.49 -13.91
CA GLN A 3 -14.53 5.22 -13.30
C GLN A 3 -14.53 5.52 -11.81
N GLU A 4 -15.40 6.45 -11.39
CA GLU A 4 -15.56 6.92 -10.02
C GLU A 4 -15.75 5.80 -8.99
N SER A 5 -16.44 4.71 -9.32
CA SER A 5 -16.60 3.57 -8.39
C SER A 5 -15.24 3.05 -7.91
N ARG A 6 -14.26 2.88 -8.82
CA ARG A 6 -12.89 2.48 -8.49
C ARG A 6 -12.15 3.56 -7.70
N ARG A 7 -12.19 4.81 -8.20
CA ARG A 7 -11.53 5.99 -7.59
C ARG A 7 -11.94 6.19 -6.13
N LEU A 8 -13.24 6.16 -5.87
CA LEU A 8 -13.83 6.31 -4.54
C LEU A 8 -13.50 5.11 -3.64
N SER A 9 -13.51 3.88 -4.17
CA SER A 9 -13.09 2.70 -3.40
C SER A 9 -11.61 2.77 -2.99
N ILE A 10 -10.73 3.26 -3.87
CA ILE A 10 -9.31 3.50 -3.57
C ILE A 10 -9.20 4.54 -2.43
N GLN A 11 -9.98 5.63 -2.46
CA GLN A 11 -10.02 6.60 -1.36
C GLN A 11 -10.46 5.98 -0.02
N ARG A 12 -11.43 5.05 -0.02
CA ARG A 12 -11.82 4.32 1.21
C ARG A 12 -10.66 3.47 1.73
N CYS A 13 -9.90 2.84 0.84
CA CYS A 13 -8.69 2.08 1.19
C CYS A 13 -7.61 3.01 1.78
N ILE A 14 -7.41 4.20 1.20
CA ILE A 14 -6.47 5.21 1.71
C ILE A 14 -6.86 5.61 3.14
N GLN A 15 -8.14 5.92 3.40
CA GLN A 15 -8.62 6.24 4.75
C GLN A 15 -8.42 5.07 5.72
N SER A 16 -8.65 3.83 5.28
CA SER A 16 -8.43 2.62 6.09
C SER A 16 -6.95 2.44 6.47
N LEU A 17 -6.03 2.65 5.52
CA LEU A 17 -4.59 2.57 5.78
C LEU A 17 -4.15 3.72 6.72
N VAL A 18 -4.61 4.94 6.48
CA VAL A 18 -4.33 6.12 7.34
C VAL A 18 -4.80 5.85 8.78
N HIS A 19 -6.00 5.29 8.96
CA HIS A 19 -6.53 4.89 10.27
C HIS A 19 -5.57 3.86 10.90
N ALA A 20 -5.28 2.75 10.20
CA ALA A 20 -4.39 1.69 10.69
C ALA A 20 -2.98 2.17 11.08
N CYS A 21 -2.45 3.18 10.39
CA CYS A 21 -1.14 3.77 10.69
C CYS A 21 -1.09 4.50 12.05
N GLN A 22 -2.26 4.90 12.58
CA GLN A 22 -2.41 5.58 13.87
C GLN A 22 -3.01 4.66 14.95
N CYS A 23 -3.88 3.74 14.53
CA CYS A 23 -4.55 2.74 15.36
C CYS A 23 -3.56 1.71 15.92
N ARG A 24 -3.81 1.23 17.14
CA ARG A 24 -2.97 0.27 17.88
C ARG A 24 -3.66 -1.09 18.15
N ASN A 25 -4.96 -1.19 17.89
CA ASN A 25 -5.76 -2.41 18.07
C ASN A 25 -5.28 -3.53 17.14
N ALA A 26 -4.76 -4.64 17.68
CA ALA A 26 -4.33 -5.79 16.87
C ALA A 26 -5.47 -6.40 16.03
N ASN A 27 -6.72 -6.23 16.49
CA ASN A 27 -7.94 -6.75 15.88
C ASN A 27 -9.09 -5.72 16.00
N CYS A 28 -8.86 -4.50 15.49
CA CYS A 28 -9.79 -3.36 15.49
C CYS A 28 -11.21 -3.69 14.98
N SER A 29 -12.21 -2.87 15.33
CA SER A 29 -13.60 -3.05 14.89
C SER A 29 -13.82 -2.89 13.38
N LEU A 30 -12.91 -2.21 12.67
CA LEU A 30 -12.97 -2.08 11.21
C LEU A 30 -12.37 -3.33 10.53
N PRO A 31 -13.05 -3.93 9.54
CA PRO A 31 -12.56 -5.13 8.84
C PRO A 31 -11.27 -4.86 8.05
N SER A 32 -11.10 -3.65 7.52
CA SER A 32 -9.92 -3.24 6.76
C SER A 32 -8.71 -2.98 7.67
N CYS A 33 -8.88 -2.25 8.78
CA CYS A 33 -7.84 -1.93 9.77
C CYS A 33 -7.06 -3.20 10.23
N GLN A 34 -7.80 -4.27 10.54
CA GLN A 34 -7.24 -5.59 10.91
C GLN A 34 -6.23 -6.12 9.88
N LYS A 35 -6.52 -5.91 8.60
CA LYS A 35 -5.73 -6.35 7.45
C LYS A 35 -4.60 -5.36 7.13
N MET A 36 -4.89 -4.06 7.14
CA MET A 36 -3.92 -2.98 6.90
C MET A 36 -2.70 -3.08 7.83
N LYS A 37 -2.89 -3.33 9.13
CA LYS A 37 -1.78 -3.53 10.07
C LYS A 37 -0.90 -4.74 9.69
N ARG A 38 -1.50 -5.86 9.30
CA ARG A 38 -0.79 -7.08 8.87
C ARG A 38 -0.03 -6.86 7.55
N VAL A 39 -0.62 -6.10 6.63
CA VAL A 39 -0.01 -5.72 5.34
C VAL A 39 1.23 -4.86 5.58
N VAL A 40 1.11 -3.82 6.41
CA VAL A 40 2.21 -2.93 6.83
C VAL A 40 3.32 -3.78 7.48
N GLN A 41 3.00 -4.52 8.55
CA GLN A 41 3.90 -5.46 9.24
C GLN A 41 4.67 -6.36 8.26
N HIS A 42 4.00 -7.01 7.29
CA HIS A 42 4.70 -7.84 6.31
C HIS A 42 5.76 -7.03 5.56
N THR A 43 5.35 -5.93 4.91
CA THR A 43 6.22 -5.08 4.09
C THR A 43 7.37 -4.47 4.88
N LYS A 44 7.16 -4.16 6.16
CA LYS A 44 8.17 -3.66 7.12
C LYS A 44 9.36 -4.62 7.33
N GLY A 45 9.27 -5.86 6.84
CA GLY A 45 10.34 -6.87 6.96
C GLY A 45 10.40 -7.88 5.80
N CYS A 46 9.81 -7.59 4.64
CA CYS A 46 9.80 -8.48 3.48
C CYS A 46 11.21 -8.84 3.00
N LYS A 47 11.34 -10.07 2.49
CA LYS A 47 12.58 -10.66 1.96
C LYS A 47 12.66 -10.58 0.42
N ARG A 48 11.67 -9.97 -0.26
CA ARG A 48 11.68 -9.81 -1.73
C ARG A 48 11.27 -8.43 -2.26
N LYS A 49 10.18 -7.82 -1.78
CA LYS A 49 9.66 -6.51 -2.23
C LYS A 49 9.63 -6.28 -3.76
N THR A 50 9.45 -5.04 -4.23
CA THR A 50 9.39 -4.71 -5.68
C THR A 50 10.65 -5.13 -6.44
N ASN A 51 11.81 -5.13 -5.78
CA ASN A 51 13.10 -5.52 -6.35
C ASN A 51 13.19 -7.02 -6.71
N GLY A 52 12.55 -7.90 -5.92
CA GLY A 52 12.58 -9.35 -6.10
C GLY A 52 11.31 -9.94 -6.74
N GLY A 53 10.13 -9.35 -6.48
CA GLY A 53 8.85 -9.78 -7.07
C GLY A 53 7.65 -9.89 -6.11
N CYS A 54 7.73 -9.36 -4.88
CA CYS A 54 6.66 -9.41 -3.89
C CYS A 54 5.33 -8.81 -4.40
N PRO A 55 4.21 -9.54 -4.34
CA PRO A 55 2.92 -8.99 -4.73
C PRO A 55 2.30 -8.14 -3.62
N VAL A 56 2.73 -8.26 -2.35
CA VAL A 56 2.18 -7.48 -1.23
C VAL A 56 2.84 -6.10 -1.18
N CYS A 57 4.17 -6.00 -1.03
CA CYS A 57 4.89 -4.73 -1.00
C CYS A 57 4.49 -3.81 -2.15
N LYS A 58 4.50 -4.33 -3.39
CA LYS A 58 4.12 -3.62 -4.59
C LYS A 58 2.68 -3.09 -4.56
N GLN A 59 1.79 -3.69 -3.77
CA GLN A 59 0.38 -3.28 -3.62
C GLN A 59 0.21 -2.04 -2.73
N LEU A 60 0.89 -1.98 -1.56
CA LEU A 60 0.80 -0.81 -0.65
C LEU A 60 1.26 0.46 -1.38
N ILE A 61 2.39 0.34 -2.06
CA ILE A 61 3.10 1.43 -2.72
C ILE A 61 2.24 2.10 -3.80
N ALA A 62 1.45 1.35 -4.57
CA ALA A 62 0.52 1.95 -5.54
C ALA A 62 -0.50 2.83 -4.79
N LEU A 63 -1.12 2.22 -3.76
CA LEU A 63 -2.10 2.84 -2.88
C LEU A 63 -1.56 4.13 -2.22
N CYS A 64 -0.29 4.10 -1.79
CA CYS A 64 0.42 5.24 -1.22
C CYS A 64 0.83 6.28 -2.27
N CYS A 65 1.27 5.91 -3.48
CA CYS A 65 1.57 6.85 -4.57
C CYS A 65 0.35 7.70 -4.91
N TYR A 66 -0.83 7.07 -5.03
CA TYR A 66 -2.11 7.73 -5.30
C TYR A 66 -2.41 8.88 -4.32
N HIS A 67 -1.99 8.72 -3.05
CA HIS A 67 -2.11 9.71 -1.99
C HIS A 67 -0.92 10.71 -1.99
N ALA A 68 0.32 10.21 -1.94
CA ALA A 68 1.55 11.00 -1.88
C ALA A 68 1.74 12.02 -3.03
N LYS A 69 1.19 11.75 -4.22
CA LYS A 69 1.23 12.71 -5.35
C LYS A 69 0.62 14.06 -4.96
N HIS A 70 -0.57 14.03 -4.34
CA HIS A 70 -1.35 15.18 -3.92
C HIS A 70 -1.05 15.68 -2.49
N CYS A 71 -0.57 14.82 -1.59
CA CYS A 71 -0.27 15.18 -0.20
C CYS A 71 0.82 16.27 -0.12
N GLN A 72 0.73 17.13 0.89
CA GLN A 72 1.64 18.25 1.13
C GLN A 72 2.15 18.33 2.58
N GLU A 73 1.78 17.38 3.44
CA GLU A 73 2.24 17.31 4.83
C GLU A 73 3.62 16.63 4.93
N ASN A 74 4.37 16.93 5.98
CA ASN A 74 5.72 16.39 6.24
C ASN A 74 5.78 15.42 7.43
N LYS A 75 4.66 15.29 8.16
CA LYS A 75 4.44 14.47 9.37
C LYS A 75 3.28 13.46 9.20
N CYS A 76 2.91 13.16 7.96
CA CYS A 76 1.83 12.24 7.57
C CYS A 76 2.01 10.86 8.24
N PRO A 77 0.95 10.20 8.78
CA PRO A 77 1.08 8.93 9.51
C PRO A 77 1.49 7.72 8.67
N VAL A 78 1.19 7.72 7.36
CA VAL A 78 1.53 6.61 6.44
C VAL A 78 3.05 6.52 6.29
N PRO A 79 3.69 5.33 6.49
CA PRO A 79 5.15 5.21 6.40
C PRO A 79 5.71 5.47 4.99
N PHE A 80 4.93 5.16 3.95
CA PHE A 80 5.32 5.35 2.56
C PHE A 80 5.06 6.73 1.97
N CYS A 81 4.06 7.48 2.45
CA CYS A 81 3.72 8.79 1.90
C CYS A 81 4.94 9.70 1.77
N LEU A 82 5.66 9.94 2.88
CA LEU A 82 6.86 10.78 2.88
C LEU A 82 7.97 10.19 2.00
N ASN A 83 8.26 8.89 2.13
CA ASN A 83 9.29 8.20 1.35
C ASN A 83 9.06 8.34 -0.17
N ILE A 84 7.82 8.21 -0.65
CA ILE A 84 7.46 8.37 -2.06
C ILE A 84 7.50 9.85 -2.46
N LYS A 85 6.81 10.71 -1.71
CA LYS A 85 6.73 12.18 -1.91
C LYS A 85 8.11 12.82 -2.09
N HIS A 86 9.07 12.46 -1.25
CA HIS A 86 10.45 12.94 -1.34
C HIS A 86 11.08 12.66 -2.72
N LYS A 87 10.84 11.48 -3.30
CA LYS A 87 11.36 11.14 -4.64
C LYS A 87 10.55 11.85 -5.75
N LEU A 88 9.21 11.85 -5.66
CA LEU A 88 8.36 12.48 -6.68
C LEU A 88 8.63 13.98 -6.86
N ARG A 89 8.81 14.71 -5.75
CA ARG A 89 9.05 16.17 -5.74
C ARG A 89 10.47 16.55 -6.16
N GLN A 90 11.48 15.71 -5.89
CA GLN A 90 12.88 15.98 -6.27
C GLN A 90 13.19 15.62 -7.74
N GLN A 91 12.57 14.57 -8.28
CA GLN A 91 12.74 14.16 -9.67
C GLN A 91 12.02 15.09 -10.66
N GLN A 92 12.50 15.14 -11.91
CA GLN A 92 11.96 15.97 -13.00
C GLN A 92 12.00 15.22 -14.35
N GLY B 1 1.63 -12.54 20.41
CA GLY B 1 2.76 -11.62 20.58
C GLY B 1 3.93 -11.83 19.62
N SER B 2 3.86 -12.85 18.77
CA SER B 2 4.91 -13.21 17.79
C SER B 2 5.12 -12.18 16.68
N HIS B 3 4.14 -11.31 16.41
CA HIS B 3 4.14 -10.27 15.37
C HIS B 3 4.39 -10.81 13.93
N MET B 4 4.44 -9.89 12.94
CA MET B 4 4.63 -10.19 11.51
C MET B 4 5.71 -9.28 10.86
N SER B 5 6.32 -8.38 11.64
CA SER B 5 7.36 -7.40 11.26
C SER B 5 8.68 -7.95 10.70
N GLU B 6 8.89 -9.27 10.67
CA GLU B 6 10.15 -9.88 10.20
C GLU B 6 10.02 -11.26 9.52
N VAL B 7 8.82 -11.64 9.06
CA VAL B 7 8.49 -12.94 8.43
C VAL B 7 9.58 -13.49 7.48
N HIS B 8 10.00 -14.74 7.71
CA HIS B 8 11.07 -15.42 6.96
C HIS B 8 10.81 -16.95 6.79
N PRO B 9 9.72 -17.36 6.11
CA PRO B 9 9.39 -18.77 5.87
C PRO B 9 10.34 -19.45 4.85
N SER B 10 10.09 -20.73 4.58
CA SER B 10 10.88 -21.60 3.69
C SER B 10 10.05 -22.51 2.76
N ARG B 11 8.74 -22.30 2.70
CA ARG B 11 7.76 -23.07 1.89
C ARG B 11 6.71 -22.14 1.27
N LEU B 12 5.75 -22.69 0.51
CA LEU B 12 4.68 -21.96 -0.19
C LEU B 12 3.65 -21.22 0.71
N GLN B 13 3.82 -21.25 2.04
CA GLN B 13 2.97 -20.55 3.01
C GLN B 13 3.24 -19.03 3.09
N THR B 14 4.23 -18.50 2.37
CA THR B 14 4.60 -17.06 2.35
C THR B 14 3.40 -16.13 2.06
N THR B 15 3.36 -15.00 2.78
CA THR B 15 2.33 -13.95 2.68
C THR B 15 2.19 -13.35 1.27
N ASP B 16 1.05 -13.62 0.62
CA ASP B 16 0.70 -13.15 -0.73
C ASP B 16 -0.80 -12.84 -0.96
N ASN B 17 -1.63 -12.93 0.09
CA ASN B 17 -3.08 -12.68 0.03
C ASN B 17 -3.56 -11.57 0.98
N LEU B 18 -2.64 -10.95 1.74
CA LEU B 18 -2.91 -9.78 2.57
C LEU B 18 -3.34 -8.56 1.72
N LEU B 19 -3.17 -8.64 0.40
CA LEU B 19 -3.45 -7.61 -0.62
C LEU B 19 -4.66 -6.69 -0.28
N PRO B 20 -4.44 -5.42 0.11
CA PRO B 20 -5.52 -4.49 0.51
C PRO B 20 -6.31 -3.88 -0.65
N MET B 21 -5.90 -4.14 -1.90
CA MET B 21 -6.50 -3.60 -3.12
C MET B 21 -6.46 -4.64 -4.25
N SER B 22 -7.45 -4.63 -5.13
CA SER B 22 -7.59 -5.61 -6.24
C SER B 22 -6.89 -5.17 -7.53
N PRO B 23 -6.64 -6.09 -8.49
CA PRO B 23 -6.05 -5.74 -9.79
C PRO B 23 -6.86 -4.70 -10.57
N GLU B 24 -8.19 -4.70 -10.43
CA GLU B 24 -9.09 -3.74 -11.09
C GLU B 24 -8.95 -2.33 -10.51
N GLU B 25 -8.71 -2.20 -9.20
CA GLU B 25 -8.44 -0.91 -8.55
C GLU B 25 -7.01 -0.46 -8.85
N PHE B 26 -6.05 -1.39 -8.76
CA PHE B 26 -4.62 -1.18 -9.07
C PHE B 26 -4.42 -0.61 -10.49
N ASP B 27 -5.22 -1.02 -11.47
CA ASP B 27 -5.20 -0.49 -12.84
C ASP B 27 -5.50 1.03 -12.88
N GLU B 28 -6.51 1.50 -12.13
CA GLU B 28 -6.85 2.92 -12.03
C GLU B 28 -5.80 3.69 -11.22
N VAL B 29 -5.13 3.05 -10.27
CA VAL B 29 -4.00 3.67 -9.55
C VAL B 29 -2.84 3.85 -10.53
N SER B 30 -2.47 2.80 -11.26
CA SER B 30 -1.39 2.80 -12.26
C SER B 30 -1.59 3.87 -13.34
N ARG B 31 -2.84 4.10 -13.78
CA ARG B 31 -3.20 5.12 -14.78
C ARG B 31 -2.80 6.54 -14.37
N ILE B 32 -2.91 6.85 -13.07
CA ILE B 32 -2.53 8.15 -12.50
C ILE B 32 -1.06 8.19 -12.06
N VAL B 33 -0.58 7.14 -11.37
CA VAL B 33 0.79 7.04 -10.86
C VAL B 33 1.84 6.98 -11.98
N GLY B 34 1.48 6.40 -13.13
CA GLY B 34 2.32 6.29 -14.33
C GLY B 34 3.72 5.68 -14.13
N SER B 35 3.87 4.83 -13.10
CA SER B 35 5.13 4.15 -12.72
C SER B 35 6.36 5.07 -12.57
N VAL B 36 6.17 6.33 -12.13
CA VAL B 36 7.19 7.40 -11.95
C VAL B 36 8.60 6.92 -11.56
N GLU B 37 8.75 6.26 -10.41
CA GLU B 37 10.00 5.66 -9.88
C GLU B 37 9.67 4.36 -9.10
N PHE B 38 8.47 3.83 -9.36
CA PHE B 38 7.79 2.74 -8.64
C PHE B 38 8.60 1.56 -8.10
N ASP B 39 9.42 0.90 -8.94
CA ASP B 39 10.22 -0.26 -8.49
C ASP B 39 11.37 0.13 -7.52
N SER B 40 11.55 1.43 -7.26
CA SER B 40 12.57 2.04 -6.39
C SER B 40 12.00 2.92 -5.27
N MET B 41 10.68 2.89 -4.99
CA MET B 41 10.06 3.64 -3.88
C MET B 41 10.69 3.35 -2.49
N MET B 42 11.37 2.21 -2.35
CA MET B 42 12.06 1.74 -1.12
C MET B 42 13.59 1.91 -1.17
N ASN B 43 14.15 2.45 -2.25
CA ASN B 43 15.60 2.66 -2.42
C ASN B 43 16.13 3.79 -1.48
N THR B 44 17.37 3.66 -1.02
CA THR B 44 18.06 4.61 -0.13
C THR B 44 18.19 6.03 -0.73
N VAL B 45 18.30 6.13 -2.05
CA VAL B 45 18.44 7.39 -2.82
C VAL B 45 17.54 7.37 -4.05
ZN ZN C . -8.24 0.61 13.90
ZN ZN D . 6.78 -8.02 0.60
ZN ZN E . 0.32 12.07 3.03
N SER A 1 -21.09 5.93 -13.64
CA SER A 1 -19.90 5.95 -12.78
C SER A 1 -18.93 4.78 -13.07
N PRO A 2 -18.37 4.66 -14.29
CA PRO A 2 -17.49 3.56 -14.68
C PRO A 2 -16.14 3.60 -13.95
N GLN A 3 -15.22 4.46 -14.38
CA GLN A 3 -13.93 4.67 -13.71
C GLN A 3 -14.13 5.37 -12.36
N GLU A 4 -15.19 6.17 -12.20
CA GLU A 4 -15.50 6.84 -10.94
C GLU A 4 -15.69 5.84 -9.78
N SER A 5 -16.37 4.71 -10.00
CA SER A 5 -16.53 3.67 -8.97
C SER A 5 -15.18 3.19 -8.43
N ARG A 6 -14.20 2.96 -9.31
CA ARG A 6 -12.83 2.57 -8.92
C ARG A 6 -12.15 3.67 -8.09
N ARG A 7 -12.07 4.89 -8.66
CA ARG A 7 -11.44 6.09 -8.08
C ARG A 7 -11.94 6.41 -6.68
N LEU A 8 -13.25 6.37 -6.51
CA LEU A 8 -13.95 6.65 -5.25
C LEU A 8 -13.80 5.51 -4.22
N SER A 9 -13.74 4.25 -4.67
CA SER A 9 -13.51 3.09 -3.78
C SER A 9 -12.09 3.10 -3.19
N ILE A 10 -11.08 3.50 -3.97
CA ILE A 10 -9.67 3.61 -3.52
C ILE A 10 -9.57 4.58 -2.32
N GLN A 11 -10.35 5.67 -2.30
CA GLN A 11 -10.37 6.62 -1.17
C GLN A 11 -10.72 5.94 0.17
N ARG A 12 -11.61 4.94 0.15
CA ARG A 12 -12.00 4.15 1.34
C ARG A 12 -10.79 3.39 1.90
N CYS A 13 -10.01 2.77 1.00
CA CYS A 13 -8.78 2.05 1.35
C CYS A 13 -7.71 3.02 1.88
N ILE A 14 -7.57 4.21 1.29
CA ILE A 14 -6.63 5.23 1.77
C ILE A 14 -6.95 5.63 3.20
N GLN A 15 -8.22 5.95 3.51
CA GLN A 15 -8.63 6.26 4.89
C GLN A 15 -8.41 5.07 5.84
N SER A 16 -8.67 3.83 5.39
CA SER A 16 -8.42 2.61 6.17
C SER A 16 -6.94 2.43 6.52
N LEU A 17 -6.03 2.64 5.56
CA LEU A 17 -4.58 2.55 5.81
C LEU A 17 -4.12 3.69 6.73
N VAL A 18 -4.60 4.93 6.50
CA VAL A 18 -4.32 6.09 7.36
C VAL A 18 -4.75 5.82 8.81
N HIS A 19 -5.95 5.24 9.02
CA HIS A 19 -6.43 4.82 10.34
C HIS A 19 -5.46 3.80 10.95
N ALA A 20 -5.16 2.71 10.24
CA ALA A 20 -4.25 1.66 10.68
C ALA A 20 -2.85 2.16 11.07
N CYS A 21 -2.33 3.19 10.38
CA CYS A 21 -1.04 3.82 10.66
C CYS A 21 -1.01 4.63 11.98
N GLN A 22 -2.18 4.89 12.58
CA GLN A 22 -2.36 5.60 13.85
C GLN A 22 -2.95 4.71 14.96
N CYS A 23 -3.69 3.66 14.58
CA CYS A 23 -4.34 2.70 15.46
C CYS A 23 -3.34 1.88 16.31
N ARG A 24 -3.86 1.26 17.37
CA ARG A 24 -3.12 0.46 18.36
C ARG A 24 -3.75 -0.91 18.68
N ASN A 25 -5.02 -1.12 18.29
CA ASN A 25 -5.74 -2.38 18.51
C ASN A 25 -5.08 -3.51 17.69
N ALA A 26 -4.75 -4.65 18.32
CA ALA A 26 -4.15 -5.81 17.65
C ALA A 26 -5.03 -6.34 16.50
N ASN A 27 -6.35 -6.33 16.72
CA ASN A 27 -7.39 -6.76 15.78
C ASN A 27 -8.62 -5.84 15.95
N CYS A 28 -8.47 -4.60 15.51
CA CYS A 28 -9.45 -3.50 15.55
C CYS A 28 -10.86 -3.88 15.05
N SER A 29 -11.88 -3.11 15.44
CA SER A 29 -13.27 -3.34 15.02
C SER A 29 -13.52 -3.17 13.51
N LEU A 30 -12.65 -2.44 12.80
CA LEU A 30 -12.73 -2.28 11.34
C LEU A 30 -12.13 -3.51 10.64
N PRO A 31 -12.82 -4.11 9.65
CA PRO A 31 -12.33 -5.28 8.92
C PRO A 31 -11.06 -4.98 8.11
N SER A 32 -10.92 -3.75 7.60
CA SER A 32 -9.75 -3.31 6.84
C SER A 32 -8.54 -3.04 7.73
N CYS A 33 -8.69 -2.35 8.86
CA CYS A 33 -7.62 -2.05 9.84
C CYS A 33 -6.81 -3.32 10.23
N GLN A 34 -7.52 -4.42 10.52
CA GLN A 34 -6.94 -5.75 10.82
C GLN A 34 -5.99 -6.24 9.71
N LYS A 35 -6.32 -5.95 8.45
CA LYS A 35 -5.58 -6.35 7.24
C LYS A 35 -4.47 -5.35 6.90
N MET A 36 -4.75 -4.05 6.99
CA MET A 36 -3.79 -2.96 6.75
C MET A 36 -2.56 -3.08 7.66
N LYS A 37 -2.76 -3.39 8.94
CA LYS A 37 -1.66 -3.63 9.89
C LYS A 37 -0.80 -4.80 9.44
N ARG A 38 -1.41 -5.93 9.02
CA ARG A 38 -0.69 -7.11 8.50
C ARG A 38 0.08 -6.81 7.22
N VAL A 39 -0.45 -5.96 6.33
CA VAL A 39 0.23 -5.53 5.08
C VAL A 39 1.48 -4.71 5.40
N VAL A 40 1.33 -3.69 6.26
CA VAL A 40 2.43 -2.85 6.75
C VAL A 40 3.52 -3.74 7.38
N GLN A 41 3.16 -4.50 8.42
CA GLN A 41 4.03 -5.46 9.12
C GLN A 41 4.75 -6.42 8.17
N HIS A 42 4.05 -7.00 7.17
CA HIS A 42 4.68 -7.87 6.18
C HIS A 42 5.81 -7.11 5.45
N THR A 43 5.47 -5.99 4.82
CA THR A 43 6.40 -5.19 4.03
C THR A 43 7.60 -4.71 4.84
N LYS A 44 7.37 -4.32 6.10
CA LYS A 44 8.38 -3.88 7.09
C LYS A 44 9.45 -4.94 7.41
N GLY A 45 9.20 -6.22 7.10
CA GLY A 45 10.11 -7.34 7.31
C GLY A 45 10.45 -8.13 6.04
N CYS A 46 9.83 -7.82 4.90
CA CYS A 46 10.04 -8.49 3.62
C CYS A 46 11.40 -8.12 2.99
N LYS A 47 11.90 -9.02 2.14
CA LYS A 47 13.17 -8.93 1.41
C LYS A 47 12.96 -9.03 -0.11
N ARG A 48 11.71 -9.07 -0.59
CA ARG A 48 11.35 -9.15 -2.01
C ARG A 48 11.04 -7.75 -2.55
N LYS A 49 10.00 -7.09 -2.02
CA LYS A 49 9.46 -5.77 -2.44
C LYS A 49 9.31 -5.56 -3.96
N THR A 50 8.98 -4.33 -4.39
CA THR A 50 8.77 -3.96 -5.80
C THR A 50 9.97 -4.25 -6.70
N ASN A 51 11.19 -4.20 -6.17
CA ASN A 51 12.41 -4.49 -6.92
C ASN A 51 12.62 -5.99 -7.23
N GLY A 52 12.09 -6.88 -6.39
CA GLY A 52 12.23 -8.34 -6.53
C GLY A 52 10.98 -9.07 -7.05
N GLY A 53 9.79 -8.49 -6.88
CA GLY A 53 8.52 -9.03 -7.41
C GLY A 53 7.38 -9.22 -6.40
N CYS A 54 7.55 -8.84 -5.14
CA CYS A 54 6.53 -9.00 -4.10
C CYS A 54 5.17 -8.37 -4.47
N PRO A 55 4.07 -9.14 -4.51
CA PRO A 55 2.77 -8.59 -4.86
C PRO A 55 2.16 -7.80 -3.69
N VAL A 56 2.52 -8.12 -2.43
CA VAL A 56 1.97 -7.42 -1.26
C VAL A 56 2.57 -6.02 -1.15
N CYS A 57 3.90 -5.88 -1.13
CA CYS A 57 4.59 -4.60 -1.09
C CYS A 57 4.08 -3.69 -2.22
N LYS A 58 4.11 -4.16 -3.47
CA LYS A 58 3.61 -3.43 -4.62
C LYS A 58 2.13 -2.99 -4.48
N GLN A 59 1.31 -3.70 -3.72
CA GLN A 59 -0.09 -3.35 -3.49
C GLN A 59 -0.22 -2.10 -2.60
N LEU A 60 0.40 -2.04 -1.41
CA LEU A 60 0.36 -0.81 -0.61
C LEU A 60 1.13 0.31 -1.31
N ILE A 61 2.20 -0.01 -2.05
CA ILE A 61 2.99 0.99 -2.76
C ILE A 61 2.17 1.72 -3.82
N ALA A 62 1.33 1.02 -4.58
CA ALA A 62 0.39 1.68 -5.50
C ALA A 62 -0.54 2.62 -4.72
N LEU A 63 -1.18 2.08 -3.69
CA LEU A 63 -2.12 2.76 -2.80
C LEU A 63 -1.53 4.03 -2.17
N CYS A 64 -0.29 3.94 -1.69
CA CYS A 64 0.47 5.04 -1.09
C CYS A 64 0.88 6.06 -2.17
N CYS A 65 1.36 5.65 -3.34
CA CYS A 65 1.71 6.58 -4.44
C CYS A 65 0.50 7.42 -4.87
N TYR A 66 -0.70 6.81 -4.97
CA TYR A 66 -1.96 7.46 -5.33
C TYR A 66 -2.32 8.60 -4.35
N HIS A 67 -1.98 8.42 -3.07
CA HIS A 67 -2.17 9.41 -2.00
C HIS A 67 -1.02 10.43 -1.97
N ALA A 68 0.22 9.97 -1.78
CA ALA A 68 1.44 10.74 -1.62
C ALA A 68 1.68 11.83 -2.67
N LYS A 69 1.31 11.59 -3.93
CA LYS A 69 1.46 12.57 -5.02
C LYS A 69 0.72 13.88 -4.75
N HIS A 70 -0.59 13.73 -4.52
CA HIS A 70 -1.54 14.80 -4.22
C HIS A 70 -1.37 15.33 -2.78
N CYS A 71 -0.81 14.51 -1.88
CA CYS A 71 -0.55 14.92 -0.49
C CYS A 71 0.54 16.01 -0.45
N GLN A 72 0.50 16.86 0.58
CA GLN A 72 1.46 17.96 0.78
C GLN A 72 1.97 18.08 2.22
N GLU A 73 1.50 17.24 3.15
CA GLU A 73 1.94 17.23 4.54
C GLU A 73 3.34 16.61 4.69
N ASN A 74 4.08 17.02 5.73
CA ASN A 74 5.44 16.57 6.03
C ASN A 74 5.52 15.66 7.27
N LYS A 75 4.39 15.50 7.97
CA LYS A 75 4.18 14.73 9.21
C LYS A 75 3.05 13.68 9.08
N CYS A 76 2.70 13.33 7.83
CA CYS A 76 1.65 12.37 7.47
C CYS A 76 1.89 11.00 8.18
N PRO A 77 0.86 10.34 8.75
CA PRO A 77 1.04 9.11 9.53
C PRO A 77 1.48 7.88 8.74
N VAL A 78 1.20 7.80 7.43
CA VAL A 78 1.58 6.67 6.57
C VAL A 78 3.12 6.61 6.45
N PRO A 79 3.77 5.46 6.71
CA PRO A 79 5.25 5.38 6.66
C PRO A 79 5.83 5.60 5.26
N PHE A 80 5.08 5.27 4.21
CA PHE A 80 5.52 5.41 2.82
C PHE A 80 5.20 6.75 2.15
N CYS A 81 4.18 7.50 2.59
CA CYS A 81 3.81 8.79 1.99
C CYS A 81 5.02 9.73 1.85
N LEU A 82 5.76 9.96 2.95
CA LEU A 82 6.97 10.78 2.96
C LEU A 82 8.10 10.14 2.12
N ASN A 83 8.32 8.83 2.28
CA ASN A 83 9.33 8.05 1.56
C ASN A 83 9.17 8.19 0.03
N ILE A 84 7.93 8.13 -0.46
CA ILE A 84 7.57 8.28 -1.87
C ILE A 84 7.74 9.74 -2.31
N LYS A 85 7.22 10.72 -1.55
CA LYS A 85 7.37 12.17 -1.86
C LYS A 85 8.82 12.55 -2.13
N HIS A 86 9.72 12.13 -1.25
CA HIS A 86 11.16 12.40 -1.38
C HIS A 86 11.77 11.96 -2.73
N LYS A 87 11.23 10.91 -3.36
CA LYS A 87 11.67 10.43 -4.69
C LYS A 87 10.87 11.08 -5.82
N LEU A 88 9.56 11.26 -5.65
CA LEU A 88 8.69 11.88 -6.66
C LEU A 88 8.95 13.38 -6.87
N ARG A 89 9.14 14.15 -5.80
CA ARG A 89 9.39 15.61 -5.83
C ARG A 89 10.72 15.99 -6.49
N GLN A 90 11.71 15.10 -6.41
CA GLN A 90 13.06 15.29 -6.97
C GLN A 90 13.17 15.01 -8.48
N GLN A 91 12.10 14.55 -9.14
CA GLN A 91 12.09 14.28 -10.59
C GLN A 91 12.33 15.56 -11.42
N GLN A 92 12.96 15.40 -12.59
CA GLN A 92 13.26 16.49 -13.54
C GLN A 92 12.00 17.21 -14.03
N GLY B 1 11.67 3.16 -22.38
CA GLY B 1 12.35 2.15 -21.56
C GLY B 1 12.68 2.62 -20.13
N SER B 2 12.40 3.88 -19.79
CA SER B 2 12.66 4.51 -18.48
C SER B 2 11.99 3.83 -17.26
N HIS B 3 11.05 2.91 -17.48
CA HIS B 3 10.31 2.17 -16.44
C HIS B 3 10.35 0.63 -16.67
N MET B 4 11.25 0.14 -17.54
CA MET B 4 11.41 -1.28 -17.86
C MET B 4 11.86 -2.11 -16.65
N SER B 5 11.37 -3.36 -16.57
CA SER B 5 11.69 -4.34 -15.52
C SER B 5 11.53 -5.79 -16.02
N GLU B 6 11.92 -6.78 -15.20
CA GLU B 6 11.83 -8.20 -15.54
C GLU B 6 10.37 -8.70 -15.72
N VAL B 7 10.20 -9.87 -16.35
CA VAL B 7 8.91 -10.50 -16.66
C VAL B 7 8.03 -10.89 -15.47
N HIS B 8 8.59 -11.00 -14.26
CA HIS B 8 7.94 -11.34 -12.98
C HIS B 8 6.68 -12.26 -13.09
N PRO B 9 6.83 -13.53 -13.54
CA PRO B 9 5.73 -14.47 -13.74
C PRO B 9 5.11 -15.01 -12.45
N SER B 10 4.08 -15.85 -12.61
CA SER B 10 3.28 -16.53 -11.57
C SER B 10 4.04 -17.64 -10.80
N ARG B 11 5.19 -17.30 -10.21
CA ARG B 11 6.08 -18.22 -9.46
C ARG B 11 6.32 -17.78 -8.00
N LEU B 12 5.41 -16.97 -7.45
CA LEU B 12 5.45 -16.43 -6.08
C LEU B 12 4.04 -16.46 -5.45
N GLN B 13 3.87 -17.28 -4.42
CA GLN B 13 2.58 -17.50 -3.72
C GLN B 13 2.70 -17.60 -2.18
N THR B 14 3.88 -17.39 -1.59
CA THR B 14 4.09 -17.42 -0.13
C THR B 14 3.40 -16.30 0.64
N THR B 15 3.04 -15.20 -0.04
CA THR B 15 2.28 -14.05 0.49
C THR B 15 1.52 -13.41 -0.68
N ASP B 16 0.22 -13.65 -0.79
CA ASP B 16 -0.61 -13.17 -1.91
C ASP B 16 -2.08 -12.86 -1.55
N ASN B 17 -2.44 -12.78 -0.26
CA ASN B 17 -3.81 -12.51 0.22
C ASN B 17 -3.95 -11.31 1.16
N LEU B 18 -2.84 -10.76 1.66
CA LEU B 18 -2.83 -9.52 2.44
C LEU B 18 -3.31 -8.31 1.59
N LEU B 19 -3.27 -8.45 0.26
CA LEU B 19 -3.65 -7.46 -0.78
C LEU B 19 -4.87 -6.58 -0.38
N PRO B 20 -4.68 -5.33 0.06
CA PRO B 20 -5.77 -4.45 0.52
C PRO B 20 -6.57 -3.75 -0.61
N MET B 21 -6.23 -4.00 -1.88
CA MET B 21 -6.85 -3.40 -3.07
C MET B 21 -6.99 -4.43 -4.20
N SER B 22 -8.07 -4.32 -4.97
CA SER B 22 -8.43 -5.24 -6.06
C SER B 22 -7.76 -4.92 -7.41
N PRO B 23 -7.64 -5.88 -8.35
CA PRO B 23 -7.01 -5.66 -9.66
C PRO B 23 -7.53 -4.45 -10.45
N GLU B 24 -8.84 -4.19 -10.46
CA GLU B 24 -9.41 -3.03 -11.18
C GLU B 24 -9.10 -1.70 -10.50
N GLU B 25 -8.99 -1.69 -9.17
CA GLU B 25 -8.59 -0.50 -8.41
C GLU B 25 -7.10 -0.24 -8.65
N PHE B 26 -6.28 -1.29 -8.52
CA PHE B 26 -4.83 -1.24 -8.81
C PHE B 26 -4.55 -0.76 -10.25
N ASP B 27 -5.35 -1.19 -11.23
CA ASP B 27 -5.24 -0.74 -12.63
C ASP B 27 -5.48 0.78 -12.73
N GLU B 28 -6.52 1.30 -12.07
CA GLU B 28 -6.80 2.74 -12.02
C GLU B 28 -5.68 3.53 -11.33
N VAL B 29 -5.05 2.96 -10.30
CA VAL B 29 -3.91 3.55 -9.61
C VAL B 29 -2.71 3.59 -10.57
N SER B 30 -2.41 2.48 -11.24
CA SER B 30 -1.33 2.38 -12.22
C SER B 30 -1.45 3.42 -13.34
N ARG B 31 -2.67 3.67 -13.84
CA ARG B 31 -2.94 4.69 -14.88
C ARG B 31 -2.51 6.11 -14.45
N ILE B 32 -2.75 6.47 -13.19
CA ILE B 32 -2.42 7.80 -12.64
C ILE B 32 -0.97 7.90 -12.16
N VAL B 33 -0.48 6.91 -11.40
CA VAL B 33 0.89 6.88 -10.83
C VAL B 33 1.95 6.73 -11.92
N GLY B 34 1.64 6.01 -13.00
CA GLY B 34 2.52 5.79 -14.16
C GLY B 34 3.93 5.26 -13.85
N SER B 35 4.09 4.48 -12.76
CA SER B 35 5.34 3.85 -12.31
C SER B 35 6.57 4.79 -12.18
N VAL B 36 6.35 6.06 -11.82
CA VAL B 36 7.35 7.15 -11.65
C VAL B 36 8.77 6.73 -11.21
N GLU B 37 8.91 6.14 -10.02
CA GLU B 37 10.19 5.64 -9.44
C GLU B 37 9.94 4.31 -8.67
N PHE B 38 8.77 3.72 -8.94
CA PHE B 38 8.09 2.60 -8.29
C PHE B 38 8.94 1.42 -7.78
N ASP B 39 9.83 0.87 -8.60
CA ASP B 39 10.74 -0.23 -8.21
C ASP B 39 11.79 0.16 -7.15
N SER B 40 11.83 1.44 -6.72
CA SER B 40 12.74 1.99 -5.72
C SER B 40 12.03 2.72 -4.56
N MET B 41 10.73 2.50 -4.34
CA MET B 41 10.01 3.13 -3.20
C MET B 41 10.62 2.77 -1.82
N MET B 42 11.38 1.67 -1.73
CA MET B 42 12.09 1.20 -0.53
C MET B 42 13.61 1.53 -0.55
N ASN B 43 14.09 2.26 -1.56
CA ASN B 43 15.51 2.61 -1.75
C ASN B 43 15.77 4.13 -1.58
N THR B 44 17.05 4.51 -1.48
CA THR B 44 17.50 5.91 -1.39
C THR B 44 17.43 6.63 -2.74
N VAL B 45 17.75 5.93 -3.82
CA VAL B 45 17.75 6.41 -5.22
C VAL B 45 16.37 6.90 -5.64
ZN ZN C . -7.98 0.45 14.02
ZN ZN D . 6.81 -7.95 0.56
ZN ZN E . 0.15 11.94 2.95
N SER A 1 -21.05 7.82 -11.45
CA SER A 1 -19.71 7.37 -11.11
C SER A 1 -19.20 6.22 -12.01
N PRO A 2 -19.10 6.41 -13.34
CA PRO A 2 -18.70 5.35 -14.29
C PRO A 2 -17.24 4.92 -14.08
N GLN A 3 -16.31 5.86 -14.21
CA GLN A 3 -14.87 5.66 -13.97
C GLN A 3 -14.52 5.94 -12.50
N GLU A 4 -15.30 6.82 -11.85
CA GLU A 4 -15.08 7.20 -10.44
C GLU A 4 -15.31 6.06 -9.45
N SER A 5 -16.11 5.03 -9.77
CA SER A 5 -16.35 3.89 -8.86
C SER A 5 -15.03 3.30 -8.33
N ARG A 6 -14.02 3.14 -9.22
CA ARG A 6 -12.67 2.69 -8.86
C ARG A 6 -11.95 3.72 -7.99
N ARG A 7 -11.95 4.99 -8.38
CA ARG A 7 -11.25 6.11 -7.70
C ARG A 7 -11.75 6.33 -6.27
N LEU A 8 -13.06 6.36 -6.10
CA LEU A 8 -13.75 6.54 -4.83
C LEU A 8 -13.51 5.33 -3.89
N SER A 9 -13.44 4.10 -4.43
CA SER A 9 -13.10 2.91 -3.64
C SER A 9 -11.65 2.96 -3.13
N ILE A 10 -10.71 3.44 -3.95
CA ILE A 10 -9.29 3.63 -3.57
C ILE A 10 -9.19 4.63 -2.41
N GLN A 11 -9.97 5.72 -2.41
CA GLN A 11 -10.00 6.68 -1.30
C GLN A 11 -10.41 6.03 0.04
N ARG A 12 -11.36 5.08 0.04
CA ARG A 12 -11.74 4.33 1.26
C ARG A 12 -10.58 3.46 1.75
N CYS A 13 -9.82 2.87 0.83
CA CYS A 13 -8.62 2.08 1.16
C CYS A 13 -7.52 2.98 1.75
N ILE A 14 -7.32 4.19 1.19
CA ILE A 14 -6.37 5.18 1.71
C ILE A 14 -6.72 5.56 3.14
N GLN A 15 -7.99 5.89 3.42
CA GLN A 15 -8.45 6.19 4.79
C GLN A 15 -8.23 5.00 5.73
N SER A 16 -8.48 3.77 5.28
CA SER A 16 -8.25 2.55 6.06
C SER A 16 -6.77 2.34 6.42
N LEU A 17 -5.85 2.54 5.46
CA LEU A 17 -4.41 2.43 5.71
C LEU A 17 -3.92 3.56 6.63
N VAL A 18 -4.38 4.80 6.42
CA VAL A 18 -4.07 5.95 7.26
C VAL A 18 -4.52 5.70 8.71
N HIS A 19 -5.73 5.16 8.91
CA HIS A 19 -6.24 4.76 10.23
C HIS A 19 -5.31 3.71 10.85
N ALA A 20 -5.02 2.62 10.14
CA ALA A 20 -4.14 1.54 10.62
C ALA A 20 -2.73 2.03 11.00
N CYS A 21 -2.19 3.03 10.30
CA CYS A 21 -0.89 3.64 10.59
C CYS A 21 -0.87 4.44 11.93
N GLN A 22 -2.03 4.71 12.51
CA GLN A 22 -2.21 5.43 13.78
C GLN A 22 -2.86 4.57 14.88
N CYS A 23 -3.58 3.50 14.50
CA CYS A 23 -4.27 2.58 15.40
C CYS A 23 -3.31 1.69 16.23
N ARG A 24 -3.89 0.99 17.21
CA ARG A 24 -3.22 0.07 18.16
C ARG A 24 -4.03 -1.19 18.49
N ASN A 25 -5.33 -1.21 18.20
CA ASN A 25 -6.22 -2.34 18.47
C ASN A 25 -5.79 -3.61 17.72
N ALA A 26 -5.54 -4.71 18.43
CA ALA A 26 -5.17 -6.00 17.81
C ALA A 26 -6.30 -6.59 16.95
N ASN A 27 -7.56 -6.23 17.24
CA ASN A 27 -8.78 -6.66 16.58
C ASN A 27 -9.78 -5.48 16.45
N CYS A 28 -9.33 -4.37 15.86
CA CYS A 28 -10.12 -3.14 15.65
C CYS A 28 -11.49 -3.41 15.01
N SER A 29 -12.49 -2.56 15.29
CA SER A 29 -13.85 -2.72 14.76
C SER A 29 -13.95 -2.57 13.23
N LEU A 30 -12.94 -1.97 12.57
CA LEU A 30 -12.89 -1.86 11.11
C LEU A 30 -12.34 -3.18 10.50
N PRO A 31 -13.04 -3.79 9.52
CA PRO A 31 -12.58 -5.02 8.89
C PRO A 31 -11.28 -4.83 8.10
N SER A 32 -11.07 -3.63 7.53
CA SER A 32 -9.86 -3.27 6.79
C SER A 32 -8.66 -3.05 7.72
N CYS A 33 -8.81 -2.32 8.83
CA CYS A 33 -7.77 -2.06 9.83
C CYS A 33 -7.06 -3.36 10.29
N GLN A 34 -7.84 -4.40 10.61
CA GLN A 34 -7.34 -5.74 10.98
C GLN A 34 -6.40 -6.35 9.92
N LYS A 35 -6.63 -6.05 8.64
CA LYS A 35 -5.86 -6.53 7.48
C LYS A 35 -4.71 -5.60 7.15
N MET A 36 -4.92 -4.28 7.15
CA MET A 36 -3.91 -3.24 6.90
C MET A 36 -2.71 -3.37 7.85
N LYS A 37 -2.94 -3.72 9.13
CA LYS A 37 -1.89 -3.97 10.11
C LYS A 37 -1.01 -5.17 9.70
N ARG A 38 -1.61 -6.29 9.27
CA ARG A 38 -0.88 -7.49 8.81
C ARG A 38 -0.10 -7.19 7.52
N VAL A 39 -0.68 -6.40 6.64
CA VAL A 39 -0.09 -5.94 5.37
C VAL A 39 1.17 -5.10 5.63
N VAL A 40 1.06 -4.01 6.41
CA VAL A 40 2.24 -3.15 6.71
C VAL A 40 3.31 -3.95 7.48
N GLN A 41 2.92 -4.81 8.44
CA GLN A 41 3.84 -5.70 9.18
C GLN A 41 4.67 -6.58 8.25
N HIS A 42 4.06 -7.17 7.21
CA HIS A 42 4.79 -7.98 6.24
C HIS A 42 5.84 -7.13 5.50
N THR A 43 5.41 -6.02 4.88
CA THR A 43 6.27 -5.10 4.10
C THR A 43 7.41 -4.51 4.93
N LYS A 44 7.17 -4.22 6.21
CA LYS A 44 8.14 -3.73 7.20
C LYS A 44 9.33 -4.70 7.42
N GLY A 45 9.31 -5.90 6.83
CA GLY A 45 10.38 -6.89 6.95
C GLY A 45 10.50 -7.88 5.78
N CYS A 46 9.95 -7.59 4.58
CA CYS A 46 10.04 -8.49 3.44
C CYS A 46 11.48 -8.68 2.93
N LYS A 47 11.75 -9.86 2.37
CA LYS A 47 13.04 -10.30 1.81
C LYS A 47 13.08 -10.15 0.28
N ARG A 48 11.96 -9.75 -0.37
CA ARG A 48 11.85 -9.63 -1.83
C ARG A 48 11.30 -8.30 -2.33
N LYS A 49 10.15 -7.82 -1.84
CA LYS A 49 9.47 -6.57 -2.27
C LYS A 49 9.42 -6.34 -3.80
N THR A 50 9.25 -5.11 -4.27
CA THR A 50 9.15 -4.79 -5.73
C THR A 50 10.35 -5.26 -6.56
N ASN A 51 11.55 -5.22 -5.98
CA ASN A 51 12.81 -5.57 -6.66
C ASN A 51 13.01 -7.09 -6.84
N GLY A 52 12.43 -7.90 -5.94
CA GLY A 52 12.49 -9.37 -5.99
C GLY A 52 11.25 -9.98 -6.65
N GLY A 53 10.07 -9.37 -6.48
CA GLY A 53 8.82 -9.79 -7.12
C GLY A 53 7.62 -10.02 -6.18
N CYS A 54 7.71 -9.62 -4.90
CA CYS A 54 6.64 -9.79 -3.91
C CYS A 54 5.39 -8.96 -4.29
N PRO A 55 4.19 -9.57 -4.40
CA PRO A 55 2.98 -8.86 -4.77
C PRO A 55 2.40 -8.00 -3.64
N VAL A 56 2.64 -8.31 -2.36
CA VAL A 56 2.08 -7.52 -1.24
C VAL A 56 2.70 -6.14 -1.18
N CYS A 57 4.01 -6.04 -1.00
CA CYS A 57 4.78 -4.80 -0.92
C CYS A 57 4.41 -3.79 -2.01
N LYS A 58 4.48 -4.24 -3.27
CA LYS A 58 4.14 -3.48 -4.46
C LYS A 58 2.69 -2.94 -4.41
N GLN A 59 1.75 -3.67 -3.79
CA GLN A 59 0.36 -3.26 -3.62
C GLN A 59 0.20 -2.05 -2.71
N LEU A 60 0.90 -2.00 -1.55
CA LEU A 60 0.84 -0.85 -0.64
C LEU A 60 1.38 0.39 -1.33
N ILE A 61 2.53 0.26 -1.99
CA ILE A 61 3.23 1.38 -2.62
C ILE A 61 2.39 2.04 -3.72
N ALA A 62 1.61 1.29 -4.52
CA ALA A 62 0.69 1.90 -5.49
C ALA A 62 -0.31 2.79 -4.74
N LEU A 63 -0.93 2.23 -3.70
CA LEU A 63 -1.90 2.87 -2.83
C LEU A 63 -1.31 4.15 -2.18
N CYS A 64 -0.06 4.08 -1.73
CA CYS A 64 0.68 5.19 -1.14
C CYS A 64 1.09 6.24 -2.19
N CYS A 65 1.46 5.86 -3.42
CA CYS A 65 1.79 6.79 -4.51
C CYS A 65 0.57 7.66 -4.84
N TYR A 66 -0.61 7.04 -4.93
CA TYR A 66 -1.89 7.69 -5.19
C TYR A 66 -2.20 8.77 -4.14
N HIS A 67 -1.97 8.46 -2.86
CA HIS A 67 -2.14 9.38 -1.74
C HIS A 67 -1.05 10.49 -1.77
N ALA A 68 0.23 10.10 -1.77
CA ALA A 68 1.39 11.00 -1.76
C ALA A 68 1.39 12.04 -2.90
N LYS A 69 0.87 11.68 -4.09
CA LYS A 69 0.71 12.60 -5.23
C LYS A 69 -0.15 13.82 -4.87
N HIS A 70 -1.20 13.62 -4.08
CA HIS A 70 -2.13 14.65 -3.63
C HIS A 70 -1.72 15.30 -2.29
N CYS A 71 -1.09 14.54 -1.39
CA CYS A 71 -0.64 14.98 -0.06
C CYS A 71 0.39 16.12 -0.10
N GLN A 72 0.48 16.90 0.98
CA GLN A 72 1.42 18.02 1.13
C GLN A 72 2.13 18.06 2.51
N GLU A 73 1.74 17.19 3.45
CA GLU A 73 2.31 17.14 4.80
C GLU A 73 3.69 16.45 4.83
N ASN A 74 4.50 16.77 5.82
CA ASN A 74 5.85 16.25 6.05
C ASN A 74 5.95 15.30 7.27
N LYS A 75 4.87 15.19 8.03
CA LYS A 75 4.70 14.39 9.26
C LYS A 75 3.57 13.34 9.15
N CYS A 76 3.14 13.03 7.92
CA CYS A 76 2.07 12.10 7.58
C CYS A 76 2.30 10.71 8.25
N PRO A 77 1.26 10.03 8.80
CA PRO A 77 1.44 8.77 9.53
C PRO A 77 1.86 7.56 8.66
N VAL A 78 1.56 7.56 7.36
CA VAL A 78 1.91 6.48 6.42
C VAL A 78 3.45 6.48 6.21
N PRO A 79 4.16 5.34 6.38
CA PRO A 79 5.62 5.31 6.25
C PRO A 79 6.12 5.59 4.82
N PHE A 80 5.36 5.18 3.81
CA PHE A 80 5.74 5.38 2.40
C PHE A 80 5.35 6.75 1.83
N CYS A 81 4.30 7.40 2.34
CA CYS A 81 3.85 8.71 1.82
C CYS A 81 5.01 9.70 1.67
N LEU A 82 5.76 9.95 2.77
CA LEU A 82 6.90 10.88 2.73
C LEU A 82 8.01 10.42 1.78
N ASN A 83 8.41 9.15 1.86
CA ASN A 83 9.46 8.58 1.01
C ASN A 83 9.12 8.71 -0.50
N ILE A 84 7.86 8.44 -0.88
CA ILE A 84 7.40 8.60 -2.26
C ILE A 84 7.31 10.09 -2.62
N LYS A 85 6.61 10.90 -1.81
CA LYS A 85 6.42 12.35 -1.99
C LYS A 85 7.74 13.07 -2.26
N HIS A 86 8.77 12.81 -1.47
CA HIS A 86 10.10 13.40 -1.69
C HIS A 86 10.62 13.10 -3.11
N LYS A 87 10.58 11.83 -3.56
CA LYS A 87 10.98 11.46 -4.92
C LYS A 87 10.13 12.13 -6.00
N LEU A 88 8.80 12.15 -5.85
CA LEU A 88 7.88 12.73 -6.85
C LEU A 88 8.01 14.26 -6.96
N ARG A 89 8.10 14.99 -5.83
CA ARG A 89 8.22 16.46 -5.79
C ARG A 89 9.57 16.95 -6.31
N GLN A 90 10.67 16.23 -6.05
CA GLN A 90 12.03 16.59 -6.49
C GLN A 90 12.28 16.44 -8.01
N GLN A 91 11.35 15.86 -8.79
CA GLN A 91 11.51 15.69 -10.24
C GLN A 91 11.51 17.02 -11.04
N GLN A 92 11.09 18.13 -10.42
CA GLN A 92 11.02 19.47 -11.02
C GLN A 92 11.54 20.56 -10.07
N GLY B 1 -32.40 -2.92 2.14
CA GLY B 1 -30.98 -2.72 1.84
C GLY B 1 -30.09 -2.45 3.06
N SER B 2 -30.67 -2.39 4.26
CA SER B 2 -29.98 -2.14 5.54
C SER B 2 -29.08 -3.30 6.01
N HIS B 3 -29.28 -4.50 5.44
CA HIS B 3 -28.56 -5.73 5.77
C HIS B 3 -28.54 -6.72 4.58
N MET B 4 -27.80 -7.82 4.73
CA MET B 4 -27.67 -8.90 3.73
C MET B 4 -27.46 -10.27 4.41
N SER B 5 -27.55 -11.36 3.63
CA SER B 5 -27.44 -12.75 4.13
C SER B 5 -26.55 -13.68 3.28
N GLU B 6 -25.93 -13.18 2.21
CA GLU B 6 -25.05 -13.94 1.31
C GLU B 6 -23.60 -14.12 1.85
N VAL B 7 -23.41 -13.98 3.16
CA VAL B 7 -22.12 -14.11 3.87
C VAL B 7 -21.46 -15.47 3.59
N HIS B 8 -20.18 -15.45 3.22
CA HIS B 8 -19.36 -16.64 2.95
C HIS B 8 -17.87 -16.33 3.22
N PRO B 9 -17.11 -17.20 3.92
CA PRO B 9 -15.68 -17.01 4.19
C PRO B 9 -14.78 -16.86 2.95
N SER B 10 -13.50 -16.63 3.23
CA SER B 10 -12.39 -16.51 2.26
C SER B 10 -11.03 -16.74 2.94
N ARG B 11 -10.00 -17.09 2.16
CA ARG B 11 -8.64 -17.33 2.66
C ARG B 11 -7.93 -16.01 2.98
N LEU B 12 -7.44 -15.87 4.21
CA LEU B 12 -6.71 -14.70 4.71
C LEU B 12 -5.62 -15.11 5.72
N GLN B 13 -4.93 -16.22 5.44
CA GLN B 13 -3.87 -16.81 6.28
C GLN B 13 -2.56 -17.05 5.49
N THR B 14 -2.42 -16.39 4.34
CA THR B 14 -1.26 -16.45 3.43
C THR B 14 -0.92 -15.06 2.90
N THR B 15 0.36 -14.79 2.66
CA THR B 15 0.87 -13.48 2.19
C THR B 15 0.18 -12.97 0.94
N ASP B 16 0.07 -13.85 -0.05
CA ASP B 16 -0.55 -13.63 -1.37
C ASP B 16 -2.02 -13.18 -1.34
N ASN B 17 -2.69 -13.17 -0.18
CA ASN B 17 -4.07 -12.73 -0.01
C ASN B 17 -4.22 -11.57 1.00
N LEU B 18 -3.13 -11.13 1.64
CA LEU B 18 -3.14 -9.91 2.48
C LEU B 18 -3.48 -8.65 1.66
N LEU B 19 -3.32 -8.70 0.32
CA LEU B 19 -3.54 -7.61 -0.64
C LEU B 19 -4.68 -6.63 -0.26
N PRO B 20 -4.37 -5.38 0.15
CA PRO B 20 -5.37 -4.40 0.61
C PRO B 20 -6.18 -3.74 -0.51
N MET B 21 -5.84 -3.99 -1.78
CA MET B 21 -6.48 -3.40 -2.96
C MET B 21 -6.56 -4.44 -4.07
N SER B 22 -7.64 -4.38 -4.86
CA SER B 22 -7.97 -5.32 -5.95
C SER B 22 -7.19 -5.01 -7.23
N PRO B 23 -7.00 -5.97 -8.16
CA PRO B 23 -6.32 -5.70 -9.44
C PRO B 23 -7.07 -4.64 -10.27
N GLU B 24 -8.41 -4.61 -10.20
CA GLU B 24 -9.25 -3.62 -10.90
C GLU B 24 -9.08 -2.19 -10.32
N GLU B 25 -8.69 -2.07 -9.05
CA GLU B 25 -8.41 -0.79 -8.39
C GLU B 25 -6.95 -0.39 -8.66
N PHE B 26 -6.01 -1.33 -8.52
CA PHE B 26 -4.60 -1.15 -8.86
C PHE B 26 -4.42 -0.66 -10.32
N ASP B 27 -5.29 -1.12 -11.24
CA ASP B 27 -5.33 -0.68 -12.64
C ASP B 27 -5.62 0.83 -12.77
N GLU B 28 -6.51 1.40 -11.94
CA GLU B 28 -6.78 2.85 -11.90
C GLU B 28 -5.66 3.61 -11.20
N VAL B 29 -5.01 3.01 -10.20
CA VAL B 29 -3.83 3.63 -9.57
C VAL B 29 -2.71 3.72 -10.61
N SER B 30 -2.52 2.67 -11.42
CA SER B 30 -1.53 2.63 -12.50
C SER B 30 -1.77 3.71 -13.57
N ARG B 31 -3.02 4.09 -13.87
CA ARG B 31 -3.32 5.17 -14.84
C ARG B 31 -2.76 6.52 -14.39
N ILE B 32 -2.88 6.82 -13.09
CA ILE B 32 -2.44 8.10 -12.52
C ILE B 32 -0.96 8.09 -12.10
N VAL B 33 -0.52 7.04 -11.40
CA VAL B 33 0.87 6.90 -10.92
C VAL B 33 1.86 6.67 -12.07
N GLY B 34 1.42 5.99 -13.14
CA GLY B 34 2.20 5.69 -14.34
C GLY B 34 3.58 5.05 -14.10
N SER B 35 3.73 4.32 -12.98
CA SER B 35 4.97 3.67 -12.52
C SER B 35 6.19 4.62 -12.41
N VAL B 36 5.94 5.93 -12.24
CA VAL B 36 6.89 7.08 -12.16
C VAL B 36 8.38 6.72 -11.90
N GLU B 37 8.69 6.19 -10.71
CA GLU B 37 10.01 5.68 -10.27
C GLU B 37 9.79 4.48 -9.31
N PHE B 38 8.65 3.82 -9.48
CA PHE B 38 8.04 2.79 -8.63
C PHE B 38 8.95 1.70 -8.03
N ASP B 39 9.95 1.20 -8.77
CA ASP B 39 10.91 0.21 -8.26
C ASP B 39 12.02 0.81 -7.36
N SER B 40 11.94 2.11 -7.05
CA SER B 40 12.88 2.90 -6.23
C SER B 40 12.19 3.64 -5.07
N MET B 41 10.88 3.44 -4.84
CA MET B 41 10.12 4.10 -3.76
C MET B 41 10.69 3.90 -2.35
N MET B 42 11.47 2.83 -2.13
CA MET B 42 12.13 2.46 -0.88
C MET B 42 13.32 3.38 -0.53
N ASN B 43 13.86 4.13 -1.50
CA ASN B 43 14.99 5.04 -1.30
C ASN B 43 14.68 6.18 -0.31
N THR B 44 15.65 6.53 0.53
CA THR B 44 15.55 7.58 1.57
C THR B 44 16.41 8.81 1.28
N VAL B 45 17.58 8.62 0.65
CA VAL B 45 18.56 9.66 0.29
C VAL B 45 19.20 9.42 -1.08
ZN ZN C . -8.05 0.57 13.97
ZN ZN D . 6.83 -8.70 0.57
ZN ZN E . 0.34 11.88 3.11
N SER A 1 -20.56 6.52 -13.19
CA SER A 1 -19.43 6.32 -12.29
C SER A 1 -18.59 5.06 -12.61
N PRO A 2 -18.06 4.90 -13.85
CA PRO A 2 -17.31 3.71 -14.27
C PRO A 2 -15.97 3.58 -13.54
N GLN A 3 -15.02 4.47 -13.86
CA GLN A 3 -13.72 4.56 -13.20
C GLN A 3 -13.88 5.18 -11.79
N GLU A 4 -14.89 6.03 -11.60
CA GLU A 4 -15.16 6.62 -10.27
C GLU A 4 -15.47 5.57 -9.21
N SER A 5 -16.19 4.49 -9.53
CA SER A 5 -16.45 3.41 -8.56
C SER A 5 -15.14 2.84 -7.99
N ARG A 6 -14.08 2.80 -8.81
CA ARG A 6 -12.74 2.39 -8.37
C ARG A 6 -12.05 3.52 -7.60
N ARG A 7 -12.01 4.75 -8.15
CA ARG A 7 -11.35 5.92 -7.53
C ARG A 7 -11.85 6.22 -6.12
N LEU A 8 -13.18 6.22 -5.96
CA LEU A 8 -13.87 6.46 -4.69
C LEU A 8 -13.60 5.33 -3.69
N SER A 9 -13.47 4.08 -4.16
CA SER A 9 -13.09 2.93 -3.31
C SER A 9 -11.62 3.01 -2.87
N ILE A 10 -10.71 3.42 -3.77
CA ILE A 10 -9.27 3.62 -3.46
C ILE A 10 -9.13 4.65 -2.32
N GLN A 11 -9.91 5.74 -2.33
CA GLN A 11 -9.93 6.73 -1.24
C GLN A 11 -10.33 6.10 0.11
N ARG A 12 -11.29 5.14 0.13
CA ARG A 12 -11.66 4.41 1.37
C ARG A 12 -10.50 3.56 1.87
N CYS A 13 -9.77 2.88 0.97
CA CYS A 13 -8.58 2.10 1.31
C CYS A 13 -7.48 3.01 1.87
N ILE A 14 -7.24 4.18 1.26
CA ILE A 14 -6.27 5.18 1.74
C ILE A 14 -6.61 5.60 3.18
N GLN A 15 -7.87 5.98 3.45
CA GLN A 15 -8.31 6.33 4.81
C GLN A 15 -8.13 5.16 5.79
N SER A 16 -8.39 3.93 5.37
CA SER A 16 -8.21 2.72 6.19
C SER A 16 -6.73 2.46 6.51
N LEU A 17 -5.81 2.64 5.56
CA LEU A 17 -4.37 2.50 5.80
C LEU A 17 -3.88 3.63 6.72
N VAL A 18 -4.33 4.87 6.51
CA VAL A 18 -4.02 6.03 7.38
C VAL A 18 -4.48 5.76 8.82
N HIS A 19 -5.70 5.23 9.00
CA HIS A 19 -6.22 4.83 10.30
C HIS A 19 -5.30 3.77 10.93
N ALA A 20 -5.03 2.67 10.21
CA ALA A 20 -4.14 1.60 10.67
C ALA A 20 -2.74 2.06 11.06
N CYS A 21 -2.18 3.06 10.36
CA CYS A 21 -0.86 3.65 10.67
C CYS A 21 -0.83 4.41 12.01
N GLN A 22 -1.99 4.70 12.61
CA GLN A 22 -2.15 5.41 13.89
C GLN A 22 -2.83 4.54 14.97
N CYS A 23 -3.62 3.55 14.57
CA CYS A 23 -4.35 2.62 15.43
C CYS A 23 -3.42 1.70 16.25
N ARG A 24 -3.99 1.07 17.29
CA ARG A 24 -3.31 0.18 18.25
C ARG A 24 -4.06 -1.13 18.52
N ASN A 25 -5.34 -1.21 18.17
CA ASN A 25 -6.18 -2.41 18.37
C ASN A 25 -5.64 -3.59 17.55
N ALA A 26 -5.26 -4.70 18.21
CA ALA A 26 -4.79 -5.91 17.55
C ALA A 26 -5.83 -6.53 16.59
N ASN A 27 -7.12 -6.31 16.89
CA ASN A 27 -8.28 -6.80 16.14
C ASN A 27 -9.38 -5.70 16.12
N CYS A 28 -9.05 -4.52 15.58
CA CYS A 28 -9.92 -3.35 15.46
C CYS A 28 -11.29 -3.70 14.82
N SER A 29 -12.35 -2.99 15.19
CA SER A 29 -13.70 -3.26 14.67
C SER A 29 -13.86 -3.00 13.16
N LEU A 30 -12.94 -2.28 12.52
CA LEU A 30 -12.94 -2.06 11.07
C LEU A 30 -12.29 -3.27 10.36
N PRO A 31 -12.95 -3.86 9.35
CA PRO A 31 -12.42 -5.03 8.63
C PRO A 31 -11.12 -4.71 7.88
N SER A 32 -11.01 -3.53 7.28
CA SER A 32 -9.79 -3.12 6.55
C SER A 32 -8.65 -2.79 7.51
N CYS A 33 -8.86 -2.08 8.63
CA CYS A 33 -7.82 -1.78 9.64
C CYS A 33 -7.03 -3.03 10.06
N GLN A 34 -7.73 -4.13 10.39
CA GLN A 34 -7.09 -5.41 10.72
C GLN A 34 -6.21 -5.95 9.58
N LYS A 35 -6.67 -5.80 8.33
CA LYS A 35 -5.97 -6.23 7.11
C LYS A 35 -4.76 -5.33 6.85
N MET A 36 -4.92 -4.01 6.96
CA MET A 36 -3.88 -3.00 6.78
C MET A 36 -2.72 -3.20 7.76
N LYS A 37 -3.02 -3.56 9.01
CA LYS A 37 -2.00 -3.89 10.01
C LYS A 37 -1.20 -5.13 9.58
N ARG A 38 -1.87 -6.21 9.14
CA ARG A 38 -1.22 -7.44 8.66
C ARG A 38 -0.37 -7.17 7.40
N VAL A 39 -0.86 -6.31 6.50
CA VAL A 39 -0.18 -5.85 5.28
C VAL A 39 1.10 -5.08 5.60
N VAL A 40 1.03 -3.99 6.39
CA VAL A 40 2.23 -3.21 6.74
C VAL A 40 3.23 -4.07 7.52
N GLN A 41 2.76 -4.90 8.46
CA GLN A 41 3.60 -5.85 9.22
C GLN A 41 4.34 -6.84 8.31
N HIS A 42 3.68 -7.37 7.27
CA HIS A 42 4.34 -8.23 6.29
C HIS A 42 5.49 -7.45 5.64
N THR A 43 5.19 -6.28 5.06
CA THR A 43 6.17 -5.47 4.34
C THR A 43 7.34 -5.05 5.23
N LYS A 44 7.07 -4.71 6.49
CA LYS A 44 8.04 -4.33 7.53
C LYS A 44 9.07 -5.44 7.85
N GLY A 45 8.81 -6.68 7.46
CA GLY A 45 9.68 -7.84 7.68
C GLY A 45 10.07 -8.61 6.41
N CYS A 46 9.43 -8.34 5.26
CA CYS A 46 9.73 -8.99 3.99
C CYS A 46 11.10 -8.55 3.43
N LYS A 47 11.72 -9.44 2.66
CA LYS A 47 13.03 -9.28 2.01
C LYS A 47 12.95 -9.38 0.48
N ARG A 48 11.74 -9.45 -0.09
CA ARG A 48 11.49 -9.54 -1.54
C ARG A 48 11.12 -8.16 -2.10
N LYS A 49 9.97 -7.60 -1.68
CA LYS A 49 9.39 -6.34 -2.17
C LYS A 49 9.36 -6.21 -3.71
N THR A 50 9.16 -5.00 -4.25
CA THR A 50 9.08 -4.68 -5.69
C THR A 50 10.29 -5.17 -6.50
N ASN A 51 11.49 -5.18 -5.88
CA ASN A 51 12.75 -5.57 -6.52
C ASN A 51 12.92 -7.11 -6.63
N GLY A 52 12.29 -7.88 -5.75
CA GLY A 52 12.32 -9.36 -5.74
C GLY A 52 11.07 -9.99 -6.37
N GLY A 53 9.94 -9.26 -6.38
CA GLY A 53 8.67 -9.68 -7.00
C GLY A 53 7.51 -9.93 -6.03
N CYS A 54 7.62 -9.51 -4.76
CA CYS A 54 6.57 -9.68 -3.76
C CYS A 54 5.27 -8.92 -4.17
N PRO A 55 4.10 -9.58 -4.25
CA PRO A 55 2.87 -8.94 -4.64
C PRO A 55 2.26 -8.05 -3.55
N VAL A 56 2.49 -8.35 -2.26
CA VAL A 56 1.93 -7.55 -1.16
C VAL A 56 2.58 -6.18 -1.12
N CYS A 57 3.90 -6.11 -0.95
CA CYS A 57 4.70 -4.90 -0.87
C CYS A 57 4.36 -3.88 -1.97
N LYS A 58 4.43 -4.30 -3.23
CA LYS A 58 4.11 -3.53 -4.43
C LYS A 58 2.68 -2.95 -4.40
N GLN A 59 1.74 -3.64 -3.75
CA GLN A 59 0.35 -3.19 -3.59
C GLN A 59 0.27 -1.93 -2.71
N LEU A 60 1.04 -1.87 -1.60
CA LEU A 60 1.10 -0.68 -0.73
C LEU A 60 1.66 0.51 -1.52
N ILE A 61 2.76 0.31 -2.25
CA ILE A 61 3.42 1.39 -3.01
C ILE A 61 2.44 2.10 -3.93
N ALA A 62 1.59 1.38 -4.69
CA ALA A 62 0.61 2.00 -5.58
C ALA A 62 -0.36 2.89 -4.78
N LEU A 63 -0.95 2.32 -3.74
CA LEU A 63 -1.88 2.98 -2.81
C LEU A 63 -1.26 4.23 -2.17
N CYS A 64 0.03 4.15 -1.81
CA CYS A 64 0.81 5.25 -1.24
C CYS A 64 1.19 6.30 -2.30
N CYS A 65 1.52 5.94 -3.54
CA CYS A 65 1.82 6.88 -4.62
C CYS A 65 0.59 7.76 -4.92
N TYR A 66 -0.58 7.11 -5.04
CA TYR A 66 -1.88 7.75 -5.28
C TYR A 66 -2.24 8.77 -4.19
N HIS A 67 -1.81 8.51 -2.95
CA HIS A 67 -2.00 9.40 -1.81
C HIS A 67 -0.93 10.51 -1.79
N ALA A 68 0.35 10.16 -1.75
CA ALA A 68 1.53 11.04 -1.64
C ALA A 68 1.55 12.21 -2.62
N LYS A 69 1.09 11.99 -3.87
CA LYS A 69 1.02 13.04 -4.90
C LYS A 69 0.12 14.21 -4.49
N HIS A 70 -1.10 13.87 -4.10
CA HIS A 70 -2.13 14.80 -3.63
C HIS A 70 -1.95 15.25 -2.16
N CYS A 71 -1.08 14.58 -1.40
CA CYS A 71 -0.78 14.91 0.01
C CYS A 71 -0.20 16.32 0.16
N GLN A 72 -0.26 16.88 1.38
CA GLN A 72 0.17 18.25 1.69
C GLN A 72 1.03 18.39 2.96
N GLU A 73 1.46 17.30 3.60
CA GLU A 73 2.29 17.34 4.81
C GLU A 73 3.59 16.52 4.74
N ASN A 74 4.54 16.83 5.63
CA ASN A 74 5.86 16.19 5.73
C ASN A 74 6.01 15.33 7.00
N LYS A 75 4.89 15.14 7.72
CA LYS A 75 4.75 14.43 9.01
C LYS A 75 3.66 13.34 8.97
N CYS A 76 3.17 13.02 7.76
CA CYS A 76 2.12 12.05 7.46
C CYS A 76 2.37 10.67 8.17
N PRO A 77 1.34 9.99 8.73
CA PRO A 77 1.53 8.73 9.46
C PRO A 77 1.91 7.52 8.58
N VAL A 78 1.60 7.53 7.28
CA VAL A 78 1.94 6.44 6.34
C VAL A 78 3.45 6.38 6.11
N PRO A 79 4.11 5.20 6.21
CA PRO A 79 5.58 5.12 6.07
C PRO A 79 6.09 5.45 4.66
N PHE A 80 5.39 5.03 3.60
CA PHE A 80 5.82 5.28 2.22
C PHE A 80 5.44 6.65 1.66
N CYS A 81 4.40 7.30 2.16
CA CYS A 81 3.95 8.61 1.68
C CYS A 81 5.13 9.59 1.56
N LEU A 82 5.87 9.82 2.65
CA LEU A 82 7.04 10.72 2.64
C LEU A 82 8.15 10.22 1.71
N ASN A 83 8.50 8.93 1.78
CA ASN A 83 9.54 8.33 0.95
C ASN A 83 9.28 8.51 -0.56
N ILE A 84 8.01 8.40 -1.00
CA ILE A 84 7.59 8.62 -2.39
C ILE A 84 7.51 10.12 -2.71
N LYS A 85 6.85 10.90 -1.86
CA LYS A 85 6.69 12.36 -1.98
C LYS A 85 8.02 13.07 -2.23
N HIS A 86 9.06 12.76 -1.45
CA HIS A 86 10.40 13.33 -1.64
C HIS A 86 10.96 13.13 -3.06
N LYS A 87 10.76 11.93 -3.64
CA LYS A 87 11.21 11.59 -5.01
C LYS A 87 10.38 12.29 -6.09
N LEU A 88 9.06 12.38 -5.91
CA LEU A 88 8.15 13.00 -6.89
C LEU A 88 8.15 14.54 -6.86
N ARG A 89 8.22 15.18 -5.68
CA ARG A 89 8.25 16.65 -5.56
C ARG A 89 9.45 17.30 -6.24
N GLN A 90 10.59 16.61 -6.28
CA GLN A 90 11.82 17.07 -6.93
C GLN A 90 11.85 16.88 -8.47
N GLN A 91 10.74 16.42 -9.09
CA GLN A 91 10.66 16.17 -10.54
C GLN A 91 9.32 16.62 -11.16
N GLN A 92 9.20 16.53 -12.49
CA GLN A 92 8.01 16.89 -13.26
C GLN A 92 6.76 16.10 -12.81
N GLY B 1 13.24 -3.88 -21.36
CA GLY B 1 13.65 -4.73 -22.47
C GLY B 1 12.86 -6.05 -22.61
N SER B 2 11.87 -6.28 -21.74
CA SER B 2 11.01 -7.47 -21.72
C SER B 2 9.64 -7.17 -21.08
N HIS B 3 8.70 -8.10 -21.25
CA HIS B 3 7.33 -8.06 -20.72
C HIS B 3 6.87 -9.41 -20.13
N MET B 4 7.79 -10.37 -19.98
CA MET B 4 7.51 -11.71 -19.42
C MET B 4 7.13 -11.65 -17.93
N SER B 5 6.42 -12.68 -17.45
CA SER B 5 5.97 -12.82 -16.05
C SER B 5 7.08 -13.14 -15.03
N GLU B 6 8.27 -13.51 -15.50
CA GLU B 6 9.48 -13.86 -14.72
C GLU B 6 9.24 -14.76 -13.48
N VAL B 7 10.06 -14.62 -12.42
CA VAL B 7 10.00 -15.41 -11.17
C VAL B 7 10.16 -14.52 -9.92
N HIS B 8 9.88 -15.08 -8.74
CA HIS B 8 9.99 -14.41 -7.43
C HIS B 8 10.24 -15.45 -6.32
N PRO B 9 10.92 -15.11 -5.21
CA PRO B 9 11.18 -16.02 -4.10
C PRO B 9 9.94 -16.57 -3.37
N SER B 10 10.22 -17.42 -2.39
CA SER B 10 9.24 -18.10 -1.52
C SER B 10 8.42 -17.16 -0.64
N ARG B 11 7.20 -17.60 -0.28
CA ARG B 11 6.23 -16.94 0.61
C ARG B 11 5.49 -17.99 1.47
N LEU B 12 4.60 -17.55 2.37
CA LEU B 12 3.86 -18.41 3.30
C LEU B 12 2.33 -18.30 3.11
N GLN B 13 1.59 -19.11 3.89
CA GLN B 13 0.13 -19.22 3.87
C GLN B 13 -0.56 -17.84 3.99
N THR B 14 -1.63 -17.66 3.21
CA THR B 14 -2.48 -16.44 3.06
C THR B 14 -1.76 -15.10 2.76
N THR B 15 -0.43 -15.08 2.66
CA THR B 15 0.36 -13.87 2.34
C THR B 15 -0.11 -13.19 1.06
N ASP B 16 -0.29 -14.02 0.04
CA ASP B 16 -0.76 -13.67 -1.31
C ASP B 16 -2.18 -13.07 -1.38
N ASN B 17 -2.89 -12.98 -0.24
CA ASN B 17 -4.23 -12.40 -0.14
C ASN B 17 -4.36 -11.27 0.89
N LEU B 18 -3.27 -10.90 1.57
CA LEU B 18 -3.23 -9.71 2.42
C LEU B 18 -3.57 -8.44 1.60
N LEU B 19 -3.40 -8.50 0.28
CA LEU B 19 -3.62 -7.43 -0.72
C LEU B 19 -4.77 -6.45 -0.33
N PRO B 20 -4.46 -5.20 0.09
CA PRO B 20 -5.48 -4.24 0.55
C PRO B 20 -6.34 -3.64 -0.57
N MET B 21 -5.95 -3.85 -1.83
CA MET B 21 -6.58 -3.33 -3.05
C MET B 21 -6.56 -4.41 -4.14
N SER B 22 -7.58 -4.40 -5.00
CA SER B 22 -7.77 -5.40 -6.08
C SER B 22 -7.07 -5.01 -7.40
N PRO B 23 -6.85 -5.96 -8.34
CA PRO B 23 -6.22 -5.69 -9.63
C PRO B 23 -6.91 -4.58 -10.45
N GLU B 24 -8.25 -4.48 -10.40
CA GLU B 24 -9.01 -3.44 -11.12
C GLU B 24 -8.77 -2.05 -10.52
N GLU B 25 -8.68 -1.95 -9.19
CA GLU B 25 -8.36 -0.68 -8.52
C GLU B 25 -6.90 -0.31 -8.77
N PHE B 26 -5.99 -1.29 -8.66
CA PHE B 26 -4.57 -1.13 -8.96
C PHE B 26 -4.35 -0.64 -10.41
N ASP B 27 -5.13 -1.13 -11.37
CA ASP B 27 -5.11 -0.68 -12.78
C ASP B 27 -5.45 0.82 -12.88
N GLU B 28 -6.45 1.30 -12.14
CA GLU B 28 -6.80 2.73 -12.10
C GLU B 28 -5.74 3.56 -11.34
N VAL B 29 -5.10 3.01 -10.30
CA VAL B 29 -4.00 3.69 -9.62
C VAL B 29 -2.83 3.87 -10.60
N SER B 30 -2.46 2.80 -11.31
CA SER B 30 -1.41 2.79 -12.34
C SER B 30 -1.68 3.82 -13.44
N ARG B 31 -2.95 3.97 -13.86
CA ARG B 31 -3.39 4.95 -14.88
C ARG B 31 -3.08 6.41 -14.49
N ILE B 32 -3.20 6.76 -13.22
CA ILE B 32 -2.93 8.12 -12.70
C ILE B 32 -1.45 8.30 -12.31
N VAL B 33 -0.88 7.36 -11.56
CA VAL B 33 0.52 7.41 -11.07
C VAL B 33 1.54 7.26 -12.22
N GLY B 34 1.19 6.50 -13.25
CA GLY B 34 2.04 6.23 -14.42
C GLY B 34 3.34 5.48 -14.11
N SER B 35 3.40 4.78 -12.96
CA SER B 35 4.56 4.02 -12.46
C SER B 35 5.89 4.80 -12.41
N VAL B 36 5.80 6.14 -12.29
CA VAL B 36 6.88 7.16 -12.25
C VAL B 36 8.32 6.64 -12.13
N GLU B 37 8.69 6.05 -10.98
CA GLU B 37 9.98 5.35 -10.75
C GLU B 37 9.84 4.31 -9.61
N PHE B 38 8.67 3.71 -9.64
CA PHE B 38 8.06 2.75 -8.71
C PHE B 38 8.95 1.65 -8.10
N ASP B 39 9.94 1.14 -8.84
CA ASP B 39 10.90 0.15 -8.34
C ASP B 39 12.03 0.75 -7.46
N SER B 40 12.00 2.06 -7.20
CA SER B 40 12.99 2.82 -6.42
C SER B 40 12.38 3.61 -5.24
N MET B 41 11.09 3.42 -4.92
CA MET B 41 10.39 4.11 -3.82
C MET B 41 11.04 3.89 -2.43
N MET B 42 11.79 2.80 -2.26
CA MET B 42 12.50 2.42 -1.04
C MET B 42 13.86 3.13 -0.86
N ASN B 43 14.43 3.73 -1.91
CA ASN B 43 15.76 4.36 -1.87
C ASN B 43 15.88 5.57 -0.91
N THR B 44 14.78 6.26 -0.61
CA THR B 44 14.75 7.46 0.22
C THR B 44 15.10 7.24 1.70
N VAL B 45 14.94 6.03 2.24
CA VAL B 45 15.22 5.70 3.66
C VAL B 45 16.62 6.09 4.14
ZN ZN C . -8.15 0.60 13.89
ZN ZN D . 6.70 -8.75 0.79
ZN ZN E . 0.45 11.74 3.04
N SER A 1 -20.67 7.75 -12.80
CA SER A 1 -19.35 7.39 -12.25
C SER A 1 -18.64 6.31 -13.10
N PRO A 2 -18.23 6.60 -14.35
CA PRO A 2 -17.62 5.63 -15.27
C PRO A 2 -16.22 5.18 -14.83
N GLN A 3 -15.30 6.12 -14.66
CA GLN A 3 -13.94 5.88 -14.14
C GLN A 3 -13.93 6.02 -12.61
N GLU A 4 -14.75 6.96 -12.14
CA GLU A 4 -14.91 7.40 -10.74
C GLU A 4 -15.24 6.28 -9.75
N SER A 5 -15.99 5.25 -10.12
CA SER A 5 -16.34 4.14 -9.21
C SER A 5 -15.09 3.52 -8.55
N ARG A 6 -14.04 3.28 -9.34
CA ARG A 6 -12.75 2.76 -8.86
C ARG A 6 -11.99 3.82 -8.06
N ARG A 7 -11.89 5.05 -8.58
CA ARG A 7 -11.21 6.20 -7.95
C ARG A 7 -11.71 6.48 -6.53
N LEU A 8 -13.03 6.53 -6.39
CA LEU A 8 -13.73 6.75 -5.13
C LEU A 8 -13.61 5.54 -4.17
N SER A 9 -13.50 4.33 -4.70
CA SER A 9 -13.29 3.12 -3.87
C SER A 9 -11.86 3.03 -3.33
N ILE A 10 -10.86 3.46 -4.11
CA ILE A 10 -9.45 3.55 -3.66
C ILE A 10 -9.34 4.46 -2.43
N GLN A 11 -10.09 5.56 -2.37
CA GLN A 11 -10.12 6.48 -1.22
C GLN A 11 -10.56 5.77 0.09
N ARG A 12 -11.47 4.79 0.04
CA ARG A 12 -11.89 4.01 1.22
C ARG A 12 -10.70 3.27 1.82
N CYS A 13 -9.88 2.66 0.96
CA CYS A 13 -8.66 1.95 1.36
C CYS A 13 -7.60 2.94 1.89
N ILE A 14 -7.45 4.12 1.29
CA ILE A 14 -6.52 5.16 1.77
C ILE A 14 -6.89 5.57 3.21
N GLN A 15 -8.17 5.85 3.48
CA GLN A 15 -8.64 6.16 4.85
C GLN A 15 -8.39 4.99 5.82
N SER A 16 -8.61 3.75 5.38
CA SER A 16 -8.36 2.55 6.18
C SER A 16 -6.87 2.39 6.55
N LEU A 17 -5.95 2.60 5.60
CA LEU A 17 -4.50 2.53 5.85
C LEU A 17 -4.05 3.70 6.74
N VAL A 18 -4.58 4.92 6.51
CA VAL A 18 -4.32 6.10 7.34
C VAL A 18 -4.75 5.84 8.80
N HIS A 19 -5.94 5.25 9.00
CA HIS A 19 -6.41 4.85 10.33
C HIS A 19 -5.43 3.84 10.96
N ALA A 20 -5.11 2.76 10.25
CA ALA A 20 -4.19 1.73 10.72
C ALA A 20 -2.79 2.26 11.10
N CYS A 21 -2.30 3.30 10.41
CA CYS A 21 -1.03 3.95 10.69
C CYS A 21 -1.02 4.77 12.00
N GLN A 22 -2.20 5.02 12.59
CA GLN A 22 -2.39 5.74 13.86
C GLN A 22 -2.90 4.80 14.98
N CYS A 23 -3.67 3.77 14.59
CA CYS A 23 -4.25 2.75 15.44
C CYS A 23 -3.18 1.85 16.11
N ARG A 24 -3.61 1.09 17.11
CA ARG A 24 -2.80 0.18 17.95
C ARG A 24 -3.44 -1.19 18.19
N ASN A 25 -4.72 -1.35 17.91
CA ASN A 25 -5.47 -2.60 18.08
C ASN A 25 -4.96 -3.68 17.11
N ALA A 26 -4.42 -4.79 17.61
CA ALA A 26 -3.98 -5.92 16.78
C ALA A 26 -5.12 -6.54 15.95
N ASN A 27 -6.36 -6.40 16.44
CA ASN A 27 -7.59 -6.92 15.84
C ASN A 27 -8.74 -5.89 16.00
N CYS A 28 -8.53 -4.67 15.50
CA CYS A 28 -9.46 -3.53 15.53
C CYS A 28 -10.89 -3.86 15.06
N SER A 29 -11.88 -3.05 15.46
CA SER A 29 -13.28 -3.23 15.06
C SER A 29 -13.54 -3.05 13.56
N LEU A 30 -12.67 -2.34 12.83
CA LEU A 30 -12.75 -2.18 11.38
C LEU A 30 -12.16 -3.42 10.68
N PRO A 31 -12.87 -4.03 9.71
CA PRO A 31 -12.38 -5.22 9.01
C PRO A 31 -11.12 -4.95 8.18
N SER A 32 -10.96 -3.73 7.65
CA SER A 32 -9.79 -3.31 6.88
C SER A 32 -8.58 -3.02 7.77
N CYS A 33 -8.72 -2.29 8.87
CA CYS A 33 -7.65 -1.96 9.83
C CYS A 33 -6.83 -3.21 10.26
N GLN A 34 -7.54 -4.31 10.59
CA GLN A 34 -6.96 -5.62 10.93
C GLN A 34 -5.96 -6.10 9.87
N LYS A 35 -6.29 -5.92 8.59
CA LYS A 35 -5.52 -6.33 7.42
C LYS A 35 -4.44 -5.31 7.07
N MET A 36 -4.74 -4.01 7.12
CA MET A 36 -3.80 -2.92 6.86
C MET A 36 -2.56 -2.99 7.74
N LYS A 37 -2.71 -3.24 9.05
CA LYS A 37 -1.55 -3.42 9.94
C LYS A 37 -0.71 -4.63 9.49
N ARG A 38 -1.35 -5.78 9.19
CA ARG A 38 -0.65 -6.99 8.71
C ARG A 38 0.13 -6.72 7.41
N VAL A 39 -0.45 -5.95 6.48
CA VAL A 39 0.19 -5.55 5.22
C VAL A 39 1.44 -4.69 5.46
N VAL A 40 1.35 -3.59 6.23
CA VAL A 40 2.52 -2.74 6.48
C VAL A 40 3.62 -3.52 7.23
N GLN A 41 3.25 -4.32 8.25
CA GLN A 41 4.16 -5.16 9.01
C GLN A 41 4.91 -6.18 8.13
N HIS A 42 4.22 -6.80 7.15
CA HIS A 42 4.88 -7.68 6.18
C HIS A 42 5.96 -6.91 5.39
N THR A 43 5.58 -5.81 4.72
CA THR A 43 6.48 -5.00 3.89
C THR A 43 7.65 -4.40 4.66
N LYS A 44 7.44 -4.04 5.93
CA LYS A 44 8.45 -3.55 6.88
C LYS A 44 9.63 -4.51 7.09
N GLY A 45 9.53 -5.77 6.63
CA GLY A 45 10.57 -6.80 6.72
C GLY A 45 10.62 -7.79 5.55
N CYS A 46 10.02 -7.48 4.40
CA CYS A 46 9.97 -8.35 3.22
C CYS A 46 11.37 -8.64 2.64
N LYS A 47 11.45 -9.76 1.91
CA LYS A 47 12.63 -10.30 1.20
C LYS A 47 12.41 -10.37 -0.32
N ARG A 48 11.27 -9.88 -0.82
CA ARG A 48 10.87 -9.87 -2.22
C ARG A 48 10.69 -8.44 -2.74
N LYS A 49 9.87 -7.64 -2.04
CA LYS A 49 9.47 -6.23 -2.28
C LYS A 49 9.23 -5.77 -3.74
N THR A 50 8.98 -4.48 -3.96
CA THR A 50 8.77 -3.90 -5.31
C THR A 50 9.97 -4.08 -6.22
N ASN A 51 11.18 -4.08 -5.66
CA ASN A 51 12.45 -4.24 -6.37
C ASN A 51 12.65 -5.65 -6.98
N GLY A 52 11.98 -6.68 -6.44
CA GLY A 52 12.07 -8.07 -6.90
C GLY A 52 10.78 -8.62 -7.53
N GLY A 53 9.60 -8.27 -7.00
CA GLY A 53 8.30 -8.68 -7.55
C GLY A 53 7.21 -9.09 -6.55
N CYS A 54 7.33 -8.76 -5.26
CA CYS A 54 6.33 -9.12 -4.24
C CYS A 54 4.92 -8.59 -4.57
N PRO A 55 3.87 -9.44 -4.52
CA PRO A 55 2.51 -8.98 -4.81
C PRO A 55 1.96 -8.13 -3.66
N VAL A 56 2.35 -8.37 -2.40
CA VAL A 56 1.86 -7.61 -1.25
C VAL A 56 2.47 -6.21 -1.21
N CYS A 57 3.80 -6.11 -1.24
CA CYS A 57 4.49 -4.83 -1.21
C CYS A 57 4.03 -3.90 -2.34
N LYS A 58 4.03 -4.38 -3.59
CA LYS A 58 3.57 -3.56 -4.71
C LYS A 58 2.13 -3.06 -4.52
N GLN A 59 1.27 -3.81 -3.80
CA GLN A 59 -0.12 -3.44 -3.55
C GLN A 59 -0.25 -2.19 -2.67
N LEU A 60 0.31 -2.17 -1.44
CA LEU A 60 0.25 -0.95 -0.62
C LEU A 60 1.08 0.17 -1.25
N ILE A 61 2.18 -0.12 -1.93
CA ILE A 61 3.01 0.91 -2.57
C ILE A 61 2.21 1.65 -3.64
N ALA A 62 1.38 0.97 -4.44
CA ALA A 62 0.50 1.64 -5.40
C ALA A 62 -0.46 2.57 -4.64
N LEU A 63 -1.11 2.01 -3.61
CA LEU A 63 -2.06 2.68 -2.72
C LEU A 63 -1.46 3.96 -2.08
N CYS A 64 -0.24 3.85 -1.56
CA CYS A 64 0.52 4.96 -0.99
C CYS A 64 0.97 5.96 -2.06
N CYS A 65 1.36 5.54 -3.27
CA CYS A 65 1.71 6.45 -4.38
C CYS A 65 0.50 7.30 -4.78
N TYR A 66 -0.69 6.70 -4.86
CA TYR A 66 -1.94 7.40 -5.17
C TYR A 66 -2.21 8.53 -4.17
N HIS A 67 -2.02 8.25 -2.87
CA HIS A 67 -2.16 9.24 -1.80
C HIS A 67 -1.02 10.28 -1.83
N ALA A 68 0.25 9.85 -1.81
CA ALA A 68 1.43 10.71 -1.81
C ALA A 68 1.52 11.66 -3.02
N LYS A 69 0.93 11.33 -4.17
CA LYS A 69 0.85 12.22 -5.35
C LYS A 69 0.09 13.51 -5.05
N HIS A 70 -1.00 13.42 -4.27
CA HIS A 70 -1.80 14.57 -3.85
C HIS A 70 -1.33 15.18 -2.53
N CYS A 71 -0.81 14.36 -1.61
CA CYS A 71 -0.33 14.80 -0.30
C CYS A 71 0.86 15.76 -0.40
N GLN A 72 0.88 16.75 0.50
CA GLN A 72 1.90 17.80 0.58
C GLN A 72 2.39 18.04 2.03
N GLU A 73 1.87 17.29 3.01
CA GLU A 73 2.25 17.38 4.43
C GLU A 73 3.55 16.61 4.72
N ASN A 74 4.26 17.00 5.78
CA ASN A 74 5.54 16.40 6.20
C ASN A 74 5.48 15.68 7.57
N LYS A 75 4.29 15.66 8.18
CA LYS A 75 3.92 15.02 9.46
C LYS A 75 2.79 13.98 9.30
N CYS A 76 2.51 13.57 8.06
CA CYS A 76 1.50 12.58 7.67
C CYS A 76 1.75 11.24 8.39
N PRO A 77 0.71 10.53 8.91
CA PRO A 77 0.90 9.30 9.70
C PRO A 77 1.41 8.08 8.91
N VAL A 78 1.11 7.97 7.61
CA VAL A 78 1.56 6.84 6.76
C VAL A 78 3.08 6.93 6.57
N PRO A 79 3.88 5.89 6.93
CA PRO A 79 5.34 5.97 6.84
C PRO A 79 5.86 6.10 5.41
N PHE A 80 5.22 5.44 4.45
CA PHE A 80 5.61 5.49 3.03
C PHE A 80 5.22 6.76 2.29
N CYS A 81 4.17 7.48 2.72
CA CYS A 81 3.70 8.69 2.04
C CYS A 81 4.81 9.75 1.93
N LEU A 82 5.43 10.02 3.08
CA LEU A 82 6.56 10.94 3.29
C LEU A 82 7.74 10.60 2.37
N ASN A 83 8.13 9.32 2.37
CA ASN A 83 9.21 8.77 1.58
C ASN A 83 8.93 8.83 0.06
N ILE A 84 7.71 8.47 -0.38
CA ILE A 84 7.31 8.49 -1.79
C ILE A 84 7.22 9.92 -2.32
N LYS A 85 6.51 10.86 -1.66
CA LYS A 85 6.38 12.25 -2.16
C LYS A 85 7.72 12.95 -2.38
N HIS A 86 8.72 12.69 -1.53
CA HIS A 86 10.08 13.23 -1.67
C HIS A 86 10.82 12.73 -2.94
N LYS A 87 10.45 11.57 -3.48
CA LYS A 87 10.96 11.05 -4.76
C LYS A 87 10.08 11.53 -5.92
N LEU A 88 8.76 11.50 -5.75
CA LEU A 88 7.76 11.90 -6.76
C LEU A 88 7.77 13.41 -7.09
N ARG A 89 8.20 14.28 -6.16
CA ARG A 89 8.35 15.74 -6.34
C ARG A 89 9.21 16.13 -7.56
N GLN A 90 10.08 15.21 -7.99
CA GLN A 90 10.95 15.34 -9.16
C GLN A 90 10.18 15.36 -10.51
N GLN A 91 8.94 14.84 -10.55
CA GLN A 91 8.10 14.85 -11.75
C GLN A 91 7.63 16.29 -12.07
N GLN A 92 7.72 16.68 -13.36
CA GLN A 92 7.34 18.00 -13.88
C GLN A 92 6.70 17.88 -15.28
N GLY B 1 -5.86 -22.07 15.95
CA GLY B 1 -4.51 -21.62 15.61
C GLY B 1 -3.41 -22.09 16.57
N SER B 2 -3.74 -22.98 17.52
CA SER B 2 -2.82 -23.54 18.53
C SER B 2 -1.95 -22.48 19.24
N HIS B 3 -2.56 -21.34 19.59
CA HIS B 3 -1.89 -20.19 20.20
C HIS B 3 -1.20 -20.52 21.54
N MET B 4 -1.72 -21.50 22.29
CA MET B 4 -1.13 -21.97 23.55
C MET B 4 0.22 -22.68 23.36
N SER B 5 0.45 -23.26 22.17
CA SER B 5 1.69 -23.96 21.79
C SER B 5 2.83 -23.00 21.42
N GLU B 6 3.14 -22.05 22.30
CA GLU B 6 4.21 -21.06 22.14
C GLU B 6 5.63 -21.63 22.10
N VAL B 7 5.73 -22.92 22.42
CA VAL B 7 6.92 -23.78 22.38
C VAL B 7 7.28 -24.19 20.93
N HIS B 8 6.44 -23.83 19.96
CA HIS B 8 6.59 -24.11 18.53
C HIS B 8 6.47 -22.78 17.74
N PRO B 9 7.52 -21.94 17.74
CA PRO B 9 7.54 -20.63 17.05
C PRO B 9 7.66 -20.76 15.52
N SER B 10 7.90 -19.64 14.82
CA SER B 10 8.07 -19.55 13.36
C SER B 10 6.83 -20.01 12.56
N ARG B 11 5.66 -19.48 12.94
CA ARG B 11 4.32 -19.70 12.32
C ARG B 11 4.19 -19.00 10.95
N LEU B 12 5.13 -19.28 10.03
CA LEU B 12 5.26 -18.67 8.71
C LEU B 12 4.33 -19.29 7.64
N GLN B 13 4.18 -18.57 6.52
CA GLN B 13 3.34 -18.88 5.36
C GLN B 13 3.83 -18.13 4.10
N THR B 14 3.16 -18.32 2.95
CA THR B 14 3.49 -17.68 1.66
C THR B 14 3.30 -16.17 1.63
N THR B 15 2.45 -15.62 2.50
CA THR B 15 2.14 -14.18 2.67
C THR B 15 1.92 -13.47 1.33
N ASP B 16 0.84 -13.83 0.64
CA ASP B 16 0.46 -13.31 -0.70
C ASP B 16 -1.05 -13.03 -0.85
N ASN B 17 -1.80 -12.99 0.26
CA ASN B 17 -3.25 -12.71 0.27
C ASN B 17 -3.65 -11.55 1.20
N LEU B 18 -2.68 -10.88 1.83
CA LEU B 18 -2.89 -9.66 2.62
C LEU B 18 -3.35 -8.48 1.73
N LEU B 19 -3.29 -8.63 0.40
CA LEU B 19 -3.62 -7.66 -0.65
C LEU B 19 -4.84 -6.76 -0.31
N PRO B 20 -4.63 -5.47 0.09
CA PRO B 20 -5.70 -4.56 0.52
C PRO B 20 -6.48 -3.87 -0.62
N MET B 21 -6.16 -4.14 -1.89
CA MET B 21 -6.78 -3.52 -3.07
C MET B 21 -6.95 -4.52 -4.21
N SER B 22 -8.02 -4.37 -4.99
CA SER B 22 -8.40 -5.26 -6.10
C SER B 22 -7.63 -5.00 -7.39
N PRO B 23 -7.50 -5.96 -8.34
CA PRO B 23 -6.80 -5.76 -9.61
C PRO B 23 -7.31 -4.54 -10.42
N GLU B 24 -8.63 -4.31 -10.47
CA GLU B 24 -9.24 -3.18 -11.19
C GLU B 24 -8.90 -1.83 -10.54
N GLU B 25 -8.88 -1.78 -9.21
CA GLU B 25 -8.50 -0.59 -8.44
C GLU B 25 -7.00 -0.32 -8.63
N PHE B 26 -6.17 -1.36 -8.49
CA PHE B 26 -4.73 -1.31 -8.73
C PHE B 26 -4.40 -0.82 -10.16
N ASP B 27 -5.19 -1.19 -11.17
CA ASP B 27 -5.02 -0.71 -12.54
C ASP B 27 -5.31 0.79 -12.67
N GLU B 28 -6.39 1.30 -12.05
CA GLU B 28 -6.70 2.74 -12.01
C GLU B 28 -5.65 3.52 -11.21
N VAL B 29 -5.04 2.92 -10.18
CA VAL B 29 -3.92 3.53 -9.47
C VAL B 29 -2.71 3.60 -10.41
N SER B 30 -2.33 2.48 -11.03
CA SER B 30 -1.21 2.39 -11.97
C SER B 30 -1.33 3.36 -13.15
N ARG B 31 -2.56 3.58 -13.66
CA ARG B 31 -2.89 4.52 -14.74
C ARG B 31 -2.40 5.94 -14.43
N ILE B 32 -2.52 6.37 -13.18
CA ILE B 32 -2.08 7.70 -12.70
C ILE B 32 -0.61 7.69 -12.22
N VAL B 33 -0.23 6.70 -11.39
CA VAL B 33 1.13 6.58 -10.81
C VAL B 33 2.21 6.37 -11.87
N GLY B 34 1.87 5.67 -12.96
CA GLY B 34 2.74 5.39 -14.11
C GLY B 34 4.10 4.76 -13.79
N SER B 35 4.19 4.00 -12.67
CA SER B 35 5.41 3.34 -12.18
C SER B 35 6.64 4.26 -12.00
N VAL B 36 6.41 5.57 -11.80
CA VAL B 36 7.37 6.68 -11.64
C VAL B 36 8.80 6.32 -11.17
N GLU B 37 8.95 5.77 -9.97
CA GLU B 37 10.20 5.32 -9.33
C GLU B 37 9.94 4.05 -8.50
N PHE B 38 8.80 3.42 -8.76
CA PHE B 38 8.16 2.32 -8.03
C PHE B 38 9.05 1.19 -7.51
N ASP B 39 9.94 0.64 -8.35
CA ASP B 39 10.90 -0.42 -7.98
C ASP B 39 12.04 0.08 -7.05
N SER B 40 12.02 1.36 -6.69
CA SER B 40 12.96 2.07 -5.82
C SER B 40 12.25 2.80 -4.66
N MET B 41 10.94 2.61 -4.45
CA MET B 41 10.21 3.20 -3.30
C MET B 41 10.80 2.72 -1.96
N MET B 42 11.32 1.49 -1.91
CA MET B 42 11.94 0.88 -0.71
C MET B 42 13.39 1.34 -0.45
N ASN B 43 14.00 2.08 -1.38
CA ASN B 43 15.39 2.54 -1.32
C ASN B 43 15.62 3.62 -0.24
N THR B 44 16.89 3.83 0.14
CA THR B 44 17.31 4.84 1.14
C THR B 44 18.77 5.29 0.97
N VAL B 45 19.66 4.44 0.44
CA VAL B 45 21.09 4.74 0.19
C VAL B 45 21.68 3.90 -0.95
ZN ZN C . -7.92 0.50 14.02
ZN ZN D . 6.62 -8.14 0.36
ZN ZN E . 0.07 11.89 3.08
N SER A 1 -21.28 7.83 -12.47
CA SER A 1 -19.98 7.49 -11.91
C SER A 1 -19.35 6.23 -12.53
N PRO A 2 -19.01 6.23 -13.85
CA PRO A 2 -18.48 5.07 -14.56
C PRO A 2 -17.05 4.71 -14.12
N GLN A 3 -16.04 5.47 -14.58
CA GLN A 3 -14.63 5.29 -14.19
C GLN A 3 -14.44 5.69 -12.71
N GLU A 4 -15.25 6.65 -12.27
CA GLU A 4 -15.30 7.18 -10.90
C GLU A 4 -15.52 6.09 -9.85
N SER A 5 -16.26 5.01 -10.17
CA SER A 5 -16.46 3.90 -9.23
C SER A 5 -15.13 3.33 -8.73
N ARG A 6 -14.15 3.11 -9.63
CA ARG A 6 -12.80 2.64 -9.26
C ARG A 6 -12.04 3.69 -8.43
N ARG A 7 -12.05 4.95 -8.89
CA ARG A 7 -11.39 6.11 -8.26
C ARG A 7 -11.83 6.34 -6.82
N LEU A 8 -13.14 6.37 -6.60
CA LEU A 8 -13.78 6.57 -5.31
C LEU A 8 -13.62 5.36 -4.39
N SER A 9 -13.58 4.14 -4.93
CA SER A 9 -13.34 2.93 -4.12
C SER A 9 -11.96 2.99 -3.44
N ILE A 10 -10.91 3.36 -4.16
CA ILE A 10 -9.53 3.47 -3.65
C ILE A 10 -9.44 4.34 -2.38
N GLN A 11 -10.21 5.42 -2.30
CA GLN A 11 -10.24 6.31 -1.14
C GLN A 11 -10.56 5.59 0.19
N ARG A 12 -11.41 4.54 0.19
CA ARG A 12 -11.75 3.76 1.40
C ARG A 12 -10.50 3.09 2.00
N CYS A 13 -9.63 2.57 1.13
CA CYS A 13 -8.39 1.91 1.53
C CYS A 13 -7.36 2.93 2.01
N ILE A 14 -7.30 4.13 1.41
CA ILE A 14 -6.41 5.20 1.86
C ILE A 14 -6.77 5.60 3.29
N GLN A 15 -8.06 5.86 3.57
CA GLN A 15 -8.52 6.16 4.93
C GLN A 15 -8.24 5.01 5.92
N SER A 16 -8.46 3.76 5.49
CA SER A 16 -8.20 2.56 6.30
C SER A 16 -6.72 2.40 6.66
N LEU A 17 -5.81 2.60 5.70
CA LEU A 17 -4.36 2.52 5.94
C LEU A 17 -3.89 3.66 6.84
N VAL A 18 -4.39 4.89 6.62
CA VAL A 18 -4.11 6.07 7.47
C VAL A 18 -4.56 5.79 8.91
N HIS A 19 -5.75 5.22 9.11
CA HIS A 19 -6.26 4.82 10.42
C HIS A 19 -5.31 3.79 11.05
N ALA A 20 -5.01 2.69 10.35
CA ALA A 20 -4.12 1.64 10.82
C ALA A 20 -2.70 2.14 11.19
N CYS A 21 -2.18 3.16 10.49
CA CYS A 21 -0.89 3.78 10.78
C CYS A 21 -0.87 4.57 12.12
N GLN A 22 -2.04 4.83 12.72
CA GLN A 22 -2.22 5.55 13.98
C GLN A 22 -2.87 4.67 15.08
N CYS A 23 -3.59 3.61 14.69
CA CYS A 23 -4.27 2.68 15.59
C CYS A 23 -3.31 1.77 16.39
N ARG A 24 -3.83 1.19 17.47
CA ARG A 24 -3.10 0.31 18.42
C ARG A 24 -3.80 -1.03 18.68
N ASN A 25 -5.08 -1.17 18.35
CA ASN A 25 -5.85 -2.40 18.55
C ASN A 25 -5.27 -3.56 17.71
N ALA A 26 -5.02 -4.72 18.33
CA ALA A 26 -4.50 -5.91 17.63
C ALA A 26 -5.39 -6.35 16.46
N ASN A 27 -6.71 -6.29 16.68
CA ASN A 27 -7.77 -6.61 15.74
C ASN A 27 -8.96 -5.66 15.98
N CYS A 28 -8.77 -4.41 15.55
CA CYS A 28 -9.68 -3.27 15.65
C CYS A 28 -11.13 -3.56 15.17
N SER A 29 -12.08 -2.69 15.51
CA SER A 29 -13.49 -2.81 15.11
C SER A 29 -13.72 -2.70 13.60
N LEU A 30 -12.82 -2.04 12.86
CA LEU A 30 -12.89 -1.92 11.40
C LEU A 30 -12.34 -3.21 10.73
N PRO A 31 -13.05 -3.79 9.74
CA PRO A 31 -12.61 -5.00 9.04
C PRO A 31 -11.33 -4.78 8.23
N SER A 32 -11.10 -3.55 7.74
CA SER A 32 -9.90 -3.17 6.99
C SER A 32 -8.68 -2.96 7.88
N CYS A 33 -8.81 -2.24 9.00
CA CYS A 33 -7.75 -2.01 10.00
C CYS A 33 -7.05 -3.33 10.43
N GLN A 34 -7.86 -4.37 10.70
CA GLN A 34 -7.40 -5.73 11.03
C GLN A 34 -6.44 -6.32 9.98
N LYS A 35 -6.66 -5.99 8.70
CA LYS A 35 -5.88 -6.43 7.53
C LYS A 35 -4.72 -5.49 7.22
N MET A 36 -4.94 -4.18 7.26
CA MET A 36 -3.93 -3.14 7.01
C MET A 36 -2.72 -3.28 7.94
N LYS A 37 -2.94 -3.62 9.21
CA LYS A 37 -1.84 -3.88 10.17
C LYS A 37 -1.01 -5.10 9.73
N ARG A 38 -1.65 -6.20 9.31
CA ARG A 38 -0.96 -7.41 8.81
C ARG A 38 -0.17 -7.10 7.54
N VAL A 39 -0.73 -6.29 6.64
CA VAL A 39 -0.10 -5.83 5.39
C VAL A 39 1.15 -4.99 5.66
N VAL A 40 1.07 -3.93 6.47
CA VAL A 40 2.26 -3.11 6.77
C VAL A 40 3.31 -3.94 7.53
N GLN A 41 2.90 -4.76 8.51
CA GLN A 41 3.78 -5.69 9.24
C GLN A 41 4.57 -6.62 8.31
N HIS A 42 3.90 -7.20 7.29
CA HIS A 42 4.58 -8.04 6.31
C HIS A 42 5.65 -7.24 5.56
N THR A 43 5.27 -6.10 4.97
CA THR A 43 6.18 -5.26 4.17
C THR A 43 7.35 -4.72 4.98
N LYS A 44 7.13 -4.37 6.26
CA LYS A 44 8.14 -3.91 7.21
C LYS A 44 9.30 -4.90 7.47
N GLY A 45 9.17 -6.15 7.01
CA GLY A 45 10.20 -7.20 7.15
C GLY A 45 10.51 -7.99 5.86
N CYS A 46 9.72 -7.84 4.79
CA CYS A 46 9.92 -8.57 3.54
C CYS A 46 11.17 -8.10 2.78
N LYS A 47 11.89 -9.07 2.18
CA LYS A 47 13.13 -8.88 1.41
C LYS A 47 12.95 -9.22 -0.08
N ARG A 48 11.71 -9.39 -0.55
CA ARG A 48 11.35 -9.76 -1.95
C ARG A 48 10.56 -8.69 -2.69
N LYS A 49 10.29 -7.55 -2.04
CA LYS A 49 9.58 -6.36 -2.54
C LYS A 49 9.95 -5.89 -3.94
N THR A 50 8.96 -5.35 -4.64
CA THR A 50 8.93 -4.78 -6.02
C THR A 50 9.94 -5.36 -7.01
N ASN A 51 11.20 -4.93 -6.96
CA ASN A 51 12.29 -5.41 -7.81
C ASN A 51 12.54 -6.93 -7.71
N GLY A 52 12.26 -7.55 -6.55
CA GLY A 52 12.40 -8.99 -6.32
C GLY A 52 11.24 -9.80 -6.91
N GLY A 53 9.99 -9.41 -6.63
CA GLY A 53 8.78 -10.06 -7.15
C GLY A 53 7.56 -10.13 -6.22
N CYS A 54 7.70 -9.83 -4.92
CA CYS A 54 6.61 -9.87 -3.93
C CYS A 54 5.38 -9.02 -4.36
N PRO A 55 4.18 -9.62 -4.47
CA PRO A 55 2.98 -8.92 -4.87
C PRO A 55 2.34 -8.11 -3.72
N VAL A 56 2.67 -8.38 -2.44
CA VAL A 56 2.07 -7.65 -1.32
C VAL A 56 2.69 -6.26 -1.22
N CYS A 57 4.00 -6.16 -1.03
CA CYS A 57 4.73 -4.90 -0.91
C CYS A 57 4.36 -3.89 -2.01
N LYS A 58 4.47 -4.30 -3.28
CA LYS A 58 4.12 -3.54 -4.46
C LYS A 58 2.68 -2.99 -4.44
N GLN A 59 1.75 -3.70 -3.80
CA GLN A 59 0.35 -3.28 -3.62
C GLN A 59 0.24 -2.03 -2.72
N LEU A 60 1.01 -1.98 -1.62
CA LEU A 60 1.03 -0.80 -0.74
C LEU A 60 1.59 0.41 -1.49
N ILE A 61 2.72 0.21 -2.21
CA ILE A 61 3.36 1.31 -2.93
C ILE A 61 2.38 2.02 -3.86
N ALA A 62 1.57 1.30 -4.65
CA ALA A 62 0.58 1.92 -5.54
C ALA A 62 -0.41 2.78 -4.75
N LEU A 63 -1.03 2.16 -3.73
CA LEU A 63 -2.01 2.78 -2.84
C LEU A 63 -1.44 4.07 -2.18
N CYS A 64 -0.18 4.00 -1.75
CA CYS A 64 0.55 5.14 -1.17
C CYS A 64 0.90 6.19 -2.22
N CYS A 65 1.33 5.83 -3.44
CA CYS A 65 1.62 6.76 -4.53
C CYS A 65 0.38 7.61 -4.88
N TYR A 66 -0.78 6.96 -4.98
CA TYR A 66 -2.07 7.61 -5.27
C TYR A 66 -2.39 8.73 -4.27
N HIS A 67 -2.14 8.47 -2.98
CA HIS A 67 -2.33 9.45 -1.90
C HIS A 67 -1.21 10.49 -1.88
N ALA A 68 0.06 10.07 -1.84
CA ALA A 68 1.26 10.90 -1.80
C ALA A 68 1.36 11.94 -2.93
N LYS A 69 0.85 11.64 -4.13
CA LYS A 69 0.81 12.58 -5.27
C LYS A 69 0.03 13.86 -4.90
N HIS A 70 -1.05 13.74 -4.15
CA HIS A 70 -1.88 14.85 -3.67
C HIS A 70 -1.44 15.41 -2.30
N CYS A 71 -0.78 14.61 -1.46
CA CYS A 71 -0.33 15.00 -0.11
C CYS A 71 0.69 16.16 -0.13
N GLN A 72 0.78 16.89 0.99
CA GLN A 72 1.64 18.08 1.15
C GLN A 72 2.36 18.19 2.51
N GLU A 73 2.25 17.21 3.42
CA GLU A 73 2.88 17.25 4.75
C GLU A 73 3.99 16.19 4.94
N ASN A 74 5.12 16.59 5.53
CA ASN A 74 6.26 15.71 5.82
C ASN A 74 6.07 14.96 7.16
N LYS A 75 4.87 15.10 7.74
CA LYS A 75 4.42 14.60 9.05
C LYS A 75 3.27 13.57 8.93
N CYS A 76 2.88 13.20 7.71
CA CYS A 76 1.83 12.24 7.41
C CYS A 76 2.10 10.88 8.14
N PRO A 77 1.11 10.20 8.74
CA PRO A 77 1.33 8.97 9.52
C PRO A 77 1.75 7.74 8.69
N VAL A 78 1.42 7.67 7.40
CA VAL A 78 1.78 6.55 6.51
C VAL A 78 3.30 6.57 6.23
N PRO A 79 4.05 5.47 6.43
CA PRO A 79 5.51 5.47 6.24
C PRO A 79 5.96 5.70 4.79
N PHE A 80 5.22 5.16 3.82
CA PHE A 80 5.56 5.32 2.39
C PHE A 80 5.17 6.67 1.80
N CYS A 81 4.12 7.34 2.31
CA CYS A 81 3.67 8.63 1.80
C CYS A 81 4.83 9.65 1.75
N LEU A 82 5.59 9.75 2.85
CA LEU A 82 6.79 10.60 2.96
C LEU A 82 7.84 10.20 1.93
N ASN A 83 8.30 8.94 1.97
CA ASN A 83 9.30 8.41 1.05
C ASN A 83 8.95 8.64 -0.43
N ILE A 84 7.68 8.48 -0.80
CA ILE A 84 7.19 8.71 -2.16
C ILE A 84 7.11 10.20 -2.48
N LYS A 85 6.35 11.02 -1.73
CA LYS A 85 6.22 12.46 -2.03
C LYS A 85 7.56 13.19 -2.05
N HIS A 86 8.50 12.84 -1.16
CA HIS A 86 9.84 13.41 -1.14
C HIS A 86 10.57 13.21 -2.48
N LYS A 87 10.40 12.03 -3.11
CA LYS A 87 10.95 11.73 -4.44
C LYS A 87 10.16 12.41 -5.56
N LEU A 88 8.82 12.31 -5.52
CA LEU A 88 7.96 12.85 -6.58
C LEU A 88 8.11 14.38 -6.73
N ARG A 89 8.14 15.13 -5.62
CA ARG A 89 8.30 16.59 -5.60
C ARG A 89 9.62 17.05 -6.25
N GLN A 90 10.70 16.30 -6.06
CA GLN A 90 12.01 16.59 -6.66
C GLN A 90 12.06 16.35 -8.18
N GLN A 91 11.22 15.45 -8.71
CA GLN A 91 11.14 15.15 -10.15
C GLN A 91 10.37 16.21 -10.95
N GLN A 92 9.48 16.97 -10.32
CA GLN A 92 8.69 18.04 -10.96
C GLN A 92 9.58 19.19 -11.46
N GLY B 1 17.89 -31.76 -15.76
CA GLY B 1 18.61 -32.90 -16.34
C GLY B 1 17.75 -34.14 -16.66
N SER B 2 16.57 -34.27 -16.04
CA SER B 2 15.63 -35.39 -16.23
C SER B 2 14.15 -34.97 -16.30
N HIS B 3 13.80 -33.75 -15.89
CA HIS B 3 12.42 -33.21 -15.87
C HIS B 3 12.35 -31.76 -16.41
N MET B 4 11.17 -31.35 -16.87
CA MET B 4 10.91 -30.02 -17.44
C MET B 4 10.62 -28.90 -16.42
N SER B 5 10.54 -29.21 -15.11
CA SER B 5 10.20 -28.24 -14.05
C SER B 5 11.02 -28.39 -12.75
N GLU B 6 12.12 -29.15 -12.76
CA GLU B 6 13.00 -29.36 -11.58
C GLU B 6 13.88 -28.16 -11.19
N VAL B 7 13.69 -27.02 -11.86
CA VAL B 7 14.42 -25.75 -11.65
C VAL B 7 14.24 -25.11 -10.27
N HIS B 8 13.22 -25.55 -9.52
CA HIS B 8 12.90 -25.08 -8.17
C HIS B 8 12.02 -26.10 -7.39
N PRO B 9 12.25 -26.32 -6.08
CA PRO B 9 11.46 -27.24 -5.25
C PRO B 9 9.98 -26.86 -5.07
N SER B 10 9.28 -27.71 -4.30
CA SER B 10 7.88 -27.48 -3.89
C SER B 10 7.81 -26.46 -2.73
N ARG B 11 6.78 -25.61 -2.72
CA ARG B 11 6.53 -24.56 -1.70
C ARG B 11 5.07 -24.08 -1.69
N LEU B 12 4.64 -23.48 -0.57
CA LEU B 12 3.30 -22.93 -0.34
C LEU B 12 3.39 -21.65 0.53
N GLN B 13 2.44 -20.73 0.35
CA GLN B 13 2.33 -19.46 1.07
C GLN B 13 0.86 -19.09 1.38
N THR B 14 0.67 -18.09 2.25
CA THR B 14 -0.65 -17.55 2.66
C THR B 14 -0.68 -16.02 2.74
N THR B 15 0.48 -15.36 2.87
CA THR B 15 0.63 -13.89 2.94
C THR B 15 0.30 -13.17 1.63
N ASP B 16 0.31 -13.91 0.52
CA ASP B 16 -0.03 -13.46 -0.84
C ASP B 16 -1.51 -13.05 -1.02
N ASN B 17 -2.32 -13.12 0.04
CA ASN B 17 -3.74 -12.74 0.05
C ASN B 17 -4.03 -11.54 0.99
N LEU B 18 -3.01 -11.01 1.68
CA LEU B 18 -3.12 -9.79 2.50
C LEU B 18 -3.48 -8.55 1.67
N LEU B 19 -3.34 -8.60 0.33
CA LEU B 19 -3.58 -7.54 -0.65
C LEU B 19 -4.74 -6.57 -0.29
N PRO B 20 -4.46 -5.31 0.10
CA PRO B 20 -5.47 -4.33 0.52
C PRO B 20 -6.27 -3.67 -0.63
N MET B 21 -5.97 -3.99 -1.89
CA MET B 21 -6.59 -3.40 -3.08
C MET B 21 -6.70 -4.43 -4.21
N SER B 22 -7.78 -4.35 -4.98
CA SER B 22 -8.10 -5.28 -6.09
C SER B 22 -7.39 -4.94 -7.41
N PRO B 23 -7.32 -5.87 -8.40
CA PRO B 23 -6.73 -5.61 -9.71
C PRO B 23 -7.37 -4.41 -10.46
N GLU B 24 -8.68 -4.23 -10.35
CA GLU B 24 -9.41 -3.10 -10.98
C GLU B 24 -9.02 -1.76 -10.37
N GLU B 25 -8.92 -1.70 -9.04
CA GLU B 25 -8.50 -0.50 -8.33
C GLU B 25 -7.02 -0.22 -8.61
N PHE B 26 -6.17 -1.24 -8.52
CA PHE B 26 -4.73 -1.16 -8.83
C PHE B 26 -4.49 -0.66 -10.26
N ASP B 27 -5.30 -1.07 -11.25
CA ASP B 27 -5.21 -0.60 -12.64
C ASP B 27 -5.45 0.93 -12.73
N GLU B 28 -6.49 1.45 -12.07
CA GLU B 28 -6.78 2.89 -12.02
C GLU B 28 -5.70 3.66 -11.23
N VAL B 29 -5.05 3.04 -10.24
CA VAL B 29 -3.92 3.66 -9.55
C VAL B 29 -2.72 3.73 -10.51
N SER B 30 -2.34 2.61 -11.11
CA SER B 30 -1.24 2.49 -12.08
C SER B 30 -1.39 3.47 -13.25
N ARG B 31 -2.62 3.67 -13.75
CA ARG B 31 -2.98 4.62 -14.81
C ARG B 31 -2.52 6.05 -14.52
N ILE B 32 -2.62 6.49 -13.26
CA ILE B 32 -2.20 7.83 -12.82
C ILE B 32 -0.73 7.86 -12.37
N VAL B 33 -0.30 6.88 -11.56
CA VAL B 33 1.06 6.79 -11.01
C VAL B 33 2.12 6.56 -12.10
N GLY B 34 1.75 5.87 -13.18
CA GLY B 34 2.60 5.56 -14.35
C GLY B 34 3.94 4.91 -14.01
N SER B 35 4.03 4.20 -12.87
CA SER B 35 5.24 3.56 -12.33
C SER B 35 6.45 4.50 -12.19
N VAL B 36 6.22 5.82 -12.04
CA VAL B 36 7.16 6.96 -11.93
C VAL B 36 8.64 6.59 -11.70
N GLU B 37 8.98 6.09 -10.52
CA GLU B 37 10.30 5.57 -10.06
C GLU B 37 10.04 4.41 -9.07
N PHE B 38 8.88 3.77 -9.23
CA PHE B 38 8.23 2.78 -8.39
C PHE B 38 9.09 1.70 -7.71
N ASP B 39 10.08 1.13 -8.40
CA ASP B 39 10.97 0.12 -7.82
C ASP B 39 11.99 0.68 -6.79
N SER B 40 12.06 2.01 -6.65
CA SER B 40 12.94 2.77 -5.73
C SER B 40 12.16 3.59 -4.69
N MET B 41 10.84 3.42 -4.54
CA MET B 41 10.03 4.11 -3.52
C MET B 41 10.46 3.73 -2.08
N MET B 42 11.21 2.64 -1.92
CA MET B 42 11.77 2.13 -0.66
C MET B 42 12.85 3.06 -0.07
N ASN B 43 13.28 4.06 -0.84
CA ASN B 43 14.31 5.05 -0.52
C ASN B 43 13.85 6.45 -0.98
N THR B 44 14.31 7.53 -0.35
CA THR B 44 13.97 8.90 -0.78
C THR B 44 14.64 9.22 -2.12
N VAL B 45 15.89 8.80 -2.30
CA VAL B 45 16.70 8.99 -3.51
C VAL B 45 17.01 7.66 -4.21
ZN ZN C . -8.02 0.58 14.14
ZN ZN D . 6.63 -8.48 0.66
ZN ZN E . 0.04 11.79 3.02
N SER A 1 -21.66 7.78 -11.04
CA SER A 1 -20.28 7.44 -10.71
C SER A 1 -19.77 6.18 -11.45
N PRO A 2 -19.69 6.18 -12.80
CA PRO A 2 -19.28 5.03 -13.59
C PRO A 2 -17.80 4.67 -13.43
N GLN A 3 -16.90 5.46 -14.04
CA GLN A 3 -15.44 5.29 -13.92
C GLN A 3 -14.97 5.73 -12.52
N GLU A 4 -15.71 6.65 -11.89
CA GLU A 4 -15.45 7.16 -10.53
C GLU A 4 -15.53 6.06 -9.46
N SER A 5 -16.29 4.99 -9.67
CA SER A 5 -16.45 3.87 -8.71
C SER A 5 -15.11 3.35 -8.17
N ARG A 6 -14.13 3.11 -9.07
CA ARG A 6 -12.78 2.66 -8.69
C ARG A 6 -12.05 3.72 -7.84
N ARG A 7 -11.99 4.96 -8.34
CA ARG A 7 -11.33 6.13 -7.71
C ARG A 7 -11.84 6.38 -6.29
N LEU A 8 -13.16 6.44 -6.14
CA LEU A 8 -13.84 6.67 -4.86
C LEU A 8 -13.63 5.49 -3.90
N SER A 9 -13.56 4.25 -4.40
CA SER A 9 -13.26 3.07 -3.56
C SER A 9 -11.81 3.08 -3.06
N ILE A 10 -10.84 3.50 -3.90
CA ILE A 10 -9.43 3.63 -3.51
C ILE A 10 -9.27 4.61 -2.33
N GLN A 11 -10.03 5.72 -2.32
CA GLN A 11 -10.03 6.66 -1.18
C GLN A 11 -10.44 6.00 0.14
N ARG A 12 -11.39 5.04 0.14
CA ARG A 12 -11.77 4.27 1.34
C ARG A 12 -10.59 3.44 1.85
N CYS A 13 -9.83 2.82 0.95
CA CYS A 13 -8.62 2.07 1.28
C CYS A 13 -7.52 2.99 1.83
N ILE A 14 -7.34 4.19 1.27
CA ILE A 14 -6.39 5.19 1.77
C ILE A 14 -6.74 5.58 3.20
N GLN A 15 -8.02 5.91 3.48
CA GLN A 15 -8.49 6.21 4.84
C GLN A 15 -8.27 5.03 5.80
N SER A 16 -8.51 3.79 5.34
CA SER A 16 -8.28 2.57 6.12
C SER A 16 -6.79 2.39 6.49
N LEU A 17 -5.87 2.60 5.54
CA LEU A 17 -4.42 2.50 5.79
C LEU A 17 -3.95 3.63 6.71
N VAL A 18 -4.42 4.87 6.49
CA VAL A 18 -4.12 6.03 7.36
C VAL A 18 -4.58 5.77 8.80
N HIS A 19 -5.78 5.22 8.99
CA HIS A 19 -6.30 4.82 10.30
C HIS A 19 -5.36 3.76 10.91
N ALA A 20 -5.10 2.66 10.19
CA ALA A 20 -4.23 1.57 10.64
C ALA A 20 -2.81 2.00 11.02
N CYS A 21 -2.26 3.03 10.35
CA CYS A 21 -0.93 3.57 10.67
C CYS A 21 -0.88 4.24 12.06
N GLN A 22 -2.02 4.71 12.58
CA GLN A 22 -2.16 5.37 13.89
C GLN A 22 -2.76 4.41 14.94
N CYS A 23 -3.60 3.48 14.49
CA CYS A 23 -4.28 2.49 15.30
C CYS A 23 -3.33 1.38 15.78
N ARG A 24 -3.67 0.74 16.89
CA ARG A 24 -2.90 -0.32 17.56
C ARG A 24 -3.73 -1.55 17.99
N ASN A 25 -5.05 -1.45 17.91
CA ASN A 25 -5.99 -2.53 18.23
C ASN A 25 -5.73 -3.78 17.38
N ALA A 26 -5.44 -4.93 17.99
CA ALA A 26 -5.24 -6.19 17.26
C ALA A 26 -6.52 -6.69 16.57
N ASN A 27 -7.69 -6.32 17.11
CA ASN A 27 -9.01 -6.71 16.63
C ASN A 27 -9.95 -5.49 16.45
N CYS A 28 -9.44 -4.39 15.88
CA CYS A 28 -10.20 -3.15 15.63
C CYS A 28 -11.53 -3.42 14.91
N SER A 29 -12.59 -2.65 15.19
CA SER A 29 -13.91 -2.86 14.58
C SER A 29 -13.98 -2.69 13.06
N LEU A 30 -12.96 -2.08 12.43
CA LEU A 30 -12.86 -1.97 10.98
C LEU A 30 -12.27 -3.26 10.40
N PRO A 31 -12.93 -3.93 9.43
CA PRO A 31 -12.42 -5.16 8.82
C PRO A 31 -11.11 -4.95 8.05
N SER A 32 -10.95 -3.77 7.43
CA SER A 32 -9.74 -3.39 6.71
C SER A 32 -8.57 -3.08 7.65
N CYS A 33 -8.78 -2.35 8.76
CA CYS A 33 -7.77 -2.04 9.78
C CYS A 33 -7.01 -3.30 10.26
N GLN A 34 -7.75 -4.36 10.60
CA GLN A 34 -7.19 -5.66 10.99
C GLN A 34 -6.29 -6.29 9.89
N LYS A 35 -6.52 -5.95 8.62
CA LYS A 35 -5.75 -6.41 7.45
C LYS A 35 -4.57 -5.48 7.16
N MET A 36 -4.79 -4.17 7.15
CA MET A 36 -3.78 -3.13 6.92
C MET A 36 -2.60 -3.26 7.88
N LYS A 37 -2.85 -3.61 9.15
CA LYS A 37 -1.79 -3.85 10.15
C LYS A 37 -0.92 -5.04 9.75
N ARG A 38 -1.49 -6.16 9.30
CA ARG A 38 -0.73 -7.34 8.80
C ARG A 38 0.06 -6.99 7.54
N VAL A 39 -0.59 -6.27 6.62
CA VAL A 39 0.00 -5.79 5.36
C VAL A 39 1.24 -4.91 5.60
N VAL A 40 1.14 -3.86 6.43
CA VAL A 40 2.30 -3.00 6.72
C VAL A 40 3.39 -3.79 7.47
N GLN A 41 3.03 -4.62 8.45
CA GLN A 41 3.96 -5.51 9.18
C GLN A 41 4.76 -6.42 8.24
N HIS A 42 4.11 -6.99 7.21
CA HIS A 42 4.79 -7.81 6.22
C HIS A 42 5.87 -6.97 5.49
N THR A 43 5.47 -5.85 4.88
CA THR A 43 6.37 -4.96 4.12
C THR A 43 7.51 -4.40 4.97
N LYS A 44 7.26 -4.11 6.25
CA LYS A 44 8.23 -3.66 7.25
C LYS A 44 9.39 -4.65 7.50
N GLY A 45 9.32 -5.87 6.96
CA GLY A 45 10.37 -6.90 7.07
C GLY A 45 10.50 -7.82 5.85
N CYS A 46 9.95 -7.47 4.69
CA CYS A 46 9.99 -8.27 3.47
C CYS A 46 11.43 -8.56 2.98
N LYS A 47 11.58 -9.74 2.35
CA LYS A 47 12.84 -10.27 1.80
C LYS A 47 12.87 -10.24 0.26
N ARG A 48 11.83 -9.69 -0.40
CA ARG A 48 11.72 -9.63 -1.87
C ARG A 48 11.27 -8.25 -2.39
N LYS A 49 10.27 -7.60 -1.77
CA LYS A 49 9.70 -6.26 -2.07
C LYS A 49 9.52 -5.91 -3.57
N THR A 50 9.23 -4.66 -3.92
CA THR A 50 9.05 -4.22 -5.33
C THR A 50 10.32 -4.38 -6.17
N ASN A 51 11.50 -4.21 -5.54
CA ASN A 51 12.80 -4.31 -6.20
C ASN A 51 13.14 -5.76 -6.67
N GLY A 52 12.45 -6.78 -6.14
CA GLY A 52 12.64 -8.19 -6.47
C GLY A 52 11.43 -8.89 -7.10
N GLY A 53 10.20 -8.59 -6.64
CA GLY A 53 8.96 -9.14 -7.22
C GLY A 53 7.77 -9.40 -6.28
N CYS A 54 7.80 -8.94 -5.02
CA CYS A 54 6.71 -9.15 -4.05
C CYS A 54 5.37 -8.52 -4.49
N PRO A 55 4.26 -9.29 -4.56
CA PRO A 55 2.96 -8.74 -4.93
C PRO A 55 2.33 -7.95 -3.77
N VAL A 56 2.67 -8.24 -2.50
CA VAL A 56 2.12 -7.52 -1.34
C VAL A 56 2.71 -6.12 -1.26
N CYS A 57 4.04 -5.98 -1.15
CA CYS A 57 4.71 -4.69 -1.07
C CYS A 57 4.25 -3.73 -2.17
N LYS A 58 4.31 -4.18 -3.43
CA LYS A 58 3.86 -3.46 -4.62
C LYS A 58 2.41 -2.95 -4.52
N GLN A 59 1.53 -3.68 -3.83
CA GLN A 59 0.15 -3.27 -3.59
C GLN A 59 0.08 -2.02 -2.68
N LEU A 60 0.87 -1.96 -1.60
CA LEU A 60 0.93 -0.79 -0.72
C LEU A 60 1.49 0.41 -1.48
N ILE A 61 2.61 0.23 -2.19
CA ILE A 61 3.27 1.35 -2.90
C ILE A 61 2.32 2.03 -3.88
N ALA A 62 1.52 1.28 -4.65
CA ALA A 62 0.54 1.89 -5.57
C ALA A 62 -0.44 2.78 -4.79
N LEU A 63 -1.05 2.20 -3.75
CA LEU A 63 -2.00 2.83 -2.85
C LEU A 63 -1.42 4.10 -2.20
N CYS A 64 -0.15 4.03 -1.77
CA CYS A 64 0.60 5.14 -1.19
C CYS A 64 0.98 6.20 -2.25
N CYS A 65 1.34 5.81 -3.48
CA CYS A 65 1.63 6.76 -4.58
C CYS A 65 0.40 7.61 -4.92
N TYR A 66 -0.78 6.98 -4.99
CA TYR A 66 -2.06 7.64 -5.25
C TYR A 66 -2.34 8.76 -4.24
N HIS A 67 -1.98 8.52 -2.98
CA HIS A 67 -2.09 9.49 -1.88
C HIS A 67 -0.94 10.52 -1.92
N ALA A 68 0.32 10.07 -1.89
CA ALA A 68 1.53 10.92 -1.88
C ALA A 68 1.60 11.93 -3.04
N LYS A 69 1.05 11.60 -4.22
CA LYS A 69 0.98 12.51 -5.38
C LYS A 69 0.26 13.83 -5.05
N HIS A 70 -0.83 13.75 -4.30
CA HIS A 70 -1.63 14.89 -3.84
C HIS A 70 -1.17 15.46 -2.49
N CYS A 71 -0.71 14.59 -1.58
CA CYS A 71 -0.27 14.98 -0.23
C CYS A 71 0.93 15.96 -0.29
N GLN A 72 0.98 16.87 0.69
CA GLN A 72 1.99 17.91 0.83
C GLN A 72 2.53 18.06 2.27
N GLU A 73 2.05 17.24 3.22
CA GLU A 73 2.49 17.23 4.61
C GLU A 73 3.86 16.51 4.77
N ASN A 74 4.59 16.83 5.84
CA ASN A 74 5.92 16.25 6.14
C ASN A 74 5.94 15.32 7.37
N LYS A 75 4.79 15.24 8.07
CA LYS A 75 4.54 14.47 9.29
C LYS A 75 3.37 13.45 9.16
N CYS A 76 2.99 13.12 7.93
CA CYS A 76 1.92 12.19 7.56
C CYS A 76 2.11 10.81 8.27
N PRO A 77 1.05 10.16 8.81
CA PRO A 77 1.21 8.89 9.55
C PRO A 77 1.65 7.70 8.70
N VAL A 78 1.36 7.68 7.39
CA VAL A 78 1.76 6.59 6.48
C VAL A 78 3.29 6.62 6.30
N PRO A 79 4.03 5.52 6.54
CA PRO A 79 5.50 5.54 6.43
C PRO A 79 6.00 5.77 5.00
N PHE A 80 5.30 5.22 4.00
CA PHE A 80 5.67 5.37 2.59
C PHE A 80 5.28 6.69 1.94
N CYS A 81 4.24 7.39 2.44
CA CYS A 81 3.81 8.67 1.87
C CYS A 81 5.00 9.63 1.73
N LEU A 82 5.72 9.90 2.83
CA LEU A 82 6.90 10.77 2.83
C LEU A 82 8.01 10.24 1.90
N ASN A 83 8.35 8.94 2.01
CA ASN A 83 9.39 8.31 1.18
C ASN A 83 9.14 8.50 -0.32
N ILE A 84 7.90 8.26 -0.77
CA ILE A 84 7.49 8.41 -2.15
C ILE A 84 7.44 9.89 -2.54
N LYS A 85 6.71 10.72 -1.77
CA LYS A 85 6.53 12.17 -1.95
C LYS A 85 7.84 12.90 -2.23
N HIS A 86 8.84 12.69 -1.38
CA HIS A 86 10.16 13.30 -1.52
C HIS A 86 10.82 13.00 -2.88
N LYS A 87 10.61 11.81 -3.44
CA LYS A 87 11.09 11.44 -4.78
C LYS A 87 10.19 12.02 -5.87
N LEU A 88 8.86 12.03 -5.70
CA LEU A 88 7.94 12.53 -6.72
C LEU A 88 8.06 14.05 -6.95
N ARG A 89 8.27 14.87 -5.91
CA ARG A 89 8.49 16.33 -6.05
C ARG A 89 9.60 16.70 -7.03
N GLN A 90 10.64 15.85 -7.13
CA GLN A 90 11.78 15.99 -8.03
C GLN A 90 11.46 15.66 -9.51
N GLN A 91 10.22 15.27 -9.84
CA GLN A 91 9.77 14.86 -11.18
C GLN A 91 8.40 15.43 -11.61
N GLN A 92 7.43 15.50 -10.69
CA GLN A 92 6.09 16.08 -10.89
C GLN A 92 6.16 17.49 -11.52
N GLY B 1 -29.28 -13.21 -8.87
CA GLY B 1 -28.71 -12.53 -10.04
C GLY B 1 -27.28 -12.00 -9.83
N SER B 2 -26.69 -12.22 -8.65
CA SER B 2 -25.33 -11.81 -8.28
C SER B 2 -24.74 -12.72 -7.19
N HIS B 3 -23.41 -12.87 -7.18
CA HIS B 3 -22.67 -13.66 -6.19
C HIS B 3 -22.77 -13.10 -4.75
N MET B 4 -23.20 -11.84 -4.60
CA MET B 4 -23.37 -11.16 -3.29
C MET B 4 -24.42 -11.80 -2.36
N SER B 5 -25.22 -12.75 -2.85
CA SER B 5 -26.24 -13.48 -2.07
C SER B 5 -25.65 -14.50 -1.07
N GLU B 6 -24.33 -14.72 -1.10
CA GLU B 6 -23.57 -15.64 -0.22
C GLU B 6 -22.26 -15.01 0.28
N VAL B 7 -21.64 -15.66 1.27
CA VAL B 7 -20.36 -15.25 1.92
C VAL B 7 -19.43 -16.46 2.15
N HIS B 8 -18.17 -16.19 2.46
CA HIS B 8 -17.13 -17.20 2.72
C HIS B 8 -16.05 -16.63 3.66
N PRO B 9 -15.58 -17.38 4.69
CA PRO B 9 -14.56 -16.93 5.65
C PRO B 9 -13.27 -16.38 5.04
N SER B 10 -12.74 -17.14 4.08
CA SER B 10 -11.49 -16.88 3.32
C SER B 10 -10.26 -16.64 4.20
N ARG B 11 -10.18 -17.35 5.34
CA ARG B 11 -9.07 -17.32 6.32
C ARG B 11 -7.82 -18.06 5.82
N LEU B 12 -7.20 -17.50 4.77
CA LEU B 12 -6.02 -18.04 4.09
C LEU B 12 -4.76 -18.06 4.98
N GLN B 13 -3.80 -18.92 4.64
CA GLN B 13 -2.60 -19.21 5.42
C GLN B 13 -1.28 -18.79 4.74
N THR B 14 -1.31 -17.74 3.91
CA THR B 14 -0.14 -17.18 3.21
C THR B 14 -0.18 -15.64 3.15
N THR B 15 1.00 -15.00 3.18
CA THR B 15 1.15 -13.54 3.12
C THR B 15 0.73 -12.94 1.78
N ASP B 16 0.81 -13.73 0.71
CA ASP B 16 0.46 -13.36 -0.67
C ASP B 16 -1.01 -13.00 -0.89
N ASN B 17 -1.88 -13.13 0.13
CA ASN B 17 -3.29 -12.76 0.08
C ASN B 17 -3.66 -11.61 1.04
N LEU B 18 -2.69 -11.03 1.76
CA LEU B 18 -2.89 -9.84 2.60
C LEU B 18 -3.33 -8.61 1.78
N LEU B 19 -3.12 -8.63 0.47
CA LEU B 19 -3.43 -7.60 -0.54
C LEU B 19 -4.63 -6.69 -0.16
N PRO B 20 -4.42 -5.40 0.20
CA PRO B 20 -5.47 -4.49 0.65
C PRO B 20 -6.32 -3.85 -0.47
N MET B 21 -5.98 -4.09 -1.74
CA MET B 21 -6.63 -3.50 -2.93
C MET B 21 -6.74 -4.53 -4.06
N SER B 22 -7.81 -4.43 -4.86
CA SER B 22 -8.10 -5.35 -5.98
C SER B 22 -7.28 -5.05 -7.24
N PRO B 23 -7.19 -5.97 -8.22
CA PRO B 23 -6.48 -5.71 -9.48
C PRO B 23 -7.19 -4.64 -10.33
N GLU B 24 -8.51 -4.48 -10.21
CA GLU B 24 -9.29 -3.45 -10.93
C GLU B 24 -9.03 -2.06 -10.32
N GLU B 25 -8.93 -1.98 -9.00
CA GLU B 25 -8.57 -0.74 -8.29
C GLU B 25 -7.11 -0.39 -8.59
N PHE B 26 -6.21 -1.38 -8.49
CA PHE B 26 -4.79 -1.23 -8.82
C PHE B 26 -4.59 -0.70 -10.26
N ASP B 27 -5.40 -1.12 -11.23
CA ASP B 27 -5.32 -0.60 -12.60
C ASP B 27 -5.60 0.92 -12.66
N GLU B 28 -6.64 1.40 -11.99
CA GLU B 28 -6.94 2.84 -11.89
C GLU B 28 -5.83 3.62 -11.16
N VAL B 29 -5.16 2.99 -10.19
CA VAL B 29 -4.00 3.60 -9.54
C VAL B 29 -2.85 3.69 -10.54
N SER B 30 -2.56 2.59 -11.25
CA SER B 30 -1.51 2.52 -12.29
C SER B 30 -1.70 3.55 -13.40
N ARG B 31 -2.96 3.82 -13.84
CA ARG B 31 -3.27 4.84 -14.86
C ARG B 31 -2.75 6.23 -14.48
N ILE B 32 -2.84 6.60 -13.21
CA ILE B 32 -2.40 7.91 -12.69
C ILE B 32 -0.92 7.88 -12.26
N VAL B 33 -0.50 6.87 -11.49
CA VAL B 33 0.87 6.73 -10.97
C VAL B 33 1.91 6.54 -12.08
N GLY B 34 1.54 5.85 -13.16
CA GLY B 34 2.38 5.59 -14.34
C GLY B 34 3.75 4.94 -14.03
N SER B 35 3.85 4.22 -12.90
CA SER B 35 5.05 3.54 -12.39
C SER B 35 6.32 4.41 -12.23
N VAL B 36 6.19 5.75 -12.17
CA VAL B 36 7.24 6.80 -12.00
C VAL B 36 8.69 6.28 -11.85
N GLU B 37 9.03 5.78 -10.66
CA GLU B 37 10.31 5.13 -10.29
C GLU B 37 10.01 4.01 -9.26
N PHE B 38 8.81 3.44 -9.39
CA PHE B 38 8.13 2.49 -8.51
C PHE B 38 8.99 1.38 -7.86
N ASP B 39 9.90 0.77 -8.62
CA ASP B 39 10.82 -0.28 -8.13
C ASP B 39 11.89 0.23 -7.12
N SER B 40 11.96 1.55 -6.90
CA SER B 40 12.90 2.25 -6.01
C SER B 40 12.20 3.10 -4.94
N MET B 41 10.87 3.02 -4.77
CA MET B 41 10.14 3.72 -3.69
C MET B 41 10.60 3.29 -2.28
N MET B 42 11.26 2.12 -2.19
CA MET B 42 11.85 1.52 -0.99
C MET B 42 13.07 2.32 -0.45
N ASN B 43 13.52 3.34 -1.19
CA ASN B 43 14.65 4.22 -0.87
C ASN B 43 14.27 5.70 -1.10
N THR B 44 15.08 6.62 -0.58
CA THR B 44 14.92 8.09 -0.68
C THR B 44 16.21 8.80 -1.09
N VAL B 45 17.37 8.21 -0.80
CA VAL B 45 18.72 8.72 -1.14
C VAL B 45 18.92 8.78 -2.65
ZN ZN C . -8.15 0.61 13.94
ZN ZN D . 6.81 -8.02 0.52
ZN ZN E . 0.35 11.94 3.04
N SER A 1 -21.36 7.76 -12.31
CA SER A 1 -20.10 7.47 -11.62
C SER A 1 -19.37 6.21 -12.15
N PRO A 2 -18.99 6.16 -13.45
CA PRO A 2 -18.35 5.00 -14.08
C PRO A 2 -16.93 4.76 -13.55
N GLN A 3 -15.96 5.57 -13.99
CA GLN A 3 -14.57 5.51 -13.50
C GLN A 3 -14.49 5.99 -12.05
N GLU A 4 -15.40 6.89 -11.64
CA GLU A 4 -15.48 7.39 -10.27
C GLU A 4 -15.66 6.28 -9.23
N SER A 5 -16.42 5.21 -9.52
CA SER A 5 -16.62 4.08 -8.60
C SER A 5 -15.30 3.50 -8.08
N ARG A 6 -14.33 3.31 -8.99
CA ARG A 6 -12.97 2.80 -8.70
C ARG A 6 -12.19 3.80 -7.84
N ARG A 7 -12.12 5.07 -8.29
CA ARG A 7 -11.41 6.18 -7.64
C ARG A 7 -11.88 6.42 -6.21
N LEU A 8 -13.20 6.48 -6.01
CA LEU A 8 -13.83 6.68 -4.71
C LEU A 8 -13.63 5.46 -3.79
N SER A 9 -13.58 4.24 -4.33
CA SER A 9 -13.26 3.03 -3.57
C SER A 9 -11.81 3.05 -3.10
N ILE A 10 -10.86 3.44 -3.97
CA ILE A 10 -9.43 3.61 -3.64
C ILE A 10 -9.28 4.59 -2.46
N GLN A 11 -10.03 5.71 -2.45
CA GLN A 11 -10.02 6.67 -1.34
C GLN A 11 -10.46 6.04 -0.01
N ARG A 12 -11.41 5.09 0.00
CA ARG A 12 -11.81 4.36 1.24
C ARG A 12 -10.64 3.52 1.76
N CYS A 13 -9.91 2.86 0.86
CA CYS A 13 -8.70 2.10 1.21
C CYS A 13 -7.60 3.02 1.75
N ILE A 14 -7.40 4.21 1.15
CA ILE A 14 -6.42 5.20 1.63
C ILE A 14 -6.76 5.62 3.07
N GLN A 15 -8.03 5.96 3.35
CA GLN A 15 -8.48 6.29 4.71
C GLN A 15 -8.25 5.12 5.69
N SER A 16 -8.50 3.88 5.24
CA SER A 16 -8.27 2.67 6.05
C SER A 16 -6.78 2.47 6.39
N LEU A 17 -5.86 2.67 5.43
CA LEU A 17 -4.42 2.56 5.67
C LEU A 17 -3.93 3.71 6.57
N VAL A 18 -4.42 4.93 6.37
CA VAL A 18 -4.11 6.11 7.21
C VAL A 18 -4.56 5.85 8.66
N HIS A 19 -5.76 5.31 8.86
CA HIS A 19 -6.27 4.91 10.18
C HIS A 19 -5.32 3.86 10.78
N ALA A 20 -5.05 2.76 10.06
CA ALA A 20 -4.17 1.68 10.50
C ALA A 20 -2.75 2.13 10.89
N CYS A 21 -2.20 3.16 10.23
CA CYS A 21 -0.89 3.71 10.54
C CYS A 21 -0.84 4.40 11.92
N GLN A 22 -1.98 4.86 12.44
CA GLN A 22 -2.14 5.51 13.75
C GLN A 22 -2.68 4.53 14.80
N CYS A 23 -3.54 3.61 14.36
CA CYS A 23 -4.17 2.57 15.16
C CYS A 23 -3.17 1.46 15.57
N ARG A 24 -3.50 0.72 16.63
CA ARG A 24 -2.66 -0.35 17.21
C ARG A 24 -3.41 -1.64 17.56
N ASN A 25 -4.74 -1.61 17.55
CA ASN A 25 -5.61 -2.76 17.83
C ASN A 25 -5.34 -3.93 16.86
N ALA A 26 -4.91 -5.10 17.34
CA ALA A 26 -4.69 -6.29 16.50
C ALA A 26 -5.98 -6.82 15.85
N ASN A 27 -7.14 -6.51 16.45
CA ASN A 27 -8.48 -6.91 16.04
C ASN A 27 -9.46 -5.71 16.01
N CYS A 28 -9.02 -4.55 15.48
CA CYS A 28 -9.81 -3.32 15.37
C CYS A 28 -11.20 -3.56 14.75
N SER A 29 -12.22 -2.80 15.17
CA SER A 29 -13.60 -2.99 14.66
C SER A 29 -13.77 -2.75 13.15
N LEU A 30 -12.81 -2.09 12.48
CA LEU A 30 -12.81 -1.92 11.03
C LEU A 30 -12.21 -3.17 10.37
N PRO A 31 -12.89 -3.79 9.38
CA PRO A 31 -12.39 -4.99 8.71
C PRO A 31 -11.08 -4.74 7.95
N SER A 32 -10.94 -3.58 7.29
CA SER A 32 -9.74 -3.22 6.54
C SER A 32 -8.56 -2.91 7.46
N CYS A 33 -8.74 -2.19 8.58
CA CYS A 33 -7.70 -1.85 9.55
C CYS A 33 -6.89 -3.09 10.01
N GLN A 34 -7.58 -4.19 10.36
CA GLN A 34 -6.96 -5.45 10.73
C GLN A 34 -6.02 -6.00 9.63
N LYS A 35 -6.40 -5.82 8.35
CA LYS A 35 -5.65 -6.26 7.16
C LYS A 35 -4.50 -5.31 6.85
N MET A 36 -4.74 -3.99 6.89
CA MET A 36 -3.75 -2.94 6.66
C MET A 36 -2.55 -3.05 7.60
N LYS A 37 -2.79 -3.36 8.89
CA LYS A 37 -1.74 -3.60 9.87
C LYS A 37 -0.87 -4.80 9.48
N ARG A 38 -1.49 -5.91 9.07
CA ARG A 38 -0.77 -7.12 8.64
C ARG A 38 0.03 -6.87 7.34
N VAL A 39 -0.51 -6.06 6.42
CA VAL A 39 0.17 -5.64 5.18
C VAL A 39 1.41 -4.80 5.48
N VAL A 40 1.29 -3.72 6.26
CA VAL A 40 2.46 -2.87 6.58
C VAL A 40 3.51 -3.68 7.37
N GLN A 41 3.09 -4.49 8.36
CA GLN A 41 3.97 -5.40 9.13
C GLN A 41 4.73 -6.38 8.21
N HIS A 42 4.05 -6.97 7.22
CA HIS A 42 4.70 -7.84 6.24
C HIS A 42 5.82 -7.07 5.52
N THR A 43 5.49 -5.94 4.91
CA THR A 43 6.44 -5.12 4.15
C THR A 43 7.62 -4.66 4.98
N LYS A 44 7.37 -4.28 6.23
CA LYS A 44 8.36 -3.86 7.25
C LYS A 44 9.43 -4.91 7.57
N GLY A 45 9.22 -6.18 7.18
CA GLY A 45 10.14 -7.30 7.39
C GLY A 45 10.43 -8.15 6.15
N CYS A 46 9.80 -7.86 5.00
CA CYS A 46 9.97 -8.58 3.75
C CYS A 46 11.35 -8.33 3.11
N LYS A 47 11.77 -9.27 2.26
CA LYS A 47 13.04 -9.29 1.52
C LYS A 47 12.82 -9.33 0.00
N ARG A 48 11.57 -9.25 -0.47
CA ARG A 48 11.18 -9.24 -1.88
C ARG A 48 10.99 -7.80 -2.39
N LYS A 49 10.01 -7.07 -1.83
CA LYS A 49 9.57 -5.70 -2.20
C LYS A 49 9.42 -5.39 -3.70
N THR A 50 9.10 -4.14 -4.05
CA THR A 50 8.98 -3.69 -5.46
C THR A 50 10.31 -3.82 -6.22
N ASN A 51 11.43 -3.77 -5.51
CA ASN A 51 12.79 -3.91 -6.02
C ASN A 51 13.13 -5.36 -6.46
N GLY A 52 12.27 -6.35 -6.16
CA GLY A 52 12.47 -7.77 -6.51
C GLY A 52 11.25 -8.45 -7.14
N GLY A 53 10.02 -8.09 -6.75
CA GLY A 53 8.79 -8.64 -7.35
C GLY A 53 7.62 -8.98 -6.40
N CYS A 54 7.70 -8.63 -5.11
CA CYS A 54 6.67 -8.91 -4.11
C CYS A 54 5.25 -8.43 -4.50
N PRO A 55 4.22 -9.29 -4.43
CA PRO A 55 2.86 -8.87 -4.76
C PRO A 55 2.24 -8.06 -3.61
N VAL A 56 2.64 -8.29 -2.35
CA VAL A 56 2.09 -7.59 -1.18
C VAL A 56 2.67 -6.18 -1.09
N CYS A 57 4.00 -6.02 -1.08
CA CYS A 57 4.64 -4.72 -1.05
C CYS A 57 4.15 -3.82 -2.19
N LYS A 58 4.17 -4.32 -3.43
CA LYS A 58 3.66 -3.53 -4.58
C LYS A 58 2.20 -3.07 -4.39
N GLN A 59 1.38 -3.82 -3.64
CA GLN A 59 -0.02 -3.47 -3.41
C GLN A 59 -0.18 -2.22 -2.54
N LEU A 60 0.42 -2.16 -1.32
CA LEU A 60 0.35 -0.92 -0.53
C LEU A 60 1.11 0.22 -1.21
N ILE A 61 2.18 -0.08 -1.96
CA ILE A 61 2.97 0.94 -2.65
C ILE A 61 2.16 1.65 -3.72
N ALA A 62 1.31 0.96 -4.49
CA ALA A 62 0.40 1.61 -5.44
C ALA A 62 -0.53 2.57 -4.66
N LEU A 63 -1.15 2.03 -3.61
CA LEU A 63 -2.07 2.71 -2.70
C LEU A 63 -1.46 3.98 -2.09
N CYS A 64 -0.21 3.89 -1.61
CA CYS A 64 0.55 5.00 -1.05
C CYS A 64 0.99 6.00 -2.12
N CYS A 65 1.35 5.56 -3.34
CA CYS A 65 1.68 6.47 -4.44
C CYS A 65 0.49 7.33 -4.84
N TYR A 66 -0.71 6.75 -4.89
CA TYR A 66 -1.97 7.46 -5.18
C TYR A 66 -2.21 8.58 -4.14
N HIS A 67 -1.99 8.28 -2.86
CA HIS A 67 -2.11 9.25 -1.77
C HIS A 67 -1.00 10.32 -1.83
N ALA A 68 0.27 9.91 -1.81
CA ALA A 68 1.44 10.78 -1.83
C ALA A 68 1.49 11.75 -3.03
N LYS A 69 0.89 11.37 -4.18
CA LYS A 69 0.76 12.24 -5.36
C LYS A 69 0.02 13.54 -5.05
N HIS A 70 -1.08 13.45 -4.27
CA HIS A 70 -1.88 14.59 -3.85
C HIS A 70 -1.43 15.22 -2.51
N CYS A 71 -0.87 14.42 -1.60
CA CYS A 71 -0.42 14.86 -0.29
C CYS A 71 0.69 15.92 -0.37
N GLN A 72 0.67 16.87 0.58
CA GLN A 72 1.61 17.99 0.68
C GLN A 72 2.16 18.18 2.11
N GLU A 73 1.78 17.31 3.05
CA GLU A 73 2.25 17.33 4.45
C GLU A 73 3.63 16.68 4.58
N ASN A 74 4.38 17.04 5.63
CA ASN A 74 5.73 16.51 5.91
C ASN A 74 5.82 15.68 7.21
N LYS A 75 4.70 15.54 7.91
CA LYS A 75 4.50 14.80 9.18
C LYS A 75 3.39 13.74 9.10
N CYS A 76 3.00 13.35 7.89
CA CYS A 76 1.95 12.38 7.57
C CYS A 76 2.16 11.04 8.33
N PRO A 77 1.12 10.39 8.89
CA PRO A 77 1.28 9.16 9.68
C PRO A 77 1.72 7.93 8.88
N VAL A 78 1.45 7.88 7.57
CA VAL A 78 1.85 6.76 6.69
C VAL A 78 3.38 6.78 6.51
N PRO A 79 4.11 5.69 6.82
CA PRO A 79 5.57 5.68 6.71
C PRO A 79 6.09 5.82 5.27
N PHE A 80 5.33 5.30 4.30
CA PHE A 80 5.69 5.38 2.88
C PHE A 80 5.33 6.70 2.19
N CYS A 81 4.30 7.42 2.64
CA CYS A 81 3.90 8.69 2.03
C CYS A 81 5.09 9.65 1.87
N LEU A 82 5.83 9.93 2.95
CA LEU A 82 7.00 10.82 2.92
C LEU A 82 8.11 10.28 1.99
N ASN A 83 8.46 8.99 2.12
CA ASN A 83 9.48 8.35 1.29
C ASN A 83 9.16 8.43 -0.21
N ILE A 84 7.90 8.18 -0.59
CA ILE A 84 7.41 8.28 -1.96
C ILE A 84 7.38 9.75 -2.40
N LYS A 85 6.77 10.64 -1.63
CA LYS A 85 6.65 12.09 -1.89
C LYS A 85 8.00 12.71 -2.22
N HIS A 86 9.03 12.43 -1.42
CA HIS A 86 10.41 12.91 -1.66
C HIS A 86 10.97 12.48 -3.02
N LYS A 87 10.64 11.25 -3.48
CA LYS A 87 11.08 10.72 -4.78
C LYS A 87 10.22 11.25 -5.94
N LEU A 88 8.89 11.32 -5.78
CA LEU A 88 7.95 11.82 -6.80
C LEU A 88 8.12 13.32 -7.10
N ARG A 89 8.24 14.17 -6.07
CA ARG A 89 8.39 15.64 -6.22
C ARG A 89 9.70 16.07 -6.91
N GLN A 90 10.66 15.16 -6.99
CA GLN A 90 11.98 15.33 -7.61
C GLN A 90 12.36 14.17 -8.55
N GLN A 91 11.35 13.50 -9.15
CA GLN A 91 11.53 12.33 -10.03
C GLN A 91 12.46 12.60 -11.22
N GLN A 92 13.33 11.63 -11.54
CA GLN A 92 14.34 11.71 -12.60
C GLN A 92 14.40 10.40 -13.41
N GLY B 1 12.19 -20.27 20.87
CA GLY B 1 13.64 -20.04 20.93
C GLY B 1 14.39 -20.38 19.64
N SER B 2 13.71 -20.98 18.65
CA SER B 2 14.26 -21.39 17.34
C SER B 2 15.05 -20.30 16.60
N HIS B 3 14.73 -19.03 16.84
CA HIS B 3 15.43 -17.86 16.30
C HIS B 3 16.92 -17.78 16.70
N MET B 4 17.33 -18.48 17.76
CA MET B 4 18.72 -18.52 18.26
C MET B 4 19.21 -19.93 18.66
N SER B 5 18.34 -20.85 19.08
CA SER B 5 18.73 -22.22 19.43
C SER B 5 19.05 -23.10 18.20
N GLU B 6 18.47 -22.74 17.06
CA GLU B 6 18.64 -23.40 15.75
C GLU B 6 18.76 -22.39 14.59
N VAL B 7 18.89 -21.09 14.92
CA VAL B 7 18.99 -19.91 14.02
C VAL B 7 18.02 -19.93 12.82
N HIS B 8 16.82 -20.50 13.00
CA HIS B 8 15.77 -20.67 11.99
C HIS B 8 14.39 -20.26 12.56
N PRO B 9 14.05 -18.96 12.58
CA PRO B 9 12.78 -18.46 13.10
C PRO B 9 11.59 -18.77 12.17
N SER B 10 10.40 -18.36 12.62
CA SER B 10 9.08 -18.48 11.94
C SER B 10 8.65 -19.93 11.60
N ARG B 11 7.41 -20.07 11.09
CA ARG B 11 6.78 -21.38 10.73
C ARG B 11 6.06 -21.38 9.38
N LEU B 12 6.07 -20.24 8.67
CA LEU B 12 5.46 -20.03 7.34
C LEU B 12 6.36 -19.13 6.48
N GLN B 13 6.19 -19.19 5.16
CA GLN B 13 6.96 -18.45 4.15
C GLN B 13 6.06 -17.96 2.99
N THR B 14 6.63 -17.15 2.09
CA THR B 14 5.99 -16.63 0.86
C THR B 14 4.61 -15.98 1.09
N THR B 15 4.58 -14.92 1.89
CA THR B 15 3.37 -14.14 2.24
C THR B 15 2.61 -13.66 0.99
N ASP B 16 1.29 -13.79 1.00
CA ASP B 16 0.36 -13.33 -0.05
C ASP B 16 -1.06 -13.15 0.54
N ASN B 17 -2.02 -12.75 -0.29
CA ASN B 17 -3.44 -12.50 0.02
C ASN B 17 -3.75 -11.39 1.03
N LEU B 18 -2.72 -10.87 1.72
CA LEU B 18 -2.82 -9.66 2.56
C LEU B 18 -3.26 -8.45 1.71
N LEU B 19 -3.10 -8.55 0.38
CA LEU B 19 -3.45 -7.60 -0.69
C LEU B 19 -4.69 -6.74 -0.33
N PRO B 20 -4.53 -5.47 0.12
CA PRO B 20 -5.64 -4.63 0.57
C PRO B 20 -6.45 -3.94 -0.55
N MET B 21 -6.10 -4.16 -1.82
CA MET B 21 -6.73 -3.55 -2.99
C MET B 21 -6.90 -4.56 -4.13
N SER B 22 -7.99 -4.43 -4.88
CA SER B 22 -8.38 -5.34 -5.98
C SER B 22 -7.61 -5.08 -7.28
N PRO B 23 -7.49 -6.06 -8.21
CA PRO B 23 -6.80 -5.88 -9.50
C PRO B 23 -7.29 -4.67 -10.31
N GLU B 24 -8.61 -4.44 -10.38
CA GLU B 24 -9.19 -3.30 -11.12
C GLU B 24 -8.89 -1.94 -10.45
N GLU B 25 -8.88 -1.91 -9.11
CA GLU B 25 -8.53 -0.71 -8.34
C GLU B 25 -7.03 -0.42 -8.53
N PHE B 26 -6.18 -1.45 -8.39
CA PHE B 26 -4.74 -1.38 -8.64
C PHE B 26 -4.42 -0.89 -10.06
N ASP B 27 -5.20 -1.29 -11.07
CA ASP B 27 -5.04 -0.82 -12.46
C ASP B 27 -5.38 0.68 -12.59
N GLU B 28 -6.49 1.15 -12.00
CA GLU B 28 -6.87 2.57 -11.98
C GLU B 28 -5.87 3.41 -11.16
N VAL B 29 -5.21 2.83 -10.15
CA VAL B 29 -4.11 3.47 -9.43
C VAL B 29 -2.90 3.58 -10.37
N SER B 30 -2.48 2.46 -10.98
CA SER B 30 -1.33 2.39 -11.90
C SER B 30 -1.48 3.36 -13.09
N ARG B 31 -2.70 3.53 -13.61
CA ARG B 31 -3.07 4.45 -14.70
C ARG B 31 -2.63 5.89 -14.40
N ILE B 32 -2.77 6.33 -13.15
CA ILE B 32 -2.37 7.67 -12.69
C ILE B 32 -0.90 7.71 -12.22
N VAL B 33 -0.47 6.75 -11.40
CA VAL B 33 0.90 6.68 -10.84
C VAL B 33 1.97 6.53 -11.94
N GLY B 34 1.63 5.84 -13.03
CA GLY B 34 2.49 5.63 -14.21
C GLY B 34 3.87 5.01 -13.93
N SER B 35 3.99 4.25 -12.84
CA SER B 35 5.22 3.59 -12.33
C SER B 35 6.46 4.48 -12.09
N VAL B 36 6.28 5.81 -12.03
CA VAL B 36 7.25 6.92 -11.81
C VAL B 36 8.69 6.51 -11.43
N GLU B 37 8.89 5.92 -10.25
CA GLU B 37 10.15 5.35 -9.72
C GLU B 37 9.83 4.13 -8.81
N PHE B 38 8.65 3.56 -9.03
CA PHE B 38 7.95 2.53 -8.28
C PHE B 38 8.76 1.32 -7.80
N ASP B 39 9.67 0.82 -8.62
CA ASP B 39 10.58 -0.30 -8.30
C ASP B 39 11.68 0.05 -7.27
N SER B 40 11.63 1.25 -6.69
CA SER B 40 12.61 1.79 -5.75
C SER B 40 12.01 2.56 -4.56
N MET B 41 10.68 2.52 -4.33
CA MET B 41 10.02 3.24 -3.21
C MET B 41 10.58 2.92 -1.81
N MET B 42 11.14 1.72 -1.62
CA MET B 42 11.77 1.28 -0.36
C MET B 42 13.17 1.89 -0.12
N ASN B 43 13.76 2.58 -1.11
CA ASN B 43 15.08 3.20 -1.02
C ASN B 43 14.98 4.71 -0.69
N THR B 44 16.04 5.27 -0.09
CA THR B 44 16.12 6.70 0.30
C THR B 44 16.26 7.65 -0.88
N VAL B 45 16.91 7.18 -1.96
CA VAL B 45 17.18 7.93 -3.21
C VAL B 45 16.98 7.06 -4.44
ZN ZN C . -8.02 0.66 13.79
ZN ZN D . 6.81 -7.86 0.59
ZN ZN E . 0.39 11.91 3.04
N SER A 1 -21.08 7.00 -13.26
CA SER A 1 -19.93 6.64 -12.42
C SER A 1 -19.21 5.35 -12.93
N PRO A 2 -18.66 5.33 -14.15
CA PRO A 2 -18.03 4.15 -14.76
C PRO A 2 -16.72 3.72 -14.08
N GLN A 3 -15.69 4.57 -14.14
CA GLN A 3 -14.39 4.36 -13.47
C GLN A 3 -14.39 4.95 -12.06
N GLU A 4 -15.31 5.90 -11.79
CA GLU A 4 -15.49 6.57 -10.49
C GLU A 4 -15.69 5.58 -9.34
N SER A 5 -16.38 4.45 -9.57
CA SER A 5 -16.56 3.39 -8.57
C SER A 5 -15.21 2.92 -7.99
N ARG A 6 -14.22 2.73 -8.85
CA ARG A 6 -12.83 2.37 -8.49
C ARG A 6 -12.15 3.51 -7.74
N ARG A 7 -12.18 4.73 -8.31
CA ARG A 7 -11.56 5.95 -7.74
C ARG A 7 -12.01 6.24 -6.32
N LEU A 8 -13.32 6.19 -6.10
CA LEU A 8 -13.97 6.40 -4.81
C LEU A 8 -13.65 5.27 -3.83
N SER A 9 -13.59 4.02 -4.30
CA SER A 9 -13.20 2.86 -3.47
C SER A 9 -11.72 2.94 -3.03
N ILE A 10 -10.83 3.41 -3.90
CA ILE A 10 -9.40 3.62 -3.59
C ILE A 10 -9.26 4.62 -2.42
N GLN A 11 -10.06 5.69 -2.39
CA GLN A 11 -10.08 6.64 -1.26
C GLN A 11 -10.48 5.96 0.07
N ARG A 12 -11.44 5.01 0.05
CA ARG A 12 -11.81 4.23 1.25
C ARG A 12 -10.61 3.42 1.77
N CYS A 13 -9.86 2.81 0.85
CA CYS A 13 -8.65 2.05 1.16
C CYS A 13 -7.54 2.95 1.72
N ILE A 14 -7.36 4.16 1.16
CA ILE A 14 -6.38 5.14 1.64
C ILE A 14 -6.72 5.55 3.09
N GLN A 15 -7.99 5.90 3.37
CA GLN A 15 -8.44 6.22 4.73
C GLN A 15 -8.23 5.04 5.70
N SER A 16 -8.49 3.81 5.24
CA SER A 16 -8.26 2.59 6.04
C SER A 16 -6.78 2.37 6.39
N LEU A 17 -5.87 2.55 5.41
CA LEU A 17 -4.43 2.42 5.65
C LEU A 17 -3.92 3.56 6.55
N VAL A 18 -4.37 4.80 6.33
CA VAL A 18 -4.04 5.96 7.18
C VAL A 18 -4.49 5.72 8.62
N HIS A 19 -5.69 5.18 8.83
CA HIS A 19 -6.19 4.82 10.15
C HIS A 19 -5.28 3.75 10.78
N ALA A 20 -5.02 2.65 10.07
CA ALA A 20 -4.15 1.56 10.54
C ALA A 20 -2.72 2.02 10.91
N CYS A 21 -2.18 3.03 10.21
CA CYS A 21 -0.87 3.62 10.49
C CYS A 21 -0.83 4.40 11.82
N GLN A 22 -2.00 4.69 12.42
CA GLN A 22 -2.15 5.41 13.69
C GLN A 22 -2.80 4.55 14.79
N CYS A 23 -3.55 3.51 14.41
CA CYS A 23 -4.26 2.59 15.30
C CYS A 23 -3.31 1.64 16.08
N ARG A 24 -3.85 1.05 17.14
CA ARG A 24 -3.18 0.11 18.08
C ARG A 24 -4.02 -1.13 18.42
N ASN A 25 -5.31 -1.13 18.11
CA ASN A 25 -6.23 -2.23 18.38
C ASN A 25 -5.82 -3.52 17.63
N ALA A 26 -5.58 -4.62 18.34
CA ALA A 26 -5.25 -5.92 17.73
C ALA A 26 -6.41 -6.50 16.90
N ASN A 27 -7.65 -6.10 17.22
CA ASN A 27 -8.90 -6.54 16.58
C ASN A 27 -9.88 -5.35 16.44
N CYS A 28 -9.42 -4.25 15.83
CA CYS A 28 -10.18 -3.01 15.61
C CYS A 28 -11.56 -3.27 14.96
N SER A 29 -12.55 -2.41 15.23
CA SER A 29 -13.91 -2.57 14.69
C SER A 29 -14.00 -2.43 13.16
N LEU A 30 -12.99 -1.86 12.49
CA LEU A 30 -12.92 -1.77 11.03
C LEU A 30 -12.39 -3.09 10.44
N PRO A 31 -13.09 -3.72 9.48
CA PRO A 31 -12.64 -4.96 8.86
C PRO A 31 -11.34 -4.78 8.06
N SER A 32 -11.13 -3.60 7.49
CA SER A 32 -9.92 -3.24 6.74
C SER A 32 -8.72 -3.01 7.67
N CYS A 33 -8.87 -2.28 8.78
CA CYS A 33 -7.82 -2.02 9.79
C CYS A 33 -7.13 -3.33 10.25
N GLN A 34 -7.94 -4.35 10.57
CA GLN A 34 -7.47 -5.70 10.95
C GLN A 34 -6.54 -6.35 9.90
N LYS A 35 -6.74 -6.03 8.61
CA LYS A 35 -5.96 -6.51 7.45
C LYS A 35 -4.78 -5.60 7.13
N MET A 36 -4.98 -4.28 7.12
CA MET A 36 -3.95 -3.26 6.86
C MET A 36 -2.75 -3.40 7.79
N LYS A 37 -2.98 -3.73 9.07
CA LYS A 37 -1.92 -3.99 10.04
C LYS A 37 -1.05 -5.18 9.63
N ARG A 38 -1.64 -6.28 9.16
CA ARG A 38 -0.91 -7.48 8.66
C ARG A 38 -0.09 -7.13 7.42
N VAL A 39 -0.68 -6.35 6.51
CA VAL A 39 -0.05 -5.88 5.27
C VAL A 39 1.19 -5.01 5.55
N VAL A 40 1.08 -3.96 6.38
CA VAL A 40 2.25 -3.12 6.71
C VAL A 40 3.31 -3.92 7.48
N GLN A 41 2.91 -4.76 8.45
CA GLN A 41 3.81 -5.65 9.21
C GLN A 41 4.59 -6.58 8.27
N HIS A 42 3.94 -7.16 7.25
CA HIS A 42 4.62 -7.98 6.25
C HIS A 42 5.73 -7.18 5.57
N THR A 43 5.37 -6.04 4.95
CA THR A 43 6.31 -5.20 4.21
C THR A 43 7.47 -4.70 5.07
N LYS A 44 7.19 -4.35 6.33
CA LYS A 44 8.15 -3.90 7.36
C LYS A 44 9.26 -4.91 7.68
N GLY A 45 9.10 -6.18 7.31
CA GLY A 45 10.07 -7.26 7.51
C GLY A 45 10.43 -8.07 6.25
N CYS A 46 9.76 -7.81 5.11
CA CYS A 46 9.98 -8.48 3.84
C CYS A 46 11.36 -8.16 3.23
N LYS A 47 11.85 -9.11 2.45
CA LYS A 47 13.15 -9.09 1.73
C LYS A 47 12.98 -9.24 0.22
N ARG A 48 11.73 -9.23 -0.29
CA ARG A 48 11.40 -9.35 -1.71
C ARG A 48 11.18 -7.97 -2.34
N LYS A 49 10.15 -7.23 -1.90
CA LYS A 49 9.69 -5.93 -2.42
C LYS A 49 9.57 -5.81 -3.96
N THR A 50 9.22 -4.61 -4.48
CA THR A 50 9.01 -4.33 -5.91
C THR A 50 10.19 -4.72 -6.80
N ASN A 51 11.41 -4.36 -6.40
CA ASN A 51 12.66 -4.67 -7.10
C ASN A 51 13.06 -6.16 -7.12
N GLY A 52 12.39 -7.02 -6.34
CA GLY A 52 12.63 -8.47 -6.29
C GLY A 52 11.48 -9.31 -6.84
N GLY A 53 10.23 -8.89 -6.62
CA GLY A 53 9.03 -9.56 -7.16
C GLY A 53 7.82 -9.67 -6.22
N CYS A 54 7.87 -9.12 -5.00
CA CYS A 54 6.79 -9.19 -4.02
C CYS A 54 5.46 -8.60 -4.50
N PRO A 55 4.34 -9.37 -4.47
CA PRO A 55 3.04 -8.85 -4.85
C PRO A 55 2.39 -8.02 -3.72
N VAL A 56 2.74 -8.27 -2.45
CA VAL A 56 2.17 -7.54 -1.31
C VAL A 56 2.77 -6.14 -1.23
N CYS A 57 4.09 -6.01 -1.09
CA CYS A 57 4.76 -4.72 -1.00
C CYS A 57 4.31 -3.76 -2.11
N LYS A 58 4.37 -4.20 -3.37
CA LYS A 58 3.95 -3.46 -4.56
C LYS A 58 2.51 -2.94 -4.47
N GLN A 59 1.61 -3.69 -3.82
CA GLN A 59 0.21 -3.29 -3.60
C GLN A 59 0.11 -2.05 -2.71
N LEU A 60 0.91 -1.97 -1.63
CA LEU A 60 0.95 -0.79 -0.77
C LEU A 60 1.49 0.41 -1.55
N ILE A 61 2.59 0.24 -2.30
CA ILE A 61 3.22 1.35 -3.04
C ILE A 61 2.22 2.06 -3.94
N ALA A 62 1.40 1.33 -4.71
CA ALA A 62 0.40 1.95 -5.59
C ALA A 62 -0.56 2.82 -4.77
N LEU A 63 -1.15 2.21 -3.74
CA LEU A 63 -2.09 2.81 -2.81
C LEU A 63 -1.50 4.09 -2.15
N CYS A 64 -0.23 4.03 -1.76
CA CYS A 64 0.52 5.14 -1.19
C CYS A 64 0.85 6.22 -2.25
N CYS A 65 1.27 5.87 -3.47
CA CYS A 65 1.55 6.82 -4.55
C CYS A 65 0.33 7.71 -4.86
N TYR A 66 -0.85 7.09 -4.96
CA TYR A 66 -2.14 7.76 -5.22
C TYR A 66 -2.47 8.84 -4.17
N HIS A 67 -2.00 8.67 -2.94
CA HIS A 67 -2.13 9.63 -1.86
C HIS A 67 -0.95 10.63 -1.86
N ALA A 68 0.29 10.13 -1.80
CA ALA A 68 1.54 10.88 -1.73
C ALA A 68 1.73 11.94 -2.83
N LYS A 69 1.29 11.68 -4.06
CA LYS A 69 1.39 12.65 -5.17
C LYS A 69 0.67 13.96 -4.88
N HIS A 70 -0.53 13.81 -4.36
CA HIS A 70 -1.43 14.87 -3.90
C HIS A 70 -1.06 15.41 -2.50
N CYS A 71 -0.23 14.69 -1.74
CA CYS A 71 0.17 15.06 -0.37
C CYS A 71 1.29 16.13 -0.33
N GLN A 72 1.40 16.83 0.81
CA GLN A 72 2.40 17.89 1.07
C GLN A 72 2.94 17.90 2.52
N GLU A 73 2.38 17.09 3.43
CA GLU A 73 2.80 17.05 4.84
C GLU A 73 4.13 16.31 5.04
N ASN A 74 4.90 16.71 6.06
CA ASN A 74 6.23 16.15 6.39
C ASN A 74 6.21 15.21 7.61
N LYS A 75 5.04 15.12 8.27
CA LYS A 75 4.74 14.34 9.47
C LYS A 75 3.56 13.35 9.27
N CYS A 76 3.24 13.05 8.00
CA CYS A 76 2.17 12.16 7.55
C CYS A 76 2.33 10.75 8.22
N PRO A 77 1.25 10.07 8.66
CA PRO A 77 1.36 8.79 9.38
C PRO A 77 1.81 7.59 8.53
N VAL A 78 1.55 7.57 7.23
CA VAL A 78 1.91 6.47 6.32
C VAL A 78 3.44 6.47 6.08
N PRO A 79 4.16 5.34 6.28
CA PRO A 79 5.63 5.30 6.12
C PRO A 79 6.11 5.54 4.69
N PHE A 80 5.38 5.03 3.68
CA PHE A 80 5.75 5.22 2.27
C PHE A 80 5.41 6.61 1.71
N CYS A 81 4.36 7.27 2.22
CA CYS A 81 3.95 8.60 1.77
C CYS A 81 5.12 9.60 1.74
N LEU A 82 5.87 9.73 2.86
CA LEU A 82 7.04 10.60 2.94
C LEU A 82 8.08 10.22 1.88
N ASN A 83 8.50 8.95 1.85
CA ASN A 83 9.50 8.44 0.90
C ASN A 83 9.10 8.70 -0.56
N ILE A 84 7.84 8.43 -0.94
CA ILE A 84 7.36 8.65 -2.29
C ILE A 84 7.25 10.15 -2.62
N LYS A 85 6.57 10.97 -1.79
CA LYS A 85 6.45 12.41 -2.06
C LYS A 85 7.82 13.08 -2.17
N HIS A 86 8.78 12.78 -1.28
CA HIS A 86 10.13 13.33 -1.37
C HIS A 86 10.84 12.93 -2.67
N LYS A 87 10.71 11.67 -3.10
CA LYS A 87 11.32 11.16 -4.34
C LYS A 87 10.71 11.82 -5.59
N LEU A 88 9.39 11.99 -5.61
CA LEU A 88 8.67 12.65 -6.70
C LEU A 88 8.93 14.17 -6.76
N ARG A 89 8.78 14.90 -5.65
CA ARG A 89 9.01 16.36 -5.58
C ARG A 89 10.40 16.77 -6.05
N GLN A 90 11.43 15.97 -5.74
CA GLN A 90 12.82 16.22 -6.16
C GLN A 90 13.08 15.95 -7.66
N GLN A 91 12.13 15.34 -8.38
CA GLN A 91 12.23 15.00 -9.82
C GLN A 91 11.23 15.79 -10.69
N GLN A 92 10.12 16.28 -10.11
CA GLN A 92 9.10 17.10 -10.79
C GLN A 92 9.66 18.45 -11.26
N GLY B 1 -8.38 -20.93 -3.09
CA GLY B 1 -9.20 -20.18 -2.14
C GLY B 1 -9.90 -21.04 -1.07
N SER B 2 -9.69 -22.36 -1.10
CA SER B 2 -10.27 -23.33 -0.15
C SER B 2 -9.71 -23.23 1.28
N HIS B 3 -8.59 -22.54 1.46
CA HIS B 3 -7.89 -22.34 2.74
C HIS B 3 -7.43 -20.87 2.90
N MET B 4 -7.19 -20.46 4.15
CA MET B 4 -6.77 -19.11 4.54
C MET B 4 -5.97 -19.12 5.87
N SER B 5 -5.36 -17.98 6.21
CA SER B 5 -4.56 -17.79 7.43
C SER B 5 -5.36 -18.00 8.73
N GLU B 6 -4.65 -18.30 9.82
CA GLU B 6 -5.20 -18.53 11.17
C GLU B 6 -4.23 -18.03 12.28
N VAL B 7 -4.65 -18.12 13.55
CA VAL B 7 -3.85 -17.67 14.72
C VAL B 7 -2.57 -18.48 14.99
N HIS B 8 -2.44 -19.66 14.37
CA HIS B 8 -1.29 -20.57 14.51
C HIS B 8 -1.02 -21.31 13.16
N PRO B 9 -0.45 -20.61 12.16
CA PRO B 9 -0.16 -21.16 10.84
C PRO B 9 1.11 -22.05 10.83
N SER B 10 1.48 -22.54 9.65
CA SER B 10 2.70 -23.34 9.43
C SER B 10 3.98 -22.50 9.65
N ARG B 11 5.13 -23.16 9.81
CA ARG B 11 6.46 -22.54 10.05
C ARG B 11 6.99 -21.68 8.90
N LEU B 12 6.30 -21.71 7.76
CA LEU B 12 6.53 -20.94 6.54
C LEU B 12 5.17 -20.51 5.96
N GLN B 13 5.14 -19.38 5.24
CA GLN B 13 3.93 -18.81 4.62
C GLN B 13 4.23 -18.25 3.22
N THR B 14 3.23 -18.19 2.34
CA THR B 14 3.36 -17.67 0.96
C THR B 14 3.35 -16.14 0.88
N THR B 15 2.71 -15.46 1.84
CA THR B 15 2.56 -13.99 1.94
C THR B 15 2.25 -13.32 0.59
N ASP B 16 1.13 -13.71 -0.01
CA ASP B 16 0.67 -13.22 -1.33
C ASP B 16 -0.85 -12.95 -1.42
N ASN B 17 -1.58 -13.00 -0.30
CA ASN B 17 -3.03 -12.77 -0.26
C ASN B 17 -3.50 -11.70 0.74
N LEU B 18 -2.57 -11.10 1.51
CA LEU B 18 -2.84 -9.96 2.39
C LEU B 18 -3.32 -8.72 1.59
N LEU B 19 -3.14 -8.74 0.26
CA LEU B 19 -3.44 -7.68 -0.72
C LEU B 19 -4.67 -6.79 -0.34
N PRO B 20 -4.46 -5.52 0.09
CA PRO B 20 -5.53 -4.63 0.54
C PRO B 20 -6.37 -3.98 -0.59
N MET B 21 -5.99 -4.17 -1.85
CA MET B 21 -6.64 -3.58 -3.03
C MET B 21 -6.73 -4.60 -4.18
N SER B 22 -7.79 -4.52 -4.97
CA SER B 22 -8.07 -5.42 -6.11
C SER B 22 -7.22 -5.07 -7.34
N PRO B 23 -6.85 -6.04 -8.21
CA PRO B 23 -6.15 -5.77 -9.47
C PRO B 23 -6.84 -4.71 -10.35
N GLU B 24 -8.17 -4.61 -10.31
CA GLU B 24 -8.94 -3.61 -11.07
C GLU B 24 -8.80 -2.19 -10.48
N GLU B 25 -8.73 -2.07 -9.16
CA GLU B 25 -8.49 -0.80 -8.45
C GLU B 25 -7.03 -0.40 -8.64
N PHE B 26 -6.11 -1.35 -8.49
CA PHE B 26 -4.67 -1.18 -8.75
C PHE B 26 -4.41 -0.68 -10.18
N ASP B 27 -5.19 -1.12 -11.17
CA ASP B 27 -5.08 -0.63 -12.56
C ASP B 27 -5.48 0.85 -12.66
N GLU B 28 -6.60 1.26 -12.04
CA GLU B 28 -6.99 2.69 -11.97
C GLU B 28 -5.95 3.53 -11.22
N VAL B 29 -5.31 2.98 -10.18
CA VAL B 29 -4.20 3.65 -9.50
C VAL B 29 -3.04 3.83 -10.48
N SER B 30 -2.68 2.78 -11.22
CA SER B 30 -1.60 2.80 -12.23
C SER B 30 -1.87 3.81 -13.35
N ARG B 31 -3.14 4.00 -13.78
CA ARG B 31 -3.52 4.98 -14.81
C ARG B 31 -3.16 6.42 -14.41
N ILE B 32 -3.27 6.74 -13.11
CA ILE B 32 -2.98 8.08 -12.55
C ILE B 32 -1.51 8.23 -12.12
N VAL B 33 -0.96 7.23 -11.40
CA VAL B 33 0.42 7.25 -10.88
C VAL B 33 1.47 7.11 -12.00
N GLY B 34 1.16 6.35 -13.05
CA GLY B 34 2.03 6.11 -14.20
C GLY B 34 3.38 5.43 -13.88
N SER B 35 3.48 4.73 -12.74
CA SER B 35 4.67 3.99 -12.25
C SER B 35 5.99 4.78 -12.19
N VAL B 36 5.93 6.12 -12.09
CA VAL B 36 7.03 7.11 -12.03
C VAL B 36 8.46 6.56 -11.84
N GLU B 37 8.79 6.05 -10.64
CA GLU B 37 10.10 5.43 -10.28
C GLU B 37 9.87 4.26 -9.30
N PHE B 38 8.68 3.67 -9.42
CA PHE B 38 8.03 2.67 -8.57
C PHE B 38 8.87 1.53 -7.97
N ASP B 39 9.82 0.96 -8.70
CA ASP B 39 10.71 -0.11 -8.19
C ASP B 39 11.76 0.37 -7.16
N SER B 40 11.82 1.68 -6.90
CA SER B 40 12.78 2.36 -6.01
C SER B 40 12.09 3.14 -4.87
N MET B 41 10.77 3.04 -4.69
CA MET B 41 10.04 3.77 -3.62
C MET B 41 10.49 3.47 -2.18
N MET B 42 11.25 2.37 -1.96
CA MET B 42 11.86 2.04 -0.67
C MET B 42 12.97 3.03 -0.28
N ASN B 43 13.43 3.85 -1.24
CA ASN B 43 14.43 4.90 -1.07
C ASN B 43 13.75 6.28 -1.04
N THR B 44 14.22 7.18 -0.16
CA THR B 44 13.69 8.54 0.03
C THR B 44 13.90 9.46 -1.19
N VAL B 45 14.92 9.18 -2.01
CA VAL B 45 15.29 9.92 -3.22
C VAL B 45 16.08 9.03 -4.18
ZN ZN C . -8.07 0.65 13.91
ZN ZN D . 6.86 -7.97 0.66
ZN ZN E . 0.46 11.95 2.97
N SER A 1 -21.12 6.43 -13.09
CA SER A 1 -19.93 6.26 -12.25
C SER A 1 -19.11 5.00 -12.60
N PRO A 2 -18.52 4.91 -13.82
CA PRO A 2 -17.77 3.73 -14.29
C PRO A 2 -16.44 3.55 -13.54
N GLN A 3 -15.39 4.26 -13.94
CA GLN A 3 -14.09 4.23 -13.26
C GLN A 3 -14.16 4.93 -11.89
N GLU A 4 -15.15 5.80 -11.69
CA GLU A 4 -15.43 6.47 -10.42
C GLU A 4 -15.62 5.48 -9.27
N SER A 5 -16.28 4.34 -9.51
CA SER A 5 -16.45 3.29 -8.48
C SER A 5 -15.08 2.79 -7.97
N ARG A 6 -14.09 2.64 -8.87
CA ARG A 6 -12.71 2.29 -8.52
C ARG A 6 -12.04 3.44 -7.73
N ARG A 7 -12.06 4.66 -8.30
CA ARG A 7 -11.43 5.88 -7.76
C ARG A 7 -11.86 6.18 -6.32
N LEU A 8 -13.17 6.16 -6.08
CA LEU A 8 -13.79 6.41 -4.79
C LEU A 8 -13.49 5.28 -3.79
N SER A 9 -13.46 4.01 -4.22
CA SER A 9 -13.08 2.88 -3.35
C SER A 9 -11.61 2.95 -2.92
N ILE A 10 -10.70 3.39 -3.81
CA ILE A 10 -9.28 3.57 -3.46
C ILE A 10 -9.13 4.62 -2.35
N GLN A 11 -9.90 5.73 -2.38
CA GLN A 11 -9.91 6.72 -1.31
C GLN A 11 -10.35 6.10 0.03
N ARG A 12 -11.35 5.21 0.05
CA ARG A 12 -11.75 4.48 1.27
C ARG A 12 -10.62 3.57 1.78
N CYS A 13 -9.86 2.95 0.87
CA CYS A 13 -8.69 2.15 1.22
C CYS A 13 -7.58 3.05 1.81
N ILE A 14 -7.36 4.25 1.26
CA ILE A 14 -6.40 5.23 1.79
C ILE A 14 -6.79 5.63 3.21
N GLN A 15 -8.06 5.96 3.46
CA GLN A 15 -8.56 6.26 4.81
C GLN A 15 -8.31 5.09 5.78
N SER A 16 -8.56 3.86 5.33
CA SER A 16 -8.33 2.64 6.13
C SER A 16 -6.85 2.44 6.47
N LEU A 17 -5.94 2.63 5.51
CA LEU A 17 -4.48 2.51 5.75
C LEU A 17 -3.99 3.65 6.65
N VAL A 18 -4.45 4.89 6.45
CA VAL A 18 -4.13 6.05 7.29
C VAL A 18 -4.57 5.81 8.74
N HIS A 19 -5.78 5.27 8.93
CA HIS A 19 -6.29 4.88 10.26
C HIS A 19 -5.37 3.81 10.87
N ALA A 20 -5.11 2.72 10.15
CA ALA A 20 -4.24 1.62 10.60
C ALA A 20 -2.81 2.05 10.97
N CYS A 21 -2.26 3.07 10.30
CA CYS A 21 -0.94 3.63 10.59
C CYS A 21 -0.89 4.34 11.98
N GLN A 22 -2.04 4.74 12.53
CA GLN A 22 -2.18 5.40 13.82
C GLN A 22 -2.74 4.44 14.90
N CYS A 23 -3.62 3.54 14.48
CA CYS A 23 -4.25 2.50 15.30
C CYS A 23 -3.22 1.41 15.69
N ARG A 24 -3.51 0.65 16.76
CA ARG A 24 -2.60 -0.39 17.30
C ARG A 24 -3.26 -1.72 17.65
N ASN A 25 -4.59 -1.77 17.84
CA ASN A 25 -5.31 -2.99 18.15
C ASN A 25 -5.15 -4.10 17.10
N ALA A 26 -4.93 -5.32 17.57
CA ALA A 26 -4.86 -6.52 16.74
C ALA A 26 -6.20 -6.90 16.09
N ASN A 27 -7.30 -6.52 16.73
CA ASN A 27 -8.69 -6.83 16.37
C ASN A 27 -9.59 -5.58 16.39
N CYS A 28 -9.13 -4.46 15.83
CA CYS A 28 -9.88 -3.20 15.72
C CYS A 28 -11.27 -3.42 15.09
N SER A 29 -12.30 -2.67 15.50
CA SER A 29 -13.66 -2.85 14.99
C SER A 29 -13.84 -2.64 13.48
N LEU A 30 -12.89 -1.99 12.79
CA LEU A 30 -12.90 -1.85 11.34
C LEU A 30 -12.35 -3.13 10.67
N PRO A 31 -13.07 -3.75 9.70
CA PRO A 31 -12.61 -4.95 9.03
C PRO A 31 -11.33 -4.73 8.21
N SER A 32 -11.17 -3.54 7.62
CA SER A 32 -9.99 -3.17 6.84
C SER A 32 -8.77 -2.91 7.73
N CYS A 33 -8.89 -2.16 8.84
CA CYS A 33 -7.83 -1.86 9.79
C CYS A 33 -7.04 -3.12 10.23
N GLN A 34 -7.77 -4.20 10.61
CA GLN A 34 -7.17 -5.49 10.97
C GLN A 34 -6.27 -6.06 9.85
N LYS A 35 -6.66 -5.88 8.59
CA LYS A 35 -5.93 -6.35 7.40
C LYS A 35 -4.77 -5.40 7.07
N MET A 36 -5.01 -4.10 7.10
CA MET A 36 -4.00 -3.05 6.85
C MET A 36 -2.80 -3.15 7.79
N LYS A 37 -3.03 -3.50 9.07
CA LYS A 37 -1.95 -3.74 10.04
C LYS A 37 -1.11 -4.94 9.62
N ARG A 38 -1.74 -6.07 9.25
CA ARG A 38 -1.04 -7.30 8.82
C ARG A 38 -0.26 -7.04 7.52
N VAL A 39 -0.81 -6.21 6.63
CA VAL A 39 -0.18 -5.75 5.38
C VAL A 39 1.07 -4.91 5.64
N VAL A 40 0.99 -3.83 6.44
CA VAL A 40 2.19 -3.01 6.73
C VAL A 40 3.24 -3.82 7.50
N GLN A 41 2.84 -4.62 8.50
CA GLN A 41 3.73 -5.51 9.25
C GLN A 41 4.48 -6.49 8.34
N HIS A 42 3.79 -7.06 7.34
CA HIS A 42 4.43 -7.92 6.35
C HIS A 42 5.51 -7.14 5.57
N THR A 43 5.13 -6.05 4.90
CA THR A 43 6.05 -5.24 4.07
C THR A 43 7.23 -4.65 4.85
N LYS A 44 7.03 -4.30 6.12
CA LYS A 44 8.04 -3.81 7.07
C LYS A 44 9.23 -4.78 7.25
N GLY A 45 9.08 -6.06 6.88
CA GLY A 45 10.11 -7.10 7.01
C GLY A 45 10.34 -7.95 5.74
N CYS A 46 9.53 -7.80 4.69
CA CYS A 46 9.67 -8.56 3.44
C CYS A 46 10.97 -8.21 2.72
N LYS A 47 11.71 -9.25 2.33
CA LYS A 47 13.00 -9.15 1.61
C LYS A 47 12.83 -9.38 0.10
N ARG A 48 11.61 -9.56 -0.39
CA ARG A 48 11.26 -9.79 -1.79
C ARG A 48 10.92 -8.46 -2.46
N LYS A 49 9.81 -7.83 -2.05
CA LYS A 49 9.29 -6.55 -2.56
C LYS A 49 9.32 -6.35 -4.08
N THR A 50 9.24 -5.10 -4.57
CA THR A 50 9.21 -4.74 -6.00
C THR A 50 10.38 -5.32 -6.81
N ASN A 51 11.56 -5.47 -6.19
CA ASN A 51 12.76 -6.02 -6.82
C ASN A 51 12.71 -7.55 -7.03
N GLY A 52 12.13 -8.30 -6.08
CA GLY A 52 12.04 -9.76 -6.11
C GLY A 52 10.73 -10.32 -6.69
N GLY A 53 9.62 -9.58 -6.58
CA GLY A 53 8.32 -9.95 -7.14
C GLY A 53 7.14 -10.09 -6.16
N CYS A 54 7.29 -9.70 -4.89
CA CYS A 54 6.20 -9.76 -3.91
C CYS A 54 4.99 -8.89 -4.35
N PRO A 55 3.77 -9.46 -4.41
CA PRO A 55 2.58 -8.73 -4.80
C PRO A 55 2.02 -7.83 -3.69
N VAL A 56 2.42 -8.03 -2.42
CA VAL A 56 1.90 -7.22 -1.31
C VAL A 56 2.64 -5.88 -1.26
N CYS A 57 3.97 -5.88 -1.07
CA CYS A 57 4.79 -4.67 -1.01
C CYS A 57 4.52 -3.72 -2.18
N LYS A 58 4.55 -4.24 -3.42
CA LYS A 58 4.28 -3.54 -4.66
C LYS A 58 2.86 -2.94 -4.71
N GLN A 59 1.92 -3.47 -3.93
CA GLN A 59 0.54 -2.98 -3.82
C GLN A 59 0.40 -1.83 -2.79
N LEU A 60 1.04 -1.90 -1.60
CA LEU A 60 0.96 -0.79 -0.63
C LEU A 60 1.47 0.50 -1.27
N ILE A 61 2.64 0.40 -1.91
CA ILE A 61 3.33 1.53 -2.53
C ILE A 61 2.50 2.18 -3.64
N ALA A 62 1.71 1.42 -4.41
CA ALA A 62 0.79 1.98 -5.39
C ALA A 62 -0.29 2.81 -4.65
N LEU A 63 -0.91 2.18 -3.65
CA LEU A 63 -1.95 2.77 -2.80
C LEU A 63 -1.44 4.07 -2.13
N CYS A 64 -0.17 4.07 -1.69
CA CYS A 64 0.53 5.22 -1.11
C CYS A 64 0.83 6.29 -2.18
N CYS A 65 1.28 5.93 -3.39
CA CYS A 65 1.53 6.88 -4.49
C CYS A 65 0.25 7.66 -4.85
N TYR A 66 -0.90 6.98 -4.93
CA TYR A 66 -2.21 7.58 -5.22
C TYR A 66 -2.56 8.72 -4.25
N HIS A 67 -2.08 8.65 -3.00
CA HIS A 67 -2.23 9.66 -1.96
C HIS A 67 -1.07 10.68 -2.00
N ALA A 68 0.18 10.21 -1.99
CA ALA A 68 1.40 11.00 -1.97
C ALA A 68 1.57 12.00 -3.13
N LYS A 69 0.99 11.72 -4.32
CA LYS A 69 1.01 12.67 -5.45
C LYS A 69 0.38 14.02 -5.06
N HIS A 70 -0.72 13.97 -4.29
CA HIS A 70 -1.45 15.14 -3.78
C HIS A 70 -0.95 15.64 -2.42
N CYS A 71 -0.49 14.74 -1.54
CA CYS A 71 -0.03 15.08 -0.19
C CYS A 71 1.17 16.04 -0.19
N GLN A 72 1.21 16.92 0.81
CA GLN A 72 2.23 17.95 1.00
C GLN A 72 2.73 18.06 2.47
N GLU A 73 2.25 17.20 3.38
CA GLU A 73 2.64 17.21 4.80
C GLU A 73 3.89 16.35 5.08
N ASN A 74 4.65 16.76 6.09
CA ASN A 74 5.92 16.14 6.53
C ASN A 74 5.77 15.29 7.82
N LYS A 75 4.56 15.26 8.39
CA LYS A 75 4.15 14.56 9.63
C LYS A 75 3.11 13.45 9.36
N CYS A 76 2.84 13.16 8.08
CA CYS A 76 1.87 12.16 7.59
C CYS A 76 2.14 10.77 8.25
N PRO A 77 1.11 10.05 8.75
CA PRO A 77 1.31 8.77 9.46
C PRO A 77 1.75 7.59 8.58
N VAL A 78 1.46 7.60 7.28
CA VAL A 78 1.84 6.53 6.34
C VAL A 78 3.36 6.59 6.09
N PRO A 79 4.14 5.52 6.35
CA PRO A 79 5.61 5.56 6.21
C PRO A 79 6.10 5.81 4.77
N PHE A 80 5.40 5.28 3.77
CA PHE A 80 5.79 5.44 2.37
C PHE A 80 5.39 6.80 1.76
N CYS A 81 4.34 7.47 2.25
CA CYS A 81 3.89 8.75 1.70
C CYS A 81 5.02 9.78 1.69
N LEU A 82 5.65 9.96 2.85
CA LEU A 82 6.78 10.84 3.12
C LEU A 82 7.94 10.63 2.12
N ASN A 83 8.31 9.36 1.88
CA ASN A 83 9.37 8.98 0.95
C ASN A 83 8.98 9.22 -0.52
N ILE A 84 7.75 8.86 -0.90
CA ILE A 84 7.23 9.03 -2.25
C ILE A 84 7.10 10.53 -2.60
N LYS A 85 6.41 11.35 -1.78
CA LYS A 85 6.23 12.78 -2.07
C LYS A 85 7.55 13.52 -2.31
N HIS A 86 8.60 13.18 -1.55
CA HIS A 86 9.93 13.75 -1.74
C HIS A 86 10.52 13.35 -3.10
N LYS A 87 10.45 12.06 -3.47
CA LYS A 87 11.03 11.58 -4.74
C LYS A 87 10.30 12.13 -5.96
N LEU A 88 8.97 12.09 -5.94
CA LEU A 88 8.13 12.57 -7.05
C LEU A 88 8.33 14.06 -7.39
N ARG A 89 8.74 14.88 -6.42
CA ARG A 89 9.03 16.33 -6.60
C ARG A 89 10.50 16.64 -6.89
N GLN A 90 11.41 15.73 -6.58
CA GLN A 90 12.87 15.91 -6.75
C GLN A 90 13.51 15.10 -7.90
N GLN A 91 12.85 14.05 -8.41
CA GLN A 91 13.36 13.20 -9.51
C GLN A 91 13.69 13.95 -10.80
N GLN A 92 12.83 14.91 -11.14
CA GLN A 92 12.87 15.74 -12.36
C GLN A 92 12.54 17.21 -12.04
N GLY B 1 4.90 -23.13 -0.70
CA GLY B 1 6.36 -23.30 -0.61
C GLY B 1 6.86 -23.99 0.67
N SER B 2 5.94 -24.49 1.51
CA SER B 2 6.23 -25.19 2.78
C SER B 2 7.08 -26.47 2.65
N HIS B 3 7.25 -26.98 1.43
CA HIS B 3 8.06 -28.16 1.09
C HIS B 3 9.10 -27.82 0.00
N MET B 4 9.44 -26.52 -0.13
CA MET B 4 10.38 -25.97 -1.13
C MET B 4 11.39 -24.99 -0.51
N SER B 5 11.05 -24.33 0.60
CA SER B 5 11.90 -23.39 1.33
C SER B 5 13.24 -24.00 1.77
N GLU B 6 14.26 -23.13 1.93
CA GLU B 6 15.64 -23.47 2.35
C GLU B 6 16.39 -24.48 1.44
N VAL B 7 15.89 -24.74 0.22
CA VAL B 7 16.55 -25.62 -0.77
C VAL B 7 16.32 -25.18 -2.22
N HIS B 8 15.06 -24.91 -2.56
CA HIS B 8 14.60 -24.41 -3.87
C HIS B 8 13.33 -23.55 -3.70
N PRO B 9 13.39 -22.38 -3.03
CA PRO B 9 12.23 -21.52 -2.73
C PRO B 9 11.31 -21.11 -3.88
N SER B 10 10.20 -20.48 -3.48
CA SER B 10 9.14 -19.98 -4.37
C SER B 10 8.36 -18.83 -3.73
N ARG B 11 7.74 -17.98 -4.57
CA ARG B 11 6.87 -16.85 -4.15
C ARG B 11 5.51 -17.29 -3.61
N LEU B 12 5.22 -18.58 -3.70
CA LEU B 12 4.01 -19.26 -3.21
C LEU B 12 3.98 -19.30 -1.68
N GLN B 13 3.56 -18.19 -1.06
CA GLN B 13 3.50 -18.01 0.40
C GLN B 13 2.14 -17.44 0.83
N THR B 14 1.79 -17.58 2.11
CA THR B 14 0.51 -17.12 2.72
C THR B 14 0.28 -15.61 2.65
N THR B 15 1.31 -14.82 2.30
CA THR B 15 1.23 -13.35 2.15
C THR B 15 0.35 -12.90 0.98
N ASP B 16 0.14 -13.79 0.02
CA ASP B 16 -0.61 -13.63 -1.23
C ASP B 16 -2.08 -13.17 -1.12
N ASN B 17 -2.65 -13.11 0.08
CA ASN B 17 -4.03 -12.68 0.33
C ASN B 17 -4.14 -11.49 1.30
N LEU B 18 -3.02 -10.98 1.83
CA LEU B 18 -3.01 -9.74 2.62
C LEU B 18 -3.50 -8.54 1.77
N LEU B 19 -3.38 -8.64 0.44
CA LEU B 19 -3.72 -7.63 -0.58
C LEU B 19 -4.92 -6.72 -0.25
N PRO B 20 -4.71 -5.46 0.20
CA PRO B 20 -5.79 -4.55 0.56
C PRO B 20 -6.56 -3.96 -0.65
N MET B 21 -6.11 -4.18 -1.89
CA MET B 21 -6.70 -3.61 -3.10
C MET B 21 -6.89 -4.64 -4.23
N SER B 22 -7.93 -4.44 -5.05
CA SER B 22 -8.34 -5.34 -6.14
C SER B 22 -7.57 -5.07 -7.46
N PRO B 23 -7.51 -6.03 -8.40
CA PRO B 23 -6.83 -5.84 -9.70
C PRO B 23 -7.29 -4.59 -10.49
N GLU B 24 -8.61 -4.32 -10.54
CA GLU B 24 -9.14 -3.13 -11.23
C GLU B 24 -8.83 -1.81 -10.51
N GLU B 25 -8.72 -1.84 -9.19
CA GLU B 25 -8.33 -0.68 -8.39
C GLU B 25 -6.82 -0.42 -8.60
N PHE B 26 -6.00 -1.47 -8.53
CA PHE B 26 -4.56 -1.40 -8.80
C PHE B 26 -4.28 -0.89 -10.24
N ASP B 27 -5.10 -1.28 -11.22
CA ASP B 27 -5.03 -0.76 -12.60
C ASP B 27 -5.31 0.75 -12.62
N GLU B 28 -6.34 1.22 -11.93
CA GLU B 28 -6.67 2.64 -11.81
C GLU B 28 -5.55 3.44 -11.13
N VAL B 29 -4.87 2.86 -10.14
CA VAL B 29 -3.71 3.49 -9.51
C VAL B 29 -2.57 3.55 -10.52
N SER B 30 -2.29 2.47 -11.24
CA SER B 30 -1.25 2.40 -12.28
C SER B 30 -1.48 3.44 -13.39
N ARG B 31 -2.73 3.69 -13.78
CA ARG B 31 -3.10 4.71 -14.79
C ARG B 31 -2.68 6.13 -14.40
N ILE B 32 -2.80 6.48 -13.11
CA ILE B 32 -2.46 7.82 -12.58
C ILE B 32 -1.00 7.93 -12.15
N VAL B 33 -0.48 6.92 -11.45
CA VAL B 33 0.90 6.91 -10.92
C VAL B 33 1.92 6.71 -12.05
N GLY B 34 1.56 5.97 -13.10
CA GLY B 34 2.42 5.70 -14.27
C GLY B 34 3.81 5.14 -13.94
N SER B 35 3.95 4.46 -12.79
CA SER B 35 5.19 3.87 -12.25
C SER B 35 6.39 4.84 -12.13
N VAL B 36 6.15 6.16 -12.07
CA VAL B 36 7.11 7.30 -11.94
C VAL B 36 8.59 6.91 -11.75
N GLU B 37 8.97 6.42 -10.57
CA GLU B 37 10.29 5.97 -10.17
C GLU B 37 10.11 4.80 -9.14
N PHE B 38 8.97 4.10 -9.28
CA PHE B 38 8.36 3.09 -8.42
C PHE B 38 9.26 1.99 -7.82
N ASP B 39 10.26 1.48 -8.54
CA ASP B 39 11.16 0.44 -8.02
C ASP B 39 12.23 0.98 -7.03
N SER B 40 12.22 2.28 -6.73
CA SER B 40 13.12 2.98 -5.79
C SER B 40 12.39 3.63 -4.60
N MET B 41 11.06 3.45 -4.45
CA MET B 41 10.28 4.02 -3.34
C MET B 41 10.77 3.55 -1.95
N MET B 42 11.52 2.44 -1.91
CA MET B 42 12.13 1.82 -0.72
C MET B 42 13.26 2.66 -0.09
N ASN B 43 13.74 3.69 -0.79
CA ASN B 43 14.87 4.54 -0.39
C ASN B 43 14.49 6.04 -0.46
N THR B 44 15.12 6.88 0.36
CA THR B 44 14.89 8.34 0.42
C THR B 44 15.17 9.05 -0.92
N VAL B 45 16.19 8.59 -1.66
CA VAL B 45 16.64 9.16 -2.95
C VAL B 45 16.99 8.05 -3.95
ZN ZN C . -8.09 0.66 13.94
ZN ZN D . 6.36 -8.31 0.65
ZN ZN E . 0.40 11.94 2.98
N SER A 1 -21.33 7.84 -12.07
CA SER A 1 -20.03 7.49 -11.50
C SER A 1 -19.49 6.14 -12.02
N PRO A 2 -19.20 6.01 -13.34
CA PRO A 2 -18.71 4.78 -13.95
C PRO A 2 -17.28 4.43 -13.54
N GLN A 3 -16.27 5.10 -14.11
CA GLN A 3 -14.85 4.92 -13.76
C GLN A 3 -14.56 5.46 -12.35
N GLU A 4 -15.38 6.39 -11.86
CA GLU A 4 -15.28 6.93 -10.49
C GLU A 4 -15.44 5.84 -9.41
N SER A 5 -16.17 4.75 -9.67
CA SER A 5 -16.35 3.65 -8.72
C SER A 5 -15.03 3.13 -8.15
N ARG A 6 -14.02 2.94 -9.01
CA ARG A 6 -12.67 2.51 -8.65
C ARG A 6 -11.96 3.58 -7.80
N ARG A 7 -11.93 4.83 -8.31
CA ARG A 7 -11.29 6.00 -7.66
C ARG A 7 -11.80 6.24 -6.24
N LEU A 8 -13.12 6.28 -6.09
CA LEU A 8 -13.81 6.47 -4.82
C LEU A 8 -13.55 5.29 -3.85
N SER A 9 -13.46 4.06 -4.35
CA SER A 9 -13.11 2.89 -3.53
C SER A 9 -11.64 2.97 -3.05
N ILE A 10 -10.71 3.39 -3.91
CA ILE A 10 -9.29 3.59 -3.54
C ILE A 10 -9.18 4.60 -2.38
N GLN A 11 -9.96 5.70 -2.40
CA GLN A 11 -9.99 6.67 -1.30
C GLN A 11 -10.42 6.04 0.04
N ARG A 12 -11.39 5.09 0.04
CA ARG A 12 -11.77 4.35 1.26
C ARG A 12 -10.61 3.50 1.78
N CYS A 13 -9.85 2.86 0.88
CA CYS A 13 -8.66 2.09 1.24
C CYS A 13 -7.56 3.01 1.80
N ILE A 14 -7.35 4.20 1.23
CA ILE A 14 -6.39 5.20 1.73
C ILE A 14 -6.76 5.59 3.16
N GLN A 15 -8.04 5.93 3.42
CA GLN A 15 -8.52 6.24 4.77
C GLN A 15 -8.32 5.06 5.74
N SER A 16 -8.55 3.83 5.29
CA SER A 16 -8.33 2.61 6.08
C SER A 16 -6.86 2.42 6.46
N LEU A 17 -5.92 2.62 5.52
CA LEU A 17 -4.48 2.52 5.80
C LEU A 17 -4.02 3.65 6.72
N VAL A 18 -4.50 4.89 6.50
CA VAL A 18 -4.22 6.05 7.36
C VAL A 18 -4.70 5.79 8.79
N HIS A 19 -5.91 5.25 8.96
CA HIS A 19 -6.44 4.84 10.27
C HIS A 19 -5.51 3.80 10.90
N ALA A 20 -5.22 2.70 10.20
CA ALA A 20 -4.35 1.63 10.67
C ALA A 20 -2.93 2.10 11.09
N CYS A 21 -2.37 3.09 10.40
CA CYS A 21 -1.06 3.67 10.72
C CYS A 21 -1.04 4.38 12.10
N GLN A 22 -2.20 4.77 12.62
CA GLN A 22 -2.38 5.45 13.92
C GLN A 22 -3.03 4.54 14.97
N CYS A 23 -3.88 3.59 14.53
CA CYS A 23 -4.59 2.64 15.37
C CYS A 23 -3.65 1.60 15.98
N ARG A 24 -3.93 1.20 17.23
CA ARG A 24 -3.12 0.26 18.04
C ARG A 24 -3.83 -1.07 18.36
N ASN A 25 -5.13 -1.16 18.08
CA ASN A 25 -5.94 -2.37 18.30
C ASN A 25 -5.38 -3.54 17.47
N ALA A 26 -5.03 -4.66 18.09
CA ALA A 26 -4.49 -5.85 17.41
C ALA A 26 -5.43 -6.38 16.30
N ASN A 27 -6.74 -6.31 16.56
CA ASN A 27 -7.82 -6.72 15.67
C ASN A 27 -9.03 -5.76 15.82
N CYS A 28 -8.83 -4.51 15.39
CA CYS A 28 -9.79 -3.41 15.41
C CYS A 28 -11.20 -3.77 14.89
N SER A 29 -12.21 -2.97 15.22
CA SER A 29 -13.60 -3.16 14.79
C SER A 29 -13.80 -3.01 13.26
N LEU A 30 -12.90 -2.32 12.56
CA LEU A 30 -12.95 -2.17 11.10
C LEU A 30 -12.36 -3.43 10.41
N PRO A 31 -13.04 -4.00 9.39
CA PRO A 31 -12.57 -5.18 8.68
C PRO A 31 -11.28 -4.94 7.90
N SER A 32 -11.04 -3.71 7.43
CA SER A 32 -9.84 -3.31 6.71
C SER A 32 -8.65 -3.03 7.64
N CYS A 33 -8.85 -2.31 8.76
CA CYS A 33 -7.80 -2.00 9.76
C CYS A 33 -7.03 -3.27 10.20
N GLN A 34 -7.77 -4.35 10.51
CA GLN A 34 -7.24 -5.67 10.84
C GLN A 34 -6.26 -6.21 9.78
N LYS A 35 -6.53 -5.94 8.50
CA LYS A 35 -5.76 -6.37 7.33
C LYS A 35 -4.61 -5.40 7.06
N MET A 36 -4.86 -4.10 7.10
CA MET A 36 -3.86 -3.04 6.89
C MET A 36 -2.67 -3.16 7.85
N LYS A 37 -2.92 -3.51 9.12
CA LYS A 37 -1.85 -3.76 10.11
C LYS A 37 -1.01 -4.96 9.71
N ARG A 38 -1.63 -6.08 9.29
CA ARG A 38 -0.93 -7.28 8.81
C ARG A 38 -0.10 -6.97 7.55
N VAL A 39 -0.67 -6.18 6.64
CA VAL A 39 -0.03 -5.72 5.39
C VAL A 39 1.21 -4.87 5.64
N VAL A 40 1.13 -3.81 6.45
CA VAL A 40 2.32 -2.98 6.75
C VAL A 40 3.37 -3.80 7.50
N GLN A 41 2.98 -4.61 8.49
CA GLN A 41 3.87 -5.52 9.24
C GLN A 41 4.61 -6.50 8.31
N HIS A 42 3.92 -7.07 7.30
CA HIS A 42 4.55 -7.93 6.31
C HIS A 42 5.67 -7.16 5.59
N THR A 43 5.34 -6.02 4.97
CA THR A 43 6.30 -5.23 4.21
C THR A 43 7.49 -4.77 5.03
N LYS A 44 7.23 -4.38 6.30
CA LYS A 44 8.22 -3.97 7.31
C LYS A 44 9.28 -5.05 7.64
N GLY A 45 9.03 -6.31 7.26
CA GLY A 45 9.93 -7.45 7.49
C GLY A 45 10.22 -8.32 6.25
N CYS A 46 9.65 -8.01 5.08
CA CYS A 46 9.83 -8.75 3.83
C CYS A 46 11.22 -8.50 3.20
N LYS A 47 11.68 -9.49 2.42
CA LYS A 47 12.97 -9.52 1.71
C LYS A 47 12.78 -9.54 0.18
N ARG A 48 11.53 -9.53 -0.32
CA ARG A 48 11.21 -9.57 -1.74
C ARG A 48 10.99 -8.16 -2.32
N LYS A 49 9.98 -7.43 -1.83
CA LYS A 49 9.53 -6.10 -2.29
C LYS A 49 9.40 -5.93 -3.83
N THR A 50 9.10 -4.70 -4.29
CA THR A 50 8.89 -4.35 -5.71
C THR A 50 10.05 -4.74 -6.62
N ASN A 51 11.30 -4.55 -6.17
CA ASN A 51 12.51 -4.86 -6.94
C ASN A 51 12.75 -6.37 -7.12
N GLY A 52 12.20 -7.23 -6.25
CA GLY A 52 12.34 -8.69 -6.30
C GLY A 52 11.13 -9.41 -6.91
N GLY A 53 9.91 -8.92 -6.64
CA GLY A 53 8.67 -9.47 -7.20
C GLY A 53 7.49 -9.63 -6.23
N CYS A 54 7.58 -9.16 -4.97
CA CYS A 54 6.54 -9.27 -3.96
C CYS A 54 5.18 -8.68 -4.40
N PRO A 55 4.07 -9.45 -4.36
CA PRO A 55 2.76 -8.92 -4.71
C PRO A 55 2.15 -8.09 -3.57
N VAL A 56 2.55 -8.32 -2.31
CA VAL A 56 2.02 -7.56 -1.17
C VAL A 56 2.65 -6.18 -1.13
N CYS A 57 3.98 -6.06 -1.01
CA CYS A 57 4.68 -4.79 -0.96
C CYS A 57 4.25 -3.84 -2.08
N LYS A 58 4.30 -4.30 -3.34
CA LYS A 58 3.88 -3.55 -4.52
C LYS A 58 2.45 -3.01 -4.43
N GLN A 59 1.55 -3.72 -3.73
CA GLN A 59 0.17 -3.28 -3.50
C GLN A 59 0.14 -2.01 -2.62
N LEU A 60 0.92 -1.97 -1.52
CA LEU A 60 1.02 -0.78 -0.66
C LEU A 60 1.58 0.40 -1.44
N ILE A 61 2.69 0.21 -2.15
CA ILE A 61 3.34 1.32 -2.89
C ILE A 61 2.38 1.97 -3.88
N ALA A 62 1.57 1.22 -4.61
CA ALA A 62 0.59 1.82 -5.53
C ALA A 62 -0.39 2.70 -4.74
N LEU A 63 -0.99 2.13 -3.70
CA LEU A 63 -1.95 2.78 -2.81
C LEU A 63 -1.36 4.05 -2.17
N CYS A 64 -0.10 4.00 -1.74
CA CYS A 64 0.65 5.11 -1.16
C CYS A 64 1.03 6.14 -2.24
N CYS A 65 1.40 5.75 -3.46
CA CYS A 65 1.67 6.68 -4.58
C CYS A 65 0.41 7.49 -4.91
N TYR A 66 -0.75 6.85 -4.93
CA TYR A 66 -2.03 7.49 -5.20
C TYR A 66 -2.27 8.68 -4.24
N HIS A 67 -1.97 8.48 -2.96
CA HIS A 67 -2.05 9.48 -1.91
C HIS A 67 -0.89 10.50 -1.97
N ALA A 68 0.37 10.04 -1.97
CA ALA A 68 1.58 10.85 -1.99
C ALA A 68 1.68 11.86 -3.16
N LYS A 69 1.01 11.58 -4.29
CA LYS A 69 0.92 12.52 -5.44
C LYS A 69 0.36 13.88 -4.99
N HIS A 70 -0.72 13.86 -4.23
CA HIS A 70 -1.42 15.04 -3.73
C HIS A 70 -0.93 15.55 -2.35
N CYS A 71 -0.44 14.64 -1.50
CA CYS A 71 -0.01 15.00 -0.13
C CYS A 71 1.21 15.94 -0.10
N GLN A 72 1.22 16.85 0.86
CA GLN A 72 2.26 17.87 1.05
C GLN A 72 2.72 17.99 2.52
N GLU A 73 2.18 17.19 3.43
CA GLU A 73 2.55 17.17 4.85
C GLU A 73 3.89 16.44 5.09
N ASN A 74 4.59 16.81 6.17
CA ASN A 74 5.92 16.26 6.54
C ASN A 74 5.87 15.34 7.78
N LYS A 75 4.69 15.22 8.39
CA LYS A 75 4.36 14.45 9.60
C LYS A 75 3.23 13.43 9.37
N CYS A 76 2.93 13.13 8.10
CA CYS A 76 1.90 12.19 7.63
C CYS A 76 2.09 10.79 8.30
N PRO A 77 1.03 10.12 8.80
CA PRO A 77 1.16 8.85 9.52
C PRO A 77 1.59 7.66 8.65
N VAL A 78 1.32 7.66 7.34
CA VAL A 78 1.70 6.57 6.42
C VAL A 78 3.22 6.61 6.20
N PRO A 79 3.99 5.53 6.47
CA PRO A 79 5.45 5.55 6.35
C PRO A 79 5.94 5.77 4.92
N PHE A 80 5.23 5.23 3.93
CA PHE A 80 5.61 5.38 2.52
C PHE A 80 5.23 6.70 1.87
N CYS A 81 4.27 7.46 2.40
CA CYS A 81 3.88 8.75 1.81
C CYS A 81 5.11 9.68 1.79
N LEU A 82 5.71 9.84 2.97
CA LEU A 82 6.92 10.61 3.25
C LEU A 82 8.08 10.27 2.30
N ASN A 83 8.30 8.97 2.06
CA ASN A 83 9.37 8.47 1.19
C ASN A 83 9.05 8.65 -0.30
N ILE A 84 7.82 8.36 -0.74
CA ILE A 84 7.40 8.49 -2.13
C ILE A 84 7.31 9.95 -2.57
N LYS A 85 6.62 10.82 -1.82
CA LYS A 85 6.43 12.24 -2.16
C LYS A 85 7.76 12.97 -2.42
N HIS A 86 8.80 12.70 -1.62
CA HIS A 86 10.14 13.27 -1.81
C HIS A 86 10.70 13.00 -3.21
N LYS A 87 10.48 11.78 -3.75
CA LYS A 87 10.91 11.42 -5.11
C LYS A 87 9.96 11.99 -6.16
N LEU A 88 8.63 11.94 -5.94
CA LEU A 88 7.66 12.45 -6.92
C LEU A 88 7.84 13.96 -7.18
N ARG A 89 8.05 14.77 -6.13
CA ARG A 89 8.30 16.23 -6.23
C ARG A 89 9.56 16.57 -7.05
N GLN A 90 10.54 15.67 -7.08
CA GLN A 90 11.77 15.80 -7.88
C GLN A 90 11.61 15.37 -9.35
N GLN A 91 10.47 14.78 -9.74
CA GLN A 91 10.16 14.34 -11.12
C GLN A 91 9.23 15.30 -11.89
N GLN A 92 8.70 16.32 -11.23
CA GLN A 92 7.80 17.34 -11.80
C GLN A 92 8.46 18.73 -11.89
N GLY B 1 -18.15 6.31 3.45
CA GLY B 1 -18.97 5.43 4.27
C GLY B 1 -20.48 5.73 4.18
N SER B 2 -20.85 6.98 3.90
CA SER B 2 -22.26 7.43 3.73
C SER B 2 -23.00 6.72 2.60
N HIS B 3 -22.26 6.18 1.61
CA HIS B 3 -22.76 5.39 0.48
C HIS B 3 -23.25 3.98 0.89
N MET B 4 -22.96 3.53 2.12
CA MET B 4 -23.27 2.21 2.68
C MET B 4 -22.62 1.04 1.91
N SER B 5 -22.88 -0.20 2.34
CA SER B 5 -22.35 -1.43 1.74
C SER B 5 -23.21 -2.65 2.10
N GLU B 6 -22.89 -3.80 1.49
CA GLU B 6 -23.52 -5.12 1.71
C GLU B 6 -22.48 -6.26 1.82
N VAL B 7 -21.20 -5.89 1.99
CA VAL B 7 -20.04 -6.80 2.11
C VAL B 7 -18.95 -6.14 2.97
N HIS B 8 -18.08 -6.95 3.58
CA HIS B 8 -16.97 -6.53 4.44
C HIS B 8 -15.73 -7.41 4.17
N PRO B 9 -14.53 -6.83 3.92
CA PRO B 9 -13.31 -7.58 3.63
C PRO B 9 -12.87 -8.65 4.64
N SER B 10 -11.87 -9.41 4.21
CA SER B 10 -11.24 -10.52 4.93
C SER B 10 -9.87 -10.89 4.35
N ARG B 11 -9.21 -11.90 4.93
CA ARG B 11 -7.90 -12.46 4.51
C ARG B 11 -7.87 -13.96 4.84
N LEU B 12 -7.32 -14.79 3.96
CA LEU B 12 -7.34 -16.27 4.08
C LEU B 12 -5.96 -16.94 4.19
N GLN B 13 -4.88 -16.18 4.11
CA GLN B 13 -3.50 -16.66 4.19
C GLN B 13 -2.62 -15.70 5.02
N THR B 14 -1.49 -16.19 5.54
CA THR B 14 -0.53 -15.40 6.33
C THR B 14 0.23 -14.38 5.48
N THR B 15 0.40 -14.63 4.18
CA THR B 15 1.09 -13.78 3.19
C THR B 15 0.46 -13.96 1.80
N ASP B 16 0.82 -13.09 0.84
CA ASP B 16 0.36 -13.03 -0.56
C ASP B 16 -1.15 -12.80 -0.80
N ASN B 17 -1.99 -12.96 0.22
CA ASN B 17 -3.43 -12.68 0.19
C ASN B 17 -3.83 -11.51 1.12
N LEU B 18 -2.83 -10.93 1.80
CA LEU B 18 -2.98 -9.72 2.62
C LEU B 18 -3.43 -8.51 1.78
N LEU B 19 -3.33 -8.61 0.44
CA LEU B 19 -3.64 -7.59 -0.57
C LEU B 19 -4.86 -6.70 -0.20
N PRO B 20 -4.67 -5.44 0.23
CA PRO B 20 -5.75 -4.56 0.65
C PRO B 20 -6.53 -3.89 -0.49
N MET B 21 -6.11 -4.08 -1.74
CA MET B 21 -6.68 -3.51 -2.95
C MET B 21 -6.72 -4.55 -4.08
N SER B 22 -7.75 -4.48 -4.93
CA SER B 22 -8.02 -5.43 -6.02
C SER B 22 -7.40 -5.02 -7.37
N PRO B 23 -7.20 -5.95 -8.32
CA PRO B 23 -6.61 -5.67 -9.64
C PRO B 23 -7.22 -4.48 -10.40
N GLU B 24 -8.55 -4.32 -10.39
CA GLU B 24 -9.21 -3.19 -11.07
C GLU B 24 -8.89 -1.83 -10.43
N GLU B 25 -8.80 -1.80 -9.10
CA GLU B 25 -8.42 -0.60 -8.35
C GLU B 25 -6.92 -0.32 -8.59
N PHE B 26 -6.07 -1.33 -8.49
CA PHE B 26 -4.64 -1.24 -8.78
C PHE B 26 -4.38 -0.71 -10.21
N ASP B 27 -5.16 -1.15 -11.20
CA ASP B 27 -5.06 -0.64 -12.59
C ASP B 27 -5.40 0.86 -12.66
N GLU B 28 -6.46 1.33 -11.99
CA GLU B 28 -6.81 2.75 -11.93
C GLU B 28 -5.76 3.56 -11.16
N VAL B 29 -5.08 2.97 -10.18
CA VAL B 29 -3.95 3.62 -9.50
C VAL B 29 -2.79 3.77 -10.49
N SER B 30 -2.35 2.69 -11.13
CA SER B 30 -1.27 2.69 -12.14
C SER B 30 -1.55 3.63 -13.31
N ARG B 31 -2.80 3.77 -13.74
CA ARG B 31 -3.24 4.69 -14.82
C ARG B 31 -2.82 6.14 -14.55
N ILE B 32 -2.90 6.58 -13.29
CA ILE B 32 -2.51 7.95 -12.87
C ILE B 32 -1.03 8.00 -12.45
N VAL B 33 -0.58 7.06 -11.61
CA VAL B 33 0.79 7.02 -11.08
C VAL B 33 1.84 6.82 -12.18
N GLY B 34 1.51 6.09 -13.24
CA GLY B 34 2.37 5.83 -14.40
C GLY B 34 3.72 5.17 -14.08
N SER B 35 3.81 4.46 -12.94
CA SER B 35 5.00 3.76 -12.43
C SER B 35 6.28 4.63 -12.25
N VAL B 36 6.14 5.97 -12.22
CA VAL B 36 7.17 7.02 -12.05
C VAL B 36 8.61 6.55 -11.78
N GLU B 37 8.89 6.03 -10.57
CA GLU B 37 10.17 5.45 -10.14
C GLU B 37 9.91 4.27 -9.17
N PHE B 38 8.76 3.63 -9.35
CA PHE B 38 8.13 2.62 -8.51
C PHE B 38 9.03 1.53 -7.87
N ASP B 39 9.98 0.95 -8.61
CA ASP B 39 10.93 -0.05 -8.08
C ASP B 39 12.08 0.57 -7.23
N SER B 40 12.04 1.89 -7.02
CA SER B 40 13.00 2.71 -6.28
C SER B 40 12.35 3.53 -5.15
N MET B 41 11.06 3.33 -4.84
CA MET B 41 10.35 4.03 -3.75
C MET B 41 11.02 3.80 -2.37
N MET B 42 11.59 2.62 -2.14
CA MET B 42 12.29 2.22 -0.91
C MET B 42 13.76 2.73 -0.87
N ASN B 43 14.39 2.83 -2.05
CA ASN B 43 15.80 3.20 -2.27
C ASN B 43 16.21 4.58 -1.70
N THR B 44 15.26 5.46 -1.40
CA THR B 44 15.52 6.77 -0.78
C THR B 44 16.06 6.66 0.67
N VAL B 45 15.89 5.49 1.31
CA VAL B 45 16.38 5.16 2.67
C VAL B 45 16.94 3.74 2.76
ZN ZN C . -8.28 0.56 13.88
ZN ZN D . 6.70 -8.10 0.71
ZN ZN E . 0.43 11.94 3.04
N SER A 1 -20.87 8.33 -12.28
CA SER A 1 -19.54 7.84 -11.88
C SER A 1 -19.01 6.75 -12.83
N PRO A 2 -18.71 7.07 -14.11
CA PRO A 2 -18.28 6.09 -15.11
C PRO A 2 -16.89 5.50 -14.84
N GLN A 3 -15.87 6.36 -14.79
CA GLN A 3 -14.48 5.99 -14.44
C GLN A 3 -14.25 6.11 -12.93
N GLU A 4 -14.99 7.04 -12.31
CA GLU A 4 -14.94 7.42 -10.89
C GLU A 4 -15.22 6.28 -9.91
N SER A 5 -15.97 5.24 -10.27
CA SER A 5 -16.27 4.11 -9.37
C SER A 5 -15.01 3.51 -8.73
N ARG A 6 -13.97 3.25 -9.53
CA ARG A 6 -12.67 2.74 -9.06
C ARG A 6 -11.93 3.78 -8.20
N ARG A 7 -11.85 5.02 -8.69
CA ARG A 7 -11.20 6.18 -8.05
C ARG A 7 -11.70 6.45 -6.64
N LEU A 8 -13.03 6.47 -6.50
CA LEU A 8 -13.75 6.68 -5.25
C LEU A 8 -13.63 5.48 -4.29
N SER A 9 -13.60 4.25 -4.81
CA SER A 9 -13.42 3.05 -3.98
C SER A 9 -12.03 3.03 -3.31
N ILE A 10 -10.98 3.41 -4.04
CA ILE A 10 -9.60 3.49 -3.52
C ILE A 10 -9.50 4.44 -2.32
N GLN A 11 -10.27 5.54 -2.30
CA GLN A 11 -10.30 6.47 -1.15
C GLN A 11 -10.65 5.78 0.18
N ARG A 12 -11.54 4.76 0.15
CA ARG A 12 -11.92 3.97 1.33
C ARG A 12 -10.73 3.19 1.87
N CYS A 13 -9.93 2.60 0.97
CA CYS A 13 -8.70 1.88 1.31
C CYS A 13 -7.65 2.86 1.90
N ILE A 14 -7.52 4.06 1.33
CA ILE A 14 -6.62 5.11 1.85
C ILE A 14 -7.00 5.49 3.28
N GLN A 15 -8.29 5.78 3.55
CA GLN A 15 -8.76 6.08 4.91
C GLN A 15 -8.50 4.90 5.88
N SER A 16 -8.70 3.67 5.43
CA SER A 16 -8.44 2.46 6.23
C SER A 16 -6.96 2.31 6.59
N LEU A 17 -6.04 2.52 5.63
CA LEU A 17 -4.59 2.47 5.88
C LEU A 17 -4.16 3.62 6.79
N VAL A 18 -4.65 4.84 6.55
CA VAL A 18 -4.38 6.02 7.39
C VAL A 18 -4.82 5.78 8.83
N HIS A 19 -6.01 5.21 9.04
CA HIS A 19 -6.49 4.82 10.37
C HIS A 19 -5.51 3.80 10.99
N ALA A 20 -5.23 2.70 10.30
CA ALA A 20 -4.31 1.64 10.76
C ALA A 20 -2.90 2.14 11.13
N CYS A 21 -2.39 3.17 10.44
CA CYS A 21 -1.08 3.77 10.73
C CYS A 21 -1.05 4.51 12.08
N GLN A 22 -2.20 4.99 12.57
CA GLN A 22 -2.34 5.70 13.85
C GLN A 22 -2.86 4.74 14.95
N CYS A 23 -3.67 3.76 14.55
CA CYS A 23 -4.24 2.73 15.40
C CYS A 23 -3.17 1.75 15.90
N ARG A 24 -3.46 1.07 17.01
CA ARG A 24 -2.57 0.11 17.71
C ARG A 24 -3.25 -1.19 18.10
N ASN A 25 -4.57 -1.28 17.97
CA ASN A 25 -5.36 -2.49 18.23
C ASN A 25 -4.95 -3.62 17.27
N ALA A 26 -4.42 -4.74 17.80
CA ALA A 26 -4.03 -5.89 16.99
C ALA A 26 -5.21 -6.50 16.20
N ASN A 27 -6.44 -6.31 16.71
CA ASN A 27 -7.68 -6.82 16.16
C ASN A 27 -8.82 -5.77 16.30
N CYS A 28 -8.59 -4.56 15.77
CA CYS A 28 -9.50 -3.41 15.79
C CYS A 28 -10.94 -3.73 15.31
N SER A 29 -11.92 -2.91 15.69
CA SER A 29 -13.33 -3.10 15.31
C SER A 29 -13.58 -2.94 13.80
N LEU A 30 -12.71 -2.26 13.06
CA LEU A 30 -12.81 -2.12 11.60
C LEU A 30 -12.23 -3.37 10.90
N PRO A 31 -12.94 -4.00 9.95
CA PRO A 31 -12.47 -5.19 9.25
C PRO A 31 -11.21 -4.94 8.40
N SER A 32 -11.07 -3.73 7.85
CA SER A 32 -9.91 -3.32 7.05
C SER A 32 -8.67 -3.04 7.92
N CYS A 33 -8.81 -2.30 9.02
CA CYS A 33 -7.73 -1.98 9.98
C CYS A 33 -6.93 -3.23 10.41
N GLN A 34 -7.65 -4.32 10.75
CA GLN A 34 -7.07 -5.62 11.11
C GLN A 34 -6.09 -6.15 10.04
N LYS A 35 -6.44 -5.97 8.76
CA LYS A 35 -5.67 -6.41 7.58
C LYS A 35 -4.58 -5.40 7.23
N MET A 36 -4.87 -4.11 7.28
CA MET A 36 -3.92 -3.02 7.01
C MET A 36 -2.67 -3.10 7.89
N LYS A 37 -2.83 -3.35 9.21
CA LYS A 37 -1.67 -3.55 10.10
C LYS A 37 -0.84 -4.76 9.69
N ARG A 38 -1.47 -5.89 9.35
CA ARG A 38 -0.79 -7.12 8.90
C ARG A 38 -0.06 -6.92 7.56
N VAL A 39 -0.61 -6.10 6.67
CA VAL A 39 -0.03 -5.72 5.37
C VAL A 39 1.24 -4.88 5.58
N VAL A 40 1.16 -3.85 6.43
CA VAL A 40 2.31 -3.00 6.82
C VAL A 40 3.40 -3.89 7.44
N GLN A 41 3.08 -4.63 8.51
CA GLN A 41 3.96 -5.59 9.20
C GLN A 41 4.64 -6.57 8.24
N HIS A 42 3.91 -7.13 7.26
CA HIS A 42 4.49 -8.02 6.25
C HIS A 42 5.60 -7.28 5.50
N THR A 43 5.28 -6.14 4.89
CA THR A 43 6.23 -5.34 4.11
C THR A 43 7.44 -4.90 4.92
N LYS A 44 7.23 -4.52 6.18
CA LYS A 44 8.25 -4.11 7.16
C LYS A 44 9.35 -5.16 7.40
N GLY A 45 9.14 -6.42 7.00
CA GLY A 45 10.10 -7.52 7.13
C GLY A 45 10.30 -8.37 5.87
N CYS A 46 9.53 -8.13 4.79
CA CYS A 46 9.62 -8.88 3.54
C CYS A 46 10.95 -8.66 2.81
N LYS A 47 11.44 -9.73 2.17
CA LYS A 47 12.69 -9.78 1.39
C LYS A 47 12.43 -10.00 -0.11
N ARG A 48 11.16 -9.99 -0.55
CA ARG A 48 10.76 -10.15 -1.95
C ARG A 48 10.67 -8.76 -2.60
N LYS A 49 9.73 -7.93 -2.11
CA LYS A 49 9.43 -6.53 -2.51
C LYS A 49 9.42 -6.17 -4.01
N THR A 50 9.27 -4.88 -4.32
CA THR A 50 9.19 -4.32 -5.69
C THR A 50 10.39 -4.70 -6.57
N ASN A 51 11.58 -4.90 -5.97
CA ASN A 51 12.81 -5.28 -6.66
C ASN A 51 12.93 -6.78 -6.99
N GLY A 52 12.02 -7.64 -6.48
CA GLY A 52 12.03 -9.09 -6.71
C GLY A 52 10.72 -9.65 -7.28
N GLY A 53 9.56 -9.10 -6.92
CA GLY A 53 8.25 -9.51 -7.46
C GLY A 53 7.10 -9.67 -6.47
N CYS A 54 7.26 -9.29 -5.19
CA CYS A 54 6.23 -9.41 -4.16
C CYS A 54 4.87 -8.79 -4.56
N PRO A 55 3.76 -9.55 -4.49
CA PRO A 55 2.46 -9.01 -4.80
C PRO A 55 1.91 -8.13 -3.66
N VAL A 56 2.33 -8.35 -2.40
CA VAL A 56 1.88 -7.55 -1.26
C VAL A 56 2.59 -6.21 -1.23
N CYS A 57 3.92 -6.17 -1.14
CA CYS A 57 4.71 -4.94 -1.11
C CYS A 57 4.35 -3.98 -2.26
N LYS A 58 4.32 -4.46 -3.51
CA LYS A 58 3.93 -3.61 -4.68
C LYS A 58 2.54 -3.00 -4.52
N GLN A 59 1.64 -3.65 -3.79
CA GLN A 59 0.28 -3.18 -3.53
C GLN A 59 0.26 -1.95 -2.61
N LEU A 60 1.01 -1.96 -1.49
CA LEU A 60 1.10 -0.81 -0.58
C LEU A 60 1.65 0.41 -1.32
N ILE A 61 2.77 0.22 -2.02
CA ILE A 61 3.46 1.31 -2.72
C ILE A 61 2.52 2.01 -3.70
N ALA A 62 1.73 1.28 -4.50
CA ALA A 62 0.77 1.88 -5.43
C ALA A 62 -0.26 2.72 -4.66
N LEU A 63 -0.90 2.12 -3.65
CA LEU A 63 -1.91 2.76 -2.80
C LEU A 63 -1.34 4.04 -2.14
N CYS A 64 -0.10 3.99 -1.66
CA CYS A 64 0.61 5.12 -1.09
C CYS A 64 0.97 6.17 -2.16
N CYS A 65 1.40 5.78 -3.37
CA CYS A 65 1.67 6.72 -4.47
C CYS A 65 0.40 7.51 -4.84
N TYR A 66 -0.75 6.84 -4.95
CA TYR A 66 -2.04 7.44 -5.26
C TYR A 66 -2.38 8.60 -4.29
N HIS A 67 -2.09 8.40 -3.01
CA HIS A 67 -2.26 9.40 -1.96
C HIS A 67 -1.14 10.47 -2.01
N ALA A 68 0.13 10.04 -1.98
CA ALA A 68 1.32 10.91 -1.97
C ALA A 68 1.42 11.90 -3.14
N LYS A 69 0.84 11.60 -4.32
CA LYS A 69 0.81 12.54 -5.46
C LYS A 69 0.07 13.83 -5.09
N HIS A 70 -1.03 13.72 -4.36
CA HIS A 70 -1.85 14.85 -3.89
C HIS A 70 -1.41 15.42 -2.52
N CYS A 71 -0.91 14.56 -1.63
CA CYS A 71 -0.49 14.95 -0.27
C CYS A 71 0.69 15.95 -0.29
N GLN A 72 0.68 16.88 0.67
CA GLN A 72 1.67 17.95 0.80
C GLN A 72 2.21 18.12 2.25
N GLU A 73 1.71 17.37 3.23
CA GLU A 73 2.17 17.42 4.62
C GLU A 73 3.49 16.64 4.82
N ASN A 74 4.25 16.97 5.87
CA ASN A 74 5.56 16.40 6.19
C ASN A 74 5.56 15.48 7.43
N LYS A 75 4.40 15.39 8.10
CA LYS A 75 4.11 14.61 9.32
C LYS A 75 3.03 13.54 9.14
N CYS A 76 2.68 13.22 7.89
CA CYS A 76 1.66 12.24 7.49
C CYS A 76 1.86 10.87 8.20
N PRO A 77 0.82 10.19 8.72
CA PRO A 77 0.98 8.94 9.46
C PRO A 77 1.43 7.72 8.63
N VAL A 78 1.14 7.70 7.32
CA VAL A 78 1.52 6.60 6.41
C VAL A 78 3.06 6.53 6.29
N PRO A 79 3.71 5.36 6.48
CA PRO A 79 5.17 5.28 6.44
C PRO A 79 5.77 5.57 5.06
N PHE A 80 5.04 5.27 3.98
CA PHE A 80 5.50 5.47 2.61
C PHE A 80 5.19 6.83 1.97
N CYS A 81 4.14 7.53 2.42
CA CYS A 81 3.76 8.84 1.86
C CYS A 81 4.97 9.80 1.79
N LEU A 82 5.68 9.99 2.91
CA LEU A 82 6.88 10.84 3.00
C LEU A 82 8.00 10.35 2.07
N ASN A 83 8.30 9.05 2.09
CA ASN A 83 9.33 8.46 1.24
C ASN A 83 9.06 8.64 -0.26
N ILE A 84 7.79 8.51 -0.69
CA ILE A 84 7.39 8.66 -2.09
C ILE A 84 7.32 10.14 -2.49
N LYS A 85 6.58 10.98 -1.78
CA LYS A 85 6.44 12.42 -2.12
C LYS A 85 7.77 13.17 -2.27
N HIS A 86 8.78 12.84 -1.45
CA HIS A 86 10.12 13.42 -1.55
C HIS A 86 10.91 13.03 -2.81
N LYS A 87 10.53 11.93 -3.47
CA LYS A 87 11.09 11.53 -4.78
C LYS A 87 10.26 12.14 -5.91
N LEU A 88 8.93 12.10 -5.78
CA LEU A 88 7.98 12.67 -6.76
C LEU A 88 8.09 14.19 -6.92
N ARG A 89 8.43 14.94 -5.86
CA ARG A 89 8.61 16.42 -5.88
C ARG A 89 9.61 16.92 -6.93
N GLN A 90 10.57 16.08 -7.28
CA GLN A 90 11.60 16.35 -8.30
C GLN A 90 11.01 16.60 -9.71
N GLN A 91 9.78 16.14 -9.96
CA GLN A 91 9.04 16.35 -11.22
C GLN A 91 8.55 17.81 -11.39
N GLN A 92 8.58 18.62 -10.32
CA GLN A 92 8.15 20.03 -10.28
C GLN A 92 9.09 20.86 -9.39
N GLY B 1 -4.99 -35.95 2.63
CA GLY B 1 -5.35 -34.96 3.66
C GLY B 1 -5.36 -33.51 3.14
N SER B 2 -5.69 -32.57 4.03
CA SER B 2 -5.80 -31.12 3.78
C SER B 2 -6.88 -30.74 2.74
N HIS B 3 -7.02 -29.44 2.44
CA HIS B 3 -8.00 -28.93 1.47
C HIS B 3 -7.64 -29.38 0.03
N MET B 4 -8.68 -29.58 -0.80
CA MET B 4 -8.57 -30.05 -2.20
C MET B 4 -9.46 -29.23 -3.17
N SER B 5 -9.79 -28.00 -2.82
CA SER B 5 -10.65 -27.08 -3.60
C SER B 5 -10.20 -25.62 -3.49
N GLU B 6 -10.85 -24.73 -4.25
CA GLU B 6 -10.58 -23.29 -4.34
C GLU B 6 -11.04 -22.47 -3.10
N VAL B 7 -11.29 -23.13 -1.97
CA VAL B 7 -11.75 -22.54 -0.70
C VAL B 7 -10.97 -23.14 0.48
N HIS B 8 -10.45 -22.28 1.35
CA HIS B 8 -9.69 -22.60 2.56
C HIS B 8 -9.70 -21.40 3.53
N PRO B 9 -9.48 -21.61 4.84
CA PRO B 9 -9.43 -20.53 5.82
C PRO B 9 -8.27 -19.55 5.64
N SER B 10 -8.23 -18.57 6.55
CA SER B 10 -7.22 -17.50 6.66
C SER B 10 -5.87 -17.98 7.24
N ARG B 11 -5.51 -19.26 7.03
CA ARG B 11 -4.29 -19.93 7.52
C ARG B 11 -3.43 -20.56 6.40
N LEU B 12 -3.76 -20.26 5.15
CA LEU B 12 -3.06 -20.72 3.94
C LEU B 12 -3.10 -19.62 2.86
N GLN B 13 -2.05 -19.54 2.02
CA GLN B 13 -1.86 -18.52 0.97
C GLN B 13 -1.94 -17.06 1.47
N THR B 14 -1.77 -16.82 2.77
CA THR B 14 -1.89 -15.50 3.42
C THR B 14 -0.92 -14.45 2.86
N THR B 15 0.37 -14.74 2.79
CA THR B 15 1.44 -13.84 2.30
C THR B 15 1.39 -13.45 0.81
N ASP B 16 0.28 -13.74 0.13
CA ASP B 16 -0.05 -13.32 -1.24
C ASP B 16 -1.56 -12.95 -1.37
N ASN B 17 -2.27 -12.88 -0.24
CA ASN B 17 -3.69 -12.53 -0.14
C ASN B 17 -3.98 -11.42 0.89
N LEU B 18 -2.97 -10.96 1.65
CA LEU B 18 -3.06 -9.78 2.52
C LEU B 18 -3.46 -8.51 1.72
N LEU B 19 -3.36 -8.55 0.37
CA LEU B 19 -3.65 -7.50 -0.60
C LEU B 19 -4.79 -6.54 -0.19
N PRO B 20 -4.50 -5.28 0.22
CA PRO B 20 -5.50 -4.31 0.69
C PRO B 20 -6.33 -3.65 -0.43
N MET B 21 -5.99 -3.91 -1.69
CA MET B 21 -6.60 -3.34 -2.90
C MET B 21 -6.63 -4.40 -4.00
N SER B 22 -7.67 -4.37 -4.85
CA SER B 22 -7.89 -5.35 -5.93
C SER B 22 -7.08 -5.06 -7.20
N PRO B 23 -6.92 -6.03 -8.13
CA PRO B 23 -6.25 -5.81 -9.41
C PRO B 23 -6.91 -4.70 -10.25
N GLU B 24 -8.24 -4.56 -10.19
CA GLU B 24 -8.99 -3.53 -10.91
C GLU B 24 -8.78 -2.13 -10.32
N GLU B 25 -8.67 -2.03 -8.99
CA GLU B 25 -8.37 -0.77 -8.31
C GLU B 25 -6.90 -0.39 -8.55
N PHE B 26 -6.00 -1.36 -8.43
CA PHE B 26 -4.57 -1.22 -8.72
C PHE B 26 -4.33 -0.73 -10.17
N ASP B 27 -5.13 -1.17 -11.14
CA ASP B 27 -5.05 -0.70 -12.53
C ASP B 27 -5.35 0.81 -12.64
N GLU B 28 -6.36 1.32 -11.93
CA GLU B 28 -6.65 2.77 -11.88
C GLU B 28 -5.54 3.54 -11.14
N VAL B 29 -4.89 2.93 -10.14
CA VAL B 29 -3.73 3.56 -9.49
C VAL B 29 -2.56 3.66 -10.48
N SER B 30 -2.23 2.56 -11.15
CA SER B 30 -1.17 2.48 -12.17
C SER B 30 -1.39 3.50 -13.30
N ARG B 31 -2.65 3.67 -13.74
CA ARG B 31 -3.06 4.64 -14.77
C ARG B 31 -2.63 6.08 -14.46
N ILE B 32 -2.71 6.50 -13.19
CA ILE B 32 -2.32 7.86 -12.73
C ILE B 32 -0.86 7.93 -12.32
N VAL B 33 -0.34 6.95 -11.57
CA VAL B 33 1.05 6.94 -11.06
C VAL B 33 2.07 6.70 -12.17
N GLY B 34 1.69 5.96 -13.22
CA GLY B 34 2.53 5.62 -14.38
C GLY B 34 3.87 4.97 -14.03
N SER B 35 3.95 4.27 -12.89
CA SER B 35 5.14 3.62 -12.33
C SER B 35 6.36 4.54 -12.12
N VAL B 36 6.15 5.87 -12.09
CA VAL B 36 7.12 6.99 -11.93
C VAL B 36 8.60 6.58 -11.73
N GLU B 37 8.95 6.10 -10.54
CA GLU B 37 10.27 5.56 -10.14
C GLU B 37 10.06 4.42 -9.11
N PHE B 38 8.93 3.74 -9.25
CA PHE B 38 8.34 2.74 -8.35
C PHE B 38 9.26 1.73 -7.66
N ASP B 39 10.22 1.13 -8.37
CA ASP B 39 11.18 0.17 -7.77
C ASP B 39 12.28 0.83 -6.90
N SER B 40 12.18 2.16 -6.68
CA SER B 40 13.08 2.98 -5.87
C SER B 40 12.36 3.63 -4.67
N MET B 41 11.03 3.50 -4.55
CA MET B 41 10.22 4.09 -3.45
C MET B 41 10.68 3.70 -2.03
N MET B 42 11.39 2.58 -1.90
CA MET B 42 11.91 2.04 -0.64
C MET B 42 13.30 2.58 -0.24
N ASN B 43 13.86 3.52 -1.00
CA ASN B 43 15.18 4.13 -0.74
C ASN B 43 15.22 5.64 -1.08
N THR B 44 16.12 6.38 -0.45
CA THR B 44 16.35 7.83 -0.63
C THR B 44 17.82 8.26 -0.49
N VAL B 45 18.77 7.31 -0.46
CA VAL B 45 20.22 7.58 -0.31
C VAL B 45 21.11 6.59 -1.09
ZN ZN C . -7.98 0.56 14.13
ZN ZN D . 6.43 -8.23 0.55
ZN ZN E . 0.14 11.95 2.94
N SER A 1 -20.47 7.29 -14.04
CA SER A 1 -19.45 6.93 -13.05
C SER A 1 -18.67 5.63 -13.41
N PRO A 2 -18.00 5.57 -14.59
CA PRO A 2 -17.30 4.37 -15.08
C PRO A 2 -16.05 4.00 -14.27
N GLN A 3 -15.06 4.89 -14.23
CA GLN A 3 -13.84 4.73 -13.42
C GLN A 3 -14.03 5.33 -12.02
N GLU A 4 -14.97 6.26 -11.87
CA GLU A 4 -15.32 6.94 -10.62
C GLU A 4 -15.61 5.96 -9.48
N SER A 5 -16.33 4.86 -9.76
CA SER A 5 -16.60 3.81 -8.76
C SER A 5 -15.29 3.27 -8.14
N ARG A 6 -14.27 3.05 -8.98
CA ARG A 6 -12.92 2.61 -8.60
C ARG A 6 -12.18 3.72 -7.85
N ARG A 7 -12.15 4.94 -8.40
CA ARG A 7 -11.48 6.13 -7.82
C ARG A 7 -11.95 6.42 -6.40
N LEU A 8 -13.27 6.42 -6.20
CA LEU A 8 -13.92 6.65 -4.92
C LEU A 8 -13.73 5.47 -3.95
N SER A 9 -13.63 4.23 -4.44
CA SER A 9 -13.33 3.07 -3.59
C SER A 9 -11.89 3.07 -3.09
N ILE A 10 -10.92 3.47 -3.93
CA ILE A 10 -9.50 3.60 -3.55
C ILE A 10 -9.34 4.58 -2.37
N GLN A 11 -10.10 5.68 -2.34
CA GLN A 11 -10.08 6.64 -1.21
C GLN A 11 -10.46 5.98 0.13
N ARG A 12 -11.40 5.01 0.16
CA ARG A 12 -11.75 4.28 1.39
C ARG A 12 -10.56 3.46 1.90
N CYS A 13 -9.82 2.82 0.99
CA CYS A 13 -8.60 2.08 1.32
C CYS A 13 -7.51 3.02 1.86
N ILE A 14 -7.34 4.21 1.27
CA ILE A 14 -6.39 5.23 1.73
C ILE A 14 -6.72 5.63 3.18
N GLN A 15 -7.99 5.97 3.47
CA GLN A 15 -8.43 6.30 4.83
C GLN A 15 -8.21 5.13 5.80
N SER A 16 -8.46 3.89 5.37
CA SER A 16 -8.24 2.69 6.18
C SER A 16 -6.76 2.48 6.54
N LEU A 17 -5.84 2.67 5.58
CA LEU A 17 -4.40 2.56 5.82
C LEU A 17 -3.93 3.70 6.73
N VAL A 18 -4.42 4.93 6.53
CA VAL A 18 -4.13 6.09 7.39
C VAL A 18 -4.58 5.82 8.84
N HIS A 19 -5.78 5.27 9.04
CA HIS A 19 -6.29 4.87 10.35
C HIS A 19 -5.34 3.82 10.97
N ALA A 20 -5.05 2.73 10.25
CA ALA A 20 -4.15 1.67 10.72
C ALA A 20 -2.74 2.16 11.09
N CYS A 21 -2.21 3.17 10.39
CA CYS A 21 -0.91 3.78 10.68
C CYS A 21 -0.88 4.56 12.02
N GLN A 22 -2.04 4.83 12.62
CA GLN A 22 -2.20 5.53 13.91
C GLN A 22 -2.82 4.63 14.99
N CYS A 23 -3.61 3.62 14.59
CA CYS A 23 -4.29 2.66 15.45
C CYS A 23 -3.29 1.68 16.13
N ARG A 24 -3.78 0.98 17.16
CA ARG A 24 -3.03 0.04 18.01
C ARG A 24 -3.74 -1.30 18.28
N ASN A 25 -5.04 -1.38 18.03
CA ASN A 25 -5.85 -2.59 18.24
C ASN A 25 -5.38 -3.74 17.34
N ALA A 26 -4.94 -4.87 17.92
CA ALA A 26 -4.52 -6.05 17.16
C ALA A 26 -5.64 -6.65 16.28
N ASN A 27 -6.90 -6.43 16.67
CA ASN A 27 -8.12 -6.89 16.01
C ASN A 27 -9.21 -5.79 16.07
N CYS A 28 -8.89 -4.59 15.57
CA CYS A 28 -9.76 -3.40 15.52
C CYS A 28 -11.16 -3.70 14.93
N SER A 29 -12.18 -2.92 15.33
CA SER A 29 -13.55 -3.13 14.84
C SER A 29 -13.74 -2.90 13.33
N LEU A 30 -12.81 -2.19 12.67
CA LEU A 30 -12.82 -2.02 11.22
C LEU A 30 -12.22 -3.26 10.54
N PRO A 31 -12.92 -3.90 9.57
CA PRO A 31 -12.40 -5.08 8.87
C PRO A 31 -11.13 -4.77 8.07
N SER A 32 -11.01 -3.55 7.54
CA SER A 32 -9.84 -3.09 6.78
C SER A 32 -8.63 -2.86 7.70
N CYS A 33 -8.78 -2.15 8.83
CA CYS A 33 -7.73 -1.87 9.81
C CYS A 33 -6.95 -3.14 10.23
N GLN A 34 -7.67 -4.23 10.55
CA GLN A 34 -7.06 -5.53 10.88
C GLN A 34 -6.13 -6.06 9.78
N LYS A 35 -6.49 -5.83 8.52
CA LYS A 35 -5.76 -6.25 7.32
C LYS A 35 -4.60 -5.28 7.02
N MET A 36 -4.85 -3.98 7.07
CA MET A 36 -3.85 -2.92 6.86
C MET A 36 -2.65 -3.03 7.80
N LYS A 37 -2.89 -3.36 9.08
CA LYS A 37 -1.81 -3.61 10.05
C LYS A 37 -0.97 -4.82 9.61
N ARG A 38 -1.59 -5.93 9.23
CA ARG A 38 -0.88 -7.14 8.79
C ARG A 38 -0.11 -6.91 7.48
N VAL A 39 -0.68 -6.10 6.59
CA VAL A 39 -0.05 -5.65 5.33
C VAL A 39 1.23 -4.85 5.60
N VAL A 40 1.17 -3.78 6.43
CA VAL A 40 2.38 -3.00 6.72
C VAL A 40 3.42 -3.85 7.46
N GLN A 41 3.01 -4.66 8.45
CA GLN A 41 3.88 -5.58 9.19
C GLN A 41 4.59 -6.58 8.26
N HIS A 42 3.89 -7.11 7.26
CA HIS A 42 4.52 -7.97 6.24
C HIS A 42 5.63 -7.20 5.52
N THR A 43 5.31 -6.05 4.92
CA THR A 43 6.26 -5.24 4.15
C THR A 43 7.47 -4.80 4.97
N LYS A 44 7.25 -4.44 6.24
CA LYS A 44 8.26 -4.04 7.23
C LYS A 44 9.37 -5.10 7.45
N GLY A 45 9.13 -6.35 7.07
CA GLY A 45 10.08 -7.47 7.19
C GLY A 45 10.30 -8.30 5.92
N CYS A 46 9.57 -8.03 4.83
CA CYS A 46 9.68 -8.77 3.58
C CYS A 46 11.04 -8.57 2.89
N LYS A 47 11.61 -9.68 2.42
CA LYS A 47 12.92 -9.78 1.77
C LYS A 47 12.83 -9.97 0.24
N ARG A 48 11.64 -9.79 -0.37
CA ARG A 48 11.43 -9.91 -1.82
C ARG A 48 11.00 -8.57 -2.43
N LYS A 49 9.94 -7.92 -1.93
CA LYS A 49 9.43 -6.60 -2.38
C LYS A 49 9.38 -6.36 -3.91
N THR A 50 9.22 -5.11 -4.35
CA THR A 50 9.13 -4.71 -5.76
C THR A 50 10.31 -5.19 -6.62
N ASN A 51 11.50 -5.31 -6.04
CA ASN A 51 12.72 -5.70 -6.75
C ASN A 51 12.81 -7.20 -7.03
N GLY A 52 12.28 -8.05 -6.14
CA GLY A 52 12.28 -9.51 -6.26
C GLY A 52 11.00 -10.08 -6.88
N GLY A 53 9.85 -9.45 -6.65
CA GLY A 53 8.55 -9.85 -7.23
C GLY A 53 7.35 -9.94 -6.27
N CYS A 54 7.47 -9.45 -5.03
CA CYS A 54 6.39 -9.48 -4.04
C CYS A 54 5.10 -8.79 -4.52
N PRO A 55 3.96 -9.50 -4.54
CA PRO A 55 2.68 -8.90 -4.90
C PRO A 55 2.08 -8.09 -3.74
N VAL A 56 2.49 -8.31 -2.49
CA VAL A 56 1.97 -7.56 -1.34
C VAL A 56 2.64 -6.19 -1.26
N CYS A 57 3.97 -6.12 -1.11
CA CYS A 57 4.70 -4.86 -1.01
C CYS A 57 4.34 -3.88 -2.14
N LYS A 58 4.38 -4.31 -3.40
CA LYS A 58 4.03 -3.53 -4.58
C LYS A 58 2.60 -2.97 -4.53
N GLN A 59 1.68 -3.65 -3.84
CA GLN A 59 0.30 -3.20 -3.64
C GLN A 59 0.25 -1.94 -2.75
N LEU A 60 1.02 -1.90 -1.65
CA LEU A 60 1.11 -0.72 -0.78
C LEU A 60 1.67 0.46 -1.56
N ILE A 61 2.78 0.27 -2.30
CA ILE A 61 3.42 1.36 -3.05
C ILE A 61 2.43 2.05 -3.99
N ALA A 62 1.60 1.30 -4.74
CA ALA A 62 0.60 1.90 -5.62
C ALA A 62 -0.39 2.76 -4.83
N LEU A 63 -0.99 2.15 -3.80
CA LEU A 63 -1.98 2.77 -2.90
C LEU A 63 -1.41 4.06 -2.24
N CYS A 64 -0.16 4.01 -1.82
CA CYS A 64 0.57 5.14 -1.24
C CYS A 64 0.93 6.19 -2.30
N CYS A 65 1.34 5.83 -3.53
CA CYS A 65 1.62 6.77 -4.62
C CYS A 65 0.38 7.60 -4.96
N TYR A 66 -0.79 6.97 -5.02
CA TYR A 66 -2.08 7.63 -5.29
C TYR A 66 -2.37 8.75 -4.27
N HIS A 67 -2.10 8.49 -2.99
CA HIS A 67 -2.26 9.46 -1.91
C HIS A 67 -1.12 10.50 -1.90
N ALA A 68 0.14 10.06 -1.88
CA ALA A 68 1.35 10.88 -1.85
C ALA A 68 1.45 11.92 -2.99
N LYS A 69 0.93 11.60 -4.18
CA LYS A 69 0.85 12.54 -5.33
C LYS A 69 0.05 13.79 -4.96
N HIS A 70 -1.02 13.63 -4.18
CA HIS A 70 -1.92 14.69 -3.71
C HIS A 70 -1.49 15.31 -2.37
N CYS A 71 -0.80 14.56 -1.50
CA CYS A 71 -0.35 15.01 -0.18
C CYS A 71 0.68 16.16 -0.24
N GLN A 72 0.73 16.98 0.82
CA GLN A 72 1.59 18.18 0.93
C GLN A 72 2.21 18.39 2.33
N GLU A 73 2.26 17.35 3.18
CA GLU A 73 2.81 17.43 4.55
C GLU A 73 3.90 16.39 4.80
N ASN A 74 4.85 16.71 5.69
CA ASN A 74 6.02 15.87 6.01
C ASN A 74 5.87 15.12 7.36
N LYS A 75 4.67 15.17 7.94
CA LYS A 75 4.24 14.61 9.23
C LYS A 75 3.12 13.56 9.10
N CYS A 76 2.72 13.24 7.86
CA CYS A 76 1.70 12.25 7.51
C CYS A 76 2.03 10.87 8.15
N PRO A 77 1.06 10.14 8.75
CA PRO A 77 1.33 8.89 9.49
C PRO A 77 1.77 7.69 8.63
N VAL A 78 1.41 7.64 7.34
CA VAL A 78 1.78 6.54 6.43
C VAL A 78 3.30 6.58 6.16
N PRO A 79 4.07 5.47 6.35
CA PRO A 79 5.52 5.49 6.18
C PRO A 79 5.97 5.75 4.74
N PHE A 80 5.26 5.19 3.75
CA PHE A 80 5.61 5.38 2.34
C PHE A 80 5.19 6.73 1.76
N CYS A 81 4.15 7.38 2.29
CA CYS A 81 3.67 8.67 1.79
C CYS A 81 4.82 9.70 1.73
N LEU A 82 5.58 9.82 2.83
CA LEU A 82 6.75 10.68 2.94
C LEU A 82 7.84 10.26 1.93
N ASN A 83 8.27 9.01 1.99
CA ASN A 83 9.30 8.45 1.09
C ASN A 83 8.98 8.71 -0.40
N ILE A 84 7.73 8.52 -0.81
CA ILE A 84 7.29 8.73 -2.19
C ILE A 84 7.18 10.23 -2.51
N LYS A 85 6.40 11.03 -1.76
CA LYS A 85 6.24 12.46 -2.06
C LYS A 85 7.57 13.23 -2.07
N HIS A 86 8.51 12.90 -1.19
CA HIS A 86 9.83 13.54 -1.15
C HIS A 86 10.66 13.30 -2.44
N LYS A 87 10.38 12.22 -3.18
CA LYS A 87 10.98 11.90 -4.48
C LYS A 87 10.15 12.52 -5.62
N LEU A 88 8.82 12.40 -5.54
CA LEU A 88 7.88 12.94 -6.54
C LEU A 88 7.83 14.48 -6.60
N ARG A 89 8.12 15.19 -5.50
CA ARG A 89 8.14 16.67 -5.39
C ARG A 89 9.05 17.38 -6.41
N GLN A 90 10.04 16.66 -6.93
CA GLN A 90 10.98 17.11 -7.97
C GLN A 90 10.61 16.61 -9.39
N GLN A 91 9.53 15.84 -9.54
CA GLN A 91 9.17 15.14 -10.80
C GLN A 91 7.69 15.24 -11.22
N GLN A 92 6.79 15.67 -10.32
CA GLN A 92 5.34 15.77 -10.52
C GLN A 92 4.77 17.06 -9.91
N GLY B 1 12.46 4.76 24.01
CA GLY B 1 12.91 4.46 22.65
C GLY B 1 14.22 3.66 22.55
N SER B 2 14.85 3.36 23.70
CA SER B 2 16.12 2.61 23.81
C SER B 2 16.06 1.15 23.30
N HIS B 3 14.86 0.58 23.20
CA HIS B 3 14.60 -0.80 22.75
C HIS B 3 13.34 -0.86 21.86
N MET B 4 13.25 -1.86 20.99
CA MET B 4 12.13 -2.09 20.05
C MET B 4 12.05 -3.56 19.58
N SER B 5 10.95 -3.89 18.89
CA SER B 5 10.67 -5.22 18.31
C SER B 5 10.07 -5.08 16.90
N GLU B 6 10.16 -6.13 16.08
CA GLU B 6 9.68 -6.15 14.69
C GLU B 6 9.33 -7.56 14.17
N VAL B 7 8.54 -7.62 13.09
CA VAL B 7 8.11 -8.83 12.35
C VAL B 7 7.57 -10.00 13.21
N HIS B 8 6.86 -9.69 14.30
CA HIS B 8 6.26 -10.68 15.22
C HIS B 8 4.79 -10.32 15.59
N PRO B 9 3.85 -10.34 14.63
CA PRO B 9 2.43 -10.07 14.85
C PRO B 9 1.71 -11.26 15.53
N SER B 10 0.42 -11.10 15.79
CA SER B 10 -0.45 -12.12 16.41
C SER B 10 -1.01 -13.17 15.43
N ARG B 11 -1.16 -12.79 14.15
CA ARG B 11 -1.70 -13.62 13.05
C ARG B 11 -1.21 -13.08 11.71
N LEU B 12 -0.68 -13.95 10.85
CA LEU B 12 -0.19 -13.64 9.50
C LEU B 12 -0.32 -14.90 8.62
N GLN B 13 0.79 -15.41 8.09
CA GLN B 13 0.92 -16.65 7.29
C GLN B 13 0.08 -16.71 6.00
N THR B 14 -0.35 -15.56 5.46
CA THR B 14 -1.18 -15.43 4.23
C THR B 14 -0.65 -14.35 3.29
N THR B 15 0.69 -14.26 3.16
CA THR B 15 1.53 -13.29 2.40
C THR B 15 1.32 -13.18 0.87
N ASP B 16 0.10 -13.41 0.40
CA ASP B 16 -0.43 -13.31 -0.97
C ASP B 16 -1.92 -12.93 -1.00
N ASN B 17 -2.58 -12.87 0.17
CA ASN B 17 -3.99 -12.51 0.34
C ASN B 17 -4.16 -11.31 1.29
N LEU B 18 -3.07 -10.84 1.91
CA LEU B 18 -3.03 -9.60 2.69
C LEU B 18 -3.46 -8.39 1.82
N LEU B 19 -3.27 -8.50 0.50
CA LEU B 19 -3.57 -7.54 -0.57
C LEU B 19 -4.76 -6.60 -0.24
N PRO B 20 -4.52 -5.33 0.15
CA PRO B 20 -5.55 -4.39 0.57
C PRO B 20 -6.37 -3.75 -0.57
N MET B 21 -6.03 -4.06 -1.83
CA MET B 21 -6.66 -3.48 -3.03
C MET B 21 -6.73 -4.51 -4.16
N SER B 22 -7.79 -4.44 -4.97
CA SER B 22 -8.06 -5.38 -6.08
C SER B 22 -7.22 -5.07 -7.34
N PRO B 23 -7.10 -6.00 -8.31
CA PRO B 23 -6.37 -5.74 -9.55
C PRO B 23 -7.06 -4.67 -10.42
N GLU B 24 -8.39 -4.54 -10.33
CA GLU B 24 -9.15 -3.51 -11.06
C GLU B 24 -8.96 -2.11 -10.44
N GLU B 25 -8.83 -2.03 -9.12
CA GLU B 25 -8.51 -0.79 -8.41
C GLU B 25 -7.05 -0.40 -8.69
N PHE B 26 -6.14 -1.37 -8.56
CA PHE B 26 -4.71 -1.22 -8.86
C PHE B 26 -4.48 -0.72 -10.30
N ASP B 27 -5.27 -1.17 -11.29
CA ASP B 27 -5.20 -0.70 -12.68
C ASP B 27 -5.47 0.82 -12.78
N GLU B 28 -6.50 1.32 -12.09
CA GLU B 28 -6.81 2.76 -12.05
C GLU B 28 -5.77 3.55 -11.24
N VAL B 29 -5.13 2.94 -10.23
CA VAL B 29 -4.02 3.58 -9.52
C VAL B 29 -2.83 3.70 -10.48
N SER B 30 -2.44 2.60 -11.14
CA SER B 30 -1.36 2.54 -12.12
C SER B 30 -1.53 3.56 -13.25
N ARG B 31 -2.77 3.76 -13.74
CA ARG B 31 -3.11 4.74 -14.79
C ARG B 31 -2.67 6.17 -14.45
N ILE B 32 -2.79 6.56 -13.17
CA ILE B 32 -2.38 7.89 -12.67
C ILE B 32 -0.91 7.91 -12.22
N VAL B 33 -0.49 6.91 -11.44
CA VAL B 33 0.88 6.80 -10.88
C VAL B 33 1.94 6.68 -11.98
N GLY B 34 1.62 6.01 -13.08
CA GLY B 34 2.49 5.82 -14.25
C GLY B 34 3.87 5.21 -13.95
N SER B 35 4.00 4.49 -12.83
CA SER B 35 5.23 3.83 -12.34
C SER B 35 6.48 4.75 -12.25
N VAL B 36 6.29 6.07 -12.07
CA VAL B 36 7.30 7.16 -11.97
C VAL B 36 8.76 6.71 -11.72
N GLU B 37 9.05 6.17 -10.53
CA GLU B 37 10.33 5.56 -10.13
C GLU B 37 10.06 4.39 -9.16
N PHE B 38 8.90 3.76 -9.32
CA PHE B 38 8.26 2.77 -8.46
C PHE B 38 9.13 1.77 -7.66
N ASP B 39 10.14 1.11 -8.25
CA ASP B 39 11.01 0.19 -7.50
C ASP B 39 11.99 0.92 -6.55
N SER B 40 12.25 2.21 -6.80
CA SER B 40 13.08 3.10 -5.97
C SER B 40 12.32 3.70 -4.79
N MET B 41 10.98 3.55 -4.71
CA MET B 41 10.17 4.08 -3.58
C MET B 41 10.63 3.55 -2.21
N MET B 42 11.33 2.41 -2.20
CA MET B 42 11.91 1.75 -1.03
C MET B 42 13.09 2.53 -0.39
N ASN B 43 13.63 3.56 -1.05
CA ASN B 43 14.77 4.35 -0.57
C ASN B 43 14.69 5.84 -0.96
N THR B 44 15.18 6.73 -0.10
CA THR B 44 15.22 8.20 -0.32
C THR B 44 16.55 8.84 0.16
N VAL B 45 17.58 8.03 0.45
CA VAL B 45 18.92 8.47 0.92
C VAL B 45 20.08 7.75 0.23
ZN ZN C . -8.05 0.60 14.00
ZN ZN D . 6.54 -8.15 0.58
ZN ZN E . 0.02 11.87 3.05
#